data_4B7X
#
_entry.id   4B7X
#
_cell.length_a   169.260
_cell.length_b   175.970
_cell.length_c   182.170
_cell.angle_alpha   90.00
_cell.angle_beta   90.00
_cell.angle_gamma   90.00
#
_symmetry.space_group_name_H-M   'P 21 21 21'
#
loop_
_entity.id
_entity.type
_entity.pdbx_description
1 polymer 'PROBABLE OXIDOREDUCTASE'
2 non-polymer 'NADP NICOTINAMIDE-ADENINE-DINUCLEOTIDE PHOSPHATE'
3 water water
#
_entity_poly.entity_id   1
_entity_poly.type   'polypeptide(L)'
_entity_poly.pdbx_seq_one_letter_code
;GAMTSQINRQYQLAQRPSGLPGRDTFSFVETPLGEPAEGQILVKNEYLSLDPAMRGWMNDARSYIPPVGIGEVMRALGVG
KVLVSKHPGFQAGDYVNGALGVQDYFIGEPKGFYKVDPSRAPLPRYLSALGMTGMTAYFALLDVGQPKNGETVVISGAAG
AVGSVAGQIARLKGCRVVGIAGGAEKCRFLVEELGFDGAIDYKNEDLAAGLKRECPKGIDVFFDNVGGEILDTVLTRIAF
KARIVLCGAISQYNNKEAVRGPANYLSLLVNRARMEGMVVMDYAQRFPEGLKEMATWLAEGKLQSREDIVEGLETFPETL
LKLFSGENFGKLVLKV
;
_entity_poly.pdbx_strand_id   A,B,C,D,E,F,G,H,I,J,K,L
#
# COMPACT_ATOMS: atom_id res chain seq x y z
N GLN A 6 17.71 -54.48 -19.90
CA GLN A 6 17.63 -53.03 -19.46
C GLN A 6 18.94 -52.61 -18.77
N ILE A 7 19.44 -51.47 -19.18
CA ILE A 7 20.77 -51.03 -18.78
C ILE A 7 20.71 -49.81 -17.85
N ASN A 8 21.50 -49.87 -16.78
CA ASN A 8 21.66 -48.72 -15.91
C ASN A 8 22.97 -48.03 -16.27
N ARG A 9 22.92 -46.82 -16.88
CA ARG A 9 24.15 -46.02 -17.05
C ARG A 9 24.53 -45.40 -15.72
N GLN A 10 25.82 -45.31 -15.43
CA GLN A 10 26.35 -44.81 -14.17
C GLN A 10 27.65 -44.02 -14.41
N TYR A 11 27.76 -42.88 -13.73
CA TYR A 11 29.05 -42.19 -13.56
C TYR A 11 29.72 -42.59 -12.26
N GLN A 12 31.01 -42.87 -12.34
CA GLN A 12 31.77 -43.24 -11.14
C GLN A 12 32.91 -42.26 -10.97
N LEU A 13 33.35 -42.05 -9.72
CA LEU A 13 34.60 -41.35 -9.47
C LEU A 13 35.77 -42.25 -9.90
N ALA A 14 36.53 -41.77 -10.88
CA ALA A 14 37.66 -42.50 -11.43
C ALA A 14 38.98 -42.11 -10.75
N GLN A 15 39.15 -40.82 -10.44
CA GLN A 15 40.38 -40.32 -9.80
C GLN A 15 40.17 -39.07 -8.94
N ARG A 16 40.95 -38.95 -7.88
CA ARG A 16 40.94 -37.78 -7.01
C ARG A 16 41.44 -36.59 -7.84
N PRO A 17 40.58 -35.56 -8.06
CA PRO A 17 40.99 -34.46 -8.93
C PRO A 17 41.92 -33.48 -8.24
N SER A 18 42.74 -32.79 -9.03
CA SER A 18 43.46 -31.61 -8.55
C SER A 18 42.94 -30.38 -9.27
N GLY A 19 42.65 -29.36 -8.48
CA GLY A 19 41.91 -28.22 -9.00
C GLY A 19 40.54 -28.70 -9.46
N LEU A 20 40.13 -28.20 -10.61
CA LEU A 20 38.84 -28.48 -11.20
C LEU A 20 38.77 -29.92 -11.72
N PRO A 21 37.62 -30.60 -11.54
CA PRO A 21 37.44 -31.93 -12.13
C PRO A 21 37.22 -31.83 -13.63
N GLY A 22 37.78 -32.76 -14.39
CA GLY A 22 37.60 -32.80 -15.84
C GLY A 22 36.93 -34.10 -16.24
N ARG A 23 36.75 -34.32 -17.54
CA ARG A 23 36.14 -35.56 -18.02
C ARG A 23 36.98 -36.80 -17.64
N ASP A 24 38.24 -36.58 -17.28
CA ASP A 24 39.13 -37.62 -16.74
C ASP A 24 38.78 -38.02 -15.31
N THR A 25 38.06 -37.16 -14.60
CA THR A 25 37.71 -37.40 -13.20
C THR A 25 36.78 -38.60 -12.98
N PHE A 26 35.94 -38.88 -13.96
CA PHE A 26 34.85 -39.83 -13.82
C PHE A 26 34.97 -40.95 -14.85
N SER A 27 34.24 -42.04 -14.63
CA SER A 27 34.06 -43.05 -15.68
C SER A 27 32.58 -43.35 -15.92
N PHE A 28 32.22 -43.48 -17.19
CA PHE A 28 30.87 -43.80 -17.60
C PHE A 28 30.80 -45.28 -17.95
N VAL A 29 29.85 -45.98 -17.34
CA VAL A 29 29.78 -47.43 -17.35
C VAL A 29 28.33 -47.82 -17.53
N GLU A 30 28.09 -48.94 -18.20
CA GLU A 30 26.74 -49.50 -18.30
C GLU A 30 26.72 -50.83 -17.58
N THR A 31 25.75 -51.00 -16.67
CA THR A 31 25.55 -52.26 -15.99
C THR A 31 24.14 -52.72 -16.21
N PRO A 32 23.92 -54.05 -16.20
CA PRO A 32 22.57 -54.61 -16.34
C PRO A 32 21.72 -54.25 -15.15
N LEU A 33 20.48 -53.86 -15.39
CA LEU A 33 19.62 -53.44 -14.31
C LEU A 33 19.07 -54.64 -13.59
N GLY A 34 19.27 -54.70 -12.28
CA GLY A 34 18.75 -55.79 -11.51
C GLY A 34 17.36 -55.48 -10.99
N GLU A 35 17.06 -56.06 -9.82
CA GLU A 35 15.82 -55.89 -9.11
C GLU A 35 16.17 -55.70 -7.64
N PRO A 36 15.27 -55.10 -6.84
CA PRO A 36 15.67 -54.96 -5.45
C PRO A 36 15.54 -56.28 -4.67
N ALA A 37 16.40 -56.46 -3.68
CA ALA A 37 16.24 -57.52 -2.69
C ALA A 37 15.33 -56.99 -1.55
N GLU A 38 14.96 -57.86 -0.62
CA GLU A 38 14.16 -57.48 0.55
C GLU A 38 14.77 -56.29 1.30
N GLY A 39 13.95 -55.32 1.70
CA GLY A 39 14.45 -54.11 2.35
C GLY A 39 14.95 -53.04 1.38
N GLN A 40 14.87 -53.32 0.09
CA GLN A 40 15.36 -52.38 -0.93
C GLN A 40 14.26 -51.88 -1.84
N ILE A 41 14.58 -50.81 -2.57
CA ILE A 41 13.68 -50.25 -3.54
C ILE A 41 14.42 -50.03 -4.85
N LEU A 42 13.67 -49.96 -5.94
CA LEU A 42 14.23 -49.63 -7.22
C LEU A 42 13.56 -48.35 -7.67
N VAL A 43 14.40 -47.34 -7.94
CA VAL A 43 13.94 -46.00 -8.30
C VAL A 43 14.41 -45.64 -9.70
N LYS A 44 13.51 -45.13 -10.52
CA LYS A 44 13.87 -44.54 -11.79
C LYS A 44 14.22 -43.09 -11.47
N ASN A 45 15.52 -42.76 -11.51
CA ASN A 45 15.97 -41.39 -11.24
C ASN A 45 15.49 -40.40 -12.31
N GLU A 46 14.84 -39.33 -11.88
CA GLU A 46 14.27 -38.34 -12.82
C GLU A 46 15.08 -37.03 -12.86
N TYR A 47 15.45 -36.48 -11.70
CA TYR A 47 16.24 -35.25 -11.68
C TYR A 47 17.30 -35.39 -10.62
N LEU A 48 18.50 -34.92 -10.94
CA LEU A 48 19.60 -35.02 -10.01
C LEU A 48 20.03 -33.64 -9.61
N SER A 49 20.39 -33.54 -8.34
CA SER A 49 20.88 -32.29 -7.78
C SER A 49 22.39 -32.17 -8.04
N LEU A 50 22.81 -31.10 -8.68
CA LEU A 50 24.24 -30.84 -8.85
C LEU A 50 24.62 -29.74 -7.86
N ASP A 51 25.52 -30.08 -6.91
CA ASP A 51 25.77 -29.26 -5.71
C ASP A 51 27.28 -29.05 -5.57
N PRO A 52 27.68 -27.83 -5.16
CA PRO A 52 29.08 -27.55 -5.02
C PRO A 52 29.78 -28.54 -4.06
N ALA A 53 29.05 -29.08 -3.09
CA ALA A 53 29.52 -30.12 -2.16
C ALA A 53 30.11 -31.35 -2.88
N MET A 54 29.64 -31.64 -4.10
CA MET A 54 30.18 -32.76 -4.92
C MET A 54 31.70 -32.67 -5.04
N ARG A 55 32.22 -31.45 -5.13
CA ARG A 55 33.66 -31.24 -5.26
C ARG A 55 34.42 -31.76 -4.04
N GLY A 56 33.94 -31.44 -2.84
CA GLY A 56 34.50 -31.94 -1.59
C GLY A 56 34.43 -33.45 -1.41
N TRP A 57 33.33 -34.04 -1.87
CA TRP A 57 33.12 -35.50 -1.83
C TRP A 57 34.16 -36.29 -2.57
N MET A 58 34.80 -35.63 -3.55
CA MET A 58 35.82 -36.23 -4.38
C MET A 58 37.19 -36.28 -3.69
N ASN A 59 37.37 -35.51 -2.62
CA ASN A 59 38.66 -35.42 -1.96
C ASN A 59 38.83 -36.51 -0.91
N ASP A 60 40.04 -37.06 -0.85
CA ASP A 60 40.42 -38.03 0.20
C ASP A 60 40.82 -37.28 1.48
N ALA A 61 39.83 -36.68 2.12
CA ALA A 61 40.05 -35.81 3.27
C ALA A 61 38.89 -36.04 4.23
N ARG A 62 39.14 -35.81 5.52
CA ARG A 62 38.11 -35.94 6.55
C ARG A 62 37.12 -34.78 6.45
N SER A 63 35.84 -35.08 6.62
CA SER A 63 34.80 -34.07 6.44
C SER A 63 33.56 -34.49 7.21
N TYR A 64 32.43 -33.80 6.96
CA TYR A 64 31.17 -34.11 7.66
C TYR A 64 30.55 -35.42 7.16
N ILE A 65 30.92 -35.85 5.95
CA ILE A 65 30.61 -37.19 5.48
C ILE A 65 31.81 -37.78 4.76
N PRO A 66 31.87 -39.11 4.66
CA PRO A 66 33.01 -39.72 3.99
C PRO A 66 33.13 -39.32 2.51
N PRO A 67 34.37 -39.33 2.00
CA PRO A 67 34.61 -39.15 0.59
C PRO A 67 33.90 -40.26 -0.22
N VAL A 68 33.56 -39.93 -1.46
CA VAL A 68 33.17 -40.91 -2.45
C VAL A 68 34.43 -41.75 -2.76
N GLY A 69 34.29 -43.07 -2.70
CA GLY A 69 35.38 -44.00 -3.05
C GLY A 69 35.67 -44.01 -4.54
N ILE A 70 36.93 -44.29 -4.86
CA ILE A 70 37.35 -44.56 -6.24
C ILE A 70 36.57 -45.80 -6.72
N GLY A 71 35.97 -45.70 -7.89
CA GLY A 71 35.14 -46.78 -8.43
C GLY A 71 33.66 -46.68 -8.10
N GLU A 72 33.32 -45.85 -7.10
CA GLU A 72 31.93 -45.72 -6.62
C GLU A 72 31.15 -44.82 -7.57
N VAL A 73 29.88 -45.18 -7.76
CA VAL A 73 28.91 -44.32 -8.39
C VAL A 73 28.94 -42.99 -7.62
N MET A 74 28.97 -41.93 -8.41
CA MET A 74 29.11 -40.59 -7.89
C MET A 74 27.88 -40.30 -7.02
N ARG A 75 28.15 -39.87 -5.80
CA ARG A 75 27.12 -39.40 -4.88
C ARG A 75 26.29 -38.24 -5.46
N ALA A 76 24.97 -38.34 -5.36
CA ALA A 76 24.07 -37.27 -5.81
C ALA A 76 22.70 -37.40 -5.16
N LEU A 77 22.16 -36.27 -4.69
CA LEU A 77 20.78 -36.28 -4.26
C LEU A 77 19.95 -36.14 -5.51
N GLY A 78 18.75 -36.69 -5.47
CA GLY A 78 17.87 -36.48 -6.60
C GLY A 78 16.47 -36.88 -6.24
N VAL A 79 15.58 -36.79 -7.23
CA VAL A 79 14.22 -37.26 -7.07
C VAL A 79 13.91 -38.25 -8.19
N GLY A 80 13.10 -39.25 -7.86
CA GLY A 80 12.74 -40.25 -8.84
C GLY A 80 11.54 -41.05 -8.39
N LYS A 81 11.11 -41.98 -9.25
CA LYS A 81 9.88 -42.72 -9.04
C LYS A 81 10.20 -44.15 -8.62
N VAL A 82 9.57 -44.63 -7.56
CA VAL A 82 9.74 -46.02 -7.17
C VAL A 82 9.05 -46.93 -8.18
N LEU A 83 9.81 -47.77 -8.87
CA LEU A 83 9.24 -48.72 -9.82
C LEU A 83 8.85 -50.01 -9.12
N VAL A 84 9.70 -50.45 -8.19
CA VAL A 84 9.52 -51.72 -7.48
C VAL A 84 9.95 -51.55 -6.05
N SER A 85 9.14 -52.03 -5.13
CA SER A 85 9.49 -51.88 -3.74
C SER A 85 9.45 -53.22 -2.99
N LYS A 86 10.51 -53.54 -2.25
CA LYS A 86 10.49 -54.65 -1.27
C LYS A 86 10.74 -54.13 0.13
N HIS A 87 10.23 -52.93 0.36
CA HIS A 87 10.34 -52.25 1.64
C HIS A 87 8.96 -51.81 1.99
N PRO A 88 8.45 -52.17 3.18
CA PRO A 88 7.06 -51.87 3.57
C PRO A 88 6.71 -50.36 3.57
N GLY A 89 7.73 -49.52 3.74
CA GLY A 89 7.54 -48.08 3.81
C GLY A 89 7.40 -47.36 2.49
N PHE A 90 7.49 -48.09 1.38
CA PHE A 90 7.41 -47.47 0.05
C PHE A 90 6.62 -48.36 -0.91
N GLN A 91 5.89 -47.71 -1.82
CA GLN A 91 5.05 -48.40 -2.80
C GLN A 91 5.42 -47.99 -4.22
N ALA A 92 5.21 -48.91 -5.17
CA ALA A 92 5.43 -48.59 -6.58
C ALA A 92 4.62 -47.35 -6.92
N GLY A 93 5.22 -46.38 -7.61
CA GLY A 93 4.51 -45.14 -7.91
C GLY A 93 4.74 -43.97 -6.95
N ASP A 94 5.28 -44.21 -5.76
CA ASP A 94 5.81 -43.12 -4.92
C ASP A 94 6.97 -42.33 -5.59
N TYR A 95 7.04 -41.04 -5.32
CA TYR A 95 8.21 -40.25 -5.69
C TYR A 95 8.99 -40.01 -4.42
N VAL A 96 10.32 -40.16 -4.51
CA VAL A 96 11.22 -40.05 -3.37
C VAL A 96 12.38 -39.08 -3.62
N ASN A 97 12.75 -38.33 -2.59
CA ASN A 97 13.98 -37.59 -2.53
C ASN A 97 14.99 -38.44 -1.72
N GLY A 98 16.22 -38.57 -2.20
CA GLY A 98 17.25 -39.34 -1.45
C GLY A 98 18.53 -39.36 -2.25
N ALA A 99 19.55 -40.07 -1.75
CA ALA A 99 20.83 -40.11 -2.40
C ALA A 99 20.73 -41.15 -3.52
N LEU A 100 20.36 -40.70 -4.72
CA LEU A 100 20.03 -41.60 -5.82
C LEU A 100 21.26 -41.90 -6.66
N GLY A 101 22.24 -41.02 -6.59
CA GLY A 101 23.48 -41.16 -7.33
C GLY A 101 23.35 -40.76 -8.78
N VAL A 102 24.51 -40.54 -9.40
CA VAL A 102 24.55 -40.09 -10.78
C VAL A 102 24.39 -41.31 -11.69
N GLN A 103 23.13 -41.64 -12.01
CA GLN A 103 22.83 -42.88 -12.69
C GLN A 103 21.37 -42.87 -13.10
N ASP A 104 21.02 -43.83 -13.96
CA ASP A 104 19.63 -43.95 -14.42
C ASP A 104 18.72 -44.47 -13.34
N TYR A 105 19.23 -45.40 -12.53
CA TYR A 105 18.37 -46.14 -11.60
C TYR A 105 19.11 -46.34 -10.29
N PHE A 106 18.39 -46.18 -9.20
CA PHE A 106 18.95 -46.50 -7.91
C PHE A 106 18.34 -47.80 -7.41
N ILE A 107 19.17 -48.70 -6.90
CA ILE A 107 18.68 -49.88 -6.19
C ILE A 107 19.43 -49.95 -4.87
N GLY A 108 18.69 -50.08 -3.78
CA GLY A 108 19.32 -50.11 -2.46
C GLY A 108 18.34 -49.83 -1.35
N GLU A 109 18.85 -49.70 -0.13
CA GLU A 109 18.01 -49.44 1.02
C GLU A 109 17.71 -47.93 1.00
N PRO A 110 16.45 -47.55 1.25
CA PRO A 110 16.06 -46.15 1.15
C PRO A 110 16.42 -45.34 2.41
N LYS A 111 17.68 -45.44 2.81
CA LYS A 111 18.20 -44.77 4.02
C LYS A 111 18.22 -43.27 3.80
N GLY A 112 17.45 -42.54 4.59
CA GLY A 112 17.39 -41.09 4.48
C GLY A 112 16.47 -40.59 3.39
N PHE A 113 15.80 -41.50 2.68
CA PHE A 113 14.86 -41.11 1.62
C PHE A 113 13.53 -40.68 2.25
N TYR A 114 12.86 -39.72 1.61
CA TYR A 114 11.50 -39.41 1.99
C TYR A 114 10.62 -39.20 0.76
N LYS A 115 9.33 -39.34 0.94
CA LYS A 115 8.39 -39.21 -0.15
C LYS A 115 8.12 -37.73 -0.42
N VAL A 116 7.90 -37.41 -1.69
CA VAL A 116 7.51 -36.05 -2.08
C VAL A 116 6.23 -36.17 -2.91
N ASP A 117 5.36 -35.17 -2.80
CA ASP A 117 4.06 -35.17 -3.45
C ASP A 117 4.11 -34.46 -4.80
N PRO A 118 4.07 -35.24 -5.91
CA PRO A 118 4.21 -34.68 -7.27
C PRO A 118 3.03 -33.78 -7.66
N SER A 119 1.93 -33.92 -6.91
CA SER A 119 0.71 -33.13 -7.12
C SER A 119 0.82 -31.72 -6.55
N ARG A 120 1.78 -31.51 -5.65
CA ARG A 120 1.90 -30.23 -4.92
C ARG A 120 2.97 -29.28 -5.46
N ALA A 121 3.94 -29.82 -6.17
CA ALA A 121 5.01 -29.02 -6.73
C ALA A 121 5.63 -29.78 -7.89
N PRO A 122 6.25 -29.03 -8.83
CA PRO A 122 7.03 -29.69 -9.87
C PRO A 122 8.17 -30.46 -9.22
N LEU A 123 8.46 -31.64 -9.77
CA LEU A 123 9.46 -32.50 -9.19
C LEU A 123 10.83 -31.89 -8.91
N PRO A 124 11.40 -31.07 -9.85
CA PRO A 124 12.72 -30.47 -9.62
C PRO A 124 12.79 -29.54 -8.40
N ARG A 125 11.67 -28.91 -8.08
CA ARG A 125 11.58 -28.04 -6.94
C ARG A 125 11.79 -28.79 -5.64
N TYR A 126 11.60 -30.12 -5.62
CA TYR A 126 11.98 -30.90 -4.43
C TYR A 126 13.49 -31.10 -4.30
N LEU A 127 14.26 -30.46 -5.20
CA LEU A 127 15.73 -30.39 -5.05
C LEU A 127 16.19 -28.98 -4.75
N SER A 128 15.29 -27.99 -4.89
CA SER A 128 15.71 -26.61 -4.69
C SER A 128 15.06 -26.01 -3.44
N ALA A 129 14.13 -25.08 -3.63
CA ALA A 129 13.48 -24.41 -2.49
C ALA A 129 12.73 -25.41 -1.60
N LEU A 130 12.21 -26.47 -2.20
CA LEU A 130 11.52 -27.48 -1.43
C LEU A 130 12.35 -28.74 -1.23
N GLY A 131 13.66 -28.60 -1.36
CA GLY A 131 14.58 -29.67 -1.03
C GLY A 131 15.79 -29.11 -0.30
N MET A 132 16.95 -29.67 -0.62
CA MET A 132 18.13 -29.49 0.22
C MET A 132 18.64 -28.04 0.30
N THR A 133 18.76 -27.38 -0.85
CA THR A 133 19.28 -25.99 -0.88
C THR A 133 18.31 -24.98 -0.23
N GLY A 134 17.00 -25.17 -0.41
CA GLY A 134 15.98 -24.35 0.28
C GLY A 134 16.02 -24.56 1.80
N MET A 135 16.17 -25.80 2.22
CA MET A 135 16.31 -26.10 3.65
C MET A 135 17.62 -25.59 4.23
N THR A 136 18.67 -25.59 3.42
CA THR A 136 19.92 -24.98 3.85
C THR A 136 19.74 -23.49 4.16
N ALA A 137 19.18 -22.75 3.21
CA ALA A 137 18.88 -21.32 3.38
C ALA A 137 18.05 -21.11 4.65
N TYR A 138 17.00 -21.92 4.78
CA TYR A 138 15.99 -21.74 5.82
C TYR A 138 16.62 -21.94 7.20
N PHE A 139 17.27 -23.09 7.43
CA PHE A 139 17.85 -23.35 8.73
C PHE A 139 19.14 -22.58 8.98
N ALA A 140 20.01 -22.44 7.98
CA ALA A 140 21.22 -21.63 8.24
C ALA A 140 20.91 -20.17 8.57
N LEU A 141 20.02 -19.54 7.80
CA LEU A 141 19.69 -18.16 8.06
C LEU A 141 18.97 -18.02 9.39
N LEU A 142 17.87 -18.76 9.56
CA LEU A 142 17.00 -18.53 10.70
C LEU A 142 17.57 -19.10 11.98
N ASP A 143 18.23 -20.25 11.93
CA ASP A 143 18.67 -20.86 13.20
C ASP A 143 20.04 -20.34 13.64
N VAL A 144 20.92 -20.13 12.67
CA VAL A 144 22.26 -19.67 12.98
C VAL A 144 22.38 -18.14 12.82
N GLY A 145 21.86 -17.61 11.72
CA GLY A 145 21.93 -16.16 11.49
C GLY A 145 21.02 -15.35 12.41
N GLN A 146 19.83 -15.88 12.70
CA GLN A 146 18.81 -15.17 13.51
C GLN A 146 18.63 -13.69 13.16
N PRO A 147 18.33 -13.43 11.87
CA PRO A 147 18.17 -12.06 11.43
C PRO A 147 16.97 -11.44 12.10
N LYS A 148 17.02 -10.14 12.36
CA LYS A 148 15.87 -9.46 12.97
C LYS A 148 15.38 -8.38 12.04
N ASN A 149 14.09 -8.00 12.18
CA ASN A 149 13.60 -6.82 11.50
C ASN A 149 14.54 -5.60 11.62
N GLY A 150 14.77 -4.94 10.50
CA GLY A 150 15.60 -3.75 10.54
C GLY A 150 17.09 -4.06 10.39
N GLU A 151 17.48 -5.33 10.50
CA GLU A 151 18.91 -5.63 10.40
C GLU A 151 19.28 -5.68 8.94
N THR A 152 20.55 -5.39 8.66
CA THR A 152 21.15 -5.50 7.34
C THR A 152 21.78 -6.88 7.15
N VAL A 153 21.26 -7.62 6.17
CA VAL A 153 21.73 -8.96 5.91
C VAL A 153 22.41 -8.96 4.55
N VAL A 154 23.67 -9.35 4.53
CA VAL A 154 24.43 -9.50 3.32
C VAL A 154 24.59 -10.96 2.92
N ILE A 155 24.35 -11.30 1.65
CA ILE A 155 24.42 -12.67 1.20
C ILE A 155 25.45 -12.77 0.07
N SER A 156 26.47 -13.61 0.23
CA SER A 156 27.34 -13.94 -0.91
C SER A 156 26.75 -15.08 -1.74
N GLY A 157 27.22 -15.22 -2.97
CA GLY A 157 26.64 -16.15 -3.94
C GLY A 157 25.11 -15.98 -3.99
N ALA A 158 24.67 -14.73 -4.00
CA ALA A 158 23.26 -14.39 -3.71
C ALA A 158 22.28 -14.79 -4.80
N ALA A 159 22.75 -14.93 -6.02
CA ALA A 159 21.84 -15.43 -7.08
C ALA A 159 21.74 -16.96 -7.16
N GLY A 160 22.50 -17.67 -6.32
CA GLY A 160 22.53 -19.12 -6.41
C GLY A 160 21.37 -19.74 -5.67
N ALA A 161 21.37 -21.07 -5.56
CA ALA A 161 20.25 -21.83 -4.99
C ALA A 161 20.02 -21.50 -3.51
N VAL A 162 21.06 -21.58 -2.71
CA VAL A 162 20.96 -21.24 -1.29
C VAL A 162 20.78 -19.74 -1.08
N GLY A 163 21.65 -18.95 -1.69
CA GLY A 163 21.69 -17.51 -1.51
C GLY A 163 20.40 -16.80 -1.87
N SER A 164 19.80 -17.20 -2.99
CA SER A 164 18.64 -16.52 -3.51
C SER A 164 17.46 -16.75 -2.58
N VAL A 165 17.38 -17.94 -1.98
CA VAL A 165 16.28 -18.27 -1.07
C VAL A 165 16.54 -17.60 0.28
N ALA A 166 17.79 -17.63 0.73
CA ALA A 166 18.15 -17.01 1.98
C ALA A 166 17.82 -15.51 1.93
N GLY A 167 18.18 -14.84 0.85
CA GLY A 167 17.88 -13.41 0.70
C GLY A 167 16.38 -13.09 0.74
N GLN A 168 15.57 -13.91 0.09
CA GLN A 168 14.12 -13.70 0.10
C GLN A 168 13.50 -13.95 1.48
N ILE A 169 14.00 -14.93 2.21
CA ILE A 169 13.55 -15.16 3.58
C ILE A 169 13.89 -13.94 4.46
N ALA A 170 15.13 -13.45 4.36
CA ALA A 170 15.50 -12.25 5.09
C ALA A 170 14.58 -11.07 4.76
N ARG A 171 14.21 -10.90 3.48
CA ARG A 171 13.29 -9.85 3.11
C ARG A 171 11.96 -10.06 3.88
N LEU A 172 11.55 -11.32 4.01
CA LEU A 172 10.26 -11.60 4.61
C LEU A 172 10.31 -11.38 6.12
N LYS A 173 11.51 -11.30 6.70
CA LYS A 173 11.67 -11.06 8.13
C LYS A 173 11.83 -9.58 8.45
N GLY A 174 11.67 -8.70 7.46
CA GLY A 174 11.84 -7.25 7.70
C GLY A 174 13.28 -6.74 7.58
N CYS A 175 14.18 -7.50 7.00
CA CYS A 175 15.58 -7.05 6.91
C CYS A 175 15.86 -6.22 5.66
N ARG A 176 16.91 -5.42 5.72
CA ARG A 176 17.52 -4.83 4.53
C ARG A 176 18.45 -5.89 3.97
N VAL A 177 18.26 -6.24 2.71
CA VAL A 177 18.93 -7.42 2.16
C VAL A 177 19.78 -6.99 0.97
N VAL A 178 21.09 -7.19 1.08
CA VAL A 178 22.07 -6.83 0.07
C VAL A 178 22.75 -8.11 -0.43
N GLY A 179 22.68 -8.36 -1.72
CA GLY A 179 23.33 -9.56 -2.24
C GLY A 179 24.60 -9.24 -2.98
N ILE A 180 25.58 -10.16 -2.92
CA ILE A 180 26.80 -10.07 -3.72
C ILE A 180 26.71 -11.16 -4.78
N ALA A 181 26.77 -10.81 -6.05
CA ALA A 181 26.70 -11.86 -7.09
C ALA A 181 27.45 -11.40 -8.32
N GLY A 182 27.73 -12.33 -9.23
CA GLY A 182 28.58 -12.02 -10.36
C GLY A 182 27.81 -11.65 -11.61
N GLY A 183 28.04 -10.44 -12.14
CA GLY A 183 27.43 -10.04 -13.42
C GLY A 183 26.18 -9.20 -13.23
N ALA A 184 25.94 -8.31 -14.21
CA ALA A 184 24.81 -7.40 -14.20
C ALA A 184 23.46 -8.13 -14.22
N GLU A 185 23.37 -9.26 -14.92
CA GLU A 185 22.06 -9.89 -15.02
C GLU A 185 21.63 -10.58 -13.75
N LYS A 186 22.54 -11.31 -13.09
CA LYS A 186 22.21 -11.87 -11.77
C LYS A 186 21.86 -10.78 -10.75
N CYS A 187 22.63 -9.70 -10.74
CA CYS A 187 22.36 -8.57 -9.82
C CYS A 187 21.02 -7.88 -10.02
N ARG A 188 20.65 -7.67 -11.28
CA ARG A 188 19.36 -7.07 -11.63
C ARG A 188 18.23 -7.98 -11.18
N PHE A 189 18.38 -9.29 -11.45
CA PHE A 189 17.49 -10.34 -10.98
C PHE A 189 17.21 -10.23 -9.46
N LEU A 190 18.28 -10.06 -8.68
CA LEU A 190 18.16 -9.95 -7.22
C LEU A 190 17.23 -8.82 -6.81
N VAL A 191 17.45 -7.66 -7.40
CA VAL A 191 16.70 -6.48 -7.01
C VAL A 191 15.32 -6.49 -7.64
N GLU A 192 15.22 -6.80 -8.92
CA GLU A 192 13.97 -6.54 -9.64
C GLU A 192 12.98 -7.68 -9.53
N GLU A 193 13.51 -8.90 -9.47
CA GLU A 193 12.68 -10.09 -9.37
C GLU A 193 12.58 -10.58 -7.95
N LEU A 194 13.68 -10.59 -7.19
CA LEU A 194 13.65 -11.21 -5.85
C LEU A 194 13.34 -10.24 -4.71
N GLY A 195 13.37 -8.94 -4.98
CA GLY A 195 13.08 -7.91 -3.97
C GLY A 195 14.21 -7.59 -3.00
N PHE A 196 15.45 -7.94 -3.33
CA PHE A 196 16.60 -7.51 -2.50
C PHE A 196 16.63 -5.98 -2.53
N ASP A 197 17.04 -5.36 -1.44
CA ASP A 197 17.18 -3.91 -1.41
C ASP A 197 18.36 -3.40 -2.23
N GLY A 198 19.41 -4.20 -2.34
CA GLY A 198 20.60 -3.81 -3.05
C GLY A 198 21.35 -5.02 -3.59
N ALA A 199 22.23 -4.79 -4.55
CA ALA A 199 23.01 -5.88 -5.12
C ALA A 199 24.36 -5.26 -5.52
N ILE A 200 25.42 -6.01 -5.32
CA ILE A 200 26.77 -5.56 -5.60
C ILE A 200 27.32 -6.60 -6.55
N ASP A 201 27.71 -6.12 -7.73
CA ASP A 201 28.28 -7.00 -8.74
C ASP A 201 29.78 -7.05 -8.47
N TYR A 202 30.26 -8.11 -7.81
CA TYR A 202 31.68 -8.17 -7.41
C TYR A 202 32.62 -8.34 -8.63
N LYS A 203 32.11 -8.81 -9.76
CA LYS A 203 32.91 -8.86 -10.97
C LYS A 203 33.12 -7.48 -11.61
N ASN A 204 32.23 -6.54 -11.36
CA ASN A 204 32.26 -5.28 -12.10
C ASN A 204 32.41 -4.04 -11.24
N GLU A 205 32.33 -4.16 -9.92
CA GLU A 205 32.45 -2.99 -9.05
C GLU A 205 33.18 -3.35 -7.78
N ASP A 206 33.79 -2.38 -7.13
CA ASP A 206 34.50 -2.60 -5.86
C ASP A 206 33.56 -2.98 -4.72
N LEU A 207 33.86 -4.13 -4.09
CA LEU A 207 33.06 -4.70 -3.04
C LEU A 207 32.93 -3.77 -1.83
N ALA A 208 34.08 -3.25 -1.37
CA ALA A 208 34.11 -2.34 -0.22
C ALA A 208 33.27 -1.09 -0.49
N ALA A 209 33.40 -0.52 -1.68
CA ALA A 209 32.63 0.65 -2.03
C ALA A 209 31.13 0.30 -2.15
N GLY A 210 30.83 -0.88 -2.65
CA GLY A 210 29.43 -1.35 -2.72
C GLY A 210 28.85 -1.48 -1.32
N LEU A 211 29.62 -2.07 -0.42
CA LEU A 211 29.16 -2.28 0.96
C LEU A 211 28.97 -0.96 1.71
N LYS A 212 29.84 -0.01 1.45
CA LYS A 212 29.72 1.29 2.06
C LYS A 212 28.42 1.98 1.56
N ARG A 213 28.13 1.82 0.27
CA ARG A 213 26.90 2.40 -0.28
C ARG A 213 25.66 1.65 0.25
N GLU A 214 25.69 0.33 0.23
CA GLU A 214 24.47 -0.44 0.44
C GLU A 214 24.20 -0.76 1.90
N CYS A 215 25.22 -0.70 2.74
CA CYS A 215 25.09 -1.07 4.15
C CYS A 215 25.56 0.10 5.02
N PRO A 216 24.81 1.21 5.02
CA PRO A 216 25.33 2.36 5.78
C PRO A 216 25.38 2.12 7.28
N LYS A 217 24.62 1.16 7.81
CA LYS A 217 24.61 0.93 9.25
C LYS A 217 25.45 -0.28 9.62
N GLY A 218 26.33 -0.71 8.71
CA GLY A 218 27.10 -1.92 8.91
C GLY A 218 26.30 -3.19 8.65
N ILE A 219 26.94 -4.33 8.90
CA ILE A 219 26.39 -5.61 8.53
C ILE A 219 26.09 -6.46 9.75
N ASP A 220 24.83 -6.85 9.91
CA ASP A 220 24.43 -7.63 11.07
C ASP A 220 24.53 -9.13 10.86
N VAL A 221 24.23 -9.60 9.66
CA VAL A 221 24.28 -11.01 9.32
C VAL A 221 24.95 -11.10 7.95
N PHE A 222 26.01 -11.88 7.88
CA PHE A 222 26.58 -12.20 6.60
C PHE A 222 26.36 -13.68 6.39
N PHE A 223 25.58 -14.01 5.36
CA PHE A 223 25.38 -15.38 4.95
C PHE A 223 26.47 -15.69 3.92
N ASP A 224 27.48 -16.44 4.34
CA ASP A 224 28.64 -16.72 3.46
C ASP A 224 28.51 -18.06 2.73
N ASN A 225 28.43 -17.98 1.41
CA ASN A 225 28.43 -19.15 0.57
C ASN A 225 29.75 -19.29 -0.15
N VAL A 226 30.59 -18.24 -0.05
CA VAL A 226 31.70 -18.03 -0.99
C VAL A 226 33.10 -18.05 -0.36
N GLY A 227 33.26 -17.44 0.81
CA GLY A 227 34.57 -17.40 1.50
C GLY A 227 35.55 -16.48 0.81
N GLY A 228 36.85 -16.76 0.95
CA GLY A 228 37.91 -16.01 0.29
C GLY A 228 37.94 -14.52 0.60
N GLU A 229 38.31 -13.70 -0.38
CA GLU A 229 38.38 -12.27 -0.20
C GLU A 229 37.02 -11.60 0.05
N ILE A 230 35.94 -12.22 -0.43
CA ILE A 230 34.62 -11.63 -0.19
C ILE A 230 34.30 -11.63 1.30
N LEU A 231 34.48 -12.77 1.96
CA LEU A 231 34.35 -12.87 3.38
C LEU A 231 35.22 -11.85 4.10
N ASP A 232 36.49 -11.81 3.75
CA ASP A 232 37.42 -10.90 4.44
C ASP A 232 37.02 -9.43 4.31
N THR A 233 36.44 -9.06 3.18
CA THR A 233 36.00 -7.70 2.98
C THR A 233 34.74 -7.40 3.80
N VAL A 234 33.80 -8.35 3.84
CA VAL A 234 32.61 -8.17 4.60
C VAL A 234 32.94 -8.02 6.10
N LEU A 235 33.91 -8.79 6.59
CA LEU A 235 34.34 -8.73 7.98
C LEU A 235 34.70 -7.33 8.46
N THR A 236 35.29 -6.51 7.58
CA THR A 236 35.63 -5.14 7.96
C THR A 236 34.38 -4.23 8.21
N ARG A 237 33.19 -4.69 7.81
CA ARG A 237 31.99 -3.85 7.91
C ARG A 237 30.90 -4.42 8.81
N ILE A 238 31.23 -5.49 9.55
CA ILE A 238 30.21 -6.09 10.43
C ILE A 238 29.90 -5.17 11.61
N ALA A 239 28.68 -5.27 12.11
CA ALA A 239 28.22 -4.50 13.24
C ALA A 239 28.47 -5.27 14.53
N PHE A 240 28.24 -4.52 15.61
CA PHE A 240 28.19 -5.07 16.97
C PHE A 240 27.24 -6.25 17.02
N LYS A 241 27.72 -7.35 17.59
CA LYS A 241 26.94 -8.60 17.74
C LYS A 241 26.48 -9.26 16.41
N ALA A 242 27.23 -9.01 15.33
CA ALA A 242 27.02 -9.66 14.03
C ALA A 242 27.10 -11.18 14.12
N ARG A 243 26.38 -11.84 13.21
CA ARG A 243 26.47 -13.28 13.04
C ARG A 243 26.95 -13.59 11.62
N ILE A 244 28.00 -14.40 11.52
CA ILE A 244 28.54 -14.81 10.22
C ILE A 244 28.17 -16.26 10.09
N VAL A 245 27.25 -16.55 9.16
CA VAL A 245 26.84 -17.92 8.90
C VAL A 245 27.80 -18.48 7.86
N LEU A 246 28.58 -19.50 8.24
CA LEU A 246 29.45 -20.16 7.28
C LEU A 246 28.66 -21.31 6.67
N CYS A 247 28.20 -21.09 5.44
CA CYS A 247 27.38 -22.10 4.81
C CYS A 247 28.29 -22.90 3.89
N GLY A 248 29.21 -22.19 3.25
CA GLY A 248 30.17 -22.80 2.34
C GLY A 248 31.27 -21.82 2.01
N ALA A 249 32.15 -22.21 1.09
CA ALA A 249 33.33 -21.42 0.75
C ALA A 249 33.73 -21.77 -0.68
N ILE A 250 32.77 -21.61 -1.59
CA ILE A 250 32.95 -22.12 -2.96
C ILE A 250 34.22 -21.59 -3.68
N SER A 251 34.67 -20.38 -3.35
CA SER A 251 35.89 -19.84 -3.99
C SER A 251 37.13 -20.66 -3.64
N GLN A 252 37.00 -21.58 -2.70
CA GLN A 252 38.15 -22.34 -2.23
C GLN A 252 38.11 -23.82 -2.66
N TYR A 253 36.96 -24.27 -3.18
CA TYR A 253 36.74 -25.73 -3.42
C TYR A 253 37.69 -26.38 -4.41
N ASN A 254 38.18 -25.61 -5.37
CA ASN A 254 39.12 -26.12 -6.35
C ASN A 254 40.55 -25.58 -6.16
N ASN A 255 40.95 -25.36 -4.91
CA ASN A 255 42.31 -24.87 -4.58
C ASN A 255 43.36 -25.96 -4.79
N ALA A 258 44.87 -25.11 -0.69
CA ALA A 258 45.45 -24.26 0.34
C ALA A 258 44.46 -23.14 0.72
N VAL A 259 43.50 -23.49 1.59
CA VAL A 259 42.41 -22.58 1.95
C VAL A 259 42.90 -21.22 2.43
N ARG A 260 42.31 -20.15 1.91
CA ARG A 260 42.70 -18.81 2.34
C ARG A 260 41.85 -18.43 3.54
N GLY A 261 42.48 -18.32 4.71
CA GLY A 261 41.82 -17.89 5.94
C GLY A 261 41.56 -16.38 6.07
N PRO A 262 40.52 -16.01 6.82
CA PRO A 262 40.15 -14.59 6.88
C PRO A 262 41.05 -13.77 7.82
N ALA A 263 41.90 -12.95 7.23
CA ALA A 263 42.84 -12.10 7.96
C ALA A 263 42.17 -11.08 8.87
N ASN A 264 40.91 -10.77 8.55
CA ASN A 264 40.15 -9.78 9.30
C ASN A 264 39.30 -10.40 10.41
N TYR A 265 39.62 -11.63 10.82
CA TYR A 265 38.79 -12.35 11.79
C TYR A 265 38.72 -11.63 13.14
N LEU A 266 39.71 -10.80 13.46
CA LEU A 266 39.72 -10.09 14.75
C LEU A 266 38.65 -9.00 14.82
N SER A 267 38.09 -8.66 13.66
CA SER A 267 36.82 -7.97 13.65
C SER A 267 35.75 -8.68 14.50
N LEU A 268 35.87 -9.99 14.67
CA LEU A 268 34.91 -10.69 15.53
C LEU A 268 35.08 -10.31 17.01
N LEU A 269 36.30 -9.96 17.37
CA LEU A 269 36.61 -9.60 18.74
C LEU A 269 36.14 -8.16 18.99
N VAL A 270 36.57 -7.24 18.13
CA VAL A 270 36.14 -5.84 18.21
C VAL A 270 34.61 -5.70 18.32
N ASN A 271 33.87 -6.51 17.55
CA ASN A 271 32.40 -6.38 17.44
C ASN A 271 31.62 -7.41 18.23
N ARG A 272 32.36 -8.22 19.01
CA ARG A 272 31.79 -9.27 19.85
C ARG A 272 30.79 -10.06 19.03
N ALA A 273 31.29 -10.47 17.87
CA ALA A 273 30.48 -11.11 16.87
C ALA A 273 30.79 -12.61 16.83
N ARG A 274 29.96 -13.34 16.10
CA ARG A 274 30.00 -14.80 16.06
C ARG A 274 30.12 -15.29 14.62
N MET A 275 30.99 -16.26 14.40
CA MET A 275 31.13 -16.97 13.12
C MET A 275 30.80 -18.44 13.39
N GLU A 276 29.80 -18.99 12.71
CA GLU A 276 29.32 -20.32 13.04
C GLU A 276 28.96 -21.15 11.77
N GLY A 277 29.44 -22.40 11.73
CA GLY A 277 29.24 -23.28 10.56
C GLY A 277 28.02 -24.13 10.85
N MET A 278 27.39 -24.63 9.79
CA MET A 278 26.28 -25.55 9.91
C MET A 278 26.27 -26.55 8.75
N VAL A 279 25.48 -27.59 8.91
CA VAL A 279 25.35 -28.66 7.92
C VAL A 279 23.89 -28.97 7.82
N VAL A 280 23.29 -28.81 6.64
CA VAL A 280 21.83 -28.88 6.55
C VAL A 280 21.22 -30.20 7.08
N MET A 281 21.90 -31.32 6.90
CA MET A 281 21.33 -32.61 7.36
C MET A 281 21.13 -32.74 8.89
N ASP A 282 21.84 -31.94 9.69
CA ASP A 282 21.52 -31.88 11.13
C ASP A 282 20.07 -31.42 11.43
N TYR A 283 19.42 -30.80 10.44
CA TYR A 283 18.03 -30.35 10.63
C TYR A 283 16.97 -31.24 9.96
N ALA A 284 17.40 -32.39 9.45
CA ALA A 284 16.52 -33.34 8.74
C ALA A 284 15.20 -33.59 9.45
N GLN A 285 15.19 -33.69 10.77
CA GLN A 285 13.95 -33.98 11.49
C GLN A 285 12.99 -32.81 11.46
N ARG A 286 13.50 -31.63 11.10
CA ARG A 286 12.69 -30.41 11.09
C ARG A 286 12.28 -30.02 9.68
N PHE A 287 12.71 -30.78 8.69
CA PHE A 287 12.35 -30.52 7.29
C PHE A 287 10.83 -30.39 7.06
N PRO A 288 10.02 -31.33 7.59
CA PRO A 288 8.59 -31.20 7.43
C PRO A 288 8.03 -29.81 7.73
N GLU A 289 8.42 -29.23 8.87
CA GLU A 289 7.96 -27.90 9.25
C GLU A 289 8.51 -26.78 8.31
N GLY A 290 9.78 -26.91 7.93
CA GLY A 290 10.42 -25.96 7.03
C GLY A 290 9.80 -25.98 5.65
N LEU A 291 9.62 -27.18 5.10
CA LEU A 291 9.00 -27.36 3.80
C LEU A 291 7.56 -26.87 3.75
N LYS A 292 6.77 -27.15 4.80
CA LYS A 292 5.42 -26.62 4.90
C LYS A 292 5.38 -25.09 4.76
N GLU A 293 6.18 -24.39 5.56
CA GLU A 293 6.22 -22.93 5.48
C GLU A 293 6.73 -22.44 4.11
N MET A 294 7.79 -23.08 3.61
CA MET A 294 8.40 -22.69 2.35
C MET A 294 7.36 -22.84 1.23
N ALA A 295 6.54 -23.90 1.29
CA ALA A 295 5.49 -24.13 0.31
C ALA A 295 4.48 -22.98 0.30
N THR A 296 4.11 -22.47 1.49
CA THR A 296 3.16 -21.37 1.53
C THR A 296 3.76 -20.08 0.98
N TRP A 297 5.03 -19.79 1.24
CA TRP A 297 5.68 -18.62 0.62
C TRP A 297 5.64 -18.70 -0.90
N LEU A 298 5.97 -19.87 -1.43
CA LEU A 298 5.94 -20.11 -2.86
C LEU A 298 4.56 -19.96 -3.43
N ALA A 299 3.56 -20.56 -2.77
CA ALA A 299 2.18 -20.50 -3.26
C ALA A 299 1.64 -19.08 -3.30
N GLU A 300 2.03 -18.28 -2.32
CA GLU A 300 1.52 -16.91 -2.23
C GLU A 300 2.31 -15.96 -3.12
N GLY A 301 3.38 -16.44 -3.75
CA GLY A 301 4.18 -15.54 -4.58
C GLY A 301 5.10 -14.63 -3.77
N LYS A 302 5.23 -14.91 -2.48
CA LYS A 302 6.18 -14.18 -1.63
C LYS A 302 7.66 -14.56 -1.85
N LEU A 303 7.91 -15.70 -2.49
CA LEU A 303 9.28 -16.17 -2.72
C LEU A 303 9.28 -16.94 -4.02
N GLN A 304 10.35 -16.75 -4.80
CA GLN A 304 10.50 -17.44 -6.09
C GLN A 304 11.69 -18.39 -6.04
N SER A 305 11.51 -19.55 -6.65
CA SER A 305 12.54 -20.56 -6.72
C SER A 305 12.90 -20.76 -8.20
N ARG A 306 14.15 -20.50 -8.55
CA ARG A 306 14.58 -20.70 -9.92
C ARG A 306 15.41 -21.98 -10.03
N GLU A 307 15.07 -22.82 -11.01
CA GLU A 307 15.83 -24.04 -11.29
C GLU A 307 16.46 -23.91 -12.67
N ASP A 308 17.72 -24.31 -12.78
CA ASP A 308 18.43 -24.31 -14.06
C ASP A 308 18.59 -25.78 -14.46
N ILE A 309 17.73 -26.23 -15.37
CA ILE A 309 17.62 -27.65 -15.66
C ILE A 309 18.26 -27.98 -16.98
N VAL A 310 19.24 -28.88 -16.92
CA VAL A 310 19.99 -29.29 -18.09
C VAL A 310 19.67 -30.76 -18.32
N GLU A 311 19.37 -31.11 -19.56
CA GLU A 311 18.91 -32.45 -19.90
C GLU A 311 20.04 -33.40 -20.31
N GLY A 312 19.96 -34.62 -19.78
CA GLY A 312 20.81 -35.73 -20.22
C GLY A 312 21.86 -36.11 -19.21
N LEU A 313 21.75 -37.32 -18.68
CA LEU A 313 22.70 -37.86 -17.69
C LEU A 313 24.14 -37.75 -18.17
N GLU A 314 24.30 -38.02 -19.46
CA GLU A 314 25.56 -38.07 -20.19
C GLU A 314 26.39 -36.80 -20.04
N THR A 315 25.70 -35.66 -19.95
CA THR A 315 26.35 -34.34 -19.84
C THR A 315 26.84 -34.00 -18.43
N PHE A 316 26.66 -34.92 -17.50
CA PHE A 316 27.00 -34.64 -16.08
C PHE A 316 28.34 -33.92 -15.83
N PRO A 317 29.47 -34.46 -16.34
CA PRO A 317 30.77 -33.85 -16.03
C PRO A 317 30.88 -32.38 -16.51
N GLU A 318 30.44 -32.09 -17.73
CA GLU A 318 30.38 -30.70 -18.25
C GLU A 318 29.41 -29.82 -17.44
N THR A 319 28.23 -30.34 -17.14
CA THR A 319 27.20 -29.58 -16.44
C THR A 319 27.63 -29.19 -15.03
N LEU A 320 28.29 -30.12 -14.34
CA LEU A 320 28.79 -29.88 -13.00
C LEU A 320 29.69 -28.62 -12.93
N LEU A 321 30.49 -28.42 -13.97
CA LEU A 321 31.47 -27.33 -13.98
C LEU A 321 30.82 -25.95 -14.06
N LYS A 322 29.57 -25.87 -14.54
CA LYS A 322 28.77 -24.64 -14.46
C LYS A 322 28.74 -23.98 -13.06
N LEU A 323 28.83 -24.80 -12.02
CA LEU A 323 28.77 -24.27 -10.65
C LEU A 323 29.98 -23.42 -10.32
N PHE A 324 31.13 -23.79 -10.90
CA PHE A 324 32.41 -23.15 -10.55
C PHE A 324 32.81 -22.03 -11.50
N SER A 325 32.17 -22.01 -12.66
CA SER A 325 32.25 -20.88 -13.59
C SER A 325 31.15 -19.83 -13.40
N GLY A 326 30.17 -20.12 -12.55
CA GLY A 326 29.02 -19.22 -12.36
C GLY A 326 28.05 -19.18 -13.53
N GLU A 327 28.09 -20.22 -14.36
CA GLU A 327 27.21 -20.32 -15.52
C GLU A 327 25.81 -20.80 -15.17
N ASN A 328 25.63 -21.37 -13.96
CA ASN A 328 24.29 -21.75 -13.52
C ASN A 328 23.51 -20.50 -13.14
N PHE A 329 22.25 -20.44 -13.53
CA PHE A 329 21.36 -19.38 -13.14
C PHE A 329 20.16 -20.07 -12.52
N GLY A 330 20.17 -20.21 -11.20
CA GLY A 330 19.17 -20.99 -10.51
C GLY A 330 19.79 -22.24 -9.95
N LYS A 331 19.01 -23.00 -9.18
CA LYS A 331 19.50 -24.24 -8.61
C LYS A 331 19.76 -25.24 -9.76
N LEU A 332 20.98 -25.73 -9.85
CA LEU A 332 21.38 -26.57 -10.97
C LEU A 332 20.82 -27.99 -10.86
N VAL A 333 20.05 -28.39 -11.85
CA VAL A 333 19.41 -29.70 -11.86
C VAL A 333 19.71 -30.44 -13.16
N LEU A 334 20.03 -31.72 -13.04
CA LEU A 334 20.23 -32.55 -14.22
C LEU A 334 19.03 -33.46 -14.44
N LYS A 335 18.32 -33.28 -15.56
CA LYS A 335 17.19 -34.13 -15.88
C LYS A 335 17.78 -35.38 -16.53
N VAL A 336 17.50 -36.54 -15.96
CA VAL A 336 18.18 -37.78 -16.37
C VAL A 336 17.69 -38.23 -17.75
N GLN B 6 52.31 19.65 44.66
CA GLN B 6 52.70 18.21 44.51
C GLN B 6 52.80 17.83 43.02
N ILE B 7 53.81 17.03 42.69
CA ILE B 7 54.08 16.62 41.30
C ILE B 7 53.36 15.32 40.92
N ASN B 8 52.65 15.35 39.79
CA ASN B 8 52.10 14.14 39.17
C ASN B 8 52.95 13.73 37.97
N ARG B 9 53.77 12.69 38.15
CA ARG B 9 54.53 12.15 37.02
C ARG B 9 53.56 11.36 36.12
N GLN B 10 53.66 11.57 34.81
CA GLN B 10 52.81 10.87 33.81
C GLN B 10 53.64 10.28 32.69
N TYR B 11 53.22 9.12 32.18
CA TYR B 11 53.71 8.66 30.87
C TYR B 11 52.69 9.02 29.82
N GLN B 12 53.08 9.91 28.91
CA GLN B 12 52.19 10.40 27.86
C GLN B 12 52.53 9.70 26.55
N LEU B 13 51.51 9.43 25.73
CA LEU B 13 51.77 8.82 24.42
C LEU B 13 52.38 9.86 23.49
N ALA B 14 53.63 9.63 23.09
CA ALA B 14 54.38 10.60 22.29
C ALA B 14 54.28 10.33 20.78
N GLN B 15 54.27 9.05 20.38
CA GLN B 15 54.03 8.70 18.99
C GLN B 15 53.42 7.30 18.77
N ARG B 16 52.82 7.13 17.58
CA ARG B 16 52.27 5.85 17.21
C ARG B 16 53.43 4.89 16.94
N PRO B 17 53.43 3.73 17.62
CA PRO B 17 54.52 2.78 17.43
C PRO B 17 54.40 1.97 16.13
N SER B 18 55.53 1.42 15.70
CA SER B 18 55.60 0.52 14.55
C SER B 18 56.29 -0.75 15.01
N GLY B 19 55.63 -1.90 14.86
CA GLY B 19 56.13 -3.14 15.43
C GLY B 19 56.14 -3.04 16.94
N LEU B 20 57.21 -3.53 17.58
CA LEU B 20 57.33 -3.47 19.03
C LEU B 20 57.56 -2.02 19.48
N PRO B 21 56.87 -1.58 20.56
CA PRO B 21 56.97 -0.20 21.03
C PRO B 21 58.41 0.25 21.37
N GLY B 22 58.93 1.17 20.57
CA GLY B 22 60.26 1.77 20.80
C GLY B 22 60.28 2.81 21.90
N ARG B 23 61.49 3.23 22.29
CA ARG B 23 61.68 4.13 23.45
C ARG B 23 61.08 5.50 23.23
N ASP B 24 61.00 5.90 21.96
CA ASP B 24 60.35 7.13 21.55
C ASP B 24 58.82 7.13 21.72
N THR B 25 58.22 5.95 21.95
CA THR B 25 56.74 5.82 22.02
C THR B 25 56.09 6.62 23.17
N PHE B 26 56.80 6.74 24.28
CA PHE B 26 56.31 7.49 25.46
C PHE B 26 57.28 8.58 25.90
N SER B 27 56.73 9.60 26.57
CA SER B 27 57.52 10.61 27.29
C SER B 27 57.16 10.58 28.76
N PHE B 28 58.17 10.58 29.61
CA PHE B 28 57.95 10.73 31.04
C PHE B 28 57.88 12.23 31.35
N VAL B 29 56.75 12.68 31.88
CA VAL B 29 56.57 14.12 32.13
C VAL B 29 56.15 14.39 33.57
N GLU B 30 56.52 15.56 34.07
CA GLU B 30 56.13 16.01 35.41
C GLU B 30 55.08 17.09 35.30
N THR B 31 53.96 16.89 36.00
CA THR B 31 52.82 17.78 35.89
C THR B 31 52.40 18.20 37.28
N PRO B 32 51.94 19.46 37.41
CA PRO B 32 51.37 19.88 38.68
C PRO B 32 50.11 19.08 38.94
N LEU B 33 49.97 18.60 40.17
CA LEU B 33 48.73 17.96 40.62
C LEU B 33 47.60 18.99 40.72
N GLY B 34 46.55 18.73 39.95
CA GLY B 34 45.37 19.57 39.96
C GLY B 34 44.45 19.23 41.11
N GLU B 35 43.19 19.59 40.97
CA GLU B 35 42.23 19.22 41.99
C GLU B 35 40.93 18.74 41.38
N PRO B 36 40.27 17.77 42.01
CA PRO B 36 39.01 17.28 41.47
C PRO B 36 37.89 18.32 41.52
N ALA B 37 37.09 18.34 40.46
CA ALA B 37 35.92 19.19 40.42
C ALA B 37 34.76 18.36 40.90
N GLU B 38 33.61 18.99 41.02
CA GLU B 38 32.37 18.30 41.36
C GLU B 38 32.13 17.08 40.44
N GLY B 39 31.76 15.96 41.04
CA GLY B 39 31.53 14.73 40.29
C GLY B 39 32.79 13.95 39.97
N GLN B 40 33.94 14.44 40.45
CA GLN B 40 35.22 13.75 40.25
C GLN B 40 35.78 13.21 41.56
N ILE B 41 36.80 12.35 41.45
CA ILE B 41 37.60 11.89 42.60
C ILE B 41 39.10 12.10 42.31
N LEU B 42 39.91 12.07 43.37
CA LEU B 42 41.36 12.08 43.19
C LEU B 42 41.90 10.82 43.85
N VAL B 43 42.68 10.06 43.08
CA VAL B 43 43.18 8.76 43.51
C VAL B 43 44.71 8.78 43.51
N LYS B 44 45.30 8.21 44.56
CA LYS B 44 46.73 7.96 44.60
C LYS B 44 46.91 6.58 44.02
N ASN B 45 47.51 6.52 42.85
CA ASN B 45 47.69 5.24 42.17
C ASN B 45 48.74 4.39 42.90
N GLU B 46 48.38 3.16 43.21
CA GLU B 46 49.29 2.24 43.93
C GLU B 46 49.85 1.15 43.02
N TYR B 47 48.97 0.48 42.27
CA TYR B 47 49.39 -0.55 41.33
C TYR B 47 48.70 -0.39 39.97
N LEU B 48 49.48 -0.50 38.89
CA LEU B 48 48.97 -0.38 37.54
C LEU B 48 48.95 -1.73 36.83
N SER B 49 47.88 -2.00 36.09
CA SER B 49 47.77 -3.23 35.31
C SER B 49 48.49 -3.06 33.97
N LEU B 50 49.43 -3.96 33.70
CA LEU B 50 50.05 -3.97 32.37
C LEU B 50 49.37 -5.05 31.55
N ASP B 51 48.73 -4.60 30.47
CA ASP B 51 47.82 -5.45 29.69
C ASP B 51 48.26 -5.42 28.24
N PRO B 52 48.25 -6.58 27.59
CA PRO B 52 48.54 -6.67 26.15
C PRO B 52 47.73 -5.67 25.28
N ALA B 53 46.50 -5.40 25.66
CA ALA B 53 45.62 -4.43 24.97
C ALA B 53 46.22 -3.04 24.88
N MET B 54 47.15 -2.72 25.79
CA MET B 54 47.85 -1.44 25.75
C MET B 54 48.47 -1.19 24.39
N ARG B 55 48.90 -2.27 23.73
CA ARG B 55 49.52 -2.14 22.42
C ARG B 55 48.53 -1.61 21.41
N GLY B 56 47.32 -2.17 21.39
CA GLY B 56 46.25 -1.71 20.50
C GLY B 56 45.76 -0.31 20.85
N TRP B 57 45.74 0.05 22.14
CA TRP B 57 45.36 1.42 22.55
C TRP B 57 46.25 2.49 21.99
N MET B 58 47.46 2.09 21.59
CA MET B 58 48.43 3.02 21.00
C MET B 58 48.18 3.28 19.51
N ASN B 59 47.46 2.37 18.85
CA ASN B 59 47.25 2.45 17.39
C ASN B 59 46.17 3.44 17.01
N ASP B 60 46.44 4.26 15.99
CA ASP B 60 45.41 5.16 15.48
C ASP B 60 44.46 4.41 14.54
N ALA B 61 43.58 3.61 15.14
CA ALA B 61 42.69 2.75 14.40
C ALA B 61 41.40 2.49 15.20
N ARG B 62 40.36 2.12 14.46
CA ARG B 62 39.04 1.83 15.01
C ARG B 62 39.10 0.55 15.84
N SER B 63 38.52 0.58 17.04
CA SER B 63 38.51 -0.58 17.91
C SER B 63 37.30 -0.57 18.84
N TYR B 64 37.32 -1.42 19.86
CA TYR B 64 36.26 -1.50 20.86
C TYR B 64 36.26 -0.27 21.78
N ILE B 65 37.38 0.44 21.84
CA ILE B 65 37.48 1.71 22.55
C ILE B 65 38.40 2.61 21.76
N PRO B 66 38.23 3.94 21.89
CA PRO B 66 39.02 4.83 21.06
C PRO B 66 40.50 4.75 21.41
N PRO B 67 41.37 5.13 20.45
CA PRO B 67 42.82 5.19 20.66
C PRO B 67 43.18 6.19 21.78
N VAL B 68 44.34 5.99 22.39
CA VAL B 68 44.94 7.00 23.24
C VAL B 68 45.44 8.12 22.32
N GLY B 69 45.07 9.37 22.62
CA GLY B 69 45.50 10.51 21.83
C GLY B 69 46.96 10.83 22.09
N ILE B 70 47.60 11.44 21.11
CA ILE B 70 48.97 11.96 21.25
C ILE B 70 48.98 13.04 22.33
N GLY B 71 49.91 12.93 23.27
CA GLY B 71 50.02 13.90 24.36
C GLY B 71 49.12 13.60 25.55
N GLU B 72 48.23 12.62 25.41
CA GLU B 72 47.39 12.18 26.52
C GLU B 72 48.19 11.23 27.39
N VAL B 73 47.81 11.17 28.67
CA VAL B 73 48.38 10.19 29.58
C VAL B 73 48.00 8.82 29.05
N MET B 74 48.94 7.89 29.07
CA MET B 74 48.68 6.51 28.64
C MET B 74 47.59 5.86 29.46
N ARG B 75 46.71 5.15 28.78
CA ARG B 75 45.59 4.48 29.43
C ARG B 75 46.11 3.31 30.22
N ALA B 76 45.54 3.09 31.41
CA ALA B 76 45.87 1.91 32.21
C ALA B 76 44.80 1.67 33.25
N LEU B 77 44.47 0.41 33.45
CA LEU B 77 43.68 0.03 34.59
C LEU B 77 44.63 0.01 35.80
N GLY B 78 44.08 0.27 36.99
CA GLY B 78 44.92 0.31 38.20
C GLY B 78 44.13 0.20 39.48
N VAL B 79 44.84 -0.04 40.58
CA VAL B 79 44.25 0.15 41.92
C VAL B 79 44.92 1.27 42.72
N GLY B 80 44.13 1.94 43.55
CA GLY B 80 44.55 3.17 44.15
C GLY B 80 43.68 3.56 45.33
N LYS B 81 44.13 4.57 46.07
CA LYS B 81 43.42 5.02 47.24
C LYS B 81 42.80 6.36 46.94
N VAL B 82 41.51 6.48 47.22
CA VAL B 82 40.83 7.76 47.10
C VAL B 82 41.35 8.73 48.16
N LEU B 83 41.96 9.82 47.71
CA LEU B 83 42.35 10.88 48.61
C LEU B 83 41.21 11.87 48.81
N VAL B 84 40.47 12.15 47.74
CA VAL B 84 39.41 13.16 47.76
C VAL B 84 38.26 12.62 46.91
N SER B 85 37.05 12.60 47.46
CA SER B 85 35.86 12.39 46.62
C SER B 85 34.91 13.58 46.60
N LYS B 86 34.55 14.01 45.38
CA LYS B 86 33.44 14.93 45.13
C LYS B 86 32.29 14.21 44.39
N HIS B 87 32.16 12.91 44.68
CA HIS B 87 31.25 12.03 43.96
C HIS B 87 30.45 11.19 44.93
N PRO B 88 29.11 11.15 44.77
CA PRO B 88 28.28 10.49 45.77
C PRO B 88 28.61 9.01 45.99
N GLY B 89 29.42 8.42 45.10
CA GLY B 89 29.64 6.97 45.10
C GLY B 89 30.90 6.54 45.80
N PHE B 90 31.73 7.52 46.16
CA PHE B 90 33.04 7.25 46.67
C PHE B 90 33.31 8.17 47.86
N GLN B 91 34.10 7.67 48.80
CA GLN B 91 34.55 8.46 49.94
C GLN B 91 36.05 8.32 50.07
N ALA B 92 36.71 9.35 50.58
CA ALA B 92 38.15 9.32 50.87
C ALA B 92 38.47 8.15 51.77
N GLY B 93 39.61 7.51 51.53
CA GLY B 93 39.97 6.31 52.26
C GLY B 93 39.55 5.02 51.57
N ASP B 94 38.59 5.11 50.63
CA ASP B 94 38.23 3.98 49.77
C ASP B 94 39.41 3.52 48.90
N TYR B 95 39.51 2.21 48.70
CA TYR B 95 40.37 1.62 47.68
C TYR B 95 39.57 1.31 46.43
N VAL B 96 40.06 1.78 45.27
CA VAL B 96 39.29 1.64 44.01
C VAL B 96 40.07 0.97 42.87
N ASN B 97 39.30 0.29 42.02
CA ASN B 97 39.77 -0.22 40.74
C ASN B 97 39.11 0.63 39.64
N GLY B 98 39.93 1.10 38.70
CA GLY B 98 39.45 1.90 37.58
C GLY B 98 40.55 2.16 36.57
N ALA B 99 40.23 2.96 35.59
CA ALA B 99 41.15 3.38 34.58
C ALA B 99 41.97 4.54 35.15
N LEU B 100 43.10 4.23 35.78
CA LEU B 100 43.86 5.23 36.56
C LEU B 100 44.91 5.99 35.74
N GLY B 101 45.34 5.42 34.61
CA GLY B 101 46.33 6.04 33.77
C GLY B 101 47.73 5.74 34.29
N VAL B 102 48.71 5.85 33.40
CA VAL B 102 50.09 5.57 33.73
C VAL B 102 50.64 6.85 34.34
N GLN B 103 50.42 7.00 35.65
CA GLN B 103 50.73 8.23 36.36
C GLN B 103 50.66 7.99 37.86
N ASP B 104 51.16 8.96 38.64
CA ASP B 104 51.09 8.87 40.11
C ASP B 104 49.67 9.04 40.63
N TYR B 105 48.90 9.92 40.00
CA TYR B 105 47.58 10.26 40.55
C TYR B 105 46.57 10.34 39.43
N PHE B 106 45.38 9.83 39.69
CA PHE B 106 44.24 10.02 38.82
C PHE B 106 43.27 11.07 39.36
N ILE B 107 42.94 12.04 38.51
CA ILE B 107 41.85 12.96 38.81
C ILE B 107 40.84 12.87 37.69
N GLY B 108 39.59 12.61 38.02
CA GLY B 108 38.53 12.67 37.03
C GLY B 108 37.25 11.99 37.45
N GLU B 109 36.34 11.87 36.49
CA GLU B 109 35.11 11.11 36.66
C GLU B 109 35.43 9.63 36.86
N PRO B 110 34.93 9.05 37.96
CA PRO B 110 35.18 7.65 38.26
C PRO B 110 34.25 6.70 37.47
N LYS B 111 34.13 6.92 36.15
CA LYS B 111 33.31 6.06 35.29
C LYS B 111 33.77 4.60 35.24
N GLY B 112 32.91 3.72 35.72
CA GLY B 112 33.18 2.28 35.73
C GLY B 112 34.16 1.84 36.82
N PHE B 113 34.50 2.74 37.74
CA PHE B 113 35.30 2.43 38.92
C PHE B 113 34.47 1.64 39.92
N TYR B 114 35.12 0.78 40.68
CA TYR B 114 34.45 0.13 41.81
C TYR B 114 35.38 -0.06 42.97
N LYS B 115 34.81 -0.10 44.17
CA LYS B 115 35.57 -0.24 45.40
C LYS B 115 36.04 -1.67 45.59
N VAL B 116 37.25 -1.79 46.13
CA VAL B 116 37.81 -3.10 46.44
C VAL B 116 38.19 -3.16 47.92
N ASP B 117 38.07 -4.34 48.51
CA ASP B 117 38.41 -4.59 49.91
C ASP B 117 39.84 -5.15 50.09
N PRO B 118 40.80 -4.30 50.52
CA PRO B 118 42.12 -4.88 50.70
C PRO B 118 42.23 -5.81 51.92
N SER B 119 41.17 -5.97 52.69
CA SER B 119 41.21 -6.91 53.81
C SER B 119 40.89 -8.33 53.35
N ARG B 120 40.33 -8.45 52.15
CA ARG B 120 39.98 -9.75 51.58
C ARG B 120 41.02 -10.35 50.61
N ALA B 121 41.93 -9.52 50.12
CA ALA B 121 42.96 -9.98 49.18
C ALA B 121 44.04 -8.91 49.06
N PRO B 122 45.26 -9.28 48.63
CA PRO B 122 46.26 -8.24 48.40
C PRO B 122 45.82 -7.31 47.26
N LEU B 123 46.14 -6.03 47.40
CA LEU B 123 45.73 -5.03 46.41
C LEU B 123 46.01 -5.42 44.94
N PRO B 124 47.20 -5.98 44.62
CA PRO B 124 47.46 -6.42 43.25
C PRO B 124 46.50 -7.48 42.70
N ARG B 125 45.95 -8.34 43.55
CA ARG B 125 44.99 -9.36 43.12
C ARG B 125 43.71 -8.73 42.52
N TYR B 126 43.44 -7.48 42.85
CA TYR B 126 42.28 -6.79 42.26
C TYR B 126 42.62 -6.26 40.85
N LEU B 127 43.79 -6.63 40.36
CA LEU B 127 44.13 -6.43 38.96
C LEU B 127 44.20 -7.77 38.24
N SER B 128 44.17 -8.87 38.98
CA SER B 128 44.26 -10.18 38.33
C SER B 128 42.98 -10.98 38.51
N ALA B 129 43.02 -12.02 39.34
CA ALA B 129 41.89 -12.92 39.49
C ALA B 129 40.65 -12.18 40.00
N LEU B 130 40.87 -11.15 40.80
CA LEU B 130 39.73 -10.38 41.28
C LEU B 130 39.67 -9.02 40.58
N GLY B 131 40.30 -8.93 39.40
CA GLY B 131 40.21 -7.75 38.53
C GLY B 131 39.87 -8.12 37.10
N MET B 132 40.36 -7.32 36.15
CA MET B 132 39.91 -7.39 34.77
C MET B 132 40.25 -8.74 34.09
N THR B 133 41.47 -9.24 34.29
CA THR B 133 41.90 -10.51 33.71
C THR B 133 41.12 -11.69 34.26
N GLY B 134 40.86 -11.67 35.56
CA GLY B 134 40.06 -12.70 36.20
C GLY B 134 38.62 -12.68 35.71
N MET B 135 38.07 -11.49 35.52
CA MET B 135 36.71 -11.36 35.04
C MET B 135 36.59 -11.75 33.58
N THR B 136 37.61 -11.44 32.78
CA THR B 136 37.66 -11.88 31.40
C THR B 136 37.54 -13.39 31.32
N ALA B 137 38.38 -14.09 32.12
CA ALA B 137 38.39 -15.56 32.14
C ALA B 137 37.04 -16.06 32.52
N TYR B 138 36.52 -15.52 33.62
CA TYR B 138 35.24 -15.94 34.14
C TYR B 138 34.12 -15.84 33.09
N PHE B 139 33.97 -14.66 32.48
CA PHE B 139 32.83 -14.45 31.59
C PHE B 139 33.03 -15.05 30.20
N ALA B 140 34.24 -14.92 29.65
CA ALA B 140 34.57 -15.52 28.37
C ALA B 140 34.37 -17.04 28.39
N LEU B 141 34.92 -17.73 29.40
CA LEU B 141 34.75 -19.19 29.50
C LEU B 141 33.31 -19.59 29.70
N LEU B 142 32.68 -19.07 30.74
CA LEU B 142 31.38 -19.57 31.11
C LEU B 142 30.24 -19.01 30.25
N ASP B 143 30.33 -17.75 29.83
CA ASP B 143 29.24 -17.19 28.99
C ASP B 143 29.39 -17.53 27.50
N VAL B 144 30.61 -17.48 26.98
CA VAL B 144 30.85 -17.74 25.57
C VAL B 144 31.29 -19.19 25.35
N GLY B 145 32.26 -19.66 26.12
CA GLY B 145 32.70 -21.07 26.06
C GLY B 145 31.66 -22.10 26.47
N GLN B 146 30.90 -21.79 27.51
CA GLN B 146 29.89 -22.72 28.04
C GLN B 146 30.39 -24.18 28.23
N PRO B 147 31.52 -24.37 28.95
CA PRO B 147 32.05 -25.73 29.04
C PRO B 147 31.13 -26.61 29.87
N LYS B 148 31.03 -27.89 29.52
CA LYS B 148 30.20 -28.80 30.31
C LYS B 148 31.08 -29.83 31.00
N ASN B 149 30.58 -30.38 32.11
CA ASN B 149 31.30 -31.42 32.86
C ASN B 149 31.72 -32.51 31.88
N GLY B 150 33.01 -32.86 31.87
CA GLY B 150 33.50 -33.96 31.02
C GLY B 150 34.06 -33.55 29.67
N GLU B 151 33.83 -32.30 29.26
CA GLU B 151 34.32 -31.80 27.98
C GLU B 151 35.80 -31.52 28.03
N THR B 152 36.46 -31.52 26.89
CA THR B 152 37.87 -31.15 26.85
C THR B 152 38.05 -29.65 26.54
N VAL B 153 38.72 -28.94 27.45
CA VAL B 153 39.01 -27.51 27.30
C VAL B 153 40.50 -27.27 27.08
N VAL B 154 40.84 -26.51 26.04
CA VAL B 154 42.21 -26.14 25.74
C VAL B 154 42.34 -24.61 25.88
N ILE B 155 43.41 -24.17 26.51
CA ILE B 155 43.67 -22.76 26.76
C ILE B 155 45.01 -22.41 26.16
N SER B 156 45.07 -21.42 25.28
CA SER B 156 46.36 -20.86 24.90
C SER B 156 46.74 -19.70 25.84
N GLY B 157 48.00 -19.28 25.80
CA GLY B 157 48.56 -18.35 26.78
C GLY B 157 48.22 -18.82 28.19
N ALA B 158 48.34 -20.12 28.41
CA ALA B 158 47.66 -20.74 29.54
C ALA B 158 48.20 -20.41 30.94
N ALA B 159 49.42 -19.89 31.03
CA ALA B 159 50.02 -19.59 32.33
C ALA B 159 49.88 -18.11 32.63
N GLY B 160 49.31 -17.38 31.67
CA GLY B 160 49.20 -15.94 31.79
C GLY B 160 48.05 -15.61 32.68
N ALA B 161 47.81 -14.32 32.88
CA ALA B 161 46.72 -13.83 33.74
C ALA B 161 45.32 -14.37 33.38
N VAL B 162 44.93 -14.25 32.12
CA VAL B 162 43.61 -14.74 31.75
C VAL B 162 43.54 -16.27 31.68
N GLY B 163 44.50 -16.86 30.98
CA GLY B 163 44.47 -18.31 30.70
C GLY B 163 44.54 -19.17 31.95
N SER B 164 45.36 -18.77 32.91
CA SER B 164 45.58 -19.57 34.13
C SER B 164 44.31 -19.64 34.93
N VAL B 165 43.55 -18.53 34.91
CA VAL B 165 42.28 -18.44 35.59
C VAL B 165 41.24 -19.26 34.83
N ALA B 166 41.22 -19.09 33.51
CA ALA B 166 40.26 -19.83 32.69
C ALA B 166 40.45 -21.36 32.83
N GLY B 167 41.69 -21.82 32.74
CA GLY B 167 42.01 -23.24 33.02
C GLY B 167 41.51 -23.78 34.35
N GLN B 168 41.60 -22.96 35.40
CA GLN B 168 41.22 -23.42 36.72
C GLN B 168 39.72 -23.46 36.87
N ILE B 169 39.02 -22.50 36.25
CA ILE B 169 37.56 -22.55 36.26
C ILE B 169 37.10 -23.82 35.52
N ALA B 170 37.71 -24.09 34.37
CA ALA B 170 37.32 -25.25 33.58
C ALA B 170 37.56 -26.53 34.38
N ARG B 171 38.66 -26.59 35.14
CA ARG B 171 38.85 -27.70 36.12
C ARG B 171 37.71 -27.79 37.14
N LEU B 172 37.33 -26.67 37.76
CA LEU B 172 36.24 -26.67 38.75
C LEU B 172 34.88 -27.04 38.18
N LYS B 173 34.75 -26.96 36.86
CA LYS B 173 33.48 -27.32 36.18
C LYS B 173 33.44 -28.79 35.73
N GLY B 174 34.49 -29.54 36.05
CA GLY B 174 34.54 -30.96 35.72
C GLY B 174 35.14 -31.30 34.36
N CYS B 175 35.93 -30.39 33.81
CA CYS B 175 36.45 -30.59 32.46
C CYS B 175 37.83 -31.21 32.50
N ARG B 176 38.24 -31.83 31.40
CA ARG B 176 39.64 -32.12 31.18
C ARG B 176 40.24 -30.86 30.63
N VAL B 177 41.30 -30.37 31.27
CA VAL B 177 41.88 -29.07 30.92
C VAL B 177 43.32 -29.22 30.44
N VAL B 178 43.57 -28.73 29.22
CA VAL B 178 44.91 -28.78 28.63
C VAL B 178 45.40 -27.36 28.31
N GLY B 179 46.63 -27.05 28.73
CA GLY B 179 47.19 -25.72 28.50
C GLY B 179 48.33 -25.68 27.51
N ILE B 180 48.44 -24.60 26.77
CA ILE B 180 49.57 -24.34 25.87
C ILE B 180 50.28 -23.10 26.39
N ALA B 181 51.57 -23.24 26.72
CA ALA B 181 52.36 -22.15 27.25
C ALA B 181 53.81 -22.34 26.84
N GLY B 182 54.61 -21.28 26.97
CA GLY B 182 55.97 -21.27 26.47
C GLY B 182 56.98 -21.54 27.57
N GLY B 183 57.81 -22.56 27.37
CA GLY B 183 58.88 -22.90 28.31
C GLY B 183 58.47 -23.94 29.33
N ALA B 184 59.48 -24.64 29.87
CA ALA B 184 59.27 -25.76 30.77
C ALA B 184 58.70 -25.37 32.14
N GLU B 185 59.15 -24.24 32.69
CA GLU B 185 58.67 -23.87 34.03
C GLU B 185 57.20 -23.47 34.05
N LYS B 186 56.77 -22.74 33.03
CA LYS B 186 55.36 -22.38 32.90
C LYS B 186 54.50 -23.63 32.72
N CYS B 187 55.01 -24.57 31.92
CA CYS B 187 54.29 -25.83 31.69
C CYS B 187 54.19 -26.71 32.93
N ARG B 188 55.29 -26.78 33.70
CA ARG B 188 55.26 -27.47 35.00
C ARG B 188 54.27 -26.81 35.98
N PHE B 189 54.33 -25.48 36.03
CA PHE B 189 53.44 -24.69 36.86
C PHE B 189 51.96 -25.01 36.57
N LEU B 190 51.64 -25.17 35.28
CA LEU B 190 50.27 -25.53 34.88
C LEU B 190 49.78 -26.83 35.49
N VAL B 191 50.61 -27.87 35.37
CA VAL B 191 50.21 -29.18 35.87
C VAL B 191 50.37 -29.29 37.39
N GLU B 192 51.54 -28.86 37.89
CA GLU B 192 51.94 -29.09 39.29
C GLU B 192 51.26 -28.16 40.30
N GLU B 193 51.07 -26.90 39.93
CA GLU B 193 50.41 -25.91 40.80
C GLU B 193 48.91 -25.74 40.50
N LEU B 194 48.56 -25.55 39.23
CA LEU B 194 47.21 -25.10 38.86
C LEU B 194 46.22 -26.24 38.66
N GLY B 195 46.73 -27.47 38.66
CA GLY B 195 45.90 -28.66 38.46
C GLY B 195 45.47 -28.97 37.03
N PHE B 196 46.15 -28.39 36.04
CA PHE B 196 45.87 -28.75 34.63
C PHE B 196 46.12 -30.25 34.42
N ASP B 197 45.23 -30.89 33.65
CA ASP B 197 45.38 -32.30 33.27
C ASP B 197 46.57 -32.53 32.35
N GLY B 198 46.88 -31.55 31.52
CA GLY B 198 48.06 -31.63 30.67
C GLY B 198 48.52 -30.28 30.21
N ALA B 199 49.75 -30.24 29.69
CA ALA B 199 50.37 -29.02 29.20
C ALA B 199 51.26 -29.32 28.02
N ILE B 200 51.24 -28.43 27.02
CA ILE B 200 52.05 -28.54 25.82
C ILE B 200 52.94 -27.32 25.73
N ASP B 201 54.24 -27.56 25.59
CA ASP B 201 55.20 -26.49 25.53
C ASP B 201 55.40 -26.17 24.08
N TYR B 202 54.72 -25.12 23.62
CA TYR B 202 54.79 -24.75 22.21
C TYR B 202 56.19 -24.30 21.80
N LYS B 203 57.01 -23.96 22.79
CA LYS B 203 58.38 -23.51 22.52
C LYS B 203 59.37 -24.65 22.24
N ASN B 204 59.15 -25.80 22.89
CA ASN B 204 60.09 -26.93 22.84
C ASN B 204 59.53 -28.26 22.31
N GLU B 205 58.34 -28.22 21.73
CA GLU B 205 57.60 -29.43 21.36
C GLU B 205 56.62 -29.11 20.21
N ASP B 206 56.38 -30.09 19.32
CA ASP B 206 55.40 -29.96 18.20
C ASP B 206 53.98 -29.86 18.77
N LEU B 207 53.31 -28.76 18.44
CA LEU B 207 51.97 -28.49 18.97
C LEU B 207 50.95 -29.53 18.51
N ALA B 208 50.96 -29.83 17.21
CA ALA B 208 50.04 -30.78 16.61
C ALA B 208 50.14 -32.15 17.28
N ALA B 209 51.37 -32.59 17.51
CA ALA B 209 51.61 -33.85 18.20
C ALA B 209 51.17 -33.74 19.65
N GLY B 210 51.48 -32.59 20.26
CA GLY B 210 51.06 -32.33 21.65
C GLY B 210 49.57 -32.43 21.81
N LEU B 211 48.84 -31.82 20.85
CA LEU B 211 47.37 -31.83 20.89
C LEU B 211 46.79 -33.23 20.74
N LYS B 212 47.41 -34.03 19.86
CA LYS B 212 47.10 -35.45 19.70
C LYS B 212 47.24 -36.19 21.02
N ARG B 213 48.36 -35.98 21.71
CA ARG B 213 48.61 -36.64 22.98
C ARG B 213 47.65 -36.21 24.07
N GLU B 214 47.46 -34.89 24.23
CA GLU B 214 46.67 -34.38 25.36
C GLU B 214 45.16 -34.29 25.12
N CYS B 215 44.76 -34.26 23.85
CA CYS B 215 43.33 -34.19 23.48
C CYS B 215 42.92 -35.26 22.44
N PRO B 216 43.05 -36.56 22.79
CA PRO B 216 42.77 -37.59 21.78
C PRO B 216 41.32 -37.61 21.29
N LYS B 217 40.37 -37.18 22.13
CA LYS B 217 38.96 -37.17 21.77
C LYS B 217 38.52 -35.88 21.02
N GLY B 218 39.42 -34.93 20.85
CA GLY B 218 39.07 -33.65 20.24
C GLY B 218 38.67 -32.61 21.28
N ILE B 219 38.75 -31.34 20.88
CA ILE B 219 38.67 -30.17 21.75
C ILE B 219 37.26 -29.57 21.68
N ASP B 220 36.58 -29.50 22.82
CA ASP B 220 35.22 -29.02 22.89
C ASP B 220 35.18 -27.49 23.06
N VAL B 221 36.12 -26.97 23.83
CA VAL B 221 36.28 -25.52 23.95
C VAL B 221 37.74 -25.16 23.78
N PHE B 222 38.00 -24.25 22.84
CA PHE B 222 39.30 -23.60 22.72
C PHE B 222 39.20 -22.12 23.18
N PHE B 223 39.94 -21.81 24.25
CA PHE B 223 40.07 -20.45 24.75
C PHE B 223 41.34 -19.84 24.18
N ASP B 224 41.19 -18.93 23.23
CA ASP B 224 42.33 -18.41 22.51
C ASP B 224 42.71 -17.01 22.97
N ASN B 225 43.94 -16.89 23.47
CA ASN B 225 44.55 -15.60 23.86
C ASN B 225 45.64 -15.15 22.88
N VAL B 226 45.95 -16.01 21.92
CA VAL B 226 47.21 -15.88 21.18
C VAL B 226 47.04 -15.76 19.67
N GLY B 227 46.06 -16.47 19.11
CA GLY B 227 45.89 -16.48 17.66
C GLY B 227 47.07 -17.14 16.95
N GLY B 228 47.36 -16.65 15.75
CA GLY B 228 48.47 -17.12 14.92
C GLY B 228 48.38 -18.60 14.60
N GLU B 229 49.53 -19.26 14.53
CA GLU B 229 49.62 -20.68 14.19
C GLU B 229 49.02 -21.58 15.25
N ILE B 230 49.06 -21.15 16.51
CA ILE B 230 48.46 -21.90 17.58
C ILE B 230 46.95 -22.07 17.35
N LEU B 231 46.28 -20.96 17.00
CA LEU B 231 44.86 -21.00 16.65
C LEU B 231 44.65 -21.95 15.46
N ASP B 232 45.48 -21.81 14.44
CA ASP B 232 45.28 -22.59 13.22
C ASP B 232 45.49 -24.09 13.43
N THR B 233 46.47 -24.42 14.27
CA THR B 233 46.76 -25.80 14.59
C THR B 233 45.68 -26.36 15.49
N VAL B 234 45.18 -25.55 16.42
CA VAL B 234 44.08 -26.02 17.27
C VAL B 234 42.81 -26.36 16.48
N LEU B 235 42.50 -25.54 15.48
CA LEU B 235 41.32 -25.76 14.63
C LEU B 235 41.23 -27.15 13.99
N THR B 236 42.39 -27.75 13.67
CA THR B 236 42.44 -29.12 13.09
C THR B 236 41.90 -30.17 14.07
N ARG B 237 41.78 -29.78 15.34
CA ARG B 237 41.52 -30.77 16.37
C ARG B 237 40.19 -30.60 17.10
N ILE B 238 39.36 -29.65 16.68
CA ILE B 238 38.14 -29.36 17.43
C ILE B 238 37.12 -30.48 17.20
N ALA B 239 36.26 -30.68 18.18
CA ALA B 239 35.19 -31.65 18.11
C ALA B 239 33.93 -31.01 17.54
N PHE B 240 32.96 -31.87 17.20
CA PHE B 240 31.61 -31.48 16.83
C PHE B 240 30.97 -30.54 17.87
N LYS B 241 30.34 -29.46 17.38
CA LYS B 241 29.76 -28.39 18.24
C LYS B 241 30.77 -27.67 19.16
N ALA B 242 32.02 -27.59 18.74
CA ALA B 242 33.01 -26.89 19.54
C ALA B 242 32.74 -25.38 19.59
N ARG B 243 33.38 -24.73 20.57
CA ARG B 243 33.25 -23.32 20.80
C ARG B 243 34.66 -22.82 20.88
N ILE B 244 34.98 -21.83 20.06
CA ILE B 244 36.25 -21.14 20.11
C ILE B 244 36.00 -19.74 20.65
N VAL B 245 36.49 -19.50 21.86
CA VAL B 245 36.38 -18.21 22.49
C VAL B 245 37.53 -17.35 22.03
N LEU B 246 37.25 -16.30 21.26
CA LEU B 246 38.29 -15.36 20.84
C LEU B 246 38.44 -14.27 21.88
N CYS B 247 39.50 -14.36 22.66
CA CYS B 247 39.70 -13.43 23.73
C CYS B 247 40.73 -12.43 23.29
N GLY B 248 41.75 -12.93 22.61
CA GLY B 248 42.87 -12.09 22.20
C GLY B 248 43.67 -12.78 21.13
N ALA B 249 44.70 -12.11 20.64
CA ALA B 249 45.52 -12.56 19.54
C ALA B 249 46.89 -11.97 19.70
N ILE B 250 47.47 -12.11 20.89
CA ILE B 250 48.72 -11.40 21.23
C ILE B 250 49.86 -11.66 20.27
N SER B 251 49.92 -12.86 19.66
CA SER B 251 51.01 -13.15 18.71
C SER B 251 50.92 -12.23 17.48
N GLN B 252 49.86 -11.44 17.40
CA GLN B 252 49.62 -10.55 16.26
C GLN B 252 49.77 -9.06 16.59
N TYR B 253 49.77 -8.72 17.90
CA TYR B 253 49.64 -7.32 18.34
C TYR B 253 50.77 -6.41 17.89
N ASN B 254 51.96 -6.98 17.70
CA ASN B 254 53.10 -6.19 17.22
C ASN B 254 53.46 -6.35 15.74
N ASN B 255 52.58 -7.00 14.98
CA ASN B 255 52.77 -7.19 13.53
C ASN B 255 53.01 -5.86 12.84
N LYS B 256 53.96 -5.86 11.91
CA LYS B 256 54.06 -4.79 10.91
C LYS B 256 53.26 -5.20 9.67
N GLU B 257 53.17 -6.50 9.43
CA GLU B 257 52.41 -7.04 8.30
C GLU B 257 50.94 -7.29 8.71
N ALA B 258 50.15 -7.85 7.80
CA ALA B 258 48.75 -8.18 8.06
C ALA B 258 48.61 -9.31 9.07
N VAL B 259 47.51 -9.27 9.83
CA VAL B 259 47.16 -10.32 10.78
C VAL B 259 47.10 -11.67 10.08
N ARG B 260 47.56 -12.70 10.78
CA ARG B 260 47.60 -14.05 10.24
C ARG B 260 46.24 -14.76 10.35
N GLY B 261 45.59 -14.92 9.20
CA GLY B 261 44.24 -15.49 9.15
C GLY B 261 44.22 -16.99 9.28
N PRO B 262 43.25 -17.53 10.03
CA PRO B 262 43.18 -18.97 10.24
C PRO B 262 42.74 -19.75 8.98
N ALA B 263 43.70 -20.37 8.30
CA ALA B 263 43.45 -21.11 7.05
C ALA B 263 42.60 -22.35 7.27
N ASN B 264 42.56 -22.83 8.52
CA ASN B 264 41.74 -23.97 8.87
C ASN B 264 40.34 -23.62 9.39
N TYR B 265 39.85 -22.40 9.12
CA TYR B 265 38.55 -21.95 9.71
C TYR B 265 37.38 -22.82 9.25
N LEU B 266 37.55 -23.48 8.10
CA LEU B 266 36.48 -24.34 7.54
C LEU B 266 36.24 -25.55 8.40
N SER B 267 37.14 -25.76 9.36
CA SER B 267 36.88 -26.73 10.43
C SER B 267 35.62 -26.35 11.20
N LEU B 268 35.31 -25.05 11.27
CA LEU B 268 34.06 -24.59 11.90
C LEU B 268 32.82 -25.08 11.19
N LEU B 269 32.93 -25.19 9.87
CA LEU B 269 31.87 -25.72 9.04
C LEU B 269 31.73 -27.25 9.22
N VAL B 270 32.81 -27.97 8.97
CA VAL B 270 32.85 -29.44 9.14
C VAL B 270 32.33 -29.87 10.52
N ASN B 271 32.73 -29.11 11.53
CA ASN B 271 32.37 -29.46 12.89
C ASN B 271 31.14 -28.73 13.42
N ARG B 272 30.53 -27.92 12.55
CA ARG B 272 29.42 -27.03 12.92
C ARG B 272 29.68 -26.36 14.27
N ALA B 273 30.82 -25.67 14.30
CA ALA B 273 31.33 -25.07 15.49
C ALA B 273 31.17 -23.54 15.42
N ARG B 274 31.43 -22.91 16.55
CA ARG B 274 31.19 -21.49 16.72
C ARG B 274 32.49 -20.83 17.17
N MET B 275 32.89 -19.78 16.47
CA MET B 275 33.94 -18.89 16.93
C MET B 275 33.37 -17.48 17.25
N GLU B 276 33.64 -17.00 18.46
CA GLU B 276 33.03 -15.79 18.99
C GLU B 276 33.96 -14.97 19.86
N GLY B 277 34.02 -13.66 19.57
CA GLY B 277 34.73 -12.71 20.41
C GLY B 277 33.91 -12.13 21.57
N MET B 278 34.60 -11.53 22.52
CA MET B 278 33.96 -10.87 23.65
C MET B 278 34.87 -9.74 24.13
N VAL B 279 34.32 -8.85 24.94
CA VAL B 279 35.06 -7.72 25.49
C VAL B 279 34.59 -7.72 26.94
N VAL B 280 35.52 -7.81 27.88
CA VAL B 280 35.15 -8.00 29.30
C VAL B 280 34.21 -6.92 29.88
N MET B 281 34.41 -5.67 29.49
CA MET B 281 33.55 -4.57 30.02
C MET B 281 32.05 -4.70 29.72
N ASP B 282 31.68 -5.52 28.73
CA ASP B 282 30.27 -5.73 28.40
C ASP B 282 29.56 -6.44 29.55
N TYR B 283 30.35 -7.08 30.40
CA TYR B 283 29.84 -7.86 31.52
C TYR B 283 29.90 -7.12 32.88
N ALA B 284 30.19 -5.81 32.85
CA ALA B 284 30.36 -4.96 34.06
C ALA B 284 29.26 -5.12 35.10
N GLN B 285 28.03 -5.14 34.63
CA GLN B 285 26.89 -5.32 35.48
C GLN B 285 26.86 -6.65 36.24
N ARG B 286 27.69 -7.59 35.83
CA ARG B 286 27.68 -8.90 36.45
C ARG B 286 28.98 -9.15 37.21
N PHE B 287 29.86 -8.14 37.24
CA PHE B 287 31.08 -8.24 38.03
C PHE B 287 30.84 -8.64 39.48
N PRO B 288 29.80 -8.11 40.15
CA PRO B 288 29.67 -8.53 41.55
C PRO B 288 29.46 -10.03 41.73
N GLU B 289 28.61 -10.66 40.91
CA GLU B 289 28.42 -12.10 41.00
C GLU B 289 29.68 -12.89 40.60
N GLY B 290 30.45 -12.36 39.64
CA GLY B 290 31.68 -13.00 39.19
C GLY B 290 32.77 -12.92 40.25
N LEU B 291 32.99 -11.71 40.76
CA LEU B 291 33.99 -11.45 41.81
C LEU B 291 33.70 -12.22 43.08
N LYS B 292 32.41 -12.27 43.47
CA LYS B 292 31.98 -13.03 44.64
C LYS B 292 32.33 -14.50 44.48
N GLU B 293 31.96 -15.10 43.36
CA GLU B 293 32.29 -16.51 43.12
C GLU B 293 33.81 -16.71 43.05
N MET B 294 34.51 -15.77 42.43
CA MET B 294 35.97 -15.83 42.31
C MET B 294 36.63 -15.79 43.69
N ALA B 295 36.15 -14.87 44.53
CA ALA B 295 36.60 -14.74 45.92
C ALA B 295 36.37 -16.04 46.70
N THR B 296 35.22 -16.69 46.54
CA THR B 296 34.94 -17.99 47.20
C THR B 296 35.90 -19.09 46.77
N TRP B 297 36.19 -19.13 45.47
CA TRP B 297 37.13 -20.12 44.98
C TRP B 297 38.52 -19.91 45.51
N LEU B 298 38.97 -18.66 45.57
CA LEU B 298 40.28 -18.33 46.12
C LEU B 298 40.37 -18.71 47.60
N ALA B 299 39.31 -18.39 48.36
CA ALA B 299 39.22 -18.67 49.78
C ALA B 299 39.19 -20.17 50.08
N GLU B 300 38.39 -20.91 49.31
CA GLU B 300 38.31 -22.37 49.44
C GLU B 300 39.55 -23.09 48.92
N GLY B 301 40.49 -22.33 48.38
CA GLY B 301 41.73 -22.88 47.81
C GLY B 301 41.53 -23.71 46.54
N LYS B 302 40.37 -23.56 45.90
CA LYS B 302 40.06 -24.26 44.64
C LYS B 302 40.78 -23.66 43.43
N LEU B 303 41.22 -22.40 43.57
CA LEU B 303 41.86 -21.64 42.49
C LEU B 303 42.95 -20.74 43.07
N GLN B 304 44.00 -20.51 42.29
CA GLN B 304 45.14 -19.73 42.75
C GLN B 304 45.57 -18.68 41.74
N SER B 305 46.03 -17.56 42.25
CA SER B 305 46.31 -16.40 41.45
C SER B 305 47.74 -15.89 41.68
N ARG B 306 48.52 -15.79 40.60
CA ARG B 306 49.88 -15.30 40.67
C ARG B 306 50.01 -13.92 40.01
N GLU B 307 50.72 -13.02 40.69
CA GLU B 307 50.99 -11.67 40.18
C GLU B 307 52.50 -11.51 39.99
N ASP B 308 52.89 -10.75 38.98
CA ASP B 308 54.30 -10.46 38.70
C ASP B 308 54.46 -8.95 38.86
N ILE B 309 54.88 -8.56 40.07
CA ILE B 309 54.95 -7.16 40.46
C ILE B 309 56.35 -6.58 40.20
N VAL B 310 56.39 -5.51 39.41
CA VAL B 310 57.64 -4.82 39.13
C VAL B 310 57.52 -3.39 39.69
N GLU B 311 58.58 -2.92 40.34
CA GLU B 311 58.49 -1.70 41.12
C GLU B 311 58.92 -0.44 40.36
N GLY B 312 58.10 0.61 40.43
CA GLY B 312 58.52 1.91 39.92
C GLY B 312 57.83 2.37 38.65
N LEU B 313 57.09 3.47 38.75
CA LEU B 313 56.34 4.04 37.63
C LEU B 313 57.21 4.29 36.42
N GLU B 314 58.43 4.77 36.68
CA GLU B 314 59.39 5.08 35.64
C GLU B 314 59.73 3.88 34.75
N THR B 315 59.54 2.66 35.25
CA THR B 315 59.92 1.43 34.52
C THR B 315 58.84 0.96 33.53
N PHE B 316 57.72 1.69 33.47
CA PHE B 316 56.57 1.29 32.64
C PHE B 316 56.90 0.74 31.23
N PRO B 317 57.65 1.49 30.39
CA PRO B 317 57.88 1.07 29.00
C PRO B 317 58.56 -0.30 28.85
N GLU B 318 59.62 -0.51 29.63
CA GLU B 318 60.38 -1.76 29.56
C GLU B 318 59.58 -2.88 30.12
N THR B 319 58.83 -2.59 31.19
CA THR B 319 58.07 -3.63 31.87
C THR B 319 56.93 -4.11 30.96
N LEU B 320 56.31 -3.17 30.24
CA LEU B 320 55.25 -3.50 29.26
C LEU B 320 55.73 -4.53 28.23
N LEU B 321 56.98 -4.38 27.77
CA LEU B 321 57.55 -5.27 26.77
C LEU B 321 57.69 -6.73 27.20
N LYS B 322 57.73 -6.98 28.52
CA LYS B 322 57.79 -8.35 29.02
C LYS B 322 56.60 -9.19 28.53
N LEU B 323 55.51 -8.51 28.20
CA LEU B 323 54.27 -9.21 27.84
C LEU B 323 54.43 -9.91 26.50
N PHE B 324 55.14 -9.25 25.60
CA PHE B 324 55.27 -9.76 24.25
C PHE B 324 56.47 -10.70 24.10
N SER B 325 57.38 -10.67 25.06
CA SER B 325 58.54 -11.58 25.07
C SER B 325 58.30 -12.81 25.95
N GLY B 326 57.19 -12.82 26.68
CA GLY B 326 56.88 -13.94 27.56
C GLY B 326 57.71 -13.96 28.84
N GLU B 327 58.26 -12.81 29.23
CA GLU B 327 59.07 -12.75 30.44
C GLU B 327 58.27 -12.55 31.73
N ASN B 328 57.00 -12.15 31.61
CA ASN B 328 56.10 -12.12 32.76
C ASN B 328 55.76 -13.54 33.16
N PHE B 329 55.75 -13.80 34.46
CA PHE B 329 55.26 -15.06 34.99
C PHE B 329 54.18 -14.71 36.01
N GLY B 330 52.94 -14.74 35.55
CA GLY B 330 51.79 -14.24 36.29
C GLY B 330 51.32 -12.90 35.74
N LYS B 331 50.26 -12.36 36.33
CA LYS B 331 49.67 -11.11 35.84
C LYS B 331 50.63 -9.97 36.12
N LEU B 332 51.00 -9.24 35.07
CA LEU B 332 51.99 -8.21 35.19
C LEU B 332 51.43 -6.93 35.83
N VAL B 333 52.05 -6.52 36.93
CA VAL B 333 51.62 -5.35 37.70
C VAL B 333 52.78 -4.39 37.91
N LEU B 334 52.53 -3.09 37.73
CA LEU B 334 53.55 -2.10 38.05
C LEU B 334 53.19 -1.42 39.36
N LYS B 335 54.01 -1.59 40.39
CA LYS B 335 53.82 -0.89 41.65
C LYS B 335 54.33 0.53 41.46
N VAL B 336 53.46 1.52 41.69
CA VAL B 336 53.79 2.91 41.43
C VAL B 336 54.68 3.46 42.55
N ILE C 7 -0.96 57.13 -43.21
CA ILE C 7 0.50 56.79 -43.08
C ILE C 7 0.89 56.44 -41.63
N ASN C 8 1.81 55.48 -41.48
CA ASN C 8 2.22 54.96 -40.17
C ASN C 8 3.73 54.91 -39.91
N ARG C 9 4.24 55.89 -39.16
CA ARG C 9 5.62 55.87 -38.67
C ARG C 9 5.78 54.85 -37.54
N GLN C 10 6.94 54.20 -37.53
CA GLN C 10 7.23 53.16 -36.55
C GLN C 10 8.62 53.35 -36.00
N TYR C 11 8.76 53.10 -34.69
CA TYR C 11 10.06 52.88 -34.09
C TYR C 11 10.22 51.37 -33.88
N GLN C 12 11.28 50.84 -34.49
CA GLN C 12 11.59 49.42 -34.41
C GLN C 12 12.85 49.26 -33.59
N LEU C 13 12.94 48.15 -32.85
CA LEU C 13 14.15 47.86 -32.11
C LEU C 13 15.20 47.28 -33.06
N ALA C 14 16.39 47.84 -33.01
CA ALA C 14 17.47 47.41 -33.88
C ALA C 14 18.54 46.72 -33.06
N GLN C 15 19.04 47.44 -32.05
CA GLN C 15 20.24 47.06 -31.30
C GLN C 15 19.92 46.73 -29.83
N ARG C 16 20.19 45.48 -29.42
CA ARG C 16 20.14 45.12 -28.00
C ARG C 16 21.20 45.92 -27.24
N PRO C 17 20.77 46.79 -26.31
CA PRO C 17 21.70 47.77 -25.76
C PRO C 17 22.52 47.27 -24.57
N SER C 18 23.55 48.04 -24.24
CA SER C 18 24.30 47.87 -23.01
C SER C 18 24.28 49.25 -22.36
N GLY C 19 24.11 49.27 -21.03
CA GLY C 19 23.83 50.50 -20.30
C GLY C 19 22.54 51.13 -20.79
N LEU C 20 22.56 52.45 -20.95
CA LEU C 20 21.41 53.21 -21.44
C LEU C 20 20.99 52.83 -22.86
N ASP C 24 20.52 55.92 -30.83
CA ASP C 24 21.25 55.01 -31.71
C ASP C 24 21.00 53.55 -31.30
N THR C 25 19.73 53.25 -31.02
CA THR C 25 19.33 51.94 -30.52
C THR C 25 18.08 51.41 -31.25
N PHE C 26 17.35 52.35 -31.88
CA PHE C 26 16.11 52.05 -32.61
C PHE C 26 16.21 52.55 -34.06
N SER C 27 15.28 52.12 -34.91
CA SER C 27 15.19 52.56 -36.30
C SER C 27 13.84 53.21 -36.59
N PHE C 28 13.88 54.45 -37.07
CA PHE C 28 12.67 55.20 -37.42
C PHE C 28 12.24 54.87 -38.84
N VAL C 29 11.02 54.36 -38.98
CA VAL C 29 10.59 53.70 -40.23
C VAL C 29 9.18 54.09 -40.68
N GLU C 30 9.03 54.27 -41.99
CA GLU C 30 7.75 54.56 -42.63
C GLU C 30 7.11 53.29 -43.19
N THR C 31 5.84 53.07 -42.87
CA THR C 31 5.09 51.91 -43.38
C THR C 31 3.73 52.35 -43.90
N PRO C 32 3.24 51.68 -44.96
CA PRO C 32 1.87 52.01 -45.33
C PRO C 32 0.84 51.25 -44.48
N LEU C 33 -0.42 51.70 -44.58
CA LEU C 33 -1.54 51.17 -43.83
C LEU C 33 -1.95 49.75 -44.24
N GLY C 34 -1.89 48.82 -43.29
CA GLY C 34 -2.44 47.48 -43.50
C GLY C 34 -3.95 47.50 -43.30
N GLU C 35 -4.56 46.33 -43.20
CA GLU C 35 -6.01 46.25 -42.98
C GLU C 35 -6.39 45.16 -41.97
N PRO C 36 -7.27 45.51 -41.01
CA PRO C 36 -7.67 44.55 -39.98
C PRO C 36 -8.46 43.36 -40.53
N ALA C 37 -8.09 42.15 -40.10
CA ALA C 37 -8.86 40.94 -40.40
C ALA C 37 -9.92 40.75 -39.31
N GLU C 38 -10.79 39.75 -39.49
CA GLU C 38 -11.78 39.40 -38.46
C GLU C 38 -11.13 39.15 -37.09
N GLY C 39 -11.78 39.65 -36.04
CA GLY C 39 -11.25 39.55 -34.69
C GLY C 39 -10.17 40.56 -34.35
N GLN C 40 -9.84 41.42 -35.31
CA GLN C 40 -8.91 42.52 -35.09
C GLN C 40 -9.61 43.87 -35.05
N ILE C 41 -8.90 44.88 -34.53
CA ILE C 41 -9.30 46.30 -34.64
C ILE C 41 -8.17 47.18 -35.19
N LEU C 42 -8.57 48.36 -35.69
CA LEU C 42 -7.66 49.39 -36.21
C LEU C 42 -7.74 50.64 -35.33
N VAL C 43 -6.58 51.21 -34.98
CA VAL C 43 -6.48 52.26 -33.94
C VAL C 43 -5.41 53.31 -34.25
N LYS C 44 -5.81 54.59 -34.15
CA LYS C 44 -4.88 55.74 -34.22
C LYS C 44 -4.35 55.99 -32.82
N ASN C 45 -3.04 55.89 -32.65
CA ASN C 45 -2.46 56.05 -31.34
C ASN C 45 -2.42 57.52 -31.00
N GLU C 46 -2.94 57.90 -29.84
CA GLU C 46 -2.87 59.31 -29.43
C GLU C 46 -1.82 59.60 -28.36
N TYR C 47 -1.71 58.71 -27.38
CA TYR C 47 -0.74 58.89 -26.30
C TYR C 47 0.00 57.59 -25.99
N LEU C 48 1.31 57.68 -25.78
CA LEU C 48 2.12 56.53 -25.45
C LEU C 48 2.73 56.64 -24.06
N SER C 49 2.70 55.52 -23.34
CA SER C 49 3.24 55.45 -22.00
C SER C 49 4.74 55.17 -22.07
N LEU C 50 5.52 56.02 -21.43
CA LEU C 50 6.95 55.75 -21.34
C LEU C 50 7.24 55.17 -19.95
N ASP C 51 7.63 53.90 -19.94
CA ASP C 51 7.73 53.11 -18.70
C ASP C 51 9.12 52.51 -18.55
N PRO C 52 9.67 52.56 -17.33
CA PRO C 52 10.93 51.89 -17.00
C PRO C 52 11.03 50.47 -17.54
N ALA C 53 9.91 49.75 -17.58
CA ALA C 53 9.89 48.35 -18.06
C ALA C 53 10.40 48.21 -19.50
N MET C 54 10.35 49.30 -20.25
CA MET C 54 10.76 49.31 -21.66
C MET C 54 12.23 48.94 -21.77
N ARG C 55 13.03 49.42 -20.82
CA ARG C 55 14.44 49.09 -20.74
C ARG C 55 14.64 47.57 -20.63
N GLY C 56 13.90 46.93 -19.74
CA GLY C 56 13.93 45.48 -19.58
C GLY C 56 13.44 44.73 -20.82
N TRP C 57 12.46 45.33 -21.51
CA TRP C 57 11.91 44.75 -22.74
C TRP C 57 12.89 44.63 -23.88
N MET C 58 13.92 45.46 -23.89
CA MET C 58 14.87 45.40 -25.00
C MET C 58 16.02 44.40 -24.79
N ASN C 59 16.15 43.91 -23.56
CA ASN C 59 17.14 42.87 -23.24
C ASN C 59 16.72 41.47 -23.65
N ASP C 60 17.65 40.71 -24.23
CA ASP C 60 17.40 39.32 -24.60
C ASP C 60 17.55 38.41 -23.36
N ALA C 61 16.42 38.17 -22.70
CA ALA C 61 16.39 37.43 -21.44
C ALA C 61 14.98 36.95 -21.12
N ARG C 62 14.91 35.97 -20.22
CA ARG C 62 13.64 35.53 -19.67
C ARG C 62 13.10 36.61 -18.72
N SER C 63 11.78 36.81 -18.76
CA SER C 63 11.09 37.80 -17.94
C SER C 63 9.61 37.41 -17.88
N TYR C 64 8.79 38.28 -17.27
CA TYR C 64 7.35 38.04 -17.20
C TYR C 64 6.72 38.16 -18.58
N ILE C 65 7.51 38.72 -19.50
CA ILE C 65 7.06 39.04 -20.85
C ILE C 65 8.23 38.80 -21.83
N PRO C 66 7.96 38.22 -23.02
CA PRO C 66 9.03 37.98 -24.00
C PRO C 66 9.70 39.29 -24.40
N PRO C 67 11.00 39.25 -24.73
CA PRO C 67 11.66 40.49 -25.16
C PRO C 67 11.15 40.94 -26.52
N VAL C 68 11.36 42.20 -26.87
CA VAL C 68 10.90 42.71 -28.15
C VAL C 68 11.80 42.13 -29.24
N GLY C 69 11.18 41.45 -30.19
CA GLY C 69 11.89 40.87 -31.33
C GLY C 69 12.47 41.97 -32.20
N ILE C 70 13.70 41.76 -32.67
CA ILE C 70 14.39 42.71 -33.56
C ILE C 70 13.64 42.83 -34.90
N GLY C 71 13.41 44.08 -35.32
CA GLY C 71 12.69 44.36 -36.57
C GLY C 71 11.23 44.66 -36.36
N GLU C 72 10.70 44.24 -35.21
CA GLU C 72 9.31 44.52 -34.83
C GLU C 72 9.18 45.91 -34.20
N VAL C 73 7.96 46.42 -34.20
CA VAL C 73 7.64 47.68 -33.52
C VAL C 73 7.99 47.53 -32.04
N MET C 74 8.67 48.55 -31.48
CA MET C 74 8.96 48.61 -30.05
C MET C 74 7.66 48.58 -29.24
N ARG C 75 7.66 47.78 -28.16
CA ARG C 75 6.49 47.65 -27.30
C ARG C 75 6.18 48.96 -26.57
N ALA C 76 4.91 49.30 -26.50
CA ALA C 76 4.48 50.44 -25.70
C ALA C 76 3.03 50.32 -25.40
N LEU C 77 2.69 50.63 -24.16
CA LEU C 77 1.31 50.85 -23.80
C LEU C 77 0.97 52.26 -24.30
N GLY C 78 -0.31 52.48 -24.55
CA GLY C 78 -0.76 53.78 -24.98
C GLY C 78 -2.26 53.80 -25.06
N VAL C 79 -2.79 54.97 -25.41
CA VAL C 79 -4.23 55.12 -25.59
C VAL C 79 -4.47 55.65 -27.03
N GLY C 80 -5.65 55.35 -27.59
CA GLY C 80 -5.89 55.60 -29.00
C GLY C 80 -7.34 55.41 -29.35
N LYS C 81 -7.71 55.94 -30.51
CA LYS C 81 -9.09 55.88 -30.99
C LYS C 81 -9.30 54.72 -31.97
N VAL C 82 -10.42 54.01 -31.80
CA VAL C 82 -10.84 52.92 -32.70
C VAL C 82 -11.26 53.52 -34.04
N LEU C 83 -10.62 53.07 -35.12
CA LEU C 83 -11.03 53.49 -36.48
C LEU C 83 -11.99 52.48 -37.12
N VAL C 84 -11.55 51.22 -37.22
CA VAL C 84 -12.44 50.14 -37.66
C VAL C 84 -12.35 48.96 -36.69
N SER C 85 -13.50 48.34 -36.43
CA SER C 85 -13.61 47.19 -35.55
C SER C 85 -14.29 46.00 -36.26
N LYS C 86 -13.56 44.90 -36.34
CA LYS C 86 -14.16 43.62 -36.72
C LYS C 86 -14.15 42.68 -35.50
N HIS C 87 -14.33 43.31 -34.33
CA HIS C 87 -14.37 42.62 -33.05
C HIS C 87 -15.65 42.97 -32.37
N PRO C 88 -16.44 41.95 -31.96
CA PRO C 88 -17.76 42.20 -31.32
C PRO C 88 -17.68 43.04 -30.03
N GLY C 89 -16.51 43.10 -29.40
CA GLY C 89 -16.35 43.83 -28.15
C GLY C 89 -16.04 45.31 -28.31
N PHE C 90 -15.85 45.75 -29.56
CA PHE C 90 -15.44 47.13 -29.83
C PHE C 90 -16.16 47.76 -31.04
N GLN C 91 -16.30 49.08 -31.01
CA GLN C 91 -16.85 49.79 -32.19
C GLN C 91 -16.13 51.10 -32.45
N ALA C 92 -16.16 51.53 -33.71
CA ALA C 92 -15.51 52.76 -34.17
C ALA C 92 -15.87 53.97 -33.31
N GLY C 93 -14.86 54.78 -33.02
CA GLY C 93 -15.06 55.96 -32.17
C GLY C 93 -14.71 55.77 -30.71
N ASP C 94 -14.65 54.51 -30.26
CA ASP C 94 -14.19 54.23 -28.90
C ASP C 94 -12.69 54.52 -28.74
N TYR C 95 -12.29 54.92 -27.54
CA TYR C 95 -10.88 55.02 -27.22
C TYR C 95 -10.45 53.75 -26.48
N VAL C 96 -9.22 53.31 -26.68
CA VAL C 96 -8.75 52.06 -26.07
C VAL C 96 -7.40 52.21 -25.40
N ASN C 97 -7.26 51.54 -24.27
CA ASN C 97 -5.95 51.31 -23.67
C ASN C 97 -5.44 49.93 -24.09
N GLY C 98 -4.20 49.87 -24.53
CA GLY C 98 -3.66 48.61 -24.98
C GLY C 98 -2.20 48.74 -25.30
N ALA C 99 -1.61 47.61 -25.68
CA ALA C 99 -0.26 47.58 -26.16
C ALA C 99 -0.33 48.04 -27.61
N LEU C 100 -0.20 49.34 -27.82
CA LEU C 100 -0.43 49.95 -29.14
C LEU C 100 0.86 50.01 -29.93
N GLY C 101 1.98 49.93 -29.22
CA GLY C 101 3.31 50.01 -29.83
C GLY C 101 3.72 51.42 -30.13
N VAL C 102 5.03 51.65 -30.22
CA VAL C 102 5.59 52.96 -30.59
C VAL C 102 5.39 53.22 -32.10
N GLN C 103 4.15 53.48 -32.49
CA GLN C 103 3.79 53.77 -33.88
C GLN C 103 2.56 54.71 -33.96
N ASP C 104 2.25 55.19 -35.17
CA ASP C 104 1.09 56.04 -35.37
C ASP C 104 -0.23 55.29 -35.25
N TYR C 105 -0.23 54.05 -35.74
CA TYR C 105 -1.46 53.27 -35.79
C TYR C 105 -1.21 51.84 -35.32
N PHE C 106 -2.27 51.20 -34.82
CA PHE C 106 -2.19 49.80 -34.44
C PHE C 106 -3.27 48.96 -35.11
N ILE C 107 -2.84 47.83 -35.67
CA ILE C 107 -3.73 46.78 -36.16
C ILE C 107 -3.36 45.49 -35.45
N GLY C 108 -4.36 44.79 -34.94
CA GLY C 108 -4.14 43.49 -34.36
C GLY C 108 -5.28 43.04 -33.47
N GLU C 109 -5.07 41.90 -32.82
CA GLU C 109 -5.95 41.42 -31.79
C GLU C 109 -5.91 42.42 -30.63
N PRO C 110 -7.08 42.94 -30.23
CA PRO C 110 -7.15 43.75 -29.01
C PRO C 110 -6.89 42.90 -27.75
N LYS C 111 -5.77 42.18 -27.79
CA LYS C 111 -5.36 41.26 -26.73
C LYS C 111 -5.10 42.04 -25.44
N GLY C 112 -6.01 41.90 -24.48
CA GLY C 112 -5.91 42.58 -23.19
C GLY C 112 -6.30 44.04 -23.24
N PHE C 113 -6.96 44.45 -24.34
CA PHE C 113 -7.40 45.83 -24.52
C PHE C 113 -8.68 46.08 -23.75
N TYR C 114 -8.82 47.31 -23.27
CA TYR C 114 -10.08 47.73 -22.70
C TYR C 114 -10.43 49.14 -23.16
N LYS C 115 -11.73 49.40 -23.20
CA LYS C 115 -12.25 50.69 -23.61
C LYS C 115 -12.01 51.70 -22.51
N VAL C 116 -11.63 52.91 -22.89
CA VAL C 116 -11.49 54.01 -21.95
C VAL C 116 -12.43 55.14 -22.37
N ASP C 117 -13.25 55.61 -21.44
CA ASP C 117 -14.22 56.65 -21.73
C ASP C 117 -13.69 58.05 -21.39
N PRO C 118 -13.42 58.87 -22.42
CA PRO C 118 -12.88 60.23 -22.29
C PRO C 118 -13.82 61.19 -21.55
N SER C 119 -15.10 60.88 -21.54
CA SER C 119 -16.08 61.68 -20.82
C SER C 119 -15.95 61.52 -19.31
N ARG C 120 -15.09 60.58 -18.89
CA ARG C 120 -14.82 60.34 -17.46
C ARG C 120 -13.49 60.91 -16.99
N ALA C 121 -12.49 60.90 -17.87
CA ALA C 121 -11.16 61.36 -17.51
C ALA C 121 -10.38 61.67 -18.76
N PRO C 122 -9.42 62.59 -18.68
CA PRO C 122 -8.68 62.88 -19.90
C PRO C 122 -7.79 61.70 -20.35
N LEU C 123 -7.62 61.57 -21.66
CA LEU C 123 -6.88 60.44 -22.25
C LEU C 123 -5.56 60.09 -21.55
N PRO C 124 -4.71 61.10 -21.23
CA PRO C 124 -3.42 60.81 -20.59
C PRO C 124 -3.56 60.16 -19.23
N ARG C 125 -4.68 60.43 -18.55
CA ARG C 125 -4.94 59.90 -17.23
C ARG C 125 -5.19 58.38 -17.29
N TYR C 126 -5.71 57.91 -18.42
CA TYR C 126 -5.84 56.48 -18.61
C TYR C 126 -4.48 55.79 -18.84
N LEU C 127 -3.39 56.54 -18.71
CA LEU C 127 -2.06 55.96 -18.69
C LEU C 127 -1.40 56.10 -17.33
N SER C 128 -2.01 56.89 -16.45
CA SER C 128 -1.41 57.15 -15.15
C SER C 128 -2.28 56.55 -14.05
N ALA C 129 -2.90 57.41 -13.24
CA ALA C 129 -3.71 56.98 -12.11
C ALA C 129 -4.83 56.07 -12.52
N LEU C 130 -5.41 56.32 -13.70
CA LEU C 130 -6.48 55.47 -14.23
C LEU C 130 -6.00 54.54 -15.34
N GLY C 131 -4.67 54.36 -15.43
CA GLY C 131 -4.11 53.30 -16.26
C GLY C 131 -3.14 52.40 -15.49
N MET C 132 -2.06 52.00 -16.15
CA MET C 132 -1.21 50.94 -15.65
C MET C 132 -0.44 51.28 -14.36
N THR C 133 0.15 52.47 -14.28
CA THR C 133 0.89 52.85 -13.08
C THR C 133 0.00 53.04 -11.86
N GLY C 134 -1.19 53.60 -12.06
CA GLY C 134 -2.17 53.76 -10.99
C GLY C 134 -2.67 52.43 -10.45
N MET C 135 -2.96 51.49 -11.35
CA MET C 135 -3.39 50.16 -10.96
C MET C 135 -2.26 49.38 -10.29
N THR C 136 -1.03 49.58 -10.74
CA THR C 136 0.14 49.03 -10.07
C THR C 136 0.17 49.45 -8.60
N ALA C 137 0.11 50.76 -8.37
CA ALA C 137 0.09 51.31 -7.01
C ALA C 137 -1.05 50.73 -6.20
N TYR C 138 -2.26 50.76 -6.75
CA TYR C 138 -3.44 50.28 -6.05
C TYR C 138 -3.33 48.81 -5.60
N PHE C 139 -3.07 47.92 -6.55
CA PHE C 139 -2.99 46.51 -6.24
C PHE C 139 -1.74 46.09 -5.49
N ALA C 140 -0.60 46.66 -5.82
CA ALA C 140 0.63 46.31 -5.16
C ALA C 140 0.56 46.73 -3.69
N LEU C 141 0.16 47.99 -3.44
CA LEU C 141 0.05 48.45 -2.07
C LEU C 141 -1.02 47.70 -1.28
N LEU C 142 -2.24 47.66 -1.81
CA LEU C 142 -3.36 47.09 -1.08
C LEU C 142 -3.38 45.57 -1.01
N ASP C 143 -3.05 44.89 -2.11
CA ASP C 143 -3.11 43.42 -2.10
C ASP C 143 -1.85 42.79 -1.53
N VAL C 144 -0.69 43.38 -1.82
CA VAL C 144 0.58 42.85 -1.34
C VAL C 144 1.06 43.55 -0.08
N GLY C 145 1.07 44.88 -0.09
CA GLY C 145 1.54 45.65 1.06
C GLY C 145 0.59 45.57 2.23
N GLN C 146 -0.71 45.45 1.96
CA GLN C 146 -1.74 45.36 3.00
C GLN C 146 -1.58 46.39 4.14
N PRO C 147 -1.51 47.70 3.81
CA PRO C 147 -1.26 48.68 4.85
C PRO C 147 -2.46 48.79 5.79
N LYS C 148 -2.20 49.03 7.07
CA LYS C 148 -3.28 49.15 8.04
C LYS C 148 -3.22 50.51 8.71
N ASN C 149 -4.36 50.97 9.20
CA ASN C 149 -4.46 52.22 9.96
C ASN C 149 -3.35 52.31 11.00
N GLY C 150 -2.56 53.39 10.96
CA GLY C 150 -1.51 53.61 11.93
C GLY C 150 -0.11 53.16 11.57
N GLU C 151 0.03 52.34 10.53
CA GLU C 151 1.34 51.84 10.11
C GLU C 151 2.15 52.89 9.39
N THR C 152 3.47 52.71 9.40
CA THR C 152 4.38 53.57 8.69
C THR C 152 4.74 52.92 7.34
N VAL C 153 4.45 53.66 6.26
CA VAL C 153 4.69 53.24 4.89
C VAL C 153 5.77 54.12 4.27
N VAL C 154 6.80 53.49 3.73
CA VAL C 154 7.87 54.20 3.06
C VAL C 154 7.82 53.84 1.58
N ILE C 155 7.85 54.87 0.72
CA ILE C 155 7.79 54.70 -0.72
C ILE C 155 9.12 55.15 -1.32
N SER C 156 9.75 54.30 -2.13
CA SER C 156 10.90 54.75 -2.91
C SER C 156 10.36 55.21 -4.24
N GLY C 157 11.17 55.95 -5.03
CA GLY C 157 10.68 56.59 -6.26
C GLY C 157 9.35 57.33 -6.05
N ALA C 158 9.22 58.02 -4.92
CA ALA C 158 7.91 58.48 -4.42
C ALA C 158 7.18 59.54 -5.23
N ALA C 159 7.90 60.31 -6.03
CA ALA C 159 7.27 61.38 -6.83
C ALA C 159 6.89 60.85 -8.21
N GLY C 160 7.24 59.59 -8.46
CA GLY C 160 7.02 58.95 -9.75
C GLY C 160 5.58 58.55 -9.90
N ALA C 161 5.25 57.94 -11.03
CA ALA C 161 3.87 57.58 -11.36
C ALA C 161 3.26 56.58 -10.35
N VAL C 162 3.96 55.48 -10.07
CA VAL C 162 3.45 54.44 -9.14
C VAL C 162 3.53 54.96 -7.70
N GLY C 163 4.71 55.42 -7.33
CA GLY C 163 4.99 55.86 -5.96
C GLY C 163 4.09 56.96 -5.41
N SER C 164 3.80 57.96 -6.26
CA SER C 164 2.99 59.12 -5.83
C SER C 164 1.58 58.67 -5.56
N VAL C 165 1.08 57.74 -6.38
CA VAL C 165 -0.27 57.21 -6.16
C VAL C 165 -0.35 56.29 -4.93
N ALA C 166 0.62 55.40 -4.80
CA ALA C 166 0.68 54.47 -3.67
C ALA C 166 0.72 55.22 -2.33
N GLY C 167 1.63 56.19 -2.23
CA GLY C 167 1.72 57.06 -1.06
C GLY C 167 0.41 57.74 -0.69
N GLN C 168 -0.33 58.19 -1.69
CA GLN C 168 -1.59 58.86 -1.40
C GLN C 168 -2.64 57.87 -0.98
N ILE C 169 -2.58 56.67 -1.56
CA ILE C 169 -3.50 55.64 -1.13
C ILE C 169 -3.18 55.30 0.34
N ALA C 170 -1.90 55.24 0.67
CA ALA C 170 -1.47 54.89 2.03
C ALA C 170 -1.99 55.91 3.06
N ARG C 171 -1.85 57.21 2.75
CA ARG C 171 -2.42 58.28 3.59
C ARG C 171 -3.93 58.07 3.82
N LEU C 172 -4.63 57.69 2.76
CA LEU C 172 -6.08 57.46 2.81
C LEU C 172 -6.54 56.30 3.69
N LYS C 173 -5.68 55.31 3.89
CA LYS C 173 -6.01 54.18 4.78
C LYS C 173 -5.61 54.48 6.23
N GLY C 174 -5.00 55.65 6.43
CA GLY C 174 -4.68 56.16 7.75
C GLY C 174 -3.24 55.97 8.16
N CYS C 175 -2.37 55.76 7.16
CA CYS C 175 -0.96 55.47 7.44
C CYS C 175 -0.15 56.74 7.53
N ARG C 176 1.00 56.63 8.18
CA ARG C 176 2.02 57.65 8.07
C ARG C 176 2.84 57.30 6.85
N VAL C 177 3.03 58.29 5.99
CA VAL C 177 3.69 58.08 4.71
C VAL C 177 4.93 58.95 4.58
N VAL C 178 6.05 58.29 4.35
CA VAL C 178 7.34 58.92 4.16
C VAL C 178 7.88 58.55 2.78
N GLY C 179 8.29 59.58 2.03
CA GLY C 179 8.71 59.38 0.66
C GLY C 179 10.19 59.57 0.52
N ILE C 180 10.79 58.80 -0.38
CA ILE C 180 12.18 58.95 -0.80
C ILE C 180 12.15 59.38 -2.26
N ALA C 181 12.64 60.58 -2.55
CA ALA C 181 12.68 61.08 -3.93
C ALA C 181 13.94 61.91 -4.16
N GLY C 182 14.31 62.08 -5.43
CA GLY C 182 15.45 62.90 -5.81
C GLY C 182 15.14 64.38 -5.99
N GLY C 183 15.81 65.23 -5.21
CA GLY C 183 15.74 66.67 -5.39
C GLY C 183 14.79 67.36 -4.43
N ALA C 184 15.14 68.60 -4.08
CA ALA C 184 14.35 69.39 -3.14
C ALA C 184 12.95 69.70 -3.68
N GLU C 185 12.84 69.79 -5.00
CA GLU C 185 11.57 70.09 -5.70
C GLU C 185 10.59 68.92 -5.57
N LYS C 186 11.03 67.74 -6.01
CA LYS C 186 10.21 66.53 -5.87
C LYS C 186 9.84 66.23 -4.41
N CYS C 187 10.78 66.44 -3.49
CA CYS C 187 10.53 66.24 -2.07
C CYS C 187 9.51 67.23 -1.50
N ARG C 188 9.62 68.49 -1.92
CA ARG C 188 8.63 69.52 -1.57
C ARG C 188 7.23 69.14 -2.08
N PHE C 189 7.18 68.69 -3.34
CA PHE C 189 5.94 68.23 -3.98
C PHE C 189 5.23 67.15 -3.15
N LEU C 190 6.00 66.22 -2.59
CA LEU C 190 5.44 65.13 -1.78
C LEU C 190 4.74 65.66 -0.53
N VAL C 191 5.42 66.52 0.22
CA VAL C 191 4.85 67.01 1.48
C VAL C 191 3.77 68.08 1.27
N GLU C 192 4.07 69.07 0.42
CA GLU C 192 3.20 70.24 0.26
C GLU C 192 1.99 69.98 -0.60
N GLU C 193 2.14 69.13 -1.61
CA GLU C 193 1.08 68.86 -2.59
C GLU C 193 0.36 67.53 -2.34
N LEU C 194 1.14 66.45 -2.22
CA LEU C 194 0.55 65.10 -2.13
C LEU C 194 0.16 64.67 -0.71
N GLY C 195 0.68 65.36 0.29
CA GLY C 195 0.24 65.13 1.67
C GLY C 195 0.98 64.03 2.38
N PHE C 196 2.15 63.67 1.86
CA PHE C 196 3.06 62.76 2.54
C PHE C 196 3.39 63.43 3.88
N ASP C 197 3.45 62.62 4.93
CA ASP C 197 3.83 63.08 6.26
C ASP C 197 5.29 63.51 6.30
N GLY C 198 6.11 62.90 5.45
CA GLY C 198 7.53 63.23 5.36
C GLY C 198 8.18 62.89 4.03
N ALA C 199 9.39 63.39 3.82
CA ALA C 199 10.13 63.14 2.59
C ALA C 199 11.62 63.14 2.87
N ILE C 200 12.35 62.31 2.14
CA ILE C 200 13.79 62.21 2.29
C ILE C 200 14.45 62.35 0.91
N ASP C 201 15.39 63.28 0.82
CA ASP C 201 16.04 63.62 -0.44
C ASP C 201 17.31 62.82 -0.55
N TYR C 202 17.22 61.68 -1.21
CA TYR C 202 18.34 60.73 -1.26
C TYR C 202 19.53 61.29 -2.00
N LYS C 203 19.29 62.32 -2.80
CA LYS C 203 20.33 62.93 -3.62
C LYS C 203 21.27 63.86 -2.83
N ASN C 204 20.75 64.48 -1.76
CA ASN C 204 21.50 65.49 -1.02
C ASN C 204 21.67 65.20 0.48
N GLU C 205 20.89 64.22 0.97
CA GLU C 205 20.75 63.95 2.40
C GLU C 205 20.98 62.45 2.67
N ASP C 206 21.51 62.13 3.85
CA ASP C 206 21.83 60.74 4.18
C ASP C 206 20.56 59.96 4.49
N LEU C 207 20.41 58.82 3.82
CA LEU C 207 19.18 58.01 3.91
C LEU C 207 18.93 57.42 5.29
N ALA C 208 19.93 56.72 5.83
CA ALA C 208 19.84 56.16 7.19
C ALA C 208 19.50 57.24 8.21
N ALA C 209 20.14 58.40 8.07
CA ALA C 209 19.84 59.59 8.88
C ALA C 209 18.41 60.07 8.65
N GLY C 210 18.02 60.18 7.38
CA GLY C 210 16.65 60.53 7.01
C GLY C 210 15.63 59.55 7.58
N LEU C 211 15.89 58.26 7.43
CA LEU C 211 14.94 57.22 7.90
C LEU C 211 14.76 57.21 9.40
N LYS C 212 15.86 57.41 10.12
CA LYS C 212 15.86 57.54 11.58
C LYS C 212 14.95 58.67 12.02
N ARG C 213 15.11 59.84 11.37
CA ARG C 213 14.32 61.02 11.67
C ARG C 213 12.84 60.82 11.35
N GLU C 214 12.55 60.31 10.15
CA GLU C 214 11.17 60.25 9.65
C GLU C 214 10.36 59.04 10.08
N CYS C 215 11.05 57.97 10.47
CA CYS C 215 10.37 56.75 10.88
C CYS C 215 10.75 56.34 12.30
N PRO C 216 10.10 56.95 13.31
CA PRO C 216 10.47 56.71 14.71
C PRO C 216 10.21 55.27 15.19
N LYS C 217 9.09 54.68 14.76
CA LYS C 217 8.64 53.38 15.26
C LYS C 217 8.82 52.26 14.23
N GLY C 218 9.88 52.35 13.42
CA GLY C 218 10.16 51.38 12.36
C GLY C 218 9.33 51.58 11.09
N ILE C 219 9.55 50.70 10.12
CA ILE C 219 8.85 50.75 8.84
C ILE C 219 8.01 49.49 8.64
N ASP C 220 6.71 49.67 8.47
CA ASP C 220 5.80 48.55 8.31
C ASP C 220 5.62 48.07 6.89
N VAL C 221 5.56 49.00 5.95
CA VAL C 221 5.49 48.70 4.53
C VAL C 221 6.53 49.50 3.79
N PHE C 222 7.38 48.82 3.03
CA PHE C 222 8.25 49.49 2.09
C PHE C 222 7.77 49.17 0.68
N PHE C 223 7.32 50.19 -0.05
CA PHE C 223 6.96 50.08 -1.47
C PHE C 223 8.23 50.34 -2.27
N ASP C 224 8.83 49.29 -2.83
CA ASP C 224 10.10 49.45 -3.57
C ASP C 224 9.94 49.55 -5.06
N ASN C 225 10.35 50.70 -5.61
CA ASN C 225 10.35 50.95 -7.04
C ASN C 225 11.76 50.99 -7.60
N VAL C 226 12.75 51.00 -6.71
CA VAL C 226 14.10 51.45 -7.03
C VAL C 226 15.21 50.41 -6.80
N GLY C 227 15.10 49.64 -5.73
CA GLY C 227 16.10 48.61 -5.46
C GLY C 227 17.41 49.21 -5.00
N GLY C 228 18.51 48.52 -5.29
CA GLY C 228 19.87 48.98 -4.96
C GLY C 228 20.12 49.26 -3.49
N GLU C 229 20.95 50.26 -3.23
CA GLU C 229 21.32 50.61 -1.86
C GLU C 229 20.16 51.20 -1.06
N ILE C 230 19.19 51.79 -1.75
CA ILE C 230 18.00 52.29 -1.07
C ILE C 230 17.24 51.15 -0.39
N LEU C 231 17.03 50.06 -1.12
CA LEU C 231 16.40 48.86 -0.56
C LEU C 231 17.21 48.36 0.63
N ASP C 232 18.51 48.23 0.41
CA ASP C 232 19.39 47.64 1.41
C ASP C 232 19.42 48.48 2.70
N THR C 233 19.33 49.79 2.54
CA THR C 233 19.33 50.68 3.69
C THR C 233 17.97 50.65 4.36
N VAL C 234 16.89 50.61 3.57
CA VAL C 234 15.56 50.53 4.17
C VAL C 234 15.38 49.25 5.03
N LEU C 235 15.93 48.13 4.57
CA LEU C 235 15.84 46.85 5.29
C LEU C 235 16.38 46.92 6.73
N THR C 236 17.41 47.73 6.97
CA THR C 236 17.91 47.91 8.33
C THR C 236 16.92 48.58 9.29
N ARG C 237 15.76 49.03 8.78
CA ARG C 237 14.82 49.78 9.63
C ARG C 237 13.39 49.26 9.61
N ILE C 238 13.15 48.13 8.96
CA ILE C 238 11.81 47.55 8.96
C ILE C 238 11.44 47.06 10.35
N ALA C 239 10.15 47.06 10.63
CA ALA C 239 9.61 46.61 11.89
C ALA C 239 9.21 45.13 11.83
N PHE C 240 8.78 44.62 12.98
CA PHE C 240 8.22 43.30 13.13
C PHE C 240 7.06 43.16 12.17
N LYS C 241 7.07 42.08 11.38
CA LYS C 241 6.00 41.79 10.42
C LYS C 241 5.83 42.79 9.26
N ALA C 242 6.91 43.47 8.88
CA ALA C 242 6.95 44.32 7.71
C ALA C 242 6.62 43.58 6.40
N ARG C 243 6.13 44.33 5.43
CA ARG C 243 5.89 43.80 4.09
C ARG C 243 6.65 44.71 3.14
N ILE C 244 7.53 44.11 2.35
CA ILE C 244 8.29 44.82 1.33
C ILE C 244 7.69 44.46 -0.02
N VAL C 245 7.03 45.44 -0.64
CA VAL C 245 6.42 45.26 -1.94
C VAL C 245 7.51 45.45 -2.99
N LEU C 246 7.81 44.41 -3.74
CA LEU C 246 8.81 44.52 -4.80
C LEU C 246 8.09 44.91 -6.07
N CYS C 247 8.07 46.18 -6.39
CA CYS C 247 7.38 46.66 -7.60
C CYS C 247 8.33 46.72 -8.78
N GLY C 248 9.52 47.24 -8.52
CA GLY C 248 10.55 47.37 -9.52
C GLY C 248 11.88 47.61 -8.88
N ALA C 249 12.90 47.81 -9.69
CA ALA C 249 14.26 48.03 -9.22
C ALA C 249 15.01 48.92 -10.22
N ILE C 250 14.49 50.12 -10.44
CA ILE C 250 14.97 50.99 -11.53
C ILE C 250 16.48 51.31 -11.49
N SER C 251 17.04 51.45 -10.28
CA SER C 251 18.48 51.71 -10.12
C SER C 251 19.35 50.59 -10.69
N GLN C 252 18.70 49.47 -11.04
CA GLN C 252 19.39 48.27 -11.53
C GLN C 252 19.20 48.00 -13.01
N TYR C 253 18.23 48.69 -13.64
CA TYR C 253 17.83 48.40 -15.02
C TYR C 253 18.92 48.68 -16.07
N ASN C 254 19.72 49.72 -15.81
CA ASN C 254 20.84 50.05 -16.69
C ASN C 254 22.16 49.68 -16.02
N ASN C 255 22.42 48.38 -16.01
CA ASN C 255 23.63 47.81 -15.45
C ASN C 255 24.36 47.01 -16.53
N LYS C 256 25.65 47.24 -16.66
CA LYS C 256 26.48 46.37 -17.49
C LYS C 256 26.83 45.15 -16.65
N GLU C 257 27.00 45.39 -15.34
CA GLU C 257 27.25 44.37 -14.33
C GLU C 257 25.95 43.69 -13.88
N ALA C 258 26.07 42.67 -13.04
CA ALA C 258 24.89 41.98 -12.51
C ALA C 258 24.10 42.83 -11.51
N VAL C 259 22.80 42.57 -11.43
CA VAL C 259 21.92 43.15 -10.40
C VAL C 259 22.56 43.06 -9.01
N ARG C 260 22.52 44.17 -8.27
CA ARG C 260 23.01 44.21 -6.91
C ARG C 260 21.96 43.62 -5.96
N GLY C 261 22.33 42.55 -5.26
CA GLY C 261 21.42 41.93 -4.29
C GLY C 261 21.46 42.64 -2.95
N PRO C 262 20.33 42.62 -2.22
CA PRO C 262 20.32 43.27 -0.91
C PRO C 262 21.07 42.43 0.13
N ALA C 263 22.25 42.90 0.53
CA ALA C 263 23.07 42.22 1.53
C ALA C 263 22.42 42.16 2.91
N ASN C 264 21.39 42.99 3.12
CA ASN C 264 20.71 43.03 4.40
C ASN C 264 19.43 42.19 4.46
N TYR C 265 19.26 41.29 3.50
CA TYR C 265 18.02 40.51 3.37
C TYR C 265 17.66 39.69 4.61
N LEU C 266 18.65 39.35 5.43
CA LEU C 266 18.39 38.63 6.68
C LEU C 266 17.59 39.45 7.68
N SER C 267 17.38 40.73 7.38
CA SER C 267 16.46 41.54 8.18
C SER C 267 15.04 40.94 8.12
N LEU C 268 14.76 40.23 7.04
CA LEU C 268 13.46 39.59 6.86
C LEU C 268 13.27 38.46 7.87
N LEU C 269 14.37 37.79 8.19
CA LEU C 269 14.34 36.71 9.19
C LEU C 269 14.21 37.28 10.60
N VAL C 270 15.11 38.19 10.97
CA VAL C 270 15.11 38.81 12.30
C VAL C 270 13.74 39.43 12.60
N ASN C 271 13.16 40.06 11.58
CA ASN C 271 11.89 40.76 11.74
C ASN C 271 10.67 39.98 11.29
N ARG C 272 10.86 38.74 10.83
CA ARG C 272 9.75 37.89 10.36
C ARG C 272 8.88 38.69 9.38
N ALA C 273 9.59 39.25 8.40
CA ALA C 273 9.00 40.12 7.40
C ALA C 273 8.92 39.36 6.08
N ARG C 274 8.25 39.99 5.13
CA ARG C 274 7.91 39.39 3.85
C ARG C 274 8.28 40.37 2.74
N MET C 275 8.93 39.83 1.71
CA MET C 275 9.21 40.55 0.49
C MET C 275 8.47 39.79 -0.59
N GLU C 276 7.69 40.51 -1.40
CA GLU C 276 6.90 39.86 -2.40
C GLU C 276 6.85 40.72 -3.66
N GLY C 277 7.01 40.08 -4.82
CA GLY C 277 6.92 40.74 -6.12
C GLY C 277 5.52 40.62 -6.66
N MET C 278 5.20 41.50 -7.61
CA MET C 278 3.89 41.49 -8.27
C MET C 278 4.02 42.01 -9.70
N VAL C 279 3.05 41.72 -10.56
CA VAL C 279 3.05 42.18 -11.94
C VAL C 279 1.62 42.65 -12.16
N VAL C 280 1.43 43.92 -12.50
CA VAL C 280 0.08 44.54 -12.53
C VAL C 280 -0.94 43.77 -13.37
N MET C 281 -0.50 43.25 -14.52
CA MET C 281 -1.40 42.54 -15.44
C MET C 281 -2.08 41.32 -14.83
N ASP C 282 -1.53 40.79 -13.72
CA ASP C 282 -2.16 39.64 -13.04
C ASP C 282 -3.52 39.99 -12.45
N TYR C 283 -3.77 41.28 -12.26
CA TYR C 283 -5.01 41.77 -11.66
C TYR C 283 -6.06 42.25 -12.67
N ALA C 284 -5.85 41.98 -13.96
CA ALA C 284 -6.71 42.50 -15.05
C ALA C 284 -8.19 42.42 -14.76
N GLN C 285 -8.60 41.29 -14.21
CA GLN C 285 -9.98 40.98 -13.91
C GLN C 285 -10.57 41.89 -12.85
N ARG C 286 -9.70 42.47 -12.04
CA ARG C 286 -10.16 43.34 -10.96
C ARG C 286 -10.02 44.84 -11.29
N PHE C 287 -9.51 45.14 -12.49
CA PHE C 287 -9.28 46.54 -12.93
C PHE C 287 -10.53 47.41 -12.81
N PRO C 288 -11.70 46.93 -13.31
CA PRO C 288 -12.94 47.68 -13.17
C PRO C 288 -13.18 48.22 -11.76
N GLU C 289 -13.07 47.37 -10.74
CA GLU C 289 -13.32 47.86 -9.39
C GLU C 289 -12.18 48.73 -8.86
N GLY C 290 -10.96 48.44 -9.30
CA GLY C 290 -9.81 49.31 -8.99
C GLY C 290 -9.95 50.71 -9.58
N LEU C 291 -10.30 50.78 -10.86
CA LEU C 291 -10.48 52.05 -11.58
C LEU C 291 -11.67 52.81 -11.04
N LYS C 292 -12.74 52.09 -10.71
CA LYS C 292 -13.91 52.67 -10.04
C LYS C 292 -13.54 53.38 -8.77
N GLU C 293 -12.81 52.72 -7.88
CA GLU C 293 -12.45 53.33 -6.60
C GLU C 293 -11.50 54.50 -6.78
N MET C 294 -10.49 54.32 -7.64
CA MET C 294 -9.52 55.37 -7.95
C MET C 294 -10.22 56.61 -8.53
N ALA C 295 -11.13 56.38 -9.47
CA ALA C 295 -11.91 57.48 -10.08
C ALA C 295 -12.67 58.31 -9.03
N THR C 296 -13.27 57.63 -8.04
CA THR C 296 -13.99 58.32 -6.95
C THR C 296 -13.03 59.13 -6.08
N TRP C 297 -11.87 58.56 -5.78
CA TRP C 297 -10.85 59.28 -5.01
C TRP C 297 -10.45 60.54 -5.70
N LEU C 298 -10.28 60.47 -7.03
CA LEU C 298 -9.96 61.64 -7.83
C LEU C 298 -11.11 62.65 -7.84
N ALA C 299 -12.31 62.19 -8.17
CA ALA C 299 -13.48 63.08 -8.25
C ALA C 299 -13.77 63.75 -6.90
N GLU C 300 -13.45 63.06 -5.80
CA GLU C 300 -13.59 63.63 -4.44
C GLU C 300 -12.38 64.43 -3.96
N GLY C 301 -11.35 64.54 -4.79
CA GLY C 301 -10.16 65.33 -4.41
C GLY C 301 -9.25 64.72 -3.36
N LYS C 302 -9.44 63.43 -3.08
CA LYS C 302 -8.63 62.71 -2.07
C LYS C 302 -7.28 62.27 -2.62
N LEU C 303 -7.19 62.18 -3.94
CA LEU C 303 -5.97 61.73 -4.59
C LEU C 303 -5.76 62.58 -5.84
N GLN C 304 -4.51 62.94 -6.12
CA GLN C 304 -4.23 63.65 -7.36
C GLN C 304 -3.15 63.00 -8.22
N SER C 305 -3.20 63.31 -9.50
CA SER C 305 -2.45 62.59 -10.51
C SER C 305 -1.74 63.56 -11.42
N ARG C 306 -0.41 63.41 -11.50
CA ARG C 306 0.40 64.27 -12.32
C ARG C 306 0.89 63.56 -13.58
N GLU C 307 0.65 64.15 -14.75
CA GLU C 307 1.24 63.63 -15.99
C GLU C 307 2.32 64.57 -16.53
N ASP C 308 3.34 63.99 -17.15
CA ASP C 308 4.44 64.76 -17.72
C ASP C 308 4.40 64.50 -19.24
N ILE C 309 3.76 65.43 -19.95
CA ILE C 309 3.45 65.23 -21.38
C ILE C 309 4.49 65.88 -22.30
N VAL C 310 5.11 65.05 -23.13
CA VAL C 310 6.04 65.47 -24.16
C VAL C 310 5.41 65.15 -25.51
N GLU C 311 5.48 66.10 -26.44
CA GLU C 311 4.80 65.97 -27.71
C GLU C 311 5.72 65.48 -28.83
N GLY C 312 5.17 64.62 -29.71
CA GLY C 312 5.85 64.19 -30.92
C GLY C 312 6.51 62.81 -30.92
N LEU C 313 5.84 61.86 -31.58
CA LEU C 313 6.33 60.48 -31.75
C LEU C 313 7.84 60.39 -32.03
N GLU C 314 8.36 61.34 -32.81
CA GLU C 314 9.74 61.34 -33.28
C GLU C 314 10.77 61.42 -32.14
N THR C 315 10.37 62.07 -31.04
CA THR C 315 11.25 62.27 -29.89
C THR C 315 11.35 61.05 -28.96
N PHE C 316 10.69 59.95 -29.32
CA PHE C 316 10.64 58.74 -28.46
C PHE C 316 11.98 58.36 -27.81
N PRO C 317 13.06 58.25 -28.60
CA PRO C 317 14.36 57.90 -27.98
C PRO C 317 14.84 58.87 -26.90
N GLU C 318 14.75 60.17 -27.16
CA GLU C 318 15.27 61.19 -26.24
C GLU C 318 14.44 61.27 -24.96
N THR C 319 13.12 61.17 -25.15
CA THR C 319 12.18 61.32 -24.06
C THR C 319 12.27 60.16 -23.06
N LEU C 320 12.38 58.93 -23.59
CA LEU C 320 12.50 57.73 -22.77
C LEU C 320 13.57 57.81 -21.70
N LEU C 321 14.72 58.38 -22.06
CA LEU C 321 15.85 58.46 -21.13
C LEU C 321 15.58 59.34 -19.92
N LYS C 322 14.52 60.14 -19.98
CA LYS C 322 14.11 60.97 -18.84
C LYS C 322 13.81 60.14 -17.57
N LEU C 323 13.34 58.92 -17.78
CA LEU C 323 12.97 58.03 -16.69
C LEU C 323 14.17 57.69 -15.82
N PHE C 324 15.34 57.58 -16.43
CA PHE C 324 16.54 57.10 -15.73
C PHE C 324 17.41 58.23 -15.19
N SER C 325 17.36 59.36 -15.88
CA SER C 325 18.08 60.55 -15.43
C SER C 325 17.29 61.26 -14.32
N GLY C 326 16.02 60.91 -14.17
CA GLY C 326 15.13 61.59 -13.25
C GLY C 326 14.45 62.76 -13.93
N PHE C 329 9.00 64.05 -14.08
CA PHE C 329 8.19 64.70 -13.03
C PHE C 329 6.68 64.44 -13.19
N GLY C 330 6.24 63.28 -12.73
CA GLY C 330 4.90 62.78 -13.01
C GLY C 330 5.00 61.65 -14.02
N LYS C 331 3.87 61.00 -14.31
CA LYS C 331 3.86 59.90 -15.28
C LYS C 331 4.23 60.40 -16.67
N LEU C 332 5.30 59.84 -17.22
CA LEU C 332 5.81 60.24 -18.51
C LEU C 332 4.95 59.68 -19.63
N VAL C 333 4.48 60.58 -20.47
CA VAL C 333 3.57 60.26 -21.56
C VAL C 333 4.07 60.94 -22.85
N LEU C 334 3.89 60.29 -23.98
CA LEU C 334 4.31 60.85 -25.24
C LEU C 334 3.09 61.02 -26.11
N LYS C 335 2.74 62.28 -26.38
CA LYS C 335 1.67 62.60 -27.30
C LYS C 335 2.19 62.42 -28.70
N VAL C 336 1.56 61.51 -29.44
CA VAL C 336 2.05 61.07 -30.77
C VAL C 336 2.00 62.21 -31.79
N GLN D 6 24.18 21.20 47.53
CA GLN D 6 24.25 20.76 46.10
C GLN D 6 24.87 21.83 45.20
N ILE D 7 25.76 21.40 44.31
CA ILE D 7 26.47 22.32 43.41
C ILE D 7 25.77 22.36 42.05
N ASN D 8 25.67 23.54 41.44
CA ASN D 8 25.21 23.67 40.04
C ASN D 8 26.34 24.14 39.15
N ARG D 9 26.89 23.21 38.35
CA ARG D 9 27.92 23.54 37.37
C ARG D 9 27.30 24.28 36.19
N GLN D 10 28.03 25.29 35.71
CA GLN D 10 27.58 26.17 34.66
C GLN D 10 28.72 26.48 33.72
N TYR D 11 28.44 26.47 32.41
CA TYR D 11 29.31 27.15 31.46
C TYR D 11 28.85 28.59 31.30
N GLN D 12 29.75 29.52 31.59
CA GLN D 12 29.49 30.95 31.45
C GLN D 12 30.28 31.48 30.27
N LEU D 13 29.71 32.46 29.57
CA LEU D 13 30.38 33.07 28.43
C LEU D 13 31.47 34.00 28.95
N ALA D 14 32.73 33.68 28.66
CA ALA D 14 33.88 34.43 29.18
C ALA D 14 34.35 35.57 28.28
N GLN D 15 34.31 35.35 26.97
CA GLN D 15 34.61 36.40 25.97
C GLN D 15 34.07 36.08 24.57
N ARG D 16 33.50 37.10 23.93
CA ARG D 16 32.94 36.97 22.56
C ARG D 16 34.04 36.69 21.53
N PRO D 17 33.94 35.54 20.84
CA PRO D 17 34.99 35.14 19.89
C PRO D 17 34.90 35.90 18.57
N SER D 18 36.03 36.03 17.88
CA SER D 18 36.05 36.69 16.58
C SER D 18 35.31 35.86 15.54
N GLY D 19 35.63 34.56 15.49
CA GLY D 19 34.94 33.62 14.60
C GLY D 19 34.42 32.43 15.39
N LEU D 20 34.92 31.25 15.05
CA LEU D 20 34.61 30.02 15.79
C LEU D 20 35.36 30.01 17.14
N PRO D 21 34.74 29.40 18.18
CA PRO D 21 35.23 29.47 19.55
C PRO D 21 36.17 28.33 19.99
N GLY D 22 36.57 28.37 21.26
CA GLY D 22 37.45 27.35 21.83
C GLY D 22 38.04 27.80 23.16
N ARG D 23 38.30 26.83 24.02
CA ARG D 23 38.93 27.01 25.35
C ARG D 23 38.63 28.32 26.10
N ASP D 24 39.22 29.43 25.65
CA ASP D 24 39.08 30.73 26.33
C ASP D 24 37.70 31.37 26.20
N THR D 25 36.82 30.76 25.39
CA THR D 25 35.49 31.31 25.11
C THR D 25 34.54 31.22 26.31
N PHE D 26 34.63 30.12 27.05
CA PHE D 26 33.77 29.90 28.20
C PHE D 26 34.60 29.71 29.48
N SER D 27 33.92 29.46 30.59
CA SER D 27 34.58 28.96 31.78
C SER D 27 33.59 28.13 32.57
N PHE D 28 34.09 27.02 33.09
CA PHE D 28 33.29 26.03 33.78
C PHE D 28 33.29 26.39 35.26
N VAL D 29 32.13 26.83 35.75
CA VAL D 29 32.04 27.45 37.06
C VAL D 29 31.17 26.62 37.97
N GLU D 30 31.58 26.45 39.22
CA GLU D 30 30.73 25.80 40.23
C GLU D 30 29.95 26.88 41.00
N THR D 31 28.65 26.66 41.15
CA THR D 31 27.74 27.63 41.73
C THR D 31 26.85 26.90 42.72
N PRO D 32 26.42 27.58 43.80
CA PRO D 32 25.46 26.89 44.66
C PRO D 32 24.13 26.72 43.97
N LEU D 33 23.53 25.54 44.11
CA LEU D 33 22.16 25.36 43.70
C LEU D 33 21.33 26.08 44.73
N GLY D 34 20.62 27.12 44.30
CA GLY D 34 19.87 27.96 45.22
C GLY D 34 18.47 27.45 45.43
N GLU D 35 17.56 28.37 45.67
CA GLU D 35 16.18 28.01 45.86
C GLU D 35 15.36 28.81 44.88
N PRO D 36 14.32 28.18 44.31
CA PRO D 36 13.44 28.95 43.45
C PRO D 36 12.68 29.98 44.28
N ALA D 37 12.56 31.18 43.73
CA ALA D 37 11.76 32.22 44.35
C ALA D 37 10.32 32.11 43.85
N GLU D 38 9.44 32.92 44.45
CA GLU D 38 8.06 33.03 44.03
C GLU D 38 7.89 33.19 42.51
N GLY D 39 7.05 32.36 41.91
CA GLY D 39 6.85 32.40 40.47
C GLY D 39 7.93 31.66 39.66
N GLN D 40 8.90 31.05 40.36
CA GLN D 40 10.00 30.33 39.72
C GLN D 40 9.84 28.81 39.87
N ILE D 41 10.59 28.05 39.06
CA ILE D 41 10.63 26.60 39.21
C ILE D 41 12.09 26.18 39.31
N LEU D 42 12.35 25.01 39.88
CA LEU D 42 13.69 24.42 39.86
C LEU D 42 13.65 23.15 39.03
N VAL D 43 14.55 23.08 38.07
CA VAL D 43 14.53 22.01 37.07
C VAL D 43 15.85 21.28 37.04
N LYS D 44 15.81 19.95 37.12
CA LYS D 44 17.02 19.19 36.83
C LYS D 44 17.12 19.10 35.30
N ASN D 45 18.18 19.67 34.72
CA ASN D 45 18.40 19.53 33.27
C ASN D 45 18.81 18.11 32.88
N GLU D 46 18.15 17.53 31.89
CA GLU D 46 18.43 16.14 31.44
C GLU D 46 19.17 16.18 30.10
N TYR D 47 18.61 16.90 29.13
CA TYR D 47 19.22 17.06 27.81
C TYR D 47 19.19 18.49 27.34
N LEU D 48 20.30 18.91 26.75
CA LEU D 48 20.42 20.25 26.20
C LEU D 48 20.50 20.21 24.68
N SER D 49 19.84 21.17 24.04
CA SER D 49 19.91 21.33 22.59
C SER D 49 21.15 22.12 22.20
N LEU D 50 21.97 21.57 21.31
CA LEU D 50 23.01 22.35 20.62
C LEU D 50 22.55 22.78 19.23
N ASP D 51 22.51 24.10 19.02
CA ASP D 51 21.88 24.70 17.84
C ASP D 51 22.84 25.70 17.18
N PRO D 52 22.86 25.77 15.84
CA PRO D 52 23.74 26.75 15.17
C PRO D 52 23.53 28.19 15.66
N ALA D 53 22.31 28.52 16.08
CA ALA D 53 21.96 29.85 16.61
C ALA D 53 22.84 30.29 17.76
N MET D 54 23.46 29.32 18.44
CA MET D 54 24.34 29.60 19.56
C MET D 54 25.47 30.54 19.17
N ARG D 55 25.97 30.40 17.94
CA ARG D 55 27.00 31.29 17.38
C ARG D 55 26.51 32.72 17.39
N GLY D 56 25.29 32.91 16.90
CA GLY D 56 24.65 34.23 16.91
C GLY D 56 24.41 34.75 18.30
N TRP D 57 24.17 33.85 19.25
CA TRP D 57 23.87 34.22 20.64
C TRP D 57 25.05 34.80 21.38
N MET D 58 26.24 34.40 20.99
CA MET D 58 27.46 34.89 21.62
C MET D 58 27.94 36.25 21.11
N ASN D 59 27.37 36.68 19.97
CA ASN D 59 27.74 37.94 19.31
C ASN D 59 26.98 39.16 19.81
N ASP D 60 27.62 40.33 19.70
CA ASP D 60 27.08 41.59 20.21
C ASP D 60 25.96 42.19 19.34
N ALA D 61 25.85 41.72 18.10
CA ALA D 61 24.85 42.21 17.14
C ALA D 61 23.42 42.12 17.67
N ARG D 62 22.63 43.17 17.38
CA ARG D 62 21.21 43.21 17.73
C ARG D 62 20.46 42.20 16.88
N SER D 63 19.61 41.39 17.52
CA SER D 63 18.90 40.32 16.85
C SER D 63 17.48 40.18 17.39
N TYR D 64 16.83 39.07 17.05
CA TYR D 64 15.44 38.81 17.46
C TYR D 64 15.34 38.55 18.96
N ILE D 65 16.49 38.26 19.57
CA ILE D 65 16.62 37.98 21.00
C ILE D 65 17.95 38.59 21.48
N PRO D 66 17.96 39.20 22.69
CA PRO D 66 19.20 39.84 23.15
C PRO D 66 20.37 38.87 23.27
N PRO D 67 21.61 39.34 23.03
CA PRO D 67 22.80 38.50 23.12
C PRO D 67 23.07 38.00 24.55
N VAL D 68 23.84 36.93 24.67
CA VAL D 68 24.24 36.39 25.98
C VAL D 68 25.29 37.33 26.59
N GLY D 69 25.07 37.73 27.85
CA GLY D 69 26.00 38.62 28.55
C GLY D 69 27.29 37.94 28.97
N ILE D 70 28.36 38.72 29.08
CA ILE D 70 29.65 38.22 29.59
C ILE D 70 29.48 37.75 31.03
N GLY D 71 29.92 36.53 31.32
CA GLY D 71 29.79 35.94 32.65
C GLY D 71 28.40 35.41 32.99
N GLU D 72 27.45 35.50 32.06
CA GLU D 72 26.15 34.88 32.26
C GLU D 72 26.23 33.43 31.79
N VAL D 73 25.29 32.60 32.23
CA VAL D 73 25.22 31.23 31.75
C VAL D 73 24.96 31.23 30.23
N MET D 74 25.65 30.36 29.50
CA MET D 74 25.40 30.20 28.08
C MET D 74 23.97 29.76 27.86
N ARG D 75 23.30 30.40 26.90
CA ARG D 75 21.93 30.02 26.54
C ARG D 75 21.90 28.64 25.89
N ALA D 76 20.87 27.88 26.24
CA ALA D 76 20.58 26.62 25.60
C ALA D 76 19.15 26.22 25.92
N LEU D 77 18.49 25.67 24.92
CA LEU D 77 17.20 25.03 25.09
C LEU D 77 17.49 23.65 25.66
N GLY D 78 16.53 23.12 26.41
CA GLY D 78 16.70 21.81 26.99
C GLY D 78 15.41 21.23 27.50
N VAL D 79 15.45 19.96 27.87
CA VAL D 79 14.37 19.30 28.60
C VAL D 79 14.88 18.84 29.98
N GLY D 80 13.96 18.82 30.94
CA GLY D 80 14.33 18.67 32.34
C GLY D 80 13.11 18.38 33.17
N LYS D 81 13.35 17.84 34.36
CA LYS D 81 12.27 17.44 35.27
C LYS D 81 12.11 18.52 36.35
N VAL D 82 10.88 18.98 36.56
CA VAL D 82 10.63 19.99 37.59
C VAL D 82 10.77 19.34 38.96
N LEU D 83 11.74 19.82 39.74
CA LEU D 83 11.95 19.31 41.12
C LEU D 83 11.14 20.09 42.15
N VAL D 84 11.20 21.42 42.09
CA VAL D 84 10.42 22.28 42.98
C VAL D 84 9.77 23.41 42.19
N SER D 85 8.47 23.61 42.43
CA SER D 85 7.76 24.70 41.78
C SER D 85 7.14 25.71 42.75
N LYS D 86 7.30 27.00 42.44
CA LYS D 86 6.57 28.05 43.16
C LYS D 86 5.72 28.82 42.16
N HIS D 87 5.11 28.05 41.25
CA HIS D 87 4.36 28.58 40.11
C HIS D 87 3.13 27.73 39.96
N PRO D 88 1.94 28.36 39.85
CA PRO D 88 0.68 27.61 39.79
C PRO D 88 0.57 26.69 38.56
N GLY D 89 1.30 27.02 37.50
CA GLY D 89 1.26 26.26 36.26
C GLY D 89 2.06 24.97 36.20
N PHE D 90 3.05 24.83 37.08
CA PHE D 90 3.96 23.70 37.04
C PHE D 90 4.01 23.00 38.37
N GLN D 91 3.99 21.67 38.35
CA GLN D 91 4.22 20.92 39.55
C GLN D 91 5.41 19.98 39.43
N ALA D 92 5.96 19.57 40.57
CA ALA D 92 7.08 18.63 40.61
C ALA D 92 6.73 17.36 39.84
N GLY D 93 7.71 16.85 39.10
CA GLY D 93 7.49 15.65 38.31
C GLY D 93 7.12 15.94 36.87
N ASP D 94 6.69 17.17 36.59
CA ASP D 94 6.44 17.63 35.24
C ASP D 94 7.78 17.68 34.50
N TYR D 95 7.75 17.35 33.23
CA TYR D 95 8.90 17.48 32.35
C TYR D 95 8.64 18.68 31.45
N VAL D 96 9.63 19.57 31.35
CA VAL D 96 9.47 20.84 30.67
C VAL D 96 10.51 21.03 29.57
N ASN D 97 10.11 21.73 28.51
CA ASN D 97 11.04 22.21 27.51
C ASN D 97 11.17 23.72 27.71
N GLY D 98 12.38 24.25 27.72
CA GLY D 98 12.59 25.68 27.87
C GLY D 98 14.05 26.05 27.73
N ALA D 99 14.35 27.32 27.95
CA ALA D 99 15.73 27.79 27.93
C ALA D 99 16.37 27.49 29.28
N LEU D 100 16.95 26.30 29.39
CA LEU D 100 17.47 25.80 30.65
C LEU D 100 18.92 26.22 30.91
N GLY D 101 19.62 26.64 29.85
CA GLY D 101 21.03 27.02 29.95
C GLY D 101 21.98 25.84 30.07
N VAL D 102 23.26 26.10 29.83
CA VAL D 102 24.29 25.09 29.85
C VAL D 102 24.78 24.92 31.30
N GLN D 103 24.00 24.15 32.06
CA GLN D 103 24.21 23.96 33.49
C GLN D 103 23.45 22.73 33.94
N ASP D 104 23.71 22.28 35.18
CA ASP D 104 23.01 21.10 35.74
C ASP D 104 21.55 21.39 36.05
N TYR D 105 21.27 22.60 36.50
CA TYR D 105 19.93 22.92 37.01
C TYR D 105 19.48 24.29 36.53
N PHE D 106 18.22 24.40 36.16
CA PHE D 106 17.63 25.71 35.91
C PHE D 106 16.81 26.15 37.11
N ILE D 107 17.08 27.35 37.60
CA ILE D 107 16.16 28.03 38.53
C ILE D 107 15.77 29.39 37.95
N GLY D 108 14.48 29.61 37.76
CA GLY D 108 13.99 30.94 37.38
C GLY D 108 12.54 30.90 36.97
N GLU D 109 12.08 32.01 36.40
CA GLU D 109 10.76 32.07 35.80
C GLU D 109 10.76 31.21 34.53
N PRO D 110 9.72 30.36 34.39
CA PRO D 110 9.57 29.49 33.25
C PRO D 110 9.02 30.22 32.02
N LYS D 111 9.68 31.32 31.66
CA LYS D 111 9.29 32.14 30.54
C LYS D 111 9.50 31.36 29.25
N GLY D 112 8.40 31.11 28.54
CA GLY D 112 8.43 30.38 27.28
C GLY D 112 8.61 28.86 27.44
N PHE D 113 8.46 28.37 28.68
CA PHE D 113 8.52 26.93 28.98
C PHE D 113 7.19 26.29 28.62
N TYR D 114 7.23 25.00 28.26
CA TYR D 114 6.01 24.23 28.15
C TYR D 114 6.24 22.81 28.63
N LYS D 115 5.16 22.17 29.08
CA LYS D 115 5.22 20.82 29.61
C LYS D 115 5.26 19.85 28.45
N VAL D 116 6.01 18.77 28.60
CA VAL D 116 6.03 17.71 27.60
C VAL D 116 5.63 16.40 28.25
N ASP D 117 5.05 15.50 27.46
CA ASP D 117 4.55 14.21 27.94
C ASP D 117 5.53 13.06 27.57
N PRO D 118 6.29 12.54 28.55
CA PRO D 118 7.26 11.44 28.30
C PRO D 118 6.63 10.14 27.79
N SER D 119 5.32 10.01 27.90
CA SER D 119 4.68 8.79 27.48
C SER D 119 4.44 8.76 25.96
N ARG D 120 4.65 9.90 25.31
CA ARG D 120 4.35 10.06 23.90
C ARG D 120 5.59 10.04 23.02
N ALA D 121 6.76 10.20 23.62
CA ALA D 121 7.99 10.27 22.85
C ALA D 121 9.21 10.06 23.73
N PRO D 122 10.34 9.64 23.13
CA PRO D 122 11.58 9.59 23.88
C PRO D 122 11.92 11.00 24.32
N LEU D 123 12.41 11.14 25.54
CA LEU D 123 12.73 12.45 26.13
C LEU D 123 13.56 13.38 25.24
N PRO D 124 14.67 12.88 24.70
CA PRO D 124 15.46 13.83 23.93
C PRO D 124 14.78 14.21 22.61
N ARG D 125 13.78 13.45 22.18
CA ARG D 125 13.05 13.87 20.99
C ARG D 125 12.25 15.16 21.19
N TYR D 126 12.07 15.56 22.46
CA TYR D 126 11.47 16.87 22.76
C TYR D 126 12.45 18.03 22.51
N LEU D 127 13.62 17.74 21.94
CA LEU D 127 14.50 18.81 21.42
C LEU D 127 14.69 18.77 19.89
N SER D 128 14.16 17.74 19.25
CA SER D 128 14.41 17.52 17.82
C SER D 128 13.03 17.60 17.14
N ALA D 129 12.54 16.51 16.58
CA ALA D 129 11.27 16.58 15.81
C ALA D 129 10.10 17.06 16.66
N LEU D 130 10.15 16.77 17.96
CA LEU D 130 9.06 17.21 18.87
C LEU D 130 9.49 18.36 19.76
N GLY D 131 10.54 19.04 19.35
CA GLY D 131 11.04 20.22 20.04
C GLY D 131 11.25 21.30 19.00
N MET D 132 12.25 22.14 19.24
CA MET D 132 12.40 23.40 18.55
C MET D 132 12.62 23.27 17.04
N THR D 133 13.54 22.40 16.64
CA THR D 133 13.88 22.21 15.24
C THR D 133 12.70 21.59 14.50
N GLY D 134 12.05 20.61 15.11
CA GLY D 134 10.87 20.01 14.52
C GLY D 134 9.72 21.00 14.36
N MET D 135 9.51 21.86 15.36
CA MET D 135 8.38 22.81 15.29
C MET D 135 8.68 23.91 14.28
N THR D 136 9.94 24.30 14.19
CA THR D 136 10.42 25.18 13.14
C THR D 136 10.03 24.63 11.75
N ALA D 137 10.40 23.39 11.46
CA ALA D 137 10.04 22.77 10.19
C ALA D 137 8.54 22.81 9.97
N TYR D 138 7.80 22.39 10.99
CA TYR D 138 6.36 22.27 10.89
C TYR D 138 5.71 23.63 10.54
N PHE D 139 6.02 24.66 11.33
CA PHE D 139 5.34 25.92 11.13
C PHE D 139 5.87 26.72 9.95
N ALA D 140 7.19 26.73 9.79
CA ALA D 140 7.79 27.42 8.65
C ALA D 140 7.30 26.83 7.35
N LEU D 141 7.33 25.50 7.22
CA LEU D 141 6.86 24.90 5.99
C LEU D 141 5.37 25.11 5.79
N LEU D 142 4.57 24.74 6.79
CA LEU D 142 3.12 24.77 6.62
C LEU D 142 2.49 26.16 6.65
N ASP D 143 2.95 27.04 7.53
CA ASP D 143 2.34 28.35 7.62
C ASP D 143 2.90 29.33 6.60
N VAL D 144 4.20 29.28 6.35
CA VAL D 144 4.85 30.24 5.44
C VAL D 144 5.01 29.66 4.03
N GLY D 145 5.50 28.42 3.93
CA GLY D 145 5.63 27.77 2.62
C GLY D 145 4.29 27.40 2.00
N GLN D 146 3.32 27.01 2.81
CA GLN D 146 2.01 26.54 2.37
C GLN D 146 2.06 25.59 1.17
N PRO D 147 2.79 24.46 1.29
CA PRO D 147 2.90 23.57 0.14
C PRO D 147 1.57 22.90 -0.16
N LYS D 148 1.35 22.54 -1.42
CA LYS D 148 0.14 21.86 -1.84
C LYS D 148 0.52 20.59 -2.59
N ASN D 149 -0.43 19.65 -2.64
CA ASN D 149 -0.26 18.40 -3.34
C ASN D 149 0.25 18.60 -4.74
N GLY D 150 1.28 17.84 -5.12
CA GLY D 150 1.84 17.90 -6.46
C GLY D 150 2.87 19.00 -6.68
N GLU D 151 3.01 19.93 -5.73
CA GLU D 151 4.02 20.99 -5.83
C GLU D 151 5.44 20.44 -5.58
N THR D 152 6.44 21.14 -6.09
CA THR D 152 7.84 20.78 -5.93
C THR D 152 8.46 21.65 -4.84
N VAL D 153 8.93 20.97 -3.79
CA VAL D 153 9.58 21.60 -2.63
C VAL D 153 11.06 21.23 -2.60
N VAL D 154 11.89 22.26 -2.53
CA VAL D 154 13.34 22.11 -2.40
C VAL D 154 13.73 22.55 -1.01
N ILE D 155 14.53 21.71 -0.34
CA ILE D 155 15.01 21.99 1.01
C ILE D 155 16.56 22.08 1.00
N SER D 156 17.07 23.20 1.45
CA SER D 156 18.51 23.32 1.72
C SER D 156 18.78 22.88 3.17
N GLY D 157 20.04 22.54 3.48
CA GLY D 157 20.38 21.90 4.76
C GLY D 157 19.46 20.72 5.07
N ALA D 158 19.20 19.92 4.04
CA ALA D 158 18.12 18.94 4.07
C ALA D 158 18.35 17.75 5.01
N ALA D 159 19.61 17.49 5.33
CA ALA D 159 19.95 16.35 6.19
C ALA D 159 20.04 16.81 7.64
N GLY D 160 19.97 18.13 7.82
CA GLY D 160 20.00 18.74 9.15
C GLY D 160 18.72 18.54 9.92
N ALA D 161 18.71 19.06 11.14
CA ALA D 161 17.57 18.85 12.01
C ALA D 161 16.26 19.49 11.50
N VAL D 162 16.31 20.73 11.03
CA VAL D 162 15.07 21.39 10.53
C VAL D 162 14.71 20.85 9.15
N GLY D 163 15.67 20.87 8.25
CA GLY D 163 15.47 20.44 6.87
C GLY D 163 14.98 19.01 6.71
N SER D 164 15.51 18.08 7.52
CA SER D 164 15.11 16.68 7.41
C SER D 164 13.67 16.50 7.81
N VAL D 165 13.23 17.23 8.81
CA VAL D 165 11.80 17.19 9.16
C VAL D 165 10.90 17.89 8.13
N ALA D 166 11.32 19.04 7.64
CA ALA D 166 10.49 19.80 6.67
C ALA D 166 10.24 18.98 5.41
N GLY D 167 11.30 18.35 4.91
CA GLY D 167 11.17 17.52 3.72
C GLY D 167 10.24 16.35 3.88
N GLN D 168 10.26 15.72 5.06
CA GLN D 168 9.36 14.59 5.30
C GLN D 168 7.92 15.04 5.43
N ILE D 169 7.72 16.21 6.03
CA ILE D 169 6.37 16.74 6.12
C ILE D 169 5.84 17.07 4.72
N ALA D 170 6.69 17.69 3.91
CA ALA D 170 6.35 17.95 2.51
C ALA D 170 5.92 16.68 1.77
N ARG D 171 6.63 15.57 2.01
CA ARG D 171 6.28 14.27 1.43
C ARG D 171 4.85 13.88 1.79
N LEU D 172 4.51 14.03 3.07
CA LEU D 172 3.16 13.71 3.55
C LEU D 172 2.09 14.65 2.98
N LYS D 173 2.49 15.81 2.51
CA LYS D 173 1.49 16.71 1.91
C LYS D 173 1.25 16.40 0.43
N GLY D 174 1.91 15.36 -0.08
CA GLY D 174 1.83 14.96 -1.47
C GLY D 174 2.78 15.67 -2.43
N CYS D 175 3.83 16.30 -1.91
CA CYS D 175 4.76 17.03 -2.74
C CYS D 175 5.89 16.17 -3.31
N ARG D 176 6.49 16.70 -4.37
CA ARG D 176 7.78 16.27 -4.85
C ARG D 176 8.82 16.99 -4.02
N VAL D 177 9.69 16.23 -3.36
CA VAL D 177 10.61 16.78 -2.39
C VAL D 177 12.04 16.55 -2.83
N VAL D 178 12.83 17.61 -2.87
CA VAL D 178 14.20 17.54 -3.35
C VAL D 178 15.06 18.15 -2.30
N GLY D 179 16.03 17.37 -1.83
CA GLY D 179 16.92 17.83 -0.78
C GLY D 179 18.24 18.26 -1.35
N ILE D 180 18.86 19.26 -0.70
CA ILE D 180 20.21 19.66 -1.01
C ILE D 180 21.06 19.34 0.21
N ALA D 181 22.08 18.50 0.04
CA ALA D 181 22.99 18.07 1.12
C ALA D 181 24.41 17.70 0.65
N GLY D 182 25.38 17.66 1.55
CA GLY D 182 26.77 17.48 1.08
C GLY D 182 27.30 16.05 1.14
N GLY D 183 27.74 15.53 -0.01
CA GLY D 183 28.31 14.18 -0.07
C GLY D 183 27.31 13.09 -0.42
N ALA D 184 27.79 11.97 -0.94
CA ALA D 184 26.90 10.90 -1.41
C ALA D 184 26.09 10.24 -0.29
N GLU D 185 26.64 10.22 0.92
CA GLU D 185 25.98 9.56 2.05
C GLU D 185 24.71 10.28 2.50
N LYS D 186 24.82 11.58 2.74
CA LYS D 186 23.67 12.38 3.15
C LYS D 186 22.56 12.37 2.12
N CYS D 187 22.96 12.42 0.85
CA CYS D 187 22.01 12.39 -0.26
C CYS D 187 21.28 11.04 -0.38
N ARG D 188 22.03 9.94 -0.23
CA ARG D 188 21.44 8.61 -0.20
C ARG D 188 20.50 8.47 1.00
N PHE D 189 20.93 8.98 2.15
CA PHE D 189 20.08 8.99 3.35
C PHE D 189 18.72 9.71 3.12
N LEU D 190 18.75 10.89 2.47
CA LEU D 190 17.51 11.62 2.14
C LEU D 190 16.60 10.79 1.28
N VAL D 191 17.15 10.19 0.25
CA VAL D 191 16.35 9.42 -0.70
C VAL D 191 15.97 8.04 -0.13
N GLU D 192 16.94 7.29 0.37
CA GLU D 192 16.70 5.88 0.77
C GLU D 192 15.98 5.71 2.10
N GLU D 193 16.26 6.61 3.04
CA GLU D 193 15.71 6.53 4.38
C GLU D 193 14.53 7.46 4.60
N LEU D 194 14.70 8.74 4.24
CA LEU D 194 13.68 9.76 4.52
C LEU D 194 12.56 9.84 3.47
N GLY D 195 12.80 9.28 2.28
CA GLY D 195 11.80 9.23 1.22
C GLY D 195 11.68 10.48 0.36
N PHE D 196 12.75 11.27 0.32
CA PHE D 196 12.84 12.43 -0.56
C PHE D 196 12.81 11.88 -1.99
N ASP D 197 12.24 12.63 -2.92
CA ASP D 197 12.20 12.15 -4.30
C ASP D 197 13.55 12.26 -4.96
N GLY D 198 14.37 13.16 -4.47
CA GLY D 198 15.66 13.37 -5.08
C GLY D 198 16.54 14.12 -4.13
N ALA D 199 17.82 14.17 -4.47
CA ALA D 199 18.81 14.82 -3.65
C ALA D 199 19.86 15.41 -4.58
N ILE D 200 20.38 16.56 -4.20
CA ILE D 200 21.43 17.17 -4.98
C ILE D 200 22.59 17.34 -4.06
N ASP D 201 23.77 16.93 -4.54
CA ASP D 201 24.97 16.91 -3.75
C ASP D 201 25.70 18.20 -4.02
N TYR D 202 25.56 19.16 -3.11
CA TYR D 202 26.12 20.49 -3.34
C TYR D 202 27.65 20.51 -3.30
N LYS D 203 28.24 19.53 -2.62
CA LYS D 203 29.69 19.45 -2.50
C LYS D 203 30.35 18.85 -3.75
N ASN D 204 29.63 17.97 -4.45
CA ASN D 204 30.24 17.18 -5.54
C ASN D 204 29.58 17.30 -6.91
N GLU D 205 28.66 18.24 -7.05
CA GLU D 205 27.87 18.41 -8.28
C GLU D 205 27.44 19.88 -8.41
N ASP D 206 27.25 20.34 -9.64
CA ASP D 206 26.81 21.71 -9.91
C ASP D 206 25.33 21.85 -9.56
N LEU D 207 24.99 22.87 -8.77
CA LEU D 207 23.64 22.99 -8.24
C LEU D 207 22.58 23.21 -9.31
N ALA D 208 22.86 24.13 -10.22
CA ALA D 208 21.94 24.47 -11.29
C ALA D 208 21.57 23.25 -12.14
N ALA D 209 22.57 22.44 -12.48
CA ALA D 209 22.33 21.21 -13.23
C ALA D 209 21.50 20.22 -12.40
N GLY D 210 21.79 20.14 -11.11
CA GLY D 210 20.99 19.29 -10.19
C GLY D 210 19.53 19.68 -10.17
N LEU D 211 19.29 20.99 -10.04
CA LEU D 211 17.92 21.53 -10.03
C LEU D 211 17.21 21.30 -11.35
N LYS D 212 17.96 21.43 -12.45
CA LYS D 212 17.42 21.10 -13.76
C LYS D 212 17.02 19.62 -13.84
N ARG D 213 17.84 18.73 -13.29
CA ARG D 213 17.50 17.30 -13.30
C ARG D 213 16.31 17.01 -12.37
N GLU D 214 16.38 17.54 -11.14
CA GLU D 214 15.41 17.19 -10.11
C GLU D 214 14.11 17.99 -10.14
N CYS D 215 14.12 19.16 -10.77
CA CYS D 215 12.94 20.04 -10.75
C CYS D 215 12.50 20.49 -12.14
N PRO D 216 11.93 19.57 -12.94
CA PRO D 216 11.55 19.96 -14.30
C PRO D 216 10.42 21.00 -14.34
N LYS D 217 9.52 20.99 -13.35
CA LYS D 217 8.40 21.92 -13.34
C LYS D 217 8.68 23.19 -12.55
N GLY D 218 9.96 23.45 -12.27
CA GLY D 218 10.35 24.57 -11.44
C GLY D 218 10.16 24.29 -9.96
N ILE D 219 10.38 25.31 -9.14
CA ILE D 219 10.36 25.14 -7.69
C ILE D 219 9.23 25.97 -7.07
N ASP D 220 8.27 25.31 -6.45
CA ASP D 220 7.13 25.98 -5.83
C ASP D 220 7.42 26.47 -4.42
N VAL D 221 8.19 25.69 -3.65
CA VAL D 221 8.55 26.10 -2.31
C VAL D 221 10.04 25.85 -2.11
N PHE D 222 10.73 26.85 -1.61
CA PHE D 222 12.09 26.66 -1.21
C PHE D 222 12.20 26.93 0.28
N PHE D 223 12.68 25.93 1.02
CA PHE D 223 12.88 26.06 2.48
C PHE D 223 14.35 26.32 2.63
N ASP D 224 14.70 27.52 3.04
CA ASP D 224 16.10 27.92 3.07
C ASP D 224 16.66 27.92 4.48
N ASN D 225 17.60 27.02 4.73
CA ASN D 225 18.32 26.92 6.01
C ASN D 225 19.75 27.47 5.92
N VAL D 226 20.18 27.74 4.69
CA VAL D 226 21.60 27.87 4.33
C VAL D 226 21.96 29.25 3.77
N GLY D 227 21.09 29.82 2.94
CA GLY D 227 21.40 31.11 2.31
C GLY D 227 22.55 31.00 1.31
N GLY D 228 23.32 32.06 1.17
CA GLY D 228 24.48 32.08 0.26
C GLY D 228 24.17 31.84 -1.21
N GLU D 229 25.12 31.25 -1.92
CA GLU D 229 24.99 30.97 -3.35
C GLU D 229 23.90 29.94 -3.66
N ILE D 230 23.63 29.05 -2.71
CA ILE D 230 22.56 28.06 -2.88
C ILE D 230 21.20 28.75 -3.10
N LEU D 231 20.89 29.71 -2.23
CA LEU D 231 19.68 30.51 -2.37
C LEU D 231 19.61 31.22 -3.73
N ASP D 232 20.69 31.88 -4.11
CA ASP D 232 20.75 32.66 -5.36
C ASP D 232 20.49 31.79 -6.57
N THR D 233 21.04 30.58 -6.54
CA THR D 233 20.86 29.62 -7.62
C THR D 233 19.45 29.08 -7.60
N VAL D 234 18.90 28.82 -6.41
CA VAL D 234 17.50 28.36 -6.33
C VAL D 234 16.54 29.40 -6.91
N LEU D 235 16.81 30.67 -6.68
CA LEU D 235 15.97 31.78 -7.22
C LEU D 235 15.82 31.76 -8.73
N THR D 236 16.86 31.33 -9.45
CA THR D 236 16.79 31.24 -10.91
C THR D 236 15.78 30.18 -11.41
N ARG D 237 15.33 29.28 -10.52
CA ARG D 237 14.42 28.20 -10.94
C ARG D 237 13.04 28.16 -10.26
N ILE D 238 12.72 29.19 -9.48
CA ILE D 238 11.40 29.24 -8.86
C ILE D 238 10.28 29.37 -9.88
N ALA D 239 9.14 28.79 -9.57
CA ALA D 239 7.95 28.83 -10.40
C ALA D 239 7.08 30.05 -10.07
N PHE D 240 6.07 30.26 -10.91
CA PHE D 240 5.07 31.29 -10.70
C PHE D 240 4.42 31.12 -9.31
N LYS D 241 4.43 32.19 -8.51
CA LYS D 241 3.79 32.21 -7.20
C LYS D 241 4.54 31.35 -6.15
N ALA D 242 5.83 31.12 -6.38
CA ALA D 242 6.66 30.36 -5.46
C ALA D 242 6.73 31.02 -4.09
N ARG D 243 6.94 30.21 -3.06
CA ARG D 243 7.13 30.75 -1.73
C ARG D 243 8.50 30.34 -1.23
N ILE D 244 9.27 31.31 -0.78
CA ILE D 244 10.57 31.06 -0.21
C ILE D 244 10.55 31.30 1.29
N VAL D 245 10.69 30.23 2.06
CA VAL D 245 10.76 30.33 3.51
C VAL D 245 12.20 30.56 3.96
N LEU D 246 12.47 31.71 4.52
CA LEU D 246 13.77 31.98 5.11
C LEU D 246 13.76 31.54 6.56
N CYS D 247 14.36 30.38 6.83
CA CYS D 247 14.45 29.86 8.18
C CYS D 247 15.81 30.23 8.78
N GLY D 248 16.87 30.10 7.98
CA GLY D 248 18.21 30.51 8.40
C GLY D 248 19.18 30.76 7.24
N ALA D 249 20.43 31.02 7.60
CA ALA D 249 21.50 31.24 6.65
C ALA D 249 22.83 30.71 7.17
N ILE D 250 22.91 29.41 7.46
CA ILE D 250 24.09 28.81 8.11
C ILE D 250 25.43 29.04 7.38
N SER D 251 25.40 29.04 6.05
CA SER D 251 26.59 29.29 5.22
C SER D 251 27.19 30.66 5.47
N GLN D 252 26.43 31.51 6.17
CA GLN D 252 26.79 32.90 6.32
C GLN D 252 27.26 33.27 7.73
N TYR D 253 26.85 32.48 8.73
CA TYR D 253 27.37 32.69 10.09
C TYR D 253 28.88 32.43 10.07
N ASN D 254 29.65 33.47 10.35
CA ASN D 254 31.11 33.42 10.25
C ASN D 254 31.77 33.52 11.62
N VAL D 259 27.37 39.77 4.87
CA VAL D 259 26.39 38.84 4.29
C VAL D 259 26.32 39.02 2.78
N ARG D 260 26.28 37.89 2.08
CA ARG D 260 26.07 37.85 0.63
C ARG D 260 24.57 37.85 0.31
N GLY D 261 24.11 38.94 -0.32
CA GLY D 261 22.72 39.08 -0.68
C GLY D 261 22.39 38.40 -1.99
N PRO D 262 21.13 37.96 -2.13
CA PRO D 262 20.68 37.30 -3.36
C PRO D 262 20.60 38.23 -4.61
N ALA D 263 21.56 38.07 -5.52
CA ALA D 263 21.65 38.84 -6.75
C ALA D 263 20.51 38.51 -7.71
N ASN D 264 19.90 37.35 -7.51
CA ASN D 264 18.79 36.93 -8.35
C ASN D 264 17.43 37.27 -7.76
N TYR D 265 17.38 38.17 -6.78
CA TYR D 265 16.10 38.43 -6.08
C TYR D 265 14.95 38.95 -6.95
N LEU D 266 15.28 39.56 -8.09
CA LEU D 266 14.24 40.05 -9.00
C LEU D 266 13.48 38.90 -9.63
N SER D 267 13.97 37.68 -9.42
CA SER D 267 13.17 36.53 -9.75
C SER D 267 11.87 36.52 -8.94
N LEU D 268 11.88 37.16 -7.77
CA LEU D 268 10.62 37.34 -7.00
C LEU D 268 9.58 38.21 -7.74
N LEU D 269 10.06 39.21 -8.47
CA LEU D 269 9.17 40.08 -9.27
C LEU D 269 8.70 39.34 -10.52
N VAL D 270 9.65 38.82 -11.29
CA VAL D 270 9.35 38.01 -12.50
C VAL D 270 8.34 36.90 -12.22
N ASN D 271 8.53 36.19 -11.11
CA ASN D 271 7.64 35.06 -10.79
C ASN D 271 6.56 35.38 -9.78
N ARG D 272 6.47 36.65 -9.38
CA ARG D 272 5.41 37.11 -8.47
C ARG D 272 5.41 36.20 -7.24
N ALA D 273 6.61 36.08 -6.68
CA ALA D 273 6.91 35.10 -5.65
C ALA D 273 7.11 35.84 -4.34
N ARG D 274 7.09 35.10 -3.25
CA ARG D 274 7.15 35.65 -1.91
C ARG D 274 8.35 35.06 -1.17
N MET D 275 9.16 35.92 -0.55
CA MET D 275 10.23 35.50 0.33
C MET D 275 9.93 36.04 1.72
N GLU D 276 9.84 35.13 2.69
CA GLU D 276 9.35 35.48 4.03
C GLU D 276 10.13 34.81 5.15
N GLY D 277 10.54 35.62 6.13
CA GLY D 277 11.24 35.16 7.33
C GLY D 277 10.30 34.72 8.45
N MET D 278 10.79 33.84 9.31
CA MET D 278 10.00 33.33 10.45
C MET D 278 10.92 33.02 11.63
N VAL D 279 10.34 33.00 12.82
CA VAL D 279 11.03 32.65 14.06
C VAL D 279 10.10 31.69 14.81
N VAL D 280 10.56 30.47 15.08
CA VAL D 280 9.69 29.42 15.68
C VAL D 280 8.91 29.86 16.94
N MET D 281 9.51 30.68 17.77
CA MET D 281 8.84 31.05 19.02
C MET D 281 7.57 31.90 18.85
N ASP D 282 7.40 32.51 17.67
CA ASP D 282 6.18 33.25 17.38
C ASP D 282 4.97 32.35 17.33
N TYR D 283 5.22 31.05 17.16
CA TYR D 283 4.17 30.04 17.03
C TYR D 283 3.88 29.29 18.32
N ALA D 284 4.47 29.72 19.44
CA ALA D 284 4.40 28.96 20.72
C ALA D 284 2.96 28.59 21.12
N GLN D 285 2.02 29.51 20.95
CA GLN D 285 0.62 29.24 21.35
C GLN D 285 -0.01 28.14 20.47
N ARG D 286 0.65 27.80 19.38
CA ARG D 286 0.14 26.75 18.51
C ARG D 286 0.92 25.43 18.64
N PHE D 287 2.01 25.48 19.43
CA PHE D 287 2.78 24.27 19.75
C PHE D 287 1.92 23.06 20.13
N PRO D 288 0.87 23.26 20.96
CA PRO D 288 0.09 22.08 21.35
C PRO D 288 -0.46 21.27 20.19
N GLU D 289 -1.05 21.93 19.19
CA GLU D 289 -1.62 21.18 18.06
C GLU D 289 -0.53 20.66 17.11
N GLY D 290 0.54 21.42 16.98
CA GLY D 290 1.69 21.02 16.19
C GLY D 290 2.39 19.79 16.77
N LEU D 291 2.61 19.78 18.07
CA LEU D 291 3.21 18.62 18.75
C LEU D 291 2.29 17.40 18.69
N LYS D 292 0.98 17.61 18.82
CA LYS D 292 0.04 16.49 18.73
C LYS D 292 0.12 15.81 17.37
N GLU D 293 0.13 16.60 16.30
CA GLU D 293 0.18 15.99 14.99
C GLU D 293 1.54 15.35 14.71
N MET D 294 2.63 16.03 15.08
CA MET D 294 3.97 15.50 14.87
C MET D 294 4.16 14.16 15.59
N ALA D 295 3.67 14.07 16.83
CA ALA D 295 3.77 12.83 17.63
C ALA D 295 3.10 11.68 16.92
N THR D 296 1.94 11.92 16.30
CA THR D 296 1.27 10.87 15.55
C THR D 296 2.06 10.41 14.32
N TRP D 297 2.71 11.35 13.62
CA TRP D 297 3.45 10.97 12.40
C TRP D 297 4.62 10.11 12.77
N LEU D 298 5.31 10.49 13.84
CA LEU D 298 6.39 9.73 14.45
C LEU D 298 5.94 8.34 14.87
N ALA D 299 4.85 8.27 15.64
CA ALA D 299 4.35 6.99 16.17
C ALA D 299 3.94 6.05 15.05
N GLU D 300 3.37 6.60 13.97
CA GLU D 300 2.97 5.79 12.83
C GLU D 300 4.14 5.38 11.93
N GLY D 301 5.33 5.88 12.21
CA GLY D 301 6.50 5.65 11.32
C GLY D 301 6.45 6.43 9.99
N LYS D 302 5.64 7.47 9.94
CA LYS D 302 5.51 8.24 8.71
C LYS D 302 6.61 9.31 8.63
N LEU D 303 7.20 9.60 9.77
CA LEU D 303 8.28 10.56 9.85
C LEU D 303 9.32 10.00 10.81
N GLN D 304 10.59 10.20 10.48
CA GLN D 304 11.75 9.76 11.28
C GLN D 304 12.52 10.95 11.80
N SER D 305 13.09 10.81 12.99
CA SER D 305 13.86 11.87 13.64
C SER D 305 15.14 11.26 14.13
N ARG D 306 16.28 11.79 13.71
CA ARG D 306 17.56 11.26 14.17
C ARG D 306 18.15 12.22 15.19
N GLU D 307 18.66 11.71 16.31
CA GLU D 307 19.41 12.52 17.27
C GLU D 307 20.84 12.02 17.44
N ASP D 308 21.79 12.95 17.54
CA ASP D 308 23.17 12.61 17.86
C ASP D 308 23.37 12.99 19.34
N ILE D 309 23.31 12.00 20.24
CA ILE D 309 23.37 12.29 21.67
C ILE D 309 24.75 12.09 22.24
N VAL D 310 25.32 13.19 22.75
CA VAL D 310 26.65 13.22 23.38
C VAL D 310 26.46 13.26 24.91
N GLU D 311 27.35 12.63 25.66
CA GLU D 311 27.17 12.52 27.11
C GLU D 311 28.14 13.37 27.91
N GLY D 312 27.61 14.14 28.86
CA GLY D 312 28.45 14.83 29.83
C GLY D 312 28.51 16.32 29.63
N LEU D 313 27.89 17.05 30.58
CA LEU D 313 27.90 18.51 30.59
C LEU D 313 29.29 19.07 30.38
N GLU D 314 30.27 18.39 30.97
CA GLU D 314 31.67 18.80 30.95
C GLU D 314 32.25 18.93 29.53
N THR D 315 31.68 18.19 28.57
CA THR D 315 32.19 18.14 27.20
C THR D 315 31.64 19.22 26.27
N PHE D 316 30.79 20.09 26.81
CA PHE D 316 30.09 21.08 26.01
C PHE D 316 30.94 21.85 24.97
N PRO D 317 32.03 22.53 25.41
CA PRO D 317 32.81 23.31 24.42
C PRO D 317 33.33 22.45 23.26
N GLU D 318 33.76 21.21 23.57
CA GLU D 318 34.17 20.25 22.53
C GLU D 318 32.99 19.85 21.62
N THR D 319 31.84 19.60 22.24
CA THR D 319 30.64 19.21 21.52
C THR D 319 30.13 20.36 20.64
N LEU D 320 30.16 21.57 21.18
CA LEU D 320 29.82 22.76 20.39
C LEU D 320 30.73 22.85 19.18
N LEU D 321 31.99 22.46 19.35
CA LEU D 321 32.95 22.38 18.24
C LEU D 321 32.59 21.28 17.23
N LYS D 322 31.95 20.21 17.70
CA LYS D 322 31.39 19.19 16.81
C LYS D 322 30.29 19.79 15.92
N LEU D 323 29.59 20.79 16.45
CA LEU D 323 28.67 21.59 15.64
C LEU D 323 29.48 22.54 14.75
N PHE D 324 28.89 22.95 13.62
CA PHE D 324 29.46 23.93 12.67
C PHE D 324 30.40 23.36 11.59
N SER D 325 30.88 22.14 11.80
CA SER D 325 31.63 21.42 10.78
C SER D 325 30.68 20.61 9.92
N GLY D 326 29.58 20.16 10.55
CA GLY D 326 28.67 19.19 9.94
C GLY D 326 29.10 17.78 10.30
N GLU D 327 29.98 17.66 11.30
CA GLU D 327 30.54 16.38 11.72
C GLU D 327 29.58 15.51 12.54
N ASN D 328 28.49 16.12 13.00
CA ASN D 328 27.41 15.39 13.67
C ASN D 328 26.31 15.02 12.69
N PHE D 329 25.88 13.76 12.77
CA PHE D 329 24.77 13.25 11.99
C PHE D 329 23.54 13.10 12.89
N GLY D 330 22.57 13.98 12.68
CA GLY D 330 21.35 14.04 13.49
C GLY D 330 21.33 15.32 14.30
N LYS D 331 20.16 15.65 14.89
CA LYS D 331 20.06 16.78 15.80
C LYS D 331 20.99 16.54 17.01
N LEU D 332 21.94 17.44 17.20
CA LEU D 332 22.94 17.28 18.25
C LEU D 332 22.36 17.62 19.63
N VAL D 333 22.46 16.66 20.57
CA VAL D 333 21.89 16.83 21.93
C VAL D 333 22.94 16.43 22.96
N LEU D 334 23.08 17.23 24.02
CA LEU D 334 24.01 16.95 25.12
C LEU D 334 23.23 16.41 26.31
N LYS D 335 23.45 15.15 26.68
CA LYS D 335 22.88 14.61 27.90
C LYS D 335 23.71 15.15 29.05
N VAL D 336 23.06 15.93 29.92
CA VAL D 336 23.69 16.44 31.16
C VAL D 336 23.78 15.29 32.15
N GLN E 6 14.52 14.13 52.70
CA GLN E 6 13.67 13.38 51.73
C GLN E 6 12.99 12.16 52.35
N ILE E 7 11.76 11.93 51.91
CA ILE E 7 10.89 10.86 52.42
C ILE E 7 10.53 9.90 51.26
N ASN E 8 10.65 8.59 51.51
CA ASN E 8 10.21 7.57 50.58
C ASN E 8 8.83 7.05 50.96
N ARG E 9 7.78 7.33 50.19
CA ARG E 9 6.49 6.71 50.46
C ARG E 9 6.50 5.32 49.84
N GLN E 10 5.92 4.33 50.52
CA GLN E 10 5.95 2.93 50.11
C GLN E 10 4.60 2.29 50.39
N TYR E 11 4.11 1.49 49.44
CA TYR E 11 2.98 0.61 49.70
C TYR E 11 3.50 -0.75 50.11
N GLN E 12 2.94 -1.29 51.18
CA GLN E 12 3.37 -2.59 51.66
C GLN E 12 2.16 -3.51 51.65
N LEU E 13 2.39 -4.80 51.48
CA LEU E 13 1.34 -5.79 51.67
C LEU E 13 0.98 -5.82 53.15
N ALA E 14 -0.22 -5.33 53.47
CA ALA E 14 -0.75 -5.36 54.82
C ALA E 14 -1.47 -6.69 55.17
N GLN E 15 -2.10 -7.32 54.19
CA GLN E 15 -2.78 -8.62 54.42
C GLN E 15 -3.01 -9.46 53.15
N ARG E 16 -2.99 -10.78 53.31
CA ARG E 16 -3.32 -11.71 52.23
C ARG E 16 -4.76 -11.56 51.79
N PRO E 17 -4.99 -11.25 50.50
CA PRO E 17 -6.33 -10.95 50.02
C PRO E 17 -7.18 -12.20 49.84
N SER E 18 -8.49 -12.04 49.98
CA SER E 18 -9.46 -13.13 49.80
C SER E 18 -9.80 -13.31 48.31
N GLY E 19 -10.61 -12.40 47.79
CA GLY E 19 -10.92 -12.42 46.35
C GLY E 19 -10.06 -11.36 45.69
N LEU E 20 -10.72 -10.32 45.19
CA LEU E 20 -10.05 -9.08 44.82
C LEU E 20 -9.45 -8.41 46.05
N PRO E 21 -8.24 -7.85 45.90
CA PRO E 21 -7.65 -6.89 46.83
C PRO E 21 -8.56 -5.68 47.09
N GLY E 22 -8.82 -5.38 48.35
CA GLY E 22 -9.61 -4.20 48.72
C GLY E 22 -8.74 -3.03 49.11
N ARG E 23 -9.14 -2.31 50.15
CA ARG E 23 -8.39 -1.14 50.62
C ARG E 23 -7.32 -1.51 51.65
N ASP E 24 -7.73 -2.30 52.63
CA ASP E 24 -6.89 -2.62 53.79
C ASP E 24 -5.90 -3.73 53.47
N THR E 25 -5.91 -4.16 52.22
CA THR E 25 -4.93 -5.10 51.73
C THR E 25 -3.51 -4.48 51.71
N PHE E 26 -3.41 -3.15 51.62
CA PHE E 26 -2.10 -2.46 51.59
C PHE E 26 -1.98 -1.32 52.62
N SER E 27 -0.80 -1.14 53.18
CA SER E 27 -0.52 0.06 53.98
C SER E 27 0.35 1.07 53.25
N PHE E 28 0.01 2.36 53.38
CA PHE E 28 0.84 3.45 52.85
C PHE E 28 1.74 3.96 53.96
N VAL E 29 3.04 3.74 53.82
CA VAL E 29 4.02 4.08 54.83
C VAL E 29 5.00 5.15 54.33
N GLU E 30 5.52 5.95 55.27
CA GLU E 30 6.55 6.92 55.00
C GLU E 30 7.84 6.47 55.67
N THR E 31 8.94 6.46 54.92
CA THR E 31 10.24 6.04 55.42
C THR E 31 11.29 7.08 55.02
N PRO E 32 12.27 7.35 55.88
CA PRO E 32 13.31 8.30 55.48
C PRO E 32 14.18 7.79 54.34
N LEU E 33 14.42 8.60 53.34
CA LEU E 33 15.20 8.14 52.21
C LEU E 33 16.69 8.17 52.56
N GLY E 34 17.35 7.02 52.53
CA GLY E 34 18.77 6.95 52.82
C GLY E 34 19.61 7.12 51.56
N GLU E 35 20.75 6.44 51.53
CA GLU E 35 21.63 6.34 50.38
C GLU E 35 21.98 4.88 50.23
N PRO E 36 22.51 4.47 49.04
CA PRO E 36 22.84 3.06 48.89
C PRO E 36 24.11 2.67 49.64
N ALA E 37 24.18 1.42 50.06
CA ALA E 37 25.45 0.84 50.54
C ALA E 37 26.19 0.25 49.32
N GLU E 38 27.39 -0.28 49.56
CA GLU E 38 28.19 -0.92 48.51
C GLU E 38 27.41 -2.01 47.80
N GLY E 39 27.54 -2.04 46.48
CA GLY E 39 26.83 -3.02 45.65
C GLY E 39 25.38 -2.67 45.45
N GLN E 40 24.96 -1.51 45.94
CA GLN E 40 23.55 -1.11 45.77
C GLN E 40 23.44 0.10 44.84
N ILE E 41 22.24 0.37 44.36
CA ILE E 41 21.95 1.63 43.68
C ILE E 41 20.74 2.31 44.30
N LEU E 42 20.63 3.62 44.09
CA LEU E 42 19.44 4.38 44.46
C LEU E 42 18.75 4.87 43.17
N VAL E 43 17.47 4.58 43.02
CA VAL E 43 16.74 4.92 41.82
C VAL E 43 15.52 5.76 42.16
N LYS E 44 15.31 6.86 41.43
CA LYS E 44 14.04 7.53 41.51
C LYS E 44 13.04 6.81 40.60
N ASN E 45 12.00 6.21 41.17
CA ASN E 45 11.00 5.51 40.37
C ASN E 45 10.14 6.50 39.57
N GLU E 46 9.99 6.23 38.28
CA GLU E 46 9.25 7.16 37.41
C GLU E 46 7.92 6.53 36.99
N TYR E 47 7.98 5.28 36.56
CA TYR E 47 6.79 4.58 36.09
C TYR E 47 6.76 3.20 36.66
N LEU E 48 5.57 2.73 37.01
CA LEU E 48 5.43 1.41 37.59
C LEU E 48 4.48 0.56 36.79
N SER E 49 4.85 -0.70 36.61
CA SER E 49 4.04 -1.63 35.85
C SER E 49 3.04 -2.27 36.80
N LEU E 50 1.76 -2.17 36.47
CA LEU E 50 0.73 -2.91 37.16
C LEU E 50 0.34 -4.13 36.32
N ASP E 51 0.57 -5.32 36.88
CA ASP E 51 0.47 -6.57 36.13
C ASP E 51 -0.50 -7.51 36.84
N PRO E 52 -1.23 -8.35 36.06
CA PRO E 52 -2.15 -9.32 36.71
C PRO E 52 -1.38 -10.25 37.65
N ALA E 53 -0.13 -10.52 37.35
CA ALA E 53 0.73 -11.34 38.21
C ALA E 53 0.80 -10.82 39.66
N MET E 54 0.37 -9.58 39.89
CA MET E 54 0.43 -8.99 41.23
C MET E 54 -0.46 -9.75 42.19
N ARG E 55 -1.62 -10.20 41.69
CA ARG E 55 -2.56 -11.01 42.45
C ARG E 55 -1.91 -12.30 42.97
N GLY E 56 -1.23 -13.03 42.09
CA GLY E 56 -0.51 -14.26 42.49
C GLY E 56 0.63 -14.05 43.48
N TRP E 57 1.32 -12.91 43.35
CA TRP E 57 2.43 -12.55 44.25
C TRP E 57 2.00 -12.33 45.68
N MET E 58 0.75 -11.94 45.84
CA MET E 58 0.13 -11.77 47.14
C MET E 58 -0.27 -13.09 47.80
N ASN E 59 -0.31 -14.19 47.05
CA ASN E 59 -0.77 -15.47 47.60
C ASN E 59 0.30 -16.24 48.32
N ASP E 60 -0.07 -16.78 49.48
CA ASP E 60 0.77 -17.67 50.29
C ASP E 60 0.83 -19.08 49.67
N ALA E 61 1.47 -19.17 48.51
CA ALA E 61 1.52 -20.41 47.74
C ALA E 61 2.82 -20.55 46.96
N ARG E 62 3.23 -21.80 46.73
CA ARG E 62 4.40 -22.10 45.89
C ARG E 62 4.07 -21.77 44.43
N SER E 63 5.02 -21.11 43.76
CA SER E 63 4.85 -20.66 42.38
C SER E 63 6.20 -20.59 41.69
N TYR E 64 6.29 -19.80 40.61
CA TYR E 64 7.54 -19.61 39.85
C TYR E 64 8.50 -18.68 40.58
N ILE E 65 7.95 -17.73 41.35
CA ILE E 65 8.69 -16.90 42.31
C ILE E 65 7.96 -16.88 43.67
N PRO E 66 8.71 -16.69 44.78
CA PRO E 66 8.12 -16.62 46.13
C PRO E 66 7.08 -15.49 46.23
N PRO E 67 6.09 -15.65 47.12
CA PRO E 67 5.11 -14.57 47.29
C PRO E 67 5.70 -13.34 47.99
N VAL E 68 5.00 -12.22 47.99
CA VAL E 68 5.42 -11.05 48.75
C VAL E 68 5.08 -11.29 50.23
N GLY E 69 6.01 -11.02 51.15
CA GLY E 69 5.72 -11.13 52.58
C GLY E 69 4.80 -10.03 53.10
N ILE E 70 4.06 -10.33 54.16
CA ILE E 70 3.30 -9.33 54.91
C ILE E 70 4.30 -8.32 55.48
N GLY E 71 4.05 -7.04 55.24
CA GLY E 71 4.98 -6.00 55.62
C GLY E 71 6.05 -5.62 54.59
N GLU E 72 6.23 -6.43 53.55
CA GLU E 72 7.17 -6.08 52.47
C GLU E 72 6.54 -5.06 51.53
N VAL E 73 7.39 -4.16 51.02
CA VAL E 73 7.04 -3.30 49.90
C VAL E 73 6.49 -4.20 48.77
N MET E 74 5.35 -3.81 48.24
CA MET E 74 4.69 -4.56 47.17
C MET E 74 5.61 -4.63 45.96
N ARG E 75 5.81 -5.84 45.45
CA ARG E 75 6.59 -6.09 44.24
C ARG E 75 5.96 -5.40 43.04
N ALA E 76 6.79 -4.75 42.24
CA ALA E 76 6.38 -4.14 40.99
C ALA E 76 7.61 -3.92 40.15
N LEU E 77 7.48 -4.22 38.85
CA LEU E 77 8.51 -3.86 37.89
C LEU E 77 8.31 -2.41 37.61
N GLY E 78 9.39 -1.71 37.31
CA GLY E 78 9.27 -0.30 37.04
C GLY E 78 10.47 0.23 36.27
N VAL E 79 10.34 1.47 35.82
CA VAL E 79 11.45 2.20 35.21
C VAL E 79 11.74 3.45 36.03
N GLY E 80 13.02 3.73 36.22
CA GLY E 80 13.41 4.92 36.93
C GLY E 80 14.84 5.34 36.63
N LYS E 81 15.25 6.43 37.27
CA LYS E 81 16.53 7.03 37.01
C LYS E 81 17.49 6.72 38.15
N VAL E 82 18.67 6.22 37.84
CA VAL E 82 19.72 6.01 38.83
C VAL E 82 20.23 7.38 39.33
N LEU E 83 20.07 7.63 40.63
CA LEU E 83 20.56 8.87 41.23
C LEU E 83 21.97 8.65 41.77
N VAL E 84 22.16 7.54 42.48
CA VAL E 84 23.47 7.18 43.04
C VAL E 84 23.75 5.68 42.84
N SER E 85 24.94 5.36 42.37
CA SER E 85 25.34 3.98 42.14
C SER E 85 26.61 3.57 42.89
N LYS E 86 26.58 2.41 43.54
CA LYS E 86 27.78 1.80 44.14
C LYS E 86 27.95 0.40 43.58
N HIS E 87 27.64 0.32 42.28
CA HIS E 87 27.60 -0.92 41.52
C HIS E 87 28.21 -0.67 40.16
N PRO E 88 29.17 -1.53 39.75
CA PRO E 88 29.99 -1.16 38.58
C PRO E 88 29.26 -1.06 37.23
N GLY E 89 28.09 -1.68 37.12
CA GLY E 89 27.32 -1.66 35.87
C GLY E 89 26.29 -0.56 35.70
N PHE E 90 26.27 0.39 36.65
CA PHE E 90 25.28 1.46 36.66
C PHE E 90 25.94 2.74 37.12
N GLN E 91 25.52 3.86 36.53
CA GLN E 91 26.00 5.17 36.93
C GLN E 91 24.84 6.13 37.01
N ALA E 92 24.99 7.19 37.79
CA ALA E 92 23.96 8.20 37.91
C ALA E 92 23.55 8.72 36.52
N GLY E 93 22.26 8.82 36.29
CA GLY E 93 21.78 9.29 35.00
C GLY E 93 21.30 8.16 34.13
N ASP E 94 21.76 6.92 34.36
CA ASP E 94 21.20 5.74 33.69
C ASP E 94 19.73 5.58 34.04
N TYR E 95 18.96 5.17 33.05
CA TYR E 95 17.60 4.69 33.27
C TYR E 95 17.59 3.17 33.31
N VAL E 96 16.86 2.62 34.26
CA VAL E 96 16.83 1.18 34.49
C VAL E 96 15.42 0.66 34.50
N ASN E 97 15.27 -0.58 34.05
CA ASN E 97 14.07 -1.35 34.28
C ASN E 97 14.42 -2.39 35.36
N GLY E 98 13.54 -2.61 36.32
CA GLY E 98 13.80 -3.67 37.30
C GLY E 98 12.66 -3.77 38.27
N ALA E 99 12.83 -4.59 39.31
CA ALA E 99 11.81 -4.73 40.33
C ALA E 99 11.98 -3.58 41.33
N LEU E 100 11.27 -2.49 41.08
CA LEU E 100 11.55 -1.25 41.77
C LEU E 100 10.63 -1.10 42.97
N GLY E 101 9.53 -1.86 43.00
CA GLY E 101 8.58 -1.81 44.10
C GLY E 101 7.62 -0.64 44.02
N VAL E 102 6.49 -0.76 44.73
CA VAL E 102 5.49 0.29 44.69
C VAL E 102 5.89 1.37 45.69
N GLN E 103 6.78 2.27 45.27
CA GLN E 103 7.34 3.30 46.16
C GLN E 103 7.97 4.39 45.31
N ASP E 104 8.33 5.52 45.94
CA ASP E 104 8.96 6.64 45.24
C ASP E 104 10.38 6.28 44.82
N TYR E 105 11.09 5.55 45.66
CA TYR E 105 12.52 5.34 45.45
C TYR E 105 12.89 3.90 45.72
N PHE E 106 13.85 3.38 44.96
CA PHE E 106 14.36 2.04 45.20
C PHE E 106 15.78 2.17 45.67
N ILE E 107 16.13 1.49 46.76
CA ILE E 107 17.51 1.32 47.16
C ILE E 107 17.74 -0.16 47.43
N GLY E 108 18.72 -0.75 46.72
CA GLY E 108 19.05 -2.15 46.89
C GLY E 108 19.99 -2.67 45.80
N GLU E 109 20.17 -3.97 45.79
CA GLU E 109 20.98 -4.60 44.77
C GLU E 109 20.17 -4.65 43.50
N PRO E 110 20.76 -4.20 42.39
CA PRO E 110 20.03 -4.15 41.13
C PRO E 110 19.91 -5.54 40.47
N LYS E 111 19.37 -6.49 41.21
CA LYS E 111 19.29 -7.88 40.75
C LYS E 111 18.30 -8.02 39.61
N GLY E 112 18.81 -8.44 38.45
CA GLY E 112 17.98 -8.61 37.25
C GLY E 112 17.54 -7.31 36.60
N PHE E 113 18.15 -6.19 37.02
CA PHE E 113 17.88 -4.87 36.47
C PHE E 113 18.63 -4.76 35.15
N TYR E 114 18.10 -4.00 34.18
CA TYR E 114 18.93 -3.65 33.02
C TYR E 114 18.70 -2.21 32.59
N LYS E 115 19.71 -1.61 31.98
CA LYS E 115 19.62 -0.25 31.47
C LYS E 115 18.75 -0.18 30.22
N VAL E 116 17.95 0.88 30.15
CA VAL E 116 17.15 1.13 28.97
C VAL E 116 17.61 2.44 28.39
N ASP E 117 17.57 2.54 27.06
CA ASP E 117 18.04 3.69 26.30
C ASP E 117 16.88 4.66 26.12
N PRO E 118 16.87 5.76 26.87
CA PRO E 118 15.76 6.72 26.84
C PRO E 118 15.56 7.45 25.48
N SER E 119 16.58 7.40 24.62
CA SER E 119 16.49 7.98 23.28
C SER E 119 15.76 7.12 22.27
N ARG E 120 15.56 5.83 22.56
CA ARG E 120 14.96 4.92 21.58
C ARG E 120 13.46 4.75 21.76
N ALA E 121 12.95 5.07 22.95
CA ALA E 121 11.53 4.93 23.23
C ALA E 121 11.06 5.79 24.41
N PRO E 122 9.75 6.09 24.43
CA PRO E 122 9.18 6.73 25.62
C PRO E 122 9.41 5.83 26.81
N LEU E 123 9.85 6.41 27.93
CA LEU E 123 10.11 5.64 29.14
C LEU E 123 9.03 4.62 29.53
N PRO E 124 7.74 4.98 29.49
CA PRO E 124 6.74 3.94 29.87
C PRO E 124 6.69 2.71 28.95
N ARG E 125 7.10 2.87 27.68
CA ARG E 125 7.16 1.75 26.74
C ARG E 125 8.14 0.69 27.20
N TYR E 126 9.10 1.07 28.02
CA TYR E 126 9.98 0.04 28.62
C TYR E 126 9.29 -0.80 29.69
N LEU E 127 7.98 -0.61 29.88
CA LEU E 127 7.17 -1.54 30.72
C LEU E 127 6.16 -2.36 29.90
N SER E 128 6.00 -1.96 28.64
CA SER E 128 4.99 -2.60 27.80
C SER E 128 5.70 -3.35 26.69
N ALA E 129 5.54 -2.90 25.44
CA ALA E 129 6.15 -3.61 24.30
C ALA E 129 7.67 -3.72 24.39
N LEU E 130 8.32 -2.73 24.97
CA LEU E 130 9.78 -2.82 25.10
C LEU E 130 10.17 -3.22 26.53
N GLY E 131 9.25 -3.86 27.23
CA GLY E 131 9.50 -4.35 28.57
C GLY E 131 8.94 -5.75 28.74
N MET E 132 8.57 -6.08 29.98
CA MET E 132 8.18 -7.45 30.33
C MET E 132 7.01 -8.00 29.50
N THR E 133 5.97 -7.21 29.28
CA THR E 133 4.78 -7.77 28.59
C THR E 133 5.04 -8.02 27.08
N GLY E 134 5.78 -7.11 26.45
CA GLY E 134 6.22 -7.29 25.09
C GLY E 134 7.18 -8.48 24.97
N MET E 135 8.07 -8.65 25.94
CA MET E 135 8.99 -9.79 25.91
C MET E 135 8.25 -11.10 26.14
N THR E 136 7.19 -11.05 26.92
CA THR E 136 6.34 -12.21 27.14
C THR E 136 5.71 -12.64 25.81
N ALA E 137 5.02 -11.70 25.15
CA ALA E 137 4.46 -11.96 23.82
C ALA E 137 5.50 -12.52 22.86
N TYR E 138 6.66 -11.87 22.80
CA TYR E 138 7.73 -12.23 21.88
C TYR E 138 8.21 -13.67 22.04
N PHE E 139 8.74 -14.00 23.22
CA PHE E 139 9.22 -15.36 23.49
C PHE E 139 8.15 -16.42 23.58
N ALA E 140 7.01 -16.09 24.17
CA ALA E 140 5.96 -17.07 24.19
C ALA E 140 5.44 -17.41 22.78
N LEU E 141 5.16 -16.41 21.95
CA LEU E 141 4.64 -16.72 20.63
C LEU E 141 5.72 -17.40 19.79
N LEU E 142 6.91 -16.82 19.76
CA LEU E 142 7.92 -17.26 18.81
C LEU E 142 8.62 -18.56 19.24
N ASP E 143 8.90 -18.70 20.53
CA ASP E 143 9.58 -19.91 20.98
C ASP E 143 8.62 -21.05 21.26
N VAL E 144 7.45 -20.74 21.83
CA VAL E 144 6.49 -21.78 22.17
C VAL E 144 5.41 -21.96 21.09
N GLY E 145 4.83 -20.88 20.58
CA GLY E 145 3.79 -21.02 19.59
C GLY E 145 4.34 -21.43 18.22
N GLN E 146 5.58 -21.01 17.91
CA GLN E 146 6.21 -21.22 16.58
C GLN E 146 5.27 -21.01 15.38
N PRO E 147 4.65 -19.83 15.30
CA PRO E 147 3.71 -19.64 14.20
C PRO E 147 4.44 -19.58 12.85
N LYS E 148 3.76 -19.99 11.79
CA LYS E 148 4.37 -20.03 10.47
C LYS E 148 3.49 -19.27 9.53
N ASN E 149 4.05 -18.83 8.41
CA ASN E 149 3.29 -18.18 7.35
C ASN E 149 2.05 -18.93 6.95
N GLY E 150 0.95 -18.20 6.84
CA GLY E 150 -0.33 -18.77 6.45
C GLY E 150 -1.14 -19.46 7.54
N GLU E 151 -0.55 -19.68 8.72
CA GLU E 151 -1.25 -20.28 9.85
C GLU E 151 -2.26 -19.30 10.45
N THR E 152 -3.31 -19.82 11.06
CA THR E 152 -4.28 -18.98 11.76
C THR E 152 -3.89 -18.93 13.25
N VAL E 153 -3.70 -17.72 13.78
CA VAL E 153 -3.30 -17.56 15.17
C VAL E 153 -4.46 -16.84 15.87
N VAL E 154 -4.95 -17.43 16.97
CA VAL E 154 -6.01 -16.82 17.79
C VAL E 154 -5.39 -16.34 19.11
N ILE E 155 -5.75 -15.14 19.52
CA ILE E 155 -5.19 -14.51 20.71
C ILE E 155 -6.34 -14.17 21.67
N SER E 156 -6.28 -14.70 22.90
CA SER E 156 -7.26 -14.26 23.92
C SER E 156 -6.66 -13.08 24.67
N GLY E 157 -7.50 -12.30 25.35
CA GLY E 157 -7.04 -11.06 26.01
C GLY E 157 -6.30 -10.17 25.01
N ALA E 158 -6.83 -10.14 23.79
CA ALA E 158 -6.12 -9.65 22.59
C ALA E 158 -5.86 -8.17 22.57
N ALA E 159 -6.70 -7.36 23.22
CA ALA E 159 -6.47 -5.91 23.33
C ALA E 159 -5.57 -5.57 24.51
N GLY E 160 -5.24 -6.56 25.32
CA GLY E 160 -4.35 -6.38 26.47
C GLY E 160 -2.90 -6.20 26.12
N ALA E 161 -2.06 -6.07 27.13
CA ALA E 161 -0.65 -5.77 26.94
C ALA E 161 0.13 -6.87 26.17
N VAL E 162 0.02 -8.10 26.64
CA VAL E 162 0.71 -9.23 26.02
C VAL E 162 0.02 -9.58 24.70
N GLY E 163 -1.31 -9.70 24.73
CA GLY E 163 -2.08 -10.11 23.56
C GLY E 163 -1.97 -9.20 22.32
N SER E 164 -1.99 -7.89 22.54
CA SER E 164 -1.96 -6.93 21.44
C SER E 164 -0.60 -6.97 20.72
N VAL E 165 0.46 -7.23 21.46
CA VAL E 165 1.78 -7.39 20.87
C VAL E 165 1.95 -8.76 20.17
N ALA E 166 1.48 -9.82 20.82
CA ALA E 166 1.58 -11.15 20.25
C ALA E 166 0.88 -11.19 18.90
N GLY E 167 -0.30 -10.59 18.83
CA GLY E 167 -1.10 -10.62 17.62
C GLY E 167 -0.40 -9.88 16.46
N GLN E 168 0.27 -8.78 16.77
CA GLN E 168 0.98 -7.99 15.76
C GLN E 168 2.23 -8.69 15.27
N ILE E 169 2.93 -9.34 16.18
CA ILE E 169 4.07 -10.16 15.76
C ILE E 169 3.61 -11.29 14.82
N ALA E 170 2.50 -11.94 15.17
CA ALA E 170 1.98 -13.01 14.34
C ALA E 170 1.62 -12.47 12.94
N ARG E 171 1.01 -11.29 12.87
CA ARG E 171 0.77 -10.62 11.59
C ARG E 171 2.07 -10.45 10.83
N LEU E 172 3.12 -10.08 11.54
CA LEU E 172 4.39 -9.83 10.89
C LEU E 172 5.07 -11.13 10.46
N LYS E 173 4.57 -12.29 10.93
CA LYS E 173 5.09 -13.58 10.49
C LYS E 173 4.32 -14.18 9.30
N GLY E 174 3.37 -13.42 8.75
CA GLY E 174 2.55 -13.93 7.64
C GLY E 174 1.26 -14.64 8.05
N CYS E 175 0.88 -14.55 9.32
CA CYS E 175 -0.29 -15.29 9.82
C CYS E 175 -1.61 -14.56 9.64
N ARG E 176 -2.69 -15.33 9.56
CA ARG E 176 -4.03 -14.80 9.77
C ARG E 176 -4.25 -14.70 11.30
N VAL E 177 -4.65 -13.53 11.77
CA VAL E 177 -4.64 -13.25 13.19
C VAL E 177 -6.03 -12.87 13.63
N VAL E 178 -6.61 -13.64 14.56
CA VAL E 178 -7.95 -13.37 15.09
C VAL E 178 -7.85 -13.11 16.59
N GLY E 179 -8.43 -11.98 17.01
CA GLY E 179 -8.35 -11.56 18.40
C GLY E 179 -9.67 -11.79 19.13
N ILE E 180 -9.61 -12.26 20.36
CA ILE E 180 -10.83 -12.35 21.17
C ILE E 180 -10.76 -11.24 22.22
N ALA E 181 -11.71 -10.32 22.23
CA ALA E 181 -11.58 -9.21 23.20
C ALA E 181 -12.94 -8.67 23.60
N GLY E 182 -13.01 -7.95 24.72
CA GLY E 182 -14.32 -7.52 25.23
C GLY E 182 -14.72 -6.12 24.85
N GLY E 183 -15.89 -5.99 24.23
CA GLY E 183 -16.38 -4.68 23.81
C GLY E 183 -16.03 -4.32 22.39
N ALA E 184 -16.89 -3.45 21.84
CA ALA E 184 -16.81 -2.98 20.46
C ALA E 184 -15.57 -2.15 20.23
N GLU E 185 -15.20 -1.33 21.22
CA GLU E 185 -14.06 -0.44 21.10
C GLU E 185 -12.76 -1.21 20.99
N LYS E 186 -12.57 -2.19 21.88
CA LYS E 186 -11.40 -3.02 21.87
C LYS E 186 -11.27 -3.82 20.58
N CYS E 187 -12.38 -4.35 20.07
CA CYS E 187 -12.39 -5.13 18.85
C CYS E 187 -12.06 -4.33 17.58
N ARG E 188 -12.65 -3.14 17.44
CA ARG E 188 -12.31 -2.18 16.38
C ARG E 188 -10.81 -1.83 16.40
N PHE E 189 -10.29 -1.55 17.59
CA PHE E 189 -8.89 -1.24 17.81
C PHE E 189 -7.97 -2.33 17.24
N LEU E 190 -8.33 -3.59 17.49
CA LEU E 190 -7.57 -4.73 17.01
C LEU E 190 -7.45 -4.72 15.48
N VAL E 191 -8.57 -4.54 14.81
CA VAL E 191 -8.63 -4.62 13.35
C VAL E 191 -8.08 -3.34 12.68
N GLU E 192 -8.61 -2.18 13.09
CA GLU E 192 -8.33 -0.91 12.41
C GLU E 192 -6.98 -0.34 12.77
N GLU E 193 -6.53 -0.57 13.99
CA GLU E 193 -5.29 0.02 14.42
C GLU E 193 -4.17 -0.98 14.43
N LEU E 194 -4.43 -2.20 14.91
CA LEU E 194 -3.36 -3.19 15.04
C LEU E 194 -3.21 -4.13 13.86
N GLY E 195 -4.13 -4.07 12.89
CA GLY E 195 -4.02 -4.90 11.68
C GLY E 195 -4.38 -6.37 11.82
N PHE E 196 -5.11 -6.72 12.89
CA PHE E 196 -5.63 -8.08 13.07
C PHE E 196 -6.58 -8.33 11.90
N ASP E 197 -6.62 -9.57 11.41
CA ASP E 197 -7.57 -9.91 10.33
C ASP E 197 -9.01 -9.96 10.83
N GLY E 198 -9.18 -10.38 12.08
CA GLY E 198 -10.54 -10.50 12.63
C GLY E 198 -10.56 -10.28 14.13
N ALA E 199 -11.73 -9.95 14.65
CA ALA E 199 -11.92 -9.73 16.07
C ALA E 199 -13.27 -10.34 16.45
N ILE E 200 -13.29 -11.10 17.54
CA ILE E 200 -14.56 -11.62 18.07
C ILE E 200 -14.85 -10.95 19.40
N ASP E 201 -16.02 -10.30 19.49
CA ASP E 201 -16.37 -9.58 20.74
C ASP E 201 -17.07 -10.60 21.62
N TYR E 202 -16.35 -11.19 22.58
CA TYR E 202 -16.95 -12.23 23.45
C TYR E 202 -18.04 -11.71 24.39
N LYS E 203 -18.01 -10.41 24.69
CA LYS E 203 -19.08 -9.82 25.50
C LYS E 203 -20.39 -9.64 24.73
N ASN E 204 -20.31 -9.58 23.40
CA ASN E 204 -21.48 -9.20 22.59
C ASN E 204 -21.86 -10.16 21.47
N GLU E 205 -21.06 -11.20 21.26
CA GLU E 205 -21.42 -12.17 20.23
C GLU E 205 -20.97 -13.55 20.64
N ASP E 206 -21.52 -14.56 19.99
CA ASP E 206 -21.17 -15.92 20.33
C ASP E 206 -19.76 -16.29 19.88
N LEU E 207 -18.95 -16.77 20.83
CA LEU E 207 -17.56 -17.08 20.55
C LEU E 207 -17.39 -18.20 19.55
N ALA E 208 -18.11 -19.29 19.76
CA ALA E 208 -18.08 -20.42 18.83
C ALA E 208 -18.46 -19.99 17.42
N ALA E 209 -19.51 -19.19 17.29
CA ALA E 209 -19.93 -18.68 15.96
C ALA E 209 -18.86 -17.75 15.37
N GLY E 210 -18.27 -16.91 16.21
CA GLY E 210 -17.14 -16.05 15.83
C GLY E 210 -15.96 -16.82 15.23
N LEU E 211 -15.51 -17.85 15.95
CA LEU E 211 -14.39 -18.69 15.50
C LEU E 211 -14.71 -19.44 14.19
N LYS E 212 -15.95 -19.90 14.04
CA LYS E 212 -16.36 -20.51 12.77
C LYS E 212 -16.26 -19.51 11.60
N ARG E 213 -16.68 -18.27 11.82
CA ARG E 213 -16.61 -17.25 10.80
C ARG E 213 -15.15 -16.86 10.51
N GLU E 214 -14.38 -16.62 11.57
CA GLU E 214 -13.05 -16.02 11.44
C GLU E 214 -11.94 -17.00 11.16
N CYS E 215 -12.17 -18.27 11.46
CA CYS E 215 -11.13 -19.26 11.37
C CYS E 215 -11.60 -20.45 10.54
N PRO E 216 -11.74 -20.25 9.22
CA PRO E 216 -12.26 -21.33 8.36
C PRO E 216 -11.38 -22.58 8.31
N LYS E 217 -10.06 -22.42 8.46
CA LYS E 217 -9.19 -23.59 8.45
C LYS E 217 -8.81 -24.11 9.85
N GLY E 218 -9.63 -23.77 10.85
CA GLY E 218 -9.26 -24.13 12.23
C GLY E 218 -8.16 -23.22 12.80
N ILE E 219 -7.63 -23.58 13.97
CA ILE E 219 -6.70 -22.71 14.66
C ILE E 219 -5.37 -23.40 14.81
N ASP E 220 -4.30 -22.78 14.31
CA ASP E 220 -2.98 -23.42 14.42
C ASP E 220 -2.23 -23.06 15.68
N VAL E 221 -2.42 -21.83 16.16
CA VAL E 221 -1.77 -21.35 17.37
C VAL E 221 -2.83 -20.62 18.18
N PHE E 222 -2.95 -21.00 19.44
CA PHE E 222 -3.78 -20.25 20.38
C PHE E 222 -2.90 -19.68 21.44
N PHE E 223 -2.85 -18.35 21.49
CA PHE E 223 -2.08 -17.67 22.52
C PHE E 223 -3.06 -17.41 23.66
N ASP E 224 -2.93 -18.13 24.77
CA ASP E 224 -3.95 -18.05 25.83
C ASP E 224 -3.47 -17.20 27.01
N ASN E 225 -4.16 -16.10 27.22
CA ASN E 225 -3.89 -15.20 28.33
C ASN E 225 -5.01 -15.32 29.39
N VAL E 226 -6.08 -16.06 29.07
CA VAL E 226 -7.37 -15.95 29.74
C VAL E 226 -7.83 -17.24 30.45
N GLY E 227 -7.74 -18.39 29.79
CA GLY E 227 -8.13 -19.65 30.37
C GLY E 227 -9.63 -19.72 30.39
N GLY E 228 -10.19 -20.47 31.34
CA GLY E 228 -11.64 -20.56 31.51
C GLY E 228 -12.39 -21.08 30.31
N GLU E 229 -13.59 -20.57 30.09
CA GLU E 229 -14.43 -21.07 29.01
C GLU E 229 -13.96 -20.65 27.61
N ILE E 230 -13.31 -19.49 27.50
CA ILE E 230 -12.69 -19.06 26.25
C ILE E 230 -11.65 -20.07 25.78
N LEU E 231 -10.74 -20.47 26.67
CA LEU E 231 -9.86 -21.59 26.38
C LEU E 231 -10.62 -22.83 25.90
N ASP E 232 -11.69 -23.17 26.61
CA ASP E 232 -12.35 -24.44 26.34
C ASP E 232 -13.05 -24.39 25.00
N THR E 233 -13.61 -23.22 24.68
CA THR E 233 -14.33 -23.06 23.41
C THR E 233 -13.34 -23.06 22.24
N VAL E 234 -12.17 -22.44 22.44
CA VAL E 234 -11.17 -22.41 21.40
C VAL E 234 -10.67 -23.81 21.06
N LEU E 235 -10.51 -24.64 22.09
CA LEU E 235 -10.06 -26.03 21.91
C LEU E 235 -10.89 -26.82 20.91
N THR E 236 -12.18 -26.49 20.78
CA THR E 236 -13.04 -27.23 19.84
C THR E 236 -12.72 -26.95 18.37
N ARG E 237 -11.91 -25.92 18.10
CA ARG E 237 -11.62 -25.51 16.72
C ARG E 237 -10.14 -25.54 16.37
N ILE E 238 -9.29 -26.14 17.21
CA ILE E 238 -7.88 -26.18 16.88
C ILE E 238 -7.65 -27.12 15.70
N ALA E 239 -6.58 -26.89 14.95
CA ALA E 239 -6.27 -27.67 13.79
C ALA E 239 -5.27 -28.74 14.20
N PHE E 240 -5.12 -29.71 13.31
CA PHE E 240 -4.01 -30.66 13.31
C PHE E 240 -2.67 -30.02 13.63
N LYS E 241 -2.00 -30.53 14.67
CA LYS E 241 -0.70 -30.05 15.12
C LYS E 241 -0.72 -28.61 15.68
N ALA E 242 -1.88 -28.18 16.17
CA ALA E 242 -2.01 -26.87 16.82
C ALA E 242 -1.09 -26.74 18.03
N ARG E 243 -0.66 -25.52 18.31
CA ARG E 243 0.11 -25.23 19.53
C ARG E 243 -0.70 -24.24 20.37
N ILE E 244 -0.79 -24.52 21.66
CA ILE E 244 -1.52 -23.70 22.59
C ILE E 244 -0.49 -23.20 23.57
N VAL E 245 -0.33 -21.88 23.60
CA VAL E 245 0.71 -21.28 24.41
C VAL E 245 0.00 -20.86 25.69
N LEU E 246 0.41 -21.44 26.82
CA LEU E 246 -0.20 -21.08 28.11
C LEU E 246 0.60 -19.95 28.71
N CYS E 247 0.07 -18.75 28.55
CA CYS E 247 0.76 -17.58 29.01
C CYS E 247 0.17 -17.17 30.37
N GLY E 248 -1.16 -17.17 30.45
CA GLY E 248 -1.85 -16.80 31.67
C GLY E 248 -3.24 -17.39 31.70
N ALA E 249 -3.94 -17.14 32.81
CA ALA E 249 -5.29 -17.59 33.00
C ALA E 249 -6.04 -16.55 33.82
N ILE E 250 -6.02 -15.30 33.34
CA ILE E 250 -6.56 -14.20 34.10
C ILE E 250 -8.02 -14.40 34.58
N SER E 251 -8.83 -15.14 33.82
CA SER E 251 -10.19 -15.41 34.28
C SER E 251 -10.24 -16.23 35.60
N GLN E 252 -9.08 -16.68 36.08
CA GLN E 252 -8.98 -17.60 37.22
C GLN E 252 -8.22 -17.03 38.42
N TYR E 253 -7.64 -15.85 38.26
CA TYR E 253 -7.08 -15.15 39.42
C TYR E 253 -8.27 -14.45 40.09
N ASN E 254 -8.18 -14.21 41.39
CA ASN E 254 -9.28 -13.55 42.13
C ASN E 254 -10.54 -14.38 42.32
N ASN E 255 -10.56 -15.60 41.78
CA ASN E 255 -11.64 -16.53 42.08
C ASN E 255 -11.36 -17.22 43.42
N LYS E 256 -12.41 -17.46 44.20
CA LYS E 256 -12.24 -18.14 45.49
C LYS E 256 -11.97 -19.64 45.30
N GLU E 257 -12.36 -20.15 44.14
CA GLU E 257 -12.31 -21.58 43.83
C GLU E 257 -10.95 -22.05 43.30
N ALA E 258 -10.82 -23.36 43.17
CA ALA E 258 -9.73 -23.92 42.37
C ALA E 258 -10.03 -23.63 40.89
N VAL E 259 -8.99 -23.70 40.08
CA VAL E 259 -9.06 -23.40 38.65
C VAL E 259 -10.10 -24.24 37.91
N ARG E 260 -10.80 -23.63 36.95
CA ARG E 260 -11.64 -24.36 36.02
C ARG E 260 -10.76 -24.94 34.91
N GLY E 261 -10.62 -26.27 34.93
CA GLY E 261 -9.83 -26.99 33.93
C GLY E 261 -10.56 -27.25 32.62
N PRO E 262 -9.80 -27.42 31.52
CA PRO E 262 -10.44 -27.50 30.20
C PRO E 262 -11.09 -28.85 29.89
N ALA E 263 -12.42 -28.88 29.84
CA ALA E 263 -13.17 -30.09 29.56
C ALA E 263 -12.95 -30.64 28.16
N ASN E 264 -12.44 -29.77 27.28
CA ASN E 264 -12.29 -30.11 25.87
C ASN E 264 -10.83 -30.48 25.58
N TYR E 265 -10.08 -30.79 26.64
CA TYR E 265 -8.65 -31.02 26.48
C TYR E 265 -8.31 -32.20 25.59
N LEU E 266 -9.25 -33.13 25.40
CA LEU E 266 -8.99 -34.30 24.57
C LEU E 266 -8.89 -33.97 23.09
N SER E 267 -9.34 -32.77 22.74
CA SER E 267 -9.06 -32.18 21.43
C SER E 267 -7.57 -32.17 21.14
N LEU E 268 -6.75 -32.06 22.18
CA LEU E 268 -5.30 -32.15 22.01
C LEU E 268 -4.92 -33.53 21.49
N LEU E 269 -5.72 -34.54 21.83
CA LEU E 269 -5.47 -35.88 21.37
C LEU E 269 -5.96 -35.99 19.94
N VAL E 270 -7.23 -35.64 19.73
CA VAL E 270 -7.85 -35.69 18.42
C VAL E 270 -7.03 -34.94 17.37
N ASN E 271 -6.49 -33.79 17.74
CA ASN E 271 -5.77 -32.96 16.79
C ASN E 271 -4.26 -33.10 16.92
N ARG E 272 -3.80 -33.97 17.83
CA ARG E 272 -2.38 -34.23 18.00
C ARG E 272 -1.67 -32.92 18.21
N ALA E 273 -2.22 -32.13 19.14
CA ALA E 273 -1.74 -30.79 19.44
C ALA E 273 -0.98 -30.75 20.75
N ARG E 274 -0.37 -29.61 21.03
CA ARG E 274 0.53 -29.44 22.15
C ARG E 274 0.10 -28.20 22.93
N MET E 275 0.08 -28.33 24.27
CA MET E 275 -0.26 -27.23 25.18
C MET E 275 0.91 -27.04 26.13
N GLU E 276 1.48 -25.84 26.13
CA GLU E 276 2.74 -25.63 26.82
C GLU E 276 2.78 -24.30 27.55
N GLY E 277 3.26 -24.31 28.80
CA GLY E 277 3.38 -23.10 29.62
C GLY E 277 4.75 -22.49 29.49
N MET E 278 4.87 -21.20 29.79
CA MET E 278 6.19 -20.54 29.80
C MET E 278 6.19 -19.45 30.86
N VAL E 279 7.38 -18.95 31.16
CA VAL E 279 7.59 -17.93 32.14
C VAL E 279 8.61 -17.01 31.52
N VAL E 280 8.25 -15.72 31.35
CA VAL E 280 9.09 -14.82 30.53
C VAL E 280 10.50 -14.67 31.07
N MET E 281 10.66 -14.71 32.40
CA MET E 281 11.98 -14.50 33.01
C MET E 281 12.99 -15.60 32.67
N ASP E 282 12.50 -16.76 32.28
CA ASP E 282 13.37 -17.80 31.71
C ASP E 282 14.12 -17.35 30.47
N TYR E 283 13.64 -16.26 29.85
CA TYR E 283 14.25 -15.76 28.63
C TYR E 283 15.11 -14.52 28.82
N ALA E 284 15.39 -14.15 30.07
CA ALA E 284 16.07 -12.88 30.39
C ALA E 284 17.35 -12.62 29.62
N GLN E 285 18.17 -13.65 29.49
CA GLN E 285 19.46 -13.50 28.83
C GLN E 285 19.31 -13.18 27.33
N ARG E 286 18.09 -13.37 26.82
CA ARG E 286 17.79 -13.15 25.43
C ARG E 286 17.03 -11.83 25.20
N PHE E 287 16.65 -11.14 26.28
CA PHE E 287 15.92 -9.87 26.17
C PHE E 287 16.62 -8.89 25.24
N PRO E 288 17.96 -8.77 25.33
CA PRO E 288 18.57 -7.79 24.44
C PRO E 288 18.28 -8.04 22.95
N GLU E 289 18.23 -9.28 22.46
CA GLU E 289 17.87 -9.48 21.05
C GLU E 289 16.38 -9.24 20.75
N GLY E 290 15.53 -9.59 21.71
CA GLY E 290 14.11 -9.31 21.60
C GLY E 290 13.82 -7.82 21.56
N LEU E 291 14.48 -7.06 22.42
CA LEU E 291 14.29 -5.61 22.51
C LEU E 291 14.78 -4.93 21.25
N LYS E 292 15.94 -5.37 20.77
CA LYS E 292 16.49 -4.84 19.54
C LYS E 292 15.49 -4.99 18.39
N GLU E 293 14.86 -6.15 18.25
CA GLU E 293 13.92 -6.32 17.14
C GLU E 293 12.64 -5.51 17.36
N MET E 294 12.07 -5.64 18.57
CA MET E 294 10.86 -4.90 18.92
C MET E 294 11.01 -3.40 18.68
N ALA E 295 12.17 -2.85 19.02
CA ALA E 295 12.38 -1.41 18.88
C ALA E 295 12.30 -0.97 17.42
N THR E 296 12.81 -1.79 16.49
CA THR E 296 12.72 -1.42 15.08
C THR E 296 11.27 -1.60 14.58
N TRP E 297 10.56 -2.66 14.99
CA TRP E 297 9.13 -2.79 14.62
C TRP E 297 8.31 -1.58 15.03
N LEU E 298 8.51 -1.15 16.27
CA LEU E 298 7.88 0.06 16.81
C LEU E 298 8.28 1.32 16.02
N ALA E 299 9.58 1.53 15.79
CA ALA E 299 10.01 2.77 15.13
C ALA E 299 9.54 2.86 13.67
N GLU E 300 9.49 1.73 12.99
CA GLU E 300 8.99 1.70 11.60
C GLU E 300 7.46 1.75 11.51
N GLY E 301 6.77 1.71 12.65
CA GLY E 301 5.29 1.71 12.60
C GLY E 301 4.64 0.39 12.23
N LYS E 302 5.42 -0.70 12.34
CA LYS E 302 4.88 -2.02 11.98
C LYS E 302 4.13 -2.62 13.17
N LEU E 303 4.39 -2.08 14.35
CA LEU E 303 3.77 -2.57 15.58
C LEU E 303 3.42 -1.38 16.47
N GLN E 304 2.22 -1.37 17.03
CA GLN E 304 1.77 -0.26 17.85
C GLN E 304 1.64 -0.72 19.30
N SER E 305 2.17 0.07 20.24
CA SER E 305 2.10 -0.25 21.65
C SER E 305 1.24 0.77 22.35
N ARG E 306 0.19 0.34 23.03
CA ARG E 306 -0.64 1.25 23.78
C ARG E 306 -0.43 1.10 25.30
N GLU E 307 -0.28 2.24 25.99
CA GLU E 307 -0.11 2.22 27.45
C GLU E 307 -1.23 3.02 28.05
N ASP E 308 -1.82 2.50 29.12
CA ASP E 308 -2.84 3.23 29.87
C ASP E 308 -2.16 3.81 31.12
N ILE E 309 -1.87 5.11 31.09
CA ILE E 309 -1.08 5.75 32.13
C ILE E 309 -1.95 6.48 33.15
N VAL E 310 -1.78 6.10 34.42
CA VAL E 310 -2.48 6.73 35.55
C VAL E 310 -1.45 7.42 36.44
N GLU E 311 -1.81 8.59 36.95
CA GLU E 311 -0.88 9.41 37.70
C GLU E 311 -1.08 9.31 39.22
N GLY E 312 0.01 9.19 39.95
CA GLY E 312 -0.03 9.25 41.41
C GLY E 312 0.18 7.92 42.07
N LEU E 313 1.35 7.77 42.69
CA LEU E 313 1.69 6.62 43.51
C LEU E 313 0.56 6.20 44.46
N GLU E 314 -0.09 7.19 45.05
CA GLU E 314 -1.09 6.99 46.09
C GLU E 314 -2.34 6.22 45.60
N THR E 315 -2.68 6.36 44.32
CA THR E 315 -3.83 5.68 43.71
C THR E 315 -3.56 4.21 43.40
N PHE E 316 -2.37 3.72 43.73
CA PHE E 316 -2.05 2.32 43.41
C PHE E 316 -3.17 1.29 43.69
N PRO E 317 -3.76 1.29 44.91
CA PRO E 317 -4.72 0.19 45.22
C PRO E 317 -5.95 0.15 44.30
N GLU E 318 -6.55 1.32 44.07
CA GLU E 318 -7.69 1.49 43.17
C GLU E 318 -7.32 1.18 41.71
N THR E 319 -6.18 1.73 41.26
CA THR E 319 -5.70 1.58 39.90
C THR E 319 -5.46 0.12 39.61
N LEU E 320 -5.02 -0.62 40.63
CA LEU E 320 -4.74 -2.04 40.47
C LEU E 320 -6.00 -2.80 40.06
N LEU E 321 -7.13 -2.43 40.65
CA LEU E 321 -8.41 -3.02 40.32
C LEU E 321 -8.98 -2.44 39.02
N LYS E 322 -8.14 -2.40 37.99
CA LYS E 322 -8.58 -2.12 36.64
C LYS E 322 -8.20 -3.30 35.74
N LEU E 323 -7.12 -3.97 36.09
CA LEU E 323 -6.67 -5.14 35.32
C LEU E 323 -7.70 -6.26 35.30
N PHE E 324 -8.44 -6.40 36.39
CA PHE E 324 -9.33 -7.55 36.54
C PHE E 324 -10.78 -7.24 36.16
N SER E 325 -11.12 -5.94 36.15
CA SER E 325 -12.41 -5.45 35.67
C SER E 325 -12.42 -5.15 34.17
N GLY E 326 -11.27 -5.28 33.52
CA GLY E 326 -11.12 -4.96 32.10
C GLY E 326 -11.21 -3.46 31.82
N GLU E 327 -11.01 -2.66 32.87
CA GLU E 327 -11.03 -1.20 32.73
C GLU E 327 -9.73 -0.60 32.15
N ASN E 328 -8.64 -1.37 32.09
CA ASN E 328 -7.47 -0.85 31.37
C ASN E 328 -7.68 -0.91 29.86
N PHE E 329 -7.27 0.13 29.14
CA PHE E 329 -7.17 0.06 27.70
C PHE E 329 -5.72 0.40 27.35
N GLY E 330 -4.93 -0.64 27.16
CA GLY E 330 -3.51 -0.49 27.07
C GLY E 330 -2.83 -1.14 28.27
N LYS E 331 -1.54 -1.38 28.12
CA LYS E 331 -0.69 -1.77 29.21
C LYS E 331 -0.79 -0.75 30.35
N LEU E 332 -1.31 -1.21 31.49
CA LEU E 332 -1.51 -0.36 32.68
C LEU E 332 -0.21 0.07 33.35
N VAL E 333 -0.02 1.39 33.43
CA VAL E 333 1.21 1.97 33.98
C VAL E 333 0.87 3.06 34.98
N LEU E 334 1.55 3.02 36.12
CA LEU E 334 1.35 4.07 37.14
C LEU E 334 2.53 5.03 37.11
N LYS E 335 2.29 6.29 36.76
CA LYS E 335 3.32 7.32 36.88
C LYS E 335 3.48 7.74 38.37
N VAL E 336 4.69 7.57 38.89
CA VAL E 336 4.98 7.87 40.29
C VAL E 336 5.16 9.37 40.38
N GLN F 6 -21.83 -68.92 0.93
CA GLN F 6 -21.06 -68.84 2.21
C GLN F 6 -21.55 -67.68 3.09
N ILE F 7 -21.50 -67.87 4.41
CA ILE F 7 -21.99 -66.90 5.39
C ILE F 7 -20.86 -66.02 5.93
N ASN F 8 -21.13 -64.71 5.99
CA ASN F 8 -20.29 -63.76 6.73
C ASN F 8 -21.09 -63.23 7.91
N ARG F 9 -20.79 -63.73 9.10
CA ARG F 9 -21.39 -63.16 10.30
C ARG F 9 -20.75 -61.79 10.60
N GLN F 10 -21.59 -60.81 10.97
CA GLN F 10 -21.14 -59.45 11.24
C GLN F 10 -21.81 -58.89 12.48
N TYR F 11 -21.08 -58.07 13.23
CA TYR F 11 -21.69 -57.21 14.22
C TYR F 11 -21.79 -55.83 13.59
N GLN F 12 -23.03 -55.39 13.35
CA GLN F 12 -23.31 -54.06 12.80
C GLN F 12 -23.70 -53.13 13.95
N LEU F 13 -23.38 -51.84 13.83
CA LEU F 13 -23.79 -50.87 14.83
C LEU F 13 -25.29 -50.58 14.65
N ALA F 14 -26.08 -50.92 15.66
CA ALA F 14 -27.53 -50.75 15.59
C ALA F 14 -28.00 -49.43 16.23
N GLN F 15 -27.35 -49.06 17.34
CA GLN F 15 -27.76 -47.90 18.12
C GLN F 15 -26.54 -47.13 18.62
N ARG F 16 -26.66 -45.81 18.67
CA ARG F 16 -25.68 -44.97 19.35
C ARG F 16 -25.84 -45.25 20.84
N PRO F 17 -24.74 -45.58 21.53
CA PRO F 17 -24.84 -45.98 22.94
C PRO F 17 -25.01 -44.79 23.90
N SER F 18 -25.59 -45.05 25.07
CA SER F 18 -25.80 -43.98 26.02
C SER F 18 -24.61 -43.86 26.98
N GLY F 19 -24.47 -44.77 27.93
CA GLY F 19 -23.27 -44.73 28.76
C GLY F 19 -22.32 -45.81 28.29
N LEU F 20 -22.06 -46.76 29.18
CA LEU F 20 -21.46 -48.04 28.81
C LEU F 20 -22.42 -48.73 27.82
N PRO F 21 -21.88 -49.25 26.70
CA PRO F 21 -22.69 -49.77 25.59
C PRO F 21 -23.59 -50.95 25.98
N GLY F 22 -24.90 -50.76 25.83
CA GLY F 22 -25.88 -51.79 26.11
C GLY F 22 -25.93 -52.83 25.02
N ARG F 23 -26.41 -54.04 25.33
CA ARG F 23 -26.47 -55.11 24.34
C ARG F 23 -27.34 -54.75 23.14
N ASP F 24 -28.14 -53.70 23.31
CA ASP F 24 -28.92 -53.09 22.23
C ASP F 24 -28.07 -52.36 21.18
N THR F 25 -26.82 -52.07 21.53
CA THR F 25 -25.91 -51.31 20.68
C THR F 25 -25.51 -52.06 19.39
N PHE F 26 -25.39 -53.38 19.48
CA PHE F 26 -24.94 -54.20 18.34
C PHE F 26 -25.94 -55.23 17.88
N SER F 27 -26.00 -55.44 16.58
CA SER F 27 -26.86 -56.46 16.00
C SER F 27 -26.01 -57.53 15.29
N PHE F 28 -26.08 -58.77 15.78
CA PHE F 28 -25.41 -59.94 15.17
C PHE F 28 -26.19 -60.43 13.96
N VAL F 29 -25.60 -60.27 12.79
CA VAL F 29 -26.30 -60.54 11.52
C VAL F 29 -25.52 -61.53 10.66
N GLU F 30 -26.25 -62.27 9.82
CA GLU F 30 -25.65 -63.19 8.86
C GLU F 30 -25.86 -62.66 7.45
N THR F 31 -24.75 -62.45 6.75
CA THR F 31 -24.79 -61.83 5.42
C THR F 31 -24.11 -62.73 4.41
N PRO F 32 -24.55 -62.70 3.14
CA PRO F 32 -23.86 -63.49 2.12
C PRO F 32 -22.45 -62.95 1.89
N LEU F 33 -21.46 -63.84 1.88
CA LEU F 33 -20.09 -63.45 1.53
C LEU F 33 -20.01 -63.11 0.05
N GLY F 34 -19.62 -61.87 -0.24
CA GLY F 34 -19.47 -61.41 -1.61
C GLY F 34 -18.13 -61.80 -2.21
N GLU F 35 -17.74 -61.06 -3.23
CA GLU F 35 -16.51 -61.34 -3.94
C GLU F 35 -15.77 -60.02 -4.08
N PRO F 36 -14.42 -60.04 -3.95
CA PRO F 36 -13.71 -58.77 -4.06
C PRO F 36 -13.71 -58.28 -5.51
N ALA F 37 -13.91 -56.97 -5.69
CA ALA F 37 -13.75 -56.33 -6.99
C ALA F 37 -12.30 -55.89 -7.13
N GLU F 38 -11.94 -55.33 -8.29
CA GLU F 38 -10.55 -54.90 -8.52
C GLU F 38 -10.08 -53.89 -7.48
N GLY F 39 -8.86 -54.07 -6.98
CA GLY F 39 -8.30 -53.19 -5.97
C GLY F 39 -8.64 -53.60 -4.55
N GLN F 40 -9.45 -54.66 -4.42
CA GLN F 40 -9.86 -55.21 -3.12
C GLN F 40 -9.23 -56.57 -2.83
N ILE F 41 -9.21 -56.95 -1.56
CA ILE F 41 -8.80 -58.28 -1.12
C ILE F 41 -9.87 -58.88 -0.24
N LEU F 42 -9.81 -60.19 -0.06
CA LEU F 42 -10.75 -60.90 0.78
C LEU F 42 -9.93 -61.60 1.85
N VAL F 43 -10.25 -61.30 3.11
CA VAL F 43 -9.46 -61.78 4.21
C VAL F 43 -10.33 -62.63 5.12
N LYS F 44 -9.77 -63.75 5.57
CA LYS F 44 -10.37 -64.53 6.62
C LYS F 44 -9.85 -63.97 7.91
N ASN F 45 -10.73 -63.33 8.68
CA ASN F 45 -10.32 -62.76 9.94
C ASN F 45 -10.05 -63.86 10.96
N GLU F 46 -8.91 -63.75 11.63
CA GLU F 46 -8.51 -64.73 12.63
C GLU F 46 -8.48 -64.19 14.06
N TYR F 47 -7.91 -62.98 14.24
CA TYR F 47 -7.84 -62.34 15.55
C TYR F 47 -8.16 -60.85 15.44
N LEU F 48 -9.16 -60.40 16.21
CA LEU F 48 -9.54 -59.00 16.25
C LEU F 48 -9.01 -58.31 17.50
N SER F 49 -8.66 -57.05 17.32
CA SER F 49 -8.13 -56.26 18.43
C SER F 49 -9.29 -55.58 19.14
N LEU F 50 -9.39 -55.73 20.45
CA LEU F 50 -10.42 -55.01 21.18
C LEU F 50 -9.77 -53.85 21.90
N ASP F 51 -10.18 -52.66 21.48
CA ASP F 51 -9.48 -51.44 21.82
C ASP F 51 -10.43 -50.46 22.46
N PRO F 52 -9.94 -49.71 23.48
CA PRO F 52 -10.78 -48.68 24.13
C PRO F 52 -11.34 -47.63 23.17
N ALA F 53 -10.55 -47.26 22.15
CA ALA F 53 -11.00 -46.39 21.03
C ALA F 53 -12.31 -46.86 20.39
N MET F 54 -12.60 -48.15 20.53
CA MET F 54 -13.87 -48.67 19.98
C MET F 54 -15.07 -47.96 20.57
N ARG F 55 -14.95 -47.50 21.82
CA ARG F 55 -16.08 -46.77 22.43
C ARG F 55 -16.37 -45.46 21.68
N GLY F 56 -15.32 -44.72 21.35
CA GLY F 56 -15.45 -43.44 20.61
C GLY F 56 -15.95 -43.62 19.18
N TRP F 57 -15.56 -44.72 18.53
CA TRP F 57 -16.05 -45.03 17.18
C TRP F 57 -17.54 -45.22 17.11
N MET F 58 -18.17 -45.45 18.25
CA MET F 58 -19.64 -45.63 18.29
C MET F 58 -20.38 -44.29 18.36
N ASN F 59 -19.66 -43.21 18.68
CA ASN F 59 -20.29 -41.88 18.84
C ASN F 59 -20.40 -41.11 17.54
N ASP F 60 -21.47 -40.33 17.42
CA ASP F 60 -21.71 -39.49 16.25
C ASP F 60 -20.72 -38.32 16.13
N ALA F 61 -19.91 -38.10 17.17
CA ALA F 61 -18.99 -36.96 17.26
C ALA F 61 -17.88 -36.91 16.21
N ARG F 62 -17.38 -35.71 15.94
CA ARG F 62 -16.19 -35.50 15.09
C ARG F 62 -14.96 -35.99 15.86
N SER F 63 -14.05 -36.66 15.17
CA SER F 63 -12.85 -37.20 15.83
C SER F 63 -11.74 -37.35 14.82
N TYR F 64 -10.64 -37.97 15.22
CA TYR F 64 -9.51 -38.21 14.33
C TYR F 64 -9.87 -39.18 13.20
N ILE F 65 -11.03 -39.83 13.34
CA ILE F 65 -11.53 -40.82 12.40
C ILE F 65 -13.07 -40.77 12.43
N PRO F 66 -13.73 -40.85 11.27
CA PRO F 66 -15.20 -40.76 11.28
C PRO F 66 -15.89 -41.86 12.12
N PRO F 67 -17.05 -41.53 12.71
CA PRO F 67 -17.88 -42.50 13.43
C PRO F 67 -18.31 -43.66 12.54
N VAL F 68 -18.52 -44.82 13.15
CA VAL F 68 -19.14 -45.97 12.49
C VAL F 68 -20.61 -45.59 12.22
N GLY F 69 -21.03 -45.75 10.97
CA GLY F 69 -22.41 -45.47 10.59
C GLY F 69 -23.35 -46.53 11.14
N ILE F 70 -24.58 -46.11 11.47
CA ILE F 70 -25.67 -47.02 11.87
C ILE F 70 -25.93 -48.03 10.73
N GLY F 71 -25.92 -49.31 11.07
CA GLY F 71 -26.14 -50.38 10.07
C GLY F 71 -24.87 -50.95 9.47
N GLU F 72 -23.74 -50.26 9.69
CA GLU F 72 -22.46 -50.66 9.08
C GLU F 72 -21.78 -51.67 9.98
N VAL F 73 -20.88 -52.47 9.41
CA VAL F 73 -20.06 -53.39 10.20
C VAL F 73 -19.22 -52.60 11.20
N MET F 74 -19.17 -53.06 12.45
CA MET F 74 -18.39 -52.40 13.50
C MET F 74 -16.89 -52.37 13.15
N ARG F 75 -16.25 -51.23 13.40
CA ARG F 75 -14.84 -51.06 13.05
C ARG F 75 -13.97 -51.85 14.04
N ALA F 76 -12.90 -52.45 13.55
CA ALA F 76 -11.99 -53.23 14.40
C ALA F 76 -10.67 -53.47 13.66
N LEU F 77 -9.57 -53.31 14.36
CA LEU F 77 -8.29 -53.74 13.83
C LEU F 77 -8.20 -55.26 14.03
N GLY F 78 -7.45 -55.92 13.16
CA GLY F 78 -7.29 -57.35 13.28
C GLY F 78 -6.18 -57.91 12.43
N VAL F 79 -5.86 -59.18 12.66
CA VAL F 79 -5.00 -59.93 11.74
C VAL F 79 -5.79 -61.08 11.09
N GLY F 80 -5.46 -61.34 9.84
CA GLY F 80 -6.14 -62.40 9.11
C GLY F 80 -5.38 -62.87 7.88
N LYS F 81 -5.94 -63.87 7.21
CA LYS F 81 -5.31 -64.52 6.08
C LYS F 81 -5.98 -64.11 4.77
N VAL F 82 -5.19 -63.63 3.83
CA VAL F 82 -5.73 -63.30 2.51
C VAL F 82 -6.14 -64.56 1.72
N LEU F 83 -7.40 -64.61 1.32
CA LEU F 83 -7.92 -65.72 0.54
C LEU F 83 -7.88 -65.38 -0.93
N VAL F 84 -8.33 -64.18 -1.28
CA VAL F 84 -8.33 -63.73 -2.67
C VAL F 84 -7.76 -62.30 -2.72
N SER F 85 -6.90 -62.04 -3.69
CA SER F 85 -6.36 -60.70 -3.86
C SER F 85 -6.55 -60.17 -5.28
N LYS F 86 -7.10 -58.98 -5.39
CA LYS F 86 -7.15 -58.26 -6.66
C LYS F 86 -6.38 -56.97 -6.49
N HIS F 87 -5.31 -57.03 -5.70
CA HIS F 87 -4.49 -55.89 -5.35
C HIS F 87 -3.04 -56.27 -5.53
N PRO F 88 -2.25 -55.37 -6.13
CA PRO F 88 -0.83 -55.63 -6.43
C PRO F 88 0.05 -55.83 -5.20
N GLY F 89 -0.34 -55.26 -4.07
CA GLY F 89 0.44 -55.35 -2.84
C GLY F 89 0.36 -56.67 -2.08
N PHE F 90 -0.64 -57.50 -2.41
CA PHE F 90 -0.94 -58.64 -1.55
C PHE F 90 -1.25 -59.87 -2.37
N GLN F 91 -0.86 -61.05 -1.86
CA GLN F 91 -1.26 -62.32 -2.48
C GLN F 91 -1.96 -63.23 -1.48
N ALA F 92 -2.79 -64.14 -2.00
CA ALA F 92 -3.49 -65.12 -1.16
C ALA F 92 -2.48 -65.91 -0.34
N GLY F 93 -2.80 -66.14 0.92
CA GLY F 93 -1.86 -66.76 1.84
C GLY F 93 -1.03 -65.78 2.66
N ASP F 94 -0.99 -64.52 2.24
CA ASP F 94 -0.35 -63.47 3.07
C ASP F 94 -1.19 -63.31 4.31
N TYR F 95 -0.54 -63.11 5.45
CA TYR F 95 -1.23 -62.59 6.64
C TYR F 95 -1.07 -61.08 6.69
N VAL F 96 -2.17 -60.41 7.02
CA VAL F 96 -2.17 -58.97 7.05
C VAL F 96 -2.77 -58.41 8.34
N ASN F 97 -2.24 -57.25 8.74
CA ASN F 97 -2.83 -56.39 9.74
C ASN F 97 -3.55 -55.19 9.08
N GLY F 98 -4.78 -54.94 9.51
CA GLY F 98 -5.63 -53.90 8.91
C GLY F 98 -6.97 -53.79 9.62
N ALA F 99 -7.81 -52.84 9.17
CA ALA F 99 -9.17 -52.65 9.71
C ALA F 99 -10.12 -53.71 9.12
N LEU F 100 -10.17 -54.87 9.75
CA LEU F 100 -10.89 -56.04 9.22
C LEU F 100 -12.37 -56.05 9.59
N GLY F 101 -12.74 -55.29 10.62
CA GLY F 101 -14.16 -55.20 11.04
C GLY F 101 -14.52 -56.38 11.94
N VAL F 102 -15.59 -56.23 12.70
CA VAL F 102 -16.03 -57.28 13.63
C VAL F 102 -16.91 -58.22 12.83
N GLN F 103 -16.25 -59.13 12.11
CA GLN F 103 -16.89 -60.04 11.16
C GLN F 103 -15.94 -61.19 10.87
N ASP F 104 -16.48 -62.23 10.24
CA ASP F 104 -15.73 -63.42 9.83
C ASP F 104 -14.77 -63.09 8.69
N TYR F 105 -15.23 -62.30 7.73
CA TYR F 105 -14.47 -61.99 6.52
C TYR F 105 -14.47 -60.51 6.16
N PHE F 106 -13.29 -59.97 5.85
CA PHE F 106 -13.17 -58.61 5.30
C PHE F 106 -13.12 -58.67 3.78
N ILE F 107 -13.91 -57.82 3.13
CA ILE F 107 -13.77 -57.56 1.70
C ILE F 107 -13.72 -56.06 1.49
N GLY F 108 -12.66 -55.59 0.82
CA GLY F 108 -12.50 -54.16 0.58
C GLY F 108 -11.07 -53.76 0.26
N GLU F 109 -10.85 -52.45 0.16
CA GLU F 109 -9.56 -51.89 -0.21
C GLU F 109 -8.64 -52.04 0.98
N PRO F 110 -7.41 -52.57 0.76
CA PRO F 110 -6.53 -52.81 1.90
C PRO F 110 -5.77 -51.55 2.32
N LYS F 111 -6.52 -50.45 2.51
CA LYS F 111 -5.98 -49.15 2.87
C LYS F 111 -5.35 -49.19 4.28
N GLY F 112 -4.07 -48.86 4.33
CA GLY F 112 -3.31 -48.93 5.57
C GLY F 112 -2.97 -50.34 6.05
N PHE F 113 -3.26 -51.36 5.25
CA PHE F 113 -2.89 -52.75 5.63
C PHE F 113 -1.38 -52.98 5.41
N TYR F 114 -0.80 -53.81 6.25
CA TYR F 114 0.57 -54.27 6.01
C TYR F 114 0.68 -55.74 6.33
N LYS F 115 1.70 -56.39 5.77
CA LYS F 115 1.89 -57.81 5.95
C LYS F 115 2.54 -58.11 7.29
N VAL F 116 2.17 -59.23 7.89
CA VAL F 116 2.83 -59.72 9.10
C VAL F 116 3.29 -61.15 8.89
N ASP F 117 4.38 -61.54 9.57
CA ASP F 117 4.94 -62.87 9.42
C ASP F 117 4.64 -63.79 10.61
N PRO F 118 3.63 -64.66 10.46
CA PRO F 118 3.26 -65.53 11.58
C PRO F 118 4.33 -66.57 11.94
N SER F 119 5.38 -66.67 11.13
CA SER F 119 6.47 -67.59 11.42
C SER F 119 7.46 -66.96 12.40
N ARG F 120 7.43 -65.63 12.52
CA ARG F 120 8.33 -64.91 13.44
C ARG F 120 7.73 -64.73 14.84
N ALA F 121 6.40 -64.74 14.93
CA ALA F 121 5.70 -64.47 16.19
C ALA F 121 4.25 -64.92 16.12
N PRO F 122 3.64 -65.24 17.26
CA PRO F 122 2.23 -65.64 17.19
C PRO F 122 1.33 -64.51 16.65
N LEU F 123 0.39 -64.87 15.78
CA LEU F 123 -0.56 -63.91 15.19
C LEU F 123 -1.07 -62.81 16.12
N PRO F 124 -1.53 -63.17 17.35
CA PRO F 124 -2.06 -62.19 18.29
C PRO F 124 -1.05 -61.13 18.72
N ARG F 125 0.25 -61.49 18.76
CA ARG F 125 1.29 -60.51 19.06
C ARG F 125 1.37 -59.36 18.04
N TYR F 126 0.87 -59.61 16.82
CA TYR F 126 0.81 -58.57 15.81
C TYR F 126 -0.38 -57.63 15.99
N LEU F 127 -1.09 -57.79 17.12
CA LEU F 127 -2.07 -56.82 17.59
C LEU F 127 -1.58 -56.09 18.86
N SER F 128 -0.51 -56.61 19.45
CA SER F 128 -0.03 -56.07 20.73
C SER F 128 1.33 -55.41 20.61
N ALA F 129 2.37 -56.01 21.18
CA ALA F 129 3.69 -55.39 21.12
C ALA F 129 4.22 -55.23 19.67
N LEU F 130 3.86 -56.17 18.79
CA LEU F 130 4.26 -56.06 17.38
C LEU F 130 3.10 -55.58 16.51
N GLY F 131 2.14 -54.92 17.16
CA GLY F 131 1.00 -54.29 16.48
C GLY F 131 0.74 -52.87 16.99
N MET F 132 -0.52 -52.46 16.86
CA MET F 132 -0.96 -51.09 17.08
C MET F 132 -0.63 -50.55 18.48
N THR F 133 -0.94 -51.34 19.52
CA THR F 133 -0.65 -50.91 20.89
C THR F 133 0.85 -50.76 21.18
N GLY F 134 1.66 -51.68 20.64
CA GLY F 134 3.11 -51.61 20.80
C GLY F 134 3.70 -50.41 20.11
N MET F 135 3.17 -50.11 18.93
CA MET F 135 3.61 -48.95 18.16
C MET F 135 3.19 -47.64 18.83
N THR F 136 2.02 -47.65 19.47
CA THR F 136 1.54 -46.52 20.26
C THR F 136 2.51 -46.20 21.38
N ALA F 137 2.85 -47.20 22.19
CA ALA F 137 3.81 -47.01 23.26
C ALA F 137 5.15 -46.53 22.72
N TYR F 138 5.63 -47.18 21.65
CA TYR F 138 6.93 -46.82 21.05
C TYR F 138 7.01 -45.35 20.64
N PHE F 139 6.08 -44.94 19.79
CA PHE F 139 6.15 -43.59 19.25
C PHE F 139 5.65 -42.52 20.22
N ALA F 140 4.55 -42.79 20.92
CA ALA F 140 4.06 -41.85 21.92
C ALA F 140 5.13 -41.58 22.96
N LEU F 141 5.81 -42.63 23.47
CA LEU F 141 6.84 -42.40 24.47
C LEU F 141 8.07 -41.73 23.90
N LEU F 142 8.67 -42.34 22.88
CA LEU F 142 9.97 -41.90 22.40
C LEU F 142 9.90 -40.60 21.60
N ASP F 143 8.82 -40.43 20.83
CA ASP F 143 8.70 -39.22 20.00
C ASP F 143 8.07 -38.06 20.74
N VAL F 144 7.02 -38.31 21.53
CA VAL F 144 6.36 -37.25 22.28
C VAL F 144 6.92 -37.08 23.71
N GLY F 145 7.06 -38.17 24.48
CA GLY F 145 7.62 -38.09 25.84
C GLY F 145 9.10 -37.73 25.88
N GLN F 146 9.84 -38.18 24.87
CA GLN F 146 11.32 -37.99 24.80
C GLN F 146 12.06 -38.21 26.13
N PRO F 147 11.88 -39.39 26.76
CA PRO F 147 12.53 -39.66 28.04
C PRO F 147 14.03 -39.66 27.89
N LYS F 148 14.74 -39.17 28.91
CA LYS F 148 16.18 -39.16 28.90
C LYS F 148 16.72 -40.08 30.00
N ASN F 149 17.97 -40.50 29.84
CA ASN F 149 18.60 -41.38 30.83
C ASN F 149 18.44 -40.76 32.23
N GLY F 150 17.92 -41.56 33.17
CA GLY F 150 17.80 -41.15 34.57
C GLY F 150 16.58 -40.32 34.94
N GLU F 151 15.70 -40.06 33.98
CA GLU F 151 14.48 -39.29 34.27
C GLU F 151 13.45 -40.19 34.92
N THR F 152 12.48 -39.59 35.59
CA THR F 152 11.41 -40.34 36.21
C THR F 152 10.19 -40.32 35.28
N VAL F 153 9.69 -41.52 34.98
CA VAL F 153 8.60 -41.71 34.04
C VAL F 153 7.48 -42.41 34.78
N VAL F 154 6.32 -41.78 34.80
CA VAL F 154 5.14 -42.38 35.41
C VAL F 154 4.17 -42.82 34.31
N ILE F 155 3.56 -43.99 34.50
CA ILE F 155 2.65 -44.54 33.51
C ILE F 155 1.30 -44.85 34.16
N SER F 156 0.23 -44.32 33.60
CA SER F 156 -1.10 -44.69 34.02
C SER F 156 -1.54 -45.87 33.16
N GLY F 157 -2.61 -46.55 33.60
CA GLY F 157 -3.02 -47.85 33.05
C GLY F 157 -1.83 -48.74 32.74
N ALA F 158 -0.86 -48.76 33.65
CA ALA F 158 0.47 -49.32 33.37
C ALA F 158 0.54 -50.82 33.07
N ALA F 159 -0.48 -51.58 33.48
CA ALA F 159 -0.48 -53.02 33.25
C ALA F 159 -1.05 -53.32 31.88
N GLY F 160 -1.62 -52.29 31.25
CA GLY F 160 -2.36 -52.42 30.00
C GLY F 160 -1.46 -52.58 28.81
N ALA F 161 -2.06 -52.78 27.65
CA ALA F 161 -1.35 -53.05 26.40
C ALA F 161 -0.35 -51.96 26.03
N VAL F 162 -0.79 -50.69 26.09
CA VAL F 162 0.14 -49.60 25.80
C VAL F 162 1.10 -49.37 26.95
N GLY F 163 0.56 -49.25 28.17
CA GLY F 163 1.32 -48.82 29.33
C GLY F 163 2.44 -49.77 29.70
N SER F 164 2.17 -51.07 29.60
CA SER F 164 3.12 -52.11 29.97
C SER F 164 4.34 -52.09 29.06
N VAL F 165 4.09 -51.87 27.77
CA VAL F 165 5.17 -51.73 26.77
C VAL F 165 5.94 -50.41 26.97
N ALA F 166 5.20 -49.32 27.16
CA ALA F 166 5.82 -48.01 27.42
C ALA F 166 6.78 -48.04 28.63
N GLY F 167 6.33 -48.55 29.76
CA GLY F 167 7.18 -48.63 30.97
C GLY F 167 8.48 -49.40 30.75
N GLN F 168 8.39 -50.46 29.94
CA GLN F 168 9.53 -51.32 29.65
C GLN F 168 10.52 -50.64 28.72
N ILE F 169 10.01 -49.94 27.72
CA ILE F 169 10.88 -49.17 26.84
C ILE F 169 11.53 -48.09 27.67
N ALA F 170 10.75 -47.45 28.55
CA ALA F 170 11.28 -46.44 29.46
C ALA F 170 12.42 -47.00 30.31
N ARG F 171 12.23 -48.21 30.83
CA ARG F 171 13.24 -48.89 31.63
C ARG F 171 14.54 -49.07 30.84
N LEU F 172 14.40 -49.47 29.57
CA LEU F 172 15.54 -49.70 28.67
C LEU F 172 16.35 -48.46 28.33
N LYS F 173 15.70 -47.30 28.38
CA LYS F 173 16.36 -46.02 28.09
C LYS F 173 17.05 -45.43 29.34
N GLY F 174 16.95 -46.14 30.46
CA GLY F 174 17.68 -45.78 31.67
C GLY F 174 16.86 -45.02 32.68
N CYS F 175 15.54 -45.02 32.50
CA CYS F 175 14.63 -44.28 33.34
C CYS F 175 14.23 -44.99 34.61
N ARG F 176 13.90 -44.20 35.62
CA ARG F 176 13.15 -44.68 36.76
C ARG F 176 11.70 -44.77 36.30
N VAL F 177 11.14 -45.98 36.31
CA VAL F 177 9.78 -46.23 35.82
C VAL F 177 8.82 -46.56 36.95
N VAL F 178 7.71 -45.82 37.02
CA VAL F 178 6.72 -45.99 38.05
C VAL F 178 5.33 -46.11 37.43
N GLY F 179 4.66 -47.25 37.68
CA GLY F 179 3.34 -47.53 37.14
C GLY F 179 2.18 -47.27 38.07
N ILE F 180 1.02 -46.98 37.48
CA ILE F 180 -0.25 -46.83 38.20
C ILE F 180 -1.24 -47.81 37.58
N ALA F 181 -1.71 -48.75 38.39
CA ALA F 181 -2.61 -49.82 37.92
C ALA F 181 -3.52 -50.30 39.04
N GLY F 182 -4.65 -50.90 38.67
CA GLY F 182 -5.65 -51.33 39.63
C GLY F 182 -5.46 -52.77 40.10
N GLY F 183 -5.29 -52.94 41.42
CA GLY F 183 -5.19 -54.26 42.03
C GLY F 183 -3.75 -54.68 42.28
N ALA F 184 -3.54 -55.43 43.36
CA ALA F 184 -2.20 -55.86 43.73
C ALA F 184 -1.59 -56.83 42.72
N GLU F 185 -2.42 -57.59 42.02
CA GLU F 185 -1.94 -58.56 41.04
C GLU F 185 -1.27 -57.86 39.85
N LYS F 186 -1.94 -56.85 39.30
CA LYS F 186 -1.36 -56.03 38.24
C LYS F 186 -0.13 -55.30 38.75
N CYS F 187 -0.17 -54.81 39.99
CA CYS F 187 0.95 -54.07 40.55
C CYS F 187 2.20 -54.90 40.78
N ARG F 188 1.99 -56.12 41.29
CA ARG F 188 3.03 -57.15 41.42
C ARG F 188 3.62 -57.48 40.06
N PHE F 189 2.73 -57.73 39.10
CA PHE F 189 3.10 -57.95 37.70
C PHE F 189 4.06 -56.87 37.18
N LEU F 190 3.79 -55.60 37.52
CA LEU F 190 4.61 -54.49 37.05
C LEU F 190 6.04 -54.56 37.58
N VAL F 191 6.17 -54.72 38.89
CA VAL F 191 7.50 -54.75 39.52
C VAL F 191 8.28 -56.06 39.26
N GLU F 192 7.62 -57.19 39.48
CA GLU F 192 8.32 -58.49 39.47
C GLU F 192 8.57 -59.05 38.07
N GLU F 193 7.62 -58.84 37.17
CA GLU F 193 7.68 -59.44 35.83
C GLU F 193 8.22 -58.47 34.78
N LEU F 194 7.76 -57.22 34.85
CA LEU F 194 8.03 -56.21 33.83
C LEU F 194 9.23 -55.34 34.17
N GLY F 195 9.55 -55.28 35.47
CA GLY F 195 10.77 -54.62 35.93
C GLY F 195 10.61 -53.13 36.20
N PHE F 196 9.37 -52.70 36.45
CA PHE F 196 9.13 -51.32 36.88
C PHE F 196 9.84 -51.09 38.21
N ASP F 197 10.38 -49.89 38.42
CA ASP F 197 11.02 -49.52 39.69
C ASP F 197 10.01 -49.47 40.85
N GLY F 198 8.77 -49.14 40.52
CA GLY F 198 7.73 -48.96 41.51
C GLY F 198 6.35 -49.02 40.91
N ALA F 199 5.36 -49.37 41.73
CA ALA F 199 3.97 -49.45 41.31
C ALA F 199 3.06 -48.86 42.39
N ILE F 200 2.01 -48.18 41.95
CA ILE F 200 1.03 -47.60 42.85
C ILE F 200 -0.34 -48.19 42.50
N ASP F 201 -1.04 -48.67 43.52
CA ASP F 201 -2.33 -49.31 43.35
C ASP F 201 -3.43 -48.29 43.62
N TYR F 202 -4.00 -47.73 42.56
CA TYR F 202 -4.95 -46.62 42.67
C TYR F 202 -6.27 -47.06 43.32
N LYS F 203 -6.55 -48.35 43.24
CA LYS F 203 -7.74 -48.92 43.84
C LYS F 203 -7.66 -49.09 45.37
N ASN F 204 -6.45 -49.34 45.89
CA ASN F 204 -6.25 -49.64 47.32
C ASN F 204 -5.31 -48.71 48.10
N GLU F 205 -4.83 -47.63 47.47
CA GLU F 205 -3.82 -46.74 48.06
C GLU F 205 -4.04 -45.31 47.56
N ASP F 206 -3.75 -44.31 48.40
CA ASP F 206 -3.87 -42.90 47.99
C ASP F 206 -2.79 -42.57 46.97
N LEU F 207 -3.20 -42.13 45.78
CA LEU F 207 -2.25 -41.83 44.69
C LEU F 207 -1.21 -40.78 45.06
N ALA F 208 -1.67 -39.68 45.66
CA ALA F 208 -0.78 -38.58 46.01
C ALA F 208 0.34 -39.01 46.95
N ALA F 209 -0.01 -39.82 47.96
CA ALA F 209 0.98 -40.39 48.87
C ALA F 209 1.90 -41.37 48.12
N GLY F 210 1.31 -42.18 47.24
CA GLY F 210 2.07 -43.10 46.40
C GLY F 210 3.10 -42.41 45.52
N LEU F 211 2.69 -41.34 44.83
CA LEU F 211 3.62 -40.54 44.03
C LEU F 211 4.69 -39.86 44.89
N LYS F 212 4.32 -39.38 46.07
CA LYS F 212 5.29 -38.75 46.97
C LYS F 212 6.41 -39.72 47.36
N ARG F 213 6.03 -40.98 47.60
CA ARG F 213 6.99 -42.04 47.92
C ARG F 213 7.87 -42.42 46.72
N GLU F 214 7.23 -42.77 45.61
CA GLU F 214 7.94 -43.34 44.45
C GLU F 214 8.61 -42.32 43.53
N CYS F 215 8.18 -41.06 43.61
CA CYS F 215 8.77 -40.02 42.74
C CYS F 215 9.24 -38.82 43.56
N PRO F 216 10.31 -39.00 44.36
CA PRO F 216 10.78 -37.90 45.21
C PRO F 216 11.36 -36.73 44.42
N LYS F 217 11.99 -37.01 43.28
CA LYS F 217 12.55 -35.96 42.43
C LYS F 217 11.53 -35.33 41.46
N GLY F 218 10.26 -35.69 41.63
CA GLY F 218 9.19 -35.21 40.75
C GLY F 218 9.09 -36.05 39.48
N ILE F 219 8.14 -35.72 38.63
CA ILE F 219 7.83 -36.52 37.44
C ILE F 219 8.24 -35.75 36.19
N ASP F 220 9.20 -36.31 35.45
CA ASP F 220 9.65 -35.75 34.18
C ASP F 220 8.77 -36.14 33.00
N VAL F 221 8.29 -37.38 32.96
CA VAL F 221 7.37 -37.81 31.91
C VAL F 221 6.18 -38.55 32.48
N PHE F 222 4.98 -38.09 32.13
CA PHE F 222 3.77 -38.80 32.44
C PHE F 222 3.12 -39.33 31.16
N PHE F 223 3.02 -40.65 31.10
CA PHE F 223 2.37 -41.31 30.00
C PHE F 223 0.93 -41.58 30.44
N ASP F 224 -0.01 -40.83 29.88
CA ASP F 224 -1.37 -40.89 30.37
C ASP F 224 -2.29 -41.70 29.48
N ASN F 225 -2.86 -42.77 30.03
CA ASN F 225 -3.87 -43.57 29.33
C ASN F 225 -5.26 -43.38 29.91
N VAL F 226 -5.32 -42.68 31.03
CA VAL F 226 -6.48 -42.80 31.91
C VAL F 226 -7.23 -41.49 32.08
N GLY F 227 -6.52 -40.37 32.21
CA GLY F 227 -7.20 -39.09 32.42
C GLY F 227 -7.83 -39.01 33.81
N GLY F 228 -8.91 -38.24 33.93
CA GLY F 228 -9.62 -38.00 35.20
C GLY F 228 -8.75 -37.51 36.35
N GLU F 229 -9.11 -37.97 37.56
CA GLU F 229 -8.43 -37.60 38.80
C GLU F 229 -6.97 -38.03 38.86
N ILE F 230 -6.62 -39.13 38.20
CA ILE F 230 -5.22 -39.56 38.19
C ILE F 230 -4.32 -38.50 37.50
N LEU F 231 -4.77 -38.02 36.35
CA LEU F 231 -4.06 -36.98 35.60
C LEU F 231 -3.90 -35.75 36.46
N ASP F 232 -4.98 -35.33 37.08
CA ASP F 232 -4.92 -34.14 37.93
C ASP F 232 -3.96 -34.24 39.09
N THR F 233 -3.87 -35.43 39.70
CA THR F 233 -2.97 -35.62 40.84
C THR F 233 -1.53 -35.68 40.36
N VAL F 234 -1.31 -36.36 39.25
CA VAL F 234 0.05 -36.40 38.68
C VAL F 234 0.51 -34.99 38.31
N LEU F 235 -0.41 -34.15 37.84
CA LEU F 235 -0.05 -32.76 37.48
C LEU F 235 0.58 -31.97 38.62
N THR F 236 0.23 -32.31 39.87
CA THR F 236 0.80 -31.58 41.02
C THR F 236 2.24 -31.94 41.28
N ARG F 237 2.71 -33.03 40.69
CA ARG F 237 4.03 -33.54 41.03
C ARG F 237 4.99 -33.54 39.86
N ILE F 238 4.58 -32.91 38.76
CA ILE F 238 5.46 -32.83 37.59
C ILE F 238 6.65 -31.93 37.91
N ALA F 239 7.78 -32.25 37.30
CA ALA F 239 9.00 -31.46 37.39
C ALA F 239 9.07 -30.30 36.35
N PHE F 240 10.07 -29.43 36.52
CA PHE F 240 10.45 -28.42 35.54
C PHE F 240 10.71 -29.09 34.19
N LYS F 241 10.14 -28.54 33.12
CA LYS F 241 10.31 -29.06 31.75
C LYS F 241 9.72 -30.46 31.53
N ALA F 242 8.71 -30.81 32.33
CA ALA F 242 8.07 -32.11 32.24
C ALA F 242 7.29 -32.27 30.93
N ARG F 243 7.05 -33.52 30.55
CA ARG F 243 6.25 -33.83 29.37
C ARG F 243 5.12 -34.78 29.71
N ILE F 244 3.91 -34.37 29.39
CA ILE F 244 2.76 -35.22 29.57
C ILE F 244 2.30 -35.69 28.21
N VAL F 245 2.41 -37.01 28.00
CA VAL F 245 1.94 -37.62 26.78
C VAL F 245 0.48 -37.99 26.91
N LEU F 246 -0.37 -37.33 26.14
CA LEU F 246 -1.77 -37.66 26.10
C LEU F 246 -2.01 -38.78 25.11
N CYS F 247 -2.05 -40.02 25.62
CA CYS F 247 -2.34 -41.19 24.77
C CYS F 247 -3.81 -41.49 24.76
N GLY F 248 -4.42 -41.44 25.94
CA GLY F 248 -5.85 -41.69 26.06
C GLY F 248 -6.39 -41.17 27.36
N ALA F 249 -7.65 -41.45 27.61
CA ALA F 249 -8.31 -41.02 28.84
C ALA F 249 -9.45 -41.97 29.06
N ILE F 250 -9.12 -43.27 29.18
CA ILE F 250 -10.13 -44.32 29.25
C ILE F 250 -11.17 -44.12 30.38
N SER F 251 -10.75 -43.53 31.50
CA SER F 251 -11.70 -43.23 32.60
C SER F 251 -12.88 -42.34 32.19
N GLN F 252 -12.80 -41.76 30.99
CA GLN F 252 -13.82 -40.80 30.53
C GLN F 252 -14.67 -41.30 29.40
N TYR F 253 -14.27 -42.43 28.81
CA TYR F 253 -14.88 -42.89 27.56
C TYR F 253 -16.36 -43.22 27.66
N ASN F 254 -16.82 -43.57 28.87
CA ASN F 254 -18.20 -43.95 29.02
C ASN F 254 -19.09 -42.99 29.79
N ASN F 255 -18.51 -41.94 30.38
CA ASN F 255 -19.36 -41.01 31.11
C ASN F 255 -20.30 -40.33 30.12
N LYS F 256 -21.55 -40.07 30.50
CA LYS F 256 -22.46 -39.40 29.56
C LYS F 256 -22.85 -37.95 29.85
N GLU F 257 -22.13 -37.34 30.78
CA GLU F 257 -22.15 -35.90 30.87
C GLU F 257 -20.91 -35.38 30.13
N ALA F 258 -20.04 -34.63 30.82
CA ALA F 258 -18.90 -34.01 30.15
C ALA F 258 -17.56 -34.49 30.70
N VAL F 259 -16.55 -34.50 29.83
CA VAL F 259 -15.20 -34.89 30.21
C VAL F 259 -14.73 -34.02 31.37
N ARG F 260 -14.04 -34.65 32.32
CA ARG F 260 -13.45 -33.98 33.46
C ARG F 260 -12.10 -33.41 33.05
N GLY F 261 -12.01 -32.07 33.03
CA GLY F 261 -10.77 -31.41 32.65
C GLY F 261 -9.81 -31.33 33.82
N PRO F 262 -8.48 -31.37 33.55
CA PRO F 262 -7.46 -31.25 34.59
C PRO F 262 -7.38 -29.83 35.21
N ALA F 263 -7.86 -29.69 36.45
CA ALA F 263 -7.98 -28.40 37.13
C ALA F 263 -6.63 -27.84 37.50
N ASN F 264 -5.65 -28.74 37.60
CA ASN F 264 -4.28 -28.40 37.92
C ASN F 264 -3.43 -28.16 36.67
N TYR F 265 -4.07 -27.90 35.53
CA TYR F 265 -3.33 -27.71 34.23
C TYR F 265 -2.33 -26.54 34.26
N LEU F 266 -2.65 -25.53 35.07
CA LEU F 266 -1.72 -24.42 35.27
C LEU F 266 -0.43 -24.83 35.93
N SER F 267 -0.34 -26.09 36.36
CA SER F 267 0.96 -26.67 36.72
C SER F 267 1.90 -26.68 35.52
N LEU F 268 1.32 -26.84 34.33
CA LEU F 268 2.10 -26.74 33.07
C LEU F 268 2.73 -25.37 32.91
N LEU F 269 2.03 -24.36 33.42
CA LEU F 269 2.54 -22.99 33.42
C LEU F 269 3.68 -22.82 34.43
N VAL F 270 3.41 -23.16 35.70
CA VAL F 270 4.41 -23.03 36.79
C VAL F 270 5.68 -23.78 36.48
N ASN F 271 5.52 -24.98 35.94
CA ASN F 271 6.65 -25.84 35.62
C ASN F 271 7.19 -25.77 34.17
N ARG F 272 6.63 -24.89 33.34
CA ARG F 272 7.08 -24.73 31.94
C ARG F 272 7.10 -26.09 31.24
N ALA F 273 5.97 -26.77 31.31
CA ALA F 273 5.87 -28.14 30.88
C ALA F 273 4.93 -28.24 29.67
N ARG F 274 4.99 -29.38 28.99
CA ARG F 274 4.11 -29.58 27.86
C ARG F 274 3.20 -30.79 28.04
N MET F 275 1.98 -30.66 27.55
CA MET F 275 1.04 -31.75 27.39
C MET F 275 0.70 -31.88 25.91
N GLU F 276 0.95 -33.06 25.36
CA GLU F 276 0.79 -33.28 23.92
C GLU F 276 0.09 -34.59 23.61
N GLY F 277 -0.89 -34.53 22.72
CA GLY F 277 -1.57 -35.71 22.22
C GLY F 277 -0.91 -36.28 20.96
N MET F 278 -1.26 -37.52 20.64
CA MET F 278 -0.78 -38.21 19.44
C MET F 278 -1.79 -39.26 18.98
N VAL F 279 -1.74 -39.62 17.69
CA VAL F 279 -2.46 -40.79 17.19
C VAL F 279 -1.48 -41.66 16.43
N VAL F 280 -1.46 -42.94 16.76
CA VAL F 280 -0.44 -43.88 16.30
C VAL F 280 -0.36 -43.97 14.77
N MET F 281 -1.51 -43.91 14.10
CA MET F 281 -1.52 -43.98 12.63
C MET F 281 -0.70 -42.89 11.89
N ASP F 282 -0.42 -41.77 12.57
CA ASP F 282 0.41 -40.70 12.02
C ASP F 282 1.84 -41.22 11.81
N TYR F 283 2.21 -42.26 12.56
CA TYR F 283 3.55 -42.83 12.48
C TYR F 283 3.63 -44.06 11.55
N ALA F 284 2.58 -44.35 10.78
CA ALA F 284 2.50 -45.58 9.98
C ALA F 284 3.77 -45.81 9.12
N GLN F 285 4.34 -44.71 8.60
CA GLN F 285 5.57 -44.73 7.80
C GLN F 285 6.80 -45.26 8.52
N ARG F 286 6.85 -45.12 9.84
CA ARG F 286 8.03 -45.50 10.61
C ARG F 286 7.79 -46.82 11.32
N PHE F 287 6.62 -47.40 11.10
CA PHE F 287 6.30 -48.71 11.69
C PHE F 287 7.38 -49.77 11.42
N PRO F 288 7.87 -49.90 10.16
CA PRO F 288 8.94 -50.89 9.95
C PRO F 288 10.11 -50.76 10.93
N GLU F 289 10.60 -49.54 11.14
CA GLU F 289 11.74 -49.34 12.02
C GLU F 289 11.37 -49.62 13.48
N GLY F 290 10.11 -49.36 13.82
CA GLY F 290 9.62 -49.50 15.17
C GLY F 290 9.43 -50.95 15.52
N LEU F 291 8.74 -51.67 14.63
CA LEU F 291 8.53 -53.11 14.74
C LEU F 291 9.84 -53.87 14.83
N LYS F 292 10.83 -53.42 14.05
CA LYS F 292 12.12 -54.08 13.97
C LYS F 292 12.80 -54.03 15.31
N GLU F 293 12.89 -52.83 15.89
CA GLU F 293 13.45 -52.70 17.20
C GLU F 293 12.61 -53.46 18.22
N MET F 294 11.29 -53.47 18.04
CA MET F 294 10.41 -54.15 19.01
C MET F 294 10.64 -55.65 19.01
N ALA F 295 10.74 -56.24 17.82
CA ALA F 295 11.03 -57.68 17.65
C ALA F 295 12.36 -58.06 18.31
N THR F 296 13.38 -57.22 18.15
CA THR F 296 14.69 -57.43 18.77
C THR F 296 14.65 -57.40 20.30
N TRP F 297 13.93 -56.45 20.88
CA TRP F 297 13.83 -56.36 22.32
C TRP F 297 13.14 -57.56 22.89
N LEU F 298 12.06 -58.00 22.24
CA LEU F 298 11.37 -59.21 22.62
C LEU F 298 12.29 -60.43 22.53
N ALA F 299 13.01 -60.55 21.42
CA ALA F 299 13.93 -61.67 21.18
C ALA F 299 15.03 -61.76 22.22
N GLU F 300 15.57 -60.61 22.61
CA GLU F 300 16.64 -60.55 23.61
C GLU F 300 16.11 -60.71 25.04
N GLY F 301 14.79 -60.77 25.19
CA GLY F 301 14.18 -60.89 26.52
C GLY F 301 14.23 -59.61 27.34
N LYS F 302 14.48 -58.49 26.68
CA LYS F 302 14.54 -57.20 27.34
C LYS F 302 13.14 -56.62 27.55
N LEU F 303 12.16 -57.15 26.82
CA LEU F 303 10.79 -56.70 26.90
C LEU F 303 9.85 -57.88 26.71
N GLN F 304 8.74 -57.92 27.44
CA GLN F 304 7.80 -59.01 27.25
C GLN F 304 6.39 -58.52 26.97
N SER F 305 5.59 -59.34 26.30
CA SER F 305 4.26 -58.97 25.86
C SER F 305 3.19 -60.00 26.25
N ARG F 306 2.13 -59.53 26.89
CA ARG F 306 1.04 -60.39 27.33
C ARG F 306 -0.25 -60.13 26.54
N GLU F 307 -0.86 -61.19 26.02
CA GLU F 307 -2.16 -61.09 25.35
C GLU F 307 -3.26 -61.83 26.13
N ASP F 308 -4.43 -61.21 26.19
CA ASP F 308 -5.59 -61.81 26.82
C ASP F 308 -6.55 -62.23 25.72
N ILE F 309 -6.55 -63.53 25.41
CA ILE F 309 -7.24 -64.04 24.23
C ILE F 309 -8.56 -64.69 24.60
N VAL F 310 -9.63 -64.23 23.97
CA VAL F 310 -11.00 -64.71 24.20
C VAL F 310 -11.56 -65.25 22.88
N GLU F 311 -12.24 -66.40 22.95
CA GLU F 311 -12.69 -67.09 21.75
C GLU F 311 -14.13 -66.79 21.42
N GLY F 312 -14.40 -66.62 20.13
CA GLY F 312 -15.77 -66.56 19.63
C GLY F 312 -16.15 -65.16 19.21
N LEU F 313 -16.48 -65.01 17.94
CA LEU F 313 -16.88 -63.72 17.40
C LEU F 313 -18.14 -63.18 18.10
N GLU F 314 -19.10 -64.08 18.34
CA GLU F 314 -20.39 -63.77 18.99
C GLU F 314 -20.19 -63.11 20.36
N THR F 315 -19.06 -63.43 20.96
CA THR F 315 -18.65 -62.97 22.26
C THR F 315 -18.19 -61.49 22.28
N PHE F 316 -18.15 -60.84 21.11
CA PHE F 316 -17.63 -59.48 21.00
C PHE F 316 -18.16 -58.44 22.03
N PRO F 317 -19.49 -58.23 22.11
CA PRO F 317 -19.96 -57.09 22.93
C PRO F 317 -19.64 -57.21 24.41
N GLU F 318 -19.83 -58.41 24.95
CA GLU F 318 -19.52 -58.61 26.35
C GLU F 318 -18.02 -58.62 26.58
N THR F 319 -17.23 -59.10 25.61
CA THR F 319 -15.77 -59.13 25.81
C THR F 319 -15.20 -57.71 25.75
N LEU F 320 -15.75 -56.88 24.85
CA LEU F 320 -15.35 -55.47 24.73
C LEU F 320 -15.41 -54.75 26.09
N LEU F 321 -16.44 -55.10 26.88
CA LEU F 321 -16.70 -54.44 28.16
C LEU F 321 -15.62 -54.65 29.20
N LYS F 322 -14.84 -55.71 29.08
CA LYS F 322 -13.74 -55.97 30.04
C LYS F 322 -12.73 -54.83 30.14
N LEU F 323 -12.58 -54.07 29.06
CA LEU F 323 -11.56 -53.01 29.00
C LEU F 323 -11.90 -51.89 29.98
N PHE F 324 -13.19 -51.62 30.11
CA PHE F 324 -13.70 -50.54 30.97
C PHE F 324 -13.94 -51.01 32.41
N SER F 325 -13.94 -52.33 32.63
CA SER F 325 -14.10 -52.88 33.97
C SER F 325 -12.76 -53.33 34.57
N GLY F 326 -11.69 -53.19 33.80
CA GLY F 326 -10.35 -53.59 34.24
C GLY F 326 -10.18 -55.10 34.39
N GLU F 327 -11.07 -55.86 33.77
CA GLU F 327 -11.04 -57.31 33.90
C GLU F 327 -10.09 -57.98 32.91
N ASN F 328 -9.63 -57.24 31.89
CA ASN F 328 -8.58 -57.71 30.99
C ASN F 328 -7.22 -57.68 31.66
N PHE F 329 -6.38 -58.65 31.31
CA PHE F 329 -5.03 -58.68 31.83
C PHE F 329 -4.14 -59.10 30.66
N GLY F 330 -3.54 -58.10 30.01
CA GLY F 330 -2.88 -58.29 28.73
C GLY F 330 -3.68 -57.61 27.63
N LYS F 331 -3.07 -57.45 26.47
CA LYS F 331 -3.76 -56.84 25.34
C LYS F 331 -4.94 -57.71 24.92
N LEU F 332 -6.13 -57.13 24.95
CA LEU F 332 -7.35 -57.88 24.69
C LEU F 332 -7.56 -58.22 23.20
N VAL F 333 -7.74 -59.51 22.95
CA VAL F 333 -7.82 -60.10 21.61
C VAL F 333 -9.01 -61.05 21.52
N LEU F 334 -9.76 -60.92 20.43
CA LEU F 334 -10.89 -61.78 20.15
C LEU F 334 -10.49 -62.76 19.04
N LYS F 335 -10.35 -64.04 19.38
CA LYS F 335 -10.13 -65.05 18.34
C LYS F 335 -11.43 -65.34 17.59
N VAL F 336 -11.43 -65.11 16.29
CA VAL F 336 -12.62 -65.31 15.46
C VAL F 336 -12.76 -66.78 15.12
N GLN G 6 -32.56 35.52 -32.14
CA GLN G 6 -32.09 34.68 -30.99
C GLN G 6 -32.89 34.96 -29.72
N ILE G 7 -33.24 33.91 -28.99
CA ILE G 7 -34.15 34.00 -27.83
C ILE G 7 -33.52 33.44 -26.54
N ASN G 8 -33.69 34.19 -25.45
CA ASN G 8 -33.30 33.73 -24.12
C ASN G 8 -34.49 33.27 -23.26
N ARG G 9 -34.65 31.94 -23.17
CA ARG G 9 -35.68 31.32 -22.32
C ARG G 9 -35.24 31.46 -20.87
N GLN G 10 -36.19 31.82 -20.01
CA GLN G 10 -35.92 32.09 -18.60
C GLN G 10 -37.01 31.58 -17.67
N TYR G 11 -36.61 31.30 -16.44
CA TYR G 11 -37.53 31.08 -15.32
C TYR G 11 -37.34 32.22 -14.33
N GLN G 12 -38.38 33.03 -14.16
CA GLN G 12 -38.35 34.12 -13.19
C GLN G 12 -39.35 33.86 -12.06
N LEU G 13 -39.04 34.38 -10.88
CA LEU G 13 -39.77 34.08 -9.66
C LEU G 13 -41.16 34.73 -9.61
N ALA G 14 -42.19 33.89 -9.65
CA ALA G 14 -43.59 34.34 -9.58
C ALA G 14 -43.99 34.67 -8.15
N THR G 25 -45.79 28.44 -9.37
CA THR G 25 -44.82 28.89 -8.37
C THR G 25 -43.63 29.62 -9.03
N PHE G 26 -43.35 29.27 -10.28
CA PHE G 26 -42.39 29.99 -11.13
C PHE G 26 -43.08 30.40 -12.45
N SER G 27 -42.30 30.89 -13.42
CA SER G 27 -42.86 31.26 -14.74
C SER G 27 -41.83 31.19 -15.87
N PHE G 28 -42.14 30.36 -16.87
CA PHE G 28 -41.28 30.18 -18.04
C PHE G 28 -41.58 31.23 -19.10
N VAL G 29 -40.68 32.20 -19.24
CA VAL G 29 -40.88 33.32 -20.15
C VAL G 29 -39.75 33.42 -21.17
N GLU G 30 -40.13 33.41 -22.45
CA GLU G 30 -39.17 33.68 -23.52
C GLU G 30 -38.93 35.18 -23.60
N THR G 31 -37.66 35.57 -23.72
CA THR G 31 -37.25 36.97 -23.75
C THR G 31 -36.28 37.16 -24.93
N PRO G 32 -36.26 38.35 -25.54
CA PRO G 32 -35.26 38.56 -26.58
C PRO G 32 -33.85 38.64 -25.99
N LEU G 33 -32.89 38.06 -26.70
CA LEU G 33 -31.50 38.13 -26.29
C LEU G 33 -30.99 39.55 -26.54
N GLY G 34 -30.60 40.22 -25.46
CA GLY G 34 -30.01 41.55 -25.54
C GLY G 34 -28.53 41.49 -25.89
N GLU G 35 -27.81 42.57 -25.60
CA GLU G 35 -26.38 42.62 -25.89
C GLU G 35 -25.61 43.31 -24.78
N PRO G 36 -24.40 42.79 -24.46
CA PRO G 36 -23.60 43.27 -23.33
C PRO G 36 -23.07 44.69 -23.51
N ALA G 37 -23.15 45.47 -22.43
CA ALA G 37 -22.59 46.81 -22.38
C ALA G 37 -21.20 46.74 -21.76
N GLU G 38 -20.61 47.91 -21.51
CA GLU G 38 -19.31 48.00 -20.86
C GLU G 38 -19.32 47.35 -19.49
N GLY G 39 -18.19 46.74 -19.15
CA GLY G 39 -18.07 45.99 -17.91
C GLY G 39 -18.82 44.67 -17.90
N GLN G 40 -19.44 44.31 -19.01
CA GLN G 40 -20.29 43.12 -19.08
C GLN G 40 -19.73 42.02 -19.99
N ILE G 41 -20.23 40.81 -19.78
CA ILE G 41 -19.91 39.68 -20.65
C ILE G 41 -21.20 38.99 -21.08
N LEU G 42 -21.12 38.30 -22.21
CA LEU G 42 -22.21 37.46 -22.69
C LEU G 42 -21.75 36.01 -22.60
N VAL G 43 -22.59 35.17 -22.00
CA VAL G 43 -22.26 33.79 -21.72
C VAL G 43 -23.39 32.86 -22.16
N LYS G 44 -23.06 31.85 -22.96
CA LYS G 44 -23.98 30.75 -23.22
C LYS G 44 -23.94 29.83 -22.01
N ASN G 45 -25.06 29.72 -21.30
CA ASN G 45 -25.13 28.82 -20.15
C ASN G 45 -25.11 27.34 -20.59
N GLU G 46 -24.22 26.55 -19.97
CA GLU G 46 -24.09 25.13 -20.31
C GLU G 46 -24.64 24.23 -19.20
N TYR G 47 -24.19 24.47 -17.97
CA TYR G 47 -24.69 23.72 -16.80
C TYR G 47 -25.05 24.65 -15.66
N LEU G 48 -26.14 24.33 -14.96
CA LEU G 48 -26.60 25.14 -13.83
C LEU G 48 -26.57 24.36 -12.53
N SER G 49 -26.23 25.07 -11.45
CA SER G 49 -26.14 24.53 -10.10
C SER G 49 -27.48 24.64 -9.38
N LEU G 50 -28.03 23.48 -9.04
CA LEU G 50 -29.14 23.39 -8.12
C LEU G 50 -28.61 23.13 -6.72
N ASP G 51 -28.86 24.11 -5.85
CA ASP G 51 -28.30 24.12 -4.51
C ASP G 51 -29.42 24.26 -3.49
N PRO G 52 -29.20 23.76 -2.25
CA PRO G 52 -30.19 23.97 -1.21
C PRO G 52 -30.40 25.45 -0.90
N ALA G 53 -29.33 26.24 -0.98
CA ALA G 53 -29.38 27.69 -0.71
C ALA G 53 -30.45 28.42 -1.53
N MET G 54 -30.93 27.79 -2.60
CA MET G 54 -31.98 28.35 -3.46
C MET G 54 -33.24 28.72 -2.67
N ARG G 55 -33.59 27.87 -1.70
CA ARG G 55 -34.68 28.13 -0.77
C ARG G 55 -34.41 29.36 0.10
N GLY G 56 -33.27 29.36 0.81
CA GLY G 56 -32.88 30.44 1.72
C GLY G 56 -32.88 31.82 1.07
N TRP G 57 -32.64 31.85 -0.23
CA TRP G 57 -32.66 33.08 -1.00
C TRP G 57 -34.04 33.69 -1.09
N MET G 58 -35.08 32.87 -0.90
CA MET G 58 -36.46 33.33 -1.06
C MET G 58 -37.13 33.90 0.20
N ASN G 59 -36.40 33.93 1.30
CA ASN G 59 -36.91 34.43 2.59
C ASN G 59 -36.90 35.96 2.72
N ASP G 60 -37.36 36.46 3.86
CA ASP G 60 -37.46 37.91 4.11
C ASP G 60 -36.33 38.50 4.96
N ALA G 61 -36.04 37.86 6.10
CA ALA G 61 -35.05 38.35 7.07
C ALA G 61 -33.63 38.43 6.50
N ARG G 62 -32.83 39.35 7.04
CA ARG G 62 -31.46 39.58 6.58
C ARG G 62 -30.61 38.31 6.55
N SER G 63 -30.40 37.78 5.34
CA SER G 63 -29.48 36.66 5.13
C SER G 63 -28.08 37.23 4.88
N TYR G 64 -27.14 36.37 4.46
CA TYR G 64 -25.77 36.81 4.13
C TYR G 64 -25.71 37.56 2.79
N ILE G 65 -26.67 37.27 1.92
CA ILE G 65 -26.82 37.96 0.62
C ILE G 65 -28.32 38.20 0.36
N PRO G 66 -28.69 39.42 -0.10
CA PRO G 66 -30.08 39.83 -0.35
C PRO G 66 -30.93 38.87 -1.21
N PRO G 67 -32.24 38.78 -0.90
CA PRO G 67 -33.19 37.87 -1.58
C PRO G 67 -33.38 38.16 -3.06
N VAL G 68 -33.83 37.14 -3.81
CA VAL G 68 -34.22 37.31 -5.20
C VAL G 68 -35.49 38.14 -5.26
N GLY G 69 -35.45 39.22 -6.03
CA GLY G 69 -36.59 40.12 -6.18
C GLY G 69 -37.77 39.48 -6.90
N ILE G 70 -38.97 39.80 -6.43
CA ILE G 70 -40.20 39.28 -7.01
C ILE G 70 -40.31 39.70 -8.48
N GLY G 71 -40.40 38.72 -9.36
CA GLY G 71 -40.44 38.98 -10.80
C GLY G 71 -39.12 38.78 -11.54
N GLU G 72 -38.02 38.77 -10.79
CA GLU G 72 -36.66 38.63 -11.35
C GLU G 72 -36.29 37.17 -11.66
N VAL G 73 -35.37 36.99 -12.60
CA VAL G 73 -34.87 35.66 -12.99
C VAL G 73 -34.27 34.92 -11.78
N MET G 74 -34.65 33.66 -11.61
CA MET G 74 -34.20 32.86 -10.46
C MET G 74 -32.68 32.70 -10.46
N ARG G 75 -32.07 32.92 -9.30
CA ARG G 75 -30.62 32.78 -9.14
C ARG G 75 -30.20 31.32 -9.27
N ALA G 76 -29.09 31.12 -9.97
CA ALA G 76 -28.43 29.83 -10.13
C ALA G 76 -26.97 30.09 -10.48
N LEU G 77 -26.08 29.35 -9.80
CA LEU G 77 -24.69 29.34 -10.18
C LEU G 77 -24.62 28.43 -11.38
N GLY G 78 -23.66 28.69 -12.26
CA GLY G 78 -23.53 27.89 -13.46
C GLY G 78 -22.18 27.97 -14.13
N VAL G 79 -21.97 27.09 -15.10
CA VAL G 79 -20.78 27.11 -15.93
C VAL G 79 -21.21 27.36 -17.39
N GLY G 80 -20.39 28.13 -18.11
CA GLY G 80 -20.74 28.58 -19.44
C GLY G 80 -19.58 29.14 -20.22
N LYS G 81 -19.79 29.29 -21.53
CA LYS G 81 -18.77 29.81 -22.43
C LYS G 81 -19.03 31.29 -22.71
N VAL G 82 -18.00 32.11 -22.52
CA VAL G 82 -18.05 33.54 -22.90
C VAL G 82 -18.10 33.66 -24.43
N LEU G 83 -19.14 34.31 -24.94
CA LEU G 83 -19.24 34.57 -26.37
C LEU G 83 -18.64 35.96 -26.68
N VAL G 84 -19.06 36.96 -25.92
CA VAL G 84 -18.60 38.34 -26.08
C VAL G 84 -18.21 38.93 -24.74
N SER G 85 -17.01 39.50 -24.68
CA SER G 85 -16.53 40.18 -23.48
C SER G 85 -16.26 41.65 -23.71
N LYS G 86 -16.80 42.46 -22.80
CA LYS G 86 -16.47 43.87 -22.72
C LYS G 86 -15.79 44.14 -21.38
N HIS G 87 -14.97 43.18 -20.97
CA HIS G 87 -14.34 43.14 -19.66
C HIS G 87 -12.90 42.75 -19.80
N PRO G 88 -11.98 43.57 -19.25
CA PRO G 88 -10.53 43.36 -19.40
C PRO G 88 -10.04 41.98 -18.90
N GLY G 89 -10.81 41.34 -18.03
CA GLY G 89 -10.40 40.09 -17.42
C GLY G 89 -10.92 38.84 -18.10
N PHE G 90 -11.77 39.04 -19.11
CA PHE G 90 -12.43 37.93 -19.79
C PHE G 90 -12.32 38.01 -21.29
N GLN G 91 -12.15 36.86 -21.93
CA GLN G 91 -12.01 36.80 -23.39
C GLN G 91 -13.00 35.80 -23.96
N ALA G 92 -13.51 36.08 -25.16
CA ALA G 92 -14.36 35.13 -25.89
C ALA G 92 -13.71 33.76 -25.92
N GLY G 93 -14.50 32.74 -25.59
CA GLY G 93 -13.98 31.37 -25.59
C GLY G 93 -13.54 30.94 -24.21
N ASP G 94 -13.45 31.89 -23.28
CA ASP G 94 -13.25 31.54 -21.88
C ASP G 94 -14.50 30.82 -21.40
N TYR G 95 -14.28 29.86 -20.51
CA TYR G 95 -15.37 29.23 -19.79
C TYR G 95 -15.35 29.79 -18.39
N VAL G 96 -16.53 30.13 -17.87
CA VAL G 96 -16.61 30.75 -16.57
C VAL G 96 -17.54 30.01 -15.60
N ASN G 97 -17.35 30.30 -14.33
CA ASN G 97 -18.26 29.93 -13.28
C ASN G 97 -18.75 31.24 -12.68
N GLY G 98 -20.05 31.32 -12.45
CA GLY G 98 -20.70 32.52 -11.91
C GLY G 98 -22.19 32.31 -11.72
N ALA G 99 -22.84 33.34 -11.19
CA ALA G 99 -24.29 33.33 -11.05
C ALA G 99 -24.93 33.58 -12.42
N LEU G 100 -25.10 32.50 -13.17
CA LEU G 100 -25.58 32.58 -14.56
C LEU G 100 -27.10 32.61 -14.70
N GLY G 101 -27.80 32.12 -13.66
CA GLY G 101 -29.26 32.22 -13.54
C GLY G 101 -29.98 31.15 -14.34
N VAL G 102 -31.27 30.98 -14.06
CA VAL G 102 -32.04 29.90 -14.69
C VAL G 102 -32.55 30.32 -16.07
N GLN G 103 -31.65 30.20 -17.06
CA GLN G 103 -31.85 30.77 -18.40
C GLN G 103 -30.82 30.23 -19.40
N ASP G 104 -31.06 30.47 -20.68
CA ASP G 104 -30.14 30.02 -21.72
C ASP G 104 -28.85 30.83 -21.75
N TYR G 105 -28.93 32.12 -21.40
CA TYR G 105 -27.86 33.08 -21.63
C TYR G 105 -27.78 34.04 -20.45
N PHE G 106 -26.54 34.32 -20.03
CA PHE G 106 -26.27 35.37 -19.05
C PHE G 106 -25.67 36.61 -19.70
N ILE G 107 -26.18 37.76 -19.29
CA ILE G 107 -25.68 39.07 -19.70
C ILE G 107 -25.65 40.00 -18.50
N GLY G 108 -24.44 40.45 -18.15
CA GLY G 108 -24.27 41.36 -17.02
C GLY G 108 -22.82 41.38 -16.57
N GLU G 109 -22.59 42.06 -15.45
CA GLU G 109 -21.27 42.17 -14.84
C GLU G 109 -20.84 40.84 -14.21
N PRO G 110 -19.57 40.45 -14.41
CA PRO G 110 -19.08 39.19 -13.88
C PRO G 110 -18.71 39.30 -12.41
N LYS G 111 -19.65 39.85 -11.63
CA LYS G 111 -19.55 39.97 -10.18
C LYS G 111 -19.33 38.58 -9.57
N GLY G 112 -18.08 38.32 -9.15
CA GLY G 112 -17.70 37.05 -8.50
C GLY G 112 -17.52 35.86 -9.43
N PHE G 113 -17.32 36.14 -10.73
CA PHE G 113 -17.02 35.10 -11.71
C PHE G 113 -15.53 34.76 -11.66
N TYR G 114 -15.18 33.54 -12.06
CA TYR G 114 -13.79 33.20 -12.36
C TYR G 114 -13.75 32.27 -13.55
N LYS G 115 -12.63 32.28 -14.26
CA LYS G 115 -12.38 31.38 -15.35
C LYS G 115 -12.11 29.99 -14.83
N VAL G 116 -12.60 29.01 -15.57
CA VAL G 116 -12.31 27.61 -15.29
C VAL G 116 -11.66 27.01 -16.53
N ASP G 117 -10.63 26.19 -16.35
CA ASP G 117 -9.91 25.53 -17.47
C ASP G 117 -10.63 24.24 -17.85
N PRO G 118 -11.24 24.19 -19.05
CA PRO G 118 -11.97 22.97 -19.37
C PRO G 118 -11.06 21.77 -19.66
N SER G 119 -9.74 21.95 -19.61
CA SER G 119 -8.82 20.87 -19.90
C SER G 119 -8.46 20.11 -18.64
N ARG G 120 -8.61 20.76 -17.50
CA ARG G 120 -8.20 20.18 -16.25
C ARG G 120 -9.32 19.37 -15.64
N ALA G 121 -10.53 19.46 -16.23
CA ALA G 121 -11.73 18.79 -15.66
C ALA G 121 -12.99 18.84 -16.52
N PRO G 122 -13.91 17.86 -16.33
CA PRO G 122 -15.20 17.96 -17.02
C PRO G 122 -15.92 19.23 -16.57
N LEU G 123 -16.48 19.97 -17.51
CA LEU G 123 -17.24 21.19 -17.27
C LEU G 123 -18.16 21.16 -16.05
N PRO G 124 -19.02 20.13 -15.93
CA PRO G 124 -19.93 20.09 -14.77
C PRO G 124 -19.20 20.00 -13.43
N ARG G 125 -17.96 19.50 -13.41
CA ARG G 125 -17.25 19.36 -12.14
C ARG G 125 -16.89 20.72 -11.56
N TYR G 126 -16.96 21.76 -12.40
CA TYR G 126 -16.77 23.13 -11.95
C TYR G 126 -17.96 23.73 -11.19
N LEU G 127 -19.00 22.90 -10.98
CA LEU G 127 -20.12 23.22 -10.08
C LEU G 127 -20.11 22.35 -8.80
N SER G 128 -19.31 21.30 -8.80
CA SER G 128 -19.25 20.39 -7.66
C SER G 128 -17.87 20.50 -6.98
N ALA G 129 -17.04 19.48 -7.08
CA ALA G 129 -15.78 19.46 -6.32
C ALA G 129 -14.83 20.60 -6.71
N LEU G 130 -14.85 20.98 -7.98
CA LEU G 130 -14.05 22.11 -8.42
C LEU G 130 -14.90 23.37 -8.54
N GLY G 131 -16.10 23.31 -7.96
CA GLY G 131 -16.97 24.47 -7.90
C GLY G 131 -17.31 24.84 -6.47
N MET G 132 -18.49 25.43 -6.28
CA MET G 132 -18.83 26.04 -5.01
C MET G 132 -18.89 25.06 -3.82
N THR G 133 -19.52 23.92 -4.01
CA THR G 133 -19.67 22.94 -2.95
C THR G 133 -18.33 22.33 -2.57
N GLY G 134 -17.46 22.10 -3.55
CA GLY G 134 -16.12 21.62 -3.29
C GLY G 134 -15.27 22.60 -2.54
N MET G 135 -15.34 23.88 -2.91
CA MET G 135 -14.55 24.89 -2.23
C MET G 135 -15.08 25.13 -0.82
N THR G 136 -16.38 24.96 -0.62
CA THR G 136 -16.99 25.05 0.71
C THR G 136 -16.37 24.00 1.62
N ALA G 137 -16.39 22.74 1.18
CA ALA G 137 -15.77 21.64 1.94
C ALA G 137 -14.31 21.96 2.17
N TYR G 138 -13.61 22.38 1.11
CA TYR G 138 -12.18 22.67 1.18
C TYR G 138 -11.87 23.71 2.24
N PHE G 139 -12.50 24.86 2.13
CA PHE G 139 -12.13 25.96 3.03
C PHE G 139 -12.76 25.82 4.40
N ALA G 140 -14.00 25.36 4.46
CA ALA G 140 -14.64 25.18 5.76
C ALA G 140 -13.90 24.11 6.61
N LEU G 141 -13.63 22.94 6.03
CA LEU G 141 -12.87 21.90 6.75
C LEU G 141 -11.47 22.35 7.15
N LEU G 142 -10.68 22.79 6.18
CA LEU G 142 -9.26 23.08 6.46
C LEU G 142 -9.01 24.38 7.22
N ASP G 143 -9.74 25.44 6.88
CA ASP G 143 -9.51 26.72 7.58
C ASP G 143 -10.24 26.81 8.91
N VAL G 144 -11.45 26.28 8.99
CA VAL G 144 -12.22 26.39 10.25
C VAL G 144 -12.10 25.12 11.13
N GLY G 145 -12.25 23.94 10.55
CA GLY G 145 -12.14 22.69 11.31
C GLY G 145 -10.70 22.40 11.73
N GLN G 146 -9.76 22.76 10.85
CA GLN G 146 -8.33 22.50 11.04
C GLN G 146 -8.04 21.05 11.53
N PRO G 147 -8.52 20.03 10.81
CA PRO G 147 -8.32 18.65 11.26
C PRO G 147 -6.83 18.26 11.20
N LYS G 148 -6.39 17.42 12.14
CA LYS G 148 -4.98 16.94 12.13
C LYS G 148 -4.95 15.44 12.00
N ASN G 149 -3.80 14.90 11.63
CA ASN G 149 -3.62 13.44 11.53
C ASN G 149 -4.12 12.72 12.77
N GLY G 150 -4.92 11.67 12.57
CA GLY G 150 -5.41 10.89 13.70
C GLY G 150 -6.62 11.44 14.44
N GLU G 151 -7.08 12.64 14.11
CA GLU G 151 -8.29 13.17 14.76
C GLU G 151 -9.53 12.52 14.17
N THR G 152 -10.62 12.48 14.94
CA THR G 152 -11.88 11.97 14.46
C THR G 152 -12.77 13.10 13.95
N VAL G 153 -13.21 12.94 12.70
CA VAL G 153 -13.98 13.95 11.99
C VAL G 153 -15.32 13.35 11.65
N VAL G 154 -16.39 13.96 12.16
CA VAL G 154 -17.74 13.55 11.85
C VAL G 154 -18.38 14.56 10.90
N ILE G 155 -19.02 14.06 9.84
CA ILE G 155 -19.68 14.88 8.83
C ILE G 155 -21.17 14.55 8.76
N SER G 156 -22.01 15.56 8.97
CA SER G 156 -23.42 15.45 8.63
C SER G 156 -23.67 15.76 7.14
N GLY G 157 -24.80 15.29 6.61
CA GLY G 157 -25.02 15.32 5.17
C GLY G 157 -23.84 14.79 4.38
N ALA G 158 -23.23 13.72 4.87
CA ALA G 158 -21.92 13.26 4.37
C ALA G 158 -21.96 12.71 2.96
N ALA G 159 -23.17 12.35 2.52
CA ALA G 159 -23.39 11.85 1.18
C ALA G 159 -23.59 13.01 0.21
N GLY G 160 -23.92 14.18 0.75
CA GLY G 160 -24.18 15.37 -0.07
C GLY G 160 -22.94 15.97 -0.71
N ALA G 161 -23.16 16.99 -1.52
CA ALA G 161 -22.08 17.57 -2.31
C ALA G 161 -20.94 18.15 -1.48
N VAL G 162 -21.27 18.92 -0.43
CA VAL G 162 -20.25 19.46 0.48
C VAL G 162 -19.64 18.33 1.34
N GLY G 163 -20.52 17.58 2.01
CA GLY G 163 -20.09 16.58 2.99
C GLY G 163 -19.21 15.48 2.42
N SER G 164 -19.55 15.03 1.21
CA SER G 164 -18.78 13.96 0.57
C SER G 164 -17.38 14.42 0.23
N VAL G 165 -17.22 15.69 -0.15
CA VAL G 165 -15.88 16.23 -0.39
C VAL G 165 -15.11 16.48 0.92
N ALA G 166 -15.77 17.10 1.89
CA ALA G 166 -15.16 17.36 3.19
C ALA G 166 -14.61 16.05 3.79
N GLY G 167 -15.39 14.99 3.73
CA GLY G 167 -15.01 13.72 4.31
C GLY G 167 -13.80 13.12 3.61
N GLN G 168 -13.75 13.22 2.29
CA GLN G 168 -12.60 12.76 1.54
C GLN G 168 -11.36 13.59 1.77
N ILE G 169 -11.49 14.90 1.91
CA ILE G 169 -10.30 15.69 2.25
C ILE G 169 -9.78 15.28 3.63
N ALA G 170 -10.70 15.09 4.57
CA ALA G 170 -10.37 14.63 5.91
C ALA G 170 -9.54 13.34 5.87
N ARG G 171 -9.93 12.43 4.99
CA ARG G 171 -9.29 11.12 4.87
C ARG G 171 -7.85 11.33 4.44
N LEU G 172 -7.68 12.27 3.52
CA LEU G 172 -6.38 12.58 2.94
C LEU G 172 -5.46 13.24 3.94
N LYS G 173 -6.03 13.83 4.99
CA LYS G 173 -5.23 14.50 6.01
C LYS G 173 -4.84 13.54 7.15
N GLY G 174 -5.41 12.33 7.12
CA GLY G 174 -5.01 11.29 8.04
C GLY G 174 -5.97 11.08 9.20
N CYS G 175 -7.19 11.60 9.05
CA CYS G 175 -8.18 11.55 10.10
C CYS G 175 -9.02 10.28 10.02
N ARG G 176 -9.65 9.93 11.14
CA ARG G 176 -10.73 8.96 11.12
C ARG G 176 -12.01 9.71 10.75
N VAL G 177 -12.70 9.24 9.72
CA VAL G 177 -13.82 9.96 9.12
C VAL G 177 -15.11 9.17 9.25
N VAL G 178 -16.09 9.79 9.90
CA VAL G 178 -17.36 9.16 10.14
C VAL G 178 -18.46 10.00 9.52
N GLY G 179 -19.28 9.37 8.69
CA GLY G 179 -20.34 10.06 8.00
C GLY G 179 -21.72 9.70 8.51
N ILE G 180 -22.61 10.69 8.43
CA ILE G 180 -24.01 10.55 8.80
C ILE G 180 -24.81 10.83 7.54
N ALA G 181 -25.69 9.89 7.20
CA ALA G 181 -26.41 9.89 5.94
C ALA G 181 -27.69 9.07 6.08
N GLY G 182 -28.66 9.38 5.23
CA GLY G 182 -29.96 8.70 5.25
C GLY G 182 -30.00 7.52 4.31
N GLY G 183 -30.36 6.36 4.84
CA GLY G 183 -30.50 5.15 4.05
C GLY G 183 -29.29 4.25 4.11
N ALA G 184 -29.53 2.94 4.10
CA ALA G 184 -28.44 1.97 4.16
C ALA G 184 -27.57 2.03 2.90
N GLU G 185 -28.16 2.44 1.78
CA GLU G 185 -27.46 2.55 0.51
C GLU G 185 -26.40 3.65 0.52
N LYS G 186 -26.81 4.85 0.91
CA LYS G 186 -25.91 6.01 0.97
C LYS G 186 -24.76 5.77 1.94
N CYS G 187 -25.07 5.24 3.13
CA CYS G 187 -24.06 4.87 4.12
C CYS G 187 -23.05 3.88 3.56
N ARG G 188 -23.53 2.96 2.72
CA ARG G 188 -22.67 1.97 2.08
C ARG G 188 -21.70 2.66 1.13
N PHE G 189 -22.21 3.62 0.38
CA PHE G 189 -21.43 4.41 -0.57
C PHE G 189 -20.25 5.14 0.12
N LEU G 190 -20.53 5.79 1.24
CA LEU G 190 -19.48 6.52 1.98
C LEU G 190 -18.31 5.62 2.34
N VAL G 191 -18.61 4.41 2.80
CA VAL G 191 -17.54 3.51 3.24
C VAL G 191 -16.87 2.81 2.07
N GLU G 192 -17.67 2.24 1.18
CA GLU G 192 -17.12 1.39 0.12
C GLU G 192 -16.56 2.16 -1.07
N GLU G 193 -17.19 3.28 -1.39
CA GLU G 193 -16.78 4.06 -2.55
C GLU G 193 -15.92 5.28 -2.17
N LEU G 194 -16.32 6.01 -1.14
CA LEU G 194 -15.60 7.24 -0.77
C LEU G 194 -14.46 7.03 0.23
N GLY G 195 -14.49 5.91 0.94
CA GLY G 195 -13.41 5.53 1.85
C GLY G 195 -13.56 6.09 3.26
N PHE G 196 -14.78 6.44 3.65
CA PHE G 196 -15.04 6.86 5.03
C PHE G 196 -14.76 5.66 5.95
N ASP G 197 -14.29 5.92 7.17
CA ASP G 197 -14.00 4.82 8.11
C ASP G 197 -15.27 4.25 8.72
N GLY G 198 -16.28 5.09 8.91
CA GLY G 198 -17.54 4.63 9.46
C GLY G 198 -18.71 5.37 8.89
N ALA G 199 -19.92 4.86 9.13
CA ALA G 199 -21.14 5.46 8.63
C ALA G 199 -22.31 5.23 9.57
N ILE G 200 -23.11 6.27 9.79
CA ILE G 200 -24.25 6.19 10.70
C ILE G 200 -25.50 6.56 9.94
N ASP G 201 -26.48 5.64 9.95
CA ASP G 201 -27.76 5.83 9.29
C ASP G 201 -28.74 6.49 10.24
N TYR G 202 -28.88 7.80 10.10
CA TYR G 202 -29.74 8.58 10.99
C TYR G 202 -31.22 8.25 10.76
N LYS G 203 -31.53 7.72 9.58
CA LYS G 203 -32.91 7.41 9.23
C LYS G 203 -33.43 6.11 9.85
N ASN G 204 -32.53 5.15 10.08
CA ASN G 204 -32.92 3.84 10.63
C ASN G 204 -32.37 3.54 12.01
N GLU G 205 -31.26 4.18 12.37
CA GLU G 205 -30.49 3.86 13.57
C GLU G 205 -30.46 4.99 14.60
N ASP G 206 -30.27 4.64 15.86
CA ASP G 206 -30.11 5.63 16.91
C ASP G 206 -28.75 6.33 16.77
N LEU G 207 -28.78 7.66 16.74
CA LEU G 207 -27.59 8.43 16.46
C LEU G 207 -26.56 8.36 17.59
N ALA G 208 -27.01 8.59 18.83
CA ALA G 208 -26.12 8.52 20.00
C ALA G 208 -25.32 7.22 20.07
N ALA G 209 -25.99 6.09 19.80
CA ALA G 209 -25.37 4.78 19.84
C ALA G 209 -24.39 4.62 18.69
N GLY G 210 -24.82 5.05 17.50
CA GLY G 210 -23.95 5.08 16.33
C GLY G 210 -22.66 5.85 16.59
N LEU G 211 -22.78 7.00 17.25
CA LEU G 211 -21.63 7.87 17.52
C LEU G 211 -20.74 7.29 18.56
N LYS G 212 -21.34 6.78 19.64
CA LYS G 212 -20.64 6.06 20.71
C LYS G 212 -19.79 4.95 20.11
N ARG G 213 -20.39 4.25 19.15
CA ARG G 213 -19.75 3.17 18.42
C ARG G 213 -18.61 3.67 17.52
N GLU G 214 -18.89 4.61 16.63
CA GLU G 214 -17.91 5.00 15.60
C GLU G 214 -16.85 5.98 16.06
N CYS G 215 -17.10 6.63 17.19
CA CYS G 215 -16.20 7.68 17.68
C CYS G 215 -15.83 7.39 19.13
N PRO G 216 -14.88 6.47 19.34
CA PRO G 216 -14.48 5.99 20.66
C PRO G 216 -13.76 7.07 21.47
N LYS G 217 -12.86 7.78 20.79
CA LYS G 217 -12.04 8.84 21.39
C LYS G 217 -12.74 10.22 21.38
N GLY G 218 -14.05 10.23 21.18
CA GLY G 218 -14.81 11.47 21.02
C GLY G 218 -14.65 12.05 19.62
N ILE G 219 -15.19 13.26 19.41
CA ILE G 219 -15.19 13.91 18.10
C ILE G 219 -14.36 15.19 18.15
N ASP G 220 -13.35 15.27 17.28
CA ASP G 220 -12.46 16.43 17.23
C ASP G 220 -12.95 17.56 16.31
N VAL G 221 -13.53 17.20 15.17
CA VAL G 221 -14.11 18.14 14.22
C VAL G 221 -15.50 17.64 13.78
N PHE G 222 -16.50 18.50 13.95
CA PHE G 222 -17.83 18.23 13.39
C PHE G 222 -18.11 19.19 12.25
N PHE G 223 -18.33 18.66 11.06
CA PHE G 223 -18.65 19.45 9.90
C PHE G 223 -20.16 19.35 9.77
N ASP G 224 -20.87 20.43 10.12
CA ASP G 224 -22.34 20.41 10.17
C ASP G 224 -22.99 21.07 8.95
N ASN G 225 -23.70 20.25 8.19
CA ASN G 225 -24.50 20.69 7.07
C ASN G 225 -26.00 20.70 7.37
N VAL G 226 -26.37 20.17 8.54
CA VAL G 226 -27.75 19.74 8.79
C VAL G 226 -28.41 20.42 9.98
N GLY G 227 -27.65 20.58 11.06
CA GLY G 227 -28.19 21.18 12.30
C GLY G 227 -29.18 20.27 12.98
N GLY G 228 -30.13 20.87 13.70
CA GLY G 228 -31.26 20.12 14.22
C GLY G 228 -30.78 19.17 15.28
N GLU G 229 -31.36 17.97 15.31
CA GLU G 229 -31.16 17.00 16.37
C GLU G 229 -29.79 16.36 16.26
N ILE G 230 -29.35 16.18 15.02
CA ILE G 230 -28.05 15.61 14.69
C ILE G 230 -26.94 16.44 15.34
N LEU G 231 -27.02 17.76 15.20
CA LEU G 231 -26.05 18.64 15.83
C LEU G 231 -26.07 18.48 17.36
N ASP G 232 -27.25 18.51 17.94
CA ASP G 232 -27.40 18.44 19.40
C ASP G 232 -26.87 17.11 19.95
N THR G 233 -27.12 16.01 19.25
CA THR G 233 -26.55 14.71 19.64
C THR G 233 -25.02 14.67 19.49
N VAL G 234 -24.51 15.25 18.41
CA VAL G 234 -23.06 15.29 18.17
C VAL G 234 -22.39 16.07 19.28
N LEU G 235 -23.02 17.15 19.73
CA LEU G 235 -22.46 17.97 20.82
C LEU G 235 -22.13 17.19 22.08
N THR G 236 -22.91 16.15 22.37
CA THR G 236 -22.68 15.37 23.58
C THR G 236 -21.41 14.50 23.53
N ARG G 237 -20.83 14.29 22.35
CA ARG G 237 -19.63 13.48 22.23
C ARG G 237 -18.40 14.17 21.64
N ILE G 238 -18.41 15.50 21.58
CA ILE G 238 -17.22 16.22 21.12
C ILE G 238 -16.08 16.07 22.12
N ALA G 239 -14.85 16.13 21.63
CA ALA G 239 -13.66 16.03 22.47
C ALA G 239 -13.17 17.39 22.98
N PHE G 240 -12.20 17.32 23.89
CA PHE G 240 -11.43 18.49 24.31
C PHE G 240 -10.94 19.25 23.07
N LYS G 241 -11.29 20.54 23.01
CA LYS G 241 -10.81 21.47 21.98
C LYS G 241 -11.30 21.15 20.57
N ALA G 242 -12.47 20.52 20.53
CA ALA G 242 -13.14 20.21 19.29
C ALA G 242 -13.51 21.52 18.52
N ARG G 243 -13.68 21.35 17.23
CA ARG G 243 -14.07 22.43 16.33
C ARG G 243 -15.32 21.99 15.61
N ILE G 244 -16.36 22.78 15.73
CA ILE G 244 -17.59 22.52 15.03
C ILE G 244 -17.73 23.57 13.92
N VAL G 245 -17.80 23.10 12.68
CA VAL G 245 -17.88 24.00 11.53
C VAL G 245 -19.33 24.07 11.11
N LEU G 246 -19.93 25.24 11.27
CA LEU G 246 -21.30 25.40 10.80
C LEU G 246 -21.29 25.82 9.36
N CYS G 247 -21.67 24.89 8.52
CA CYS G 247 -21.66 25.15 7.13
C CYS G 247 -23.11 25.38 6.70
N GLY G 248 -24.03 24.58 7.23
CA GLY G 248 -25.44 24.74 6.94
C GLY G 248 -26.35 24.13 7.99
N ALA G 249 -27.65 24.17 7.71
CA ALA G 249 -28.66 23.59 8.59
C ALA G 249 -29.87 23.17 7.78
N ILE G 250 -29.65 22.29 6.81
CA ILE G 250 -30.67 21.89 5.86
C ILE G 250 -31.95 21.31 6.50
N SER G 251 -31.82 20.58 7.60
CA SER G 251 -32.99 20.07 8.31
C SER G 251 -33.92 21.18 8.83
N GLN G 252 -33.46 22.43 8.75
CA GLN G 252 -34.20 23.57 9.31
C GLN G 252 -34.76 24.57 8.27
N TYR G 253 -34.35 24.44 7.00
CA TYR G 253 -34.67 25.44 5.97
C TYR G 253 -36.15 25.55 5.61
N ASN G 254 -36.86 24.43 5.68
CA ASN G 254 -38.28 24.40 5.35
C ASN G 254 -39.20 24.54 6.55
N ASN G 255 -38.66 25.03 7.67
CA ASN G 255 -39.45 25.28 8.86
C ASN G 255 -40.36 26.50 8.72
N LYS G 256 -41.65 26.30 8.93
CA LYS G 256 -42.60 27.41 9.03
C LYS G 256 -42.41 28.15 10.36
N GLU G 257 -41.93 27.42 11.36
CA GLU G 257 -41.68 27.97 12.69
C GLU G 257 -40.18 27.99 13.05
N ALA G 258 -39.86 28.24 14.32
CA ALA G 258 -38.50 28.57 14.74
C ALA G 258 -37.48 27.42 14.65
N VAL G 259 -36.25 27.79 14.26
CA VAL G 259 -35.09 26.90 14.24
C VAL G 259 -34.96 26.17 15.59
N ARG G 260 -34.64 24.87 15.55
CA ARG G 260 -34.62 24.07 16.78
C ARG G 260 -33.76 24.67 17.91
N GLY G 261 -32.44 24.55 17.80
CA GLY G 261 -31.54 25.11 18.83
C GLY G 261 -30.84 24.05 19.67
N PRO G 262 -29.50 24.16 19.78
CA PRO G 262 -28.73 23.12 20.46
C PRO G 262 -28.73 23.25 22.00
N ALA G 263 -29.53 22.40 22.66
CA ALA G 263 -29.63 22.40 24.12
C ALA G 263 -28.33 21.94 24.80
N ASN G 264 -27.50 21.23 24.05
CA ASN G 264 -26.25 20.70 24.56
C ASN G 264 -25.04 21.58 24.28
N TYR G 265 -25.33 22.83 23.91
CA TYR G 265 -24.31 23.79 23.50
C TYR G 265 -23.28 24.03 24.58
N LEU G 266 -23.67 23.82 25.85
CA LEU G 266 -22.73 23.99 26.96
C LEU G 266 -21.62 22.95 26.97
N SER G 267 -21.76 21.92 26.13
CA SER G 267 -20.62 21.05 25.82
C SER G 267 -19.41 21.84 25.31
N LEU G 268 -19.65 22.99 24.68
CA LEU G 268 -18.56 23.84 24.16
C LEU G 268 -17.77 24.41 25.31
N LEU G 269 -18.46 24.62 26.42
CA LEU G 269 -17.80 25.10 27.63
C LEU G 269 -17.01 23.97 28.33
N VAL G 270 -17.69 22.87 28.64
CA VAL G 270 -17.05 21.73 29.31
C VAL G 270 -15.82 21.27 28.54
N ASN G 271 -15.91 21.30 27.21
CA ASN G 271 -14.84 20.78 26.35
C ASN G 271 -13.93 21.88 25.79
N ARG G 272 -14.20 23.14 26.15
CA ARG G 272 -13.40 24.28 25.67
C ARG G 272 -13.30 24.21 24.15
N ALA G 273 -14.46 24.07 23.54
CA ALA G 273 -14.57 23.84 22.14
C ALA G 273 -15.08 25.09 21.42
N ARG G 274 -15.00 25.09 20.09
CA ARG G 274 -15.32 26.28 19.31
C ARG G 274 -16.37 25.89 18.28
N MET G 275 -17.39 26.73 18.13
CA MET G 275 -18.36 26.57 17.06
C MET G 275 -18.31 27.81 16.17
N GLU G 276 -18.13 27.60 14.87
CA GLU G 276 -17.86 28.70 13.95
C GLU G 276 -18.54 28.52 12.62
N GLY G 277 -19.24 29.56 12.18
CA GLY G 277 -19.85 29.56 10.86
C GLY G 277 -18.93 30.12 9.78
N MET G 278 -19.24 29.80 8.52
CA MET G 278 -18.46 30.32 7.38
C MET G 278 -19.34 30.45 6.14
N VAL G 279 -18.89 31.28 5.21
CA VAL G 279 -19.56 31.42 3.93
C VAL G 279 -18.46 31.30 2.90
N VAL G 280 -18.68 30.42 1.92
CA VAL G 280 -17.65 30.04 0.94
C VAL G 280 -17.08 31.24 0.17
N MET G 281 -17.95 32.17 -0.23
CA MET G 281 -17.50 33.32 -1.00
C MET G 281 -16.55 34.23 -0.22
N ASP G 282 -16.50 34.13 1.10
CA ASP G 282 -15.48 34.89 1.85
C ASP G 282 -14.06 34.47 1.49
N TYR G 283 -13.93 33.35 0.78
CA TYR G 283 -12.62 32.78 0.47
C TYR G 283 -12.33 32.92 -1.03
N ALA G 284 -13.21 33.63 -1.74
CA ALA G 284 -13.10 33.78 -3.21
C ALA G 284 -11.68 34.10 -3.69
N GLN G 285 -10.94 34.90 -2.93
CA GLN G 285 -9.58 35.23 -3.35
C GLN G 285 -8.59 34.06 -3.27
N ARG G 286 -8.97 33.01 -2.54
CA ARG G 286 -8.07 31.88 -2.34
C ARG G 286 -8.49 30.69 -3.18
N PHE G 287 -9.57 30.84 -3.92
CA PHE G 287 -10.04 29.80 -4.80
C PHE G 287 -8.95 29.22 -5.72
N PRO G 288 -8.08 30.08 -6.33
CA PRO G 288 -7.05 29.55 -7.22
C PRO G 288 -6.19 28.45 -6.59
N GLU G 289 -5.65 28.68 -5.39
CA GLU G 289 -4.81 27.66 -4.73
C GLU G 289 -5.64 26.45 -4.31
N GLY G 290 -6.90 26.69 -3.94
CA GLY G 290 -7.77 25.62 -3.50
C GLY G 290 -8.14 24.75 -4.68
N LEU G 291 -8.46 25.39 -5.79
CA LEU G 291 -8.83 24.69 -7.01
C LEU G 291 -7.68 23.90 -7.60
N LYS G 292 -6.51 24.51 -7.63
CA LYS G 292 -5.29 23.83 -8.09
C LYS G 292 -5.04 22.52 -7.32
N GLU G 293 -5.07 22.60 -5.99
CA GLU G 293 -4.89 21.39 -5.17
C GLU G 293 -5.99 20.36 -5.36
N MET G 294 -7.24 20.83 -5.38
CA MET G 294 -8.37 19.93 -5.57
C MET G 294 -8.25 19.16 -6.91
N ALA G 295 -7.83 19.86 -7.96
CA ALA G 295 -7.67 19.25 -9.29
C ALA G 295 -6.68 18.09 -9.30
N THR G 296 -5.57 18.25 -8.58
CA THR G 296 -4.57 17.18 -8.52
C THR G 296 -5.13 15.97 -7.77
N TRP G 297 -5.98 16.20 -6.77
CA TRP G 297 -6.54 15.08 -6.00
C TRP G 297 -7.46 14.27 -6.85
N LEU G 298 -8.31 14.97 -7.60
CA LEU G 298 -9.26 14.34 -8.51
C LEU G 298 -8.50 13.58 -9.60
N ALA G 299 -7.46 14.20 -10.15
CA ALA G 299 -6.69 13.65 -11.27
C ALA G 299 -5.98 12.35 -10.89
N GLU G 300 -5.43 12.31 -9.67
CA GLU G 300 -4.74 11.14 -9.12
C GLU G 300 -5.71 10.07 -8.62
N GLY G 301 -7.00 10.35 -8.65
CA GLY G 301 -8.00 9.42 -8.14
C GLY G 301 -8.07 9.27 -6.62
N LYS G 302 -7.44 10.20 -5.90
CA LYS G 302 -7.51 10.28 -4.43
C LYS G 302 -8.85 10.80 -3.89
N LEU G 303 -9.52 11.61 -4.69
CA LEU G 303 -10.80 12.17 -4.29
C LEU G 303 -11.79 12.01 -5.44
N GLN G 304 -13.00 11.60 -5.10
CA GLN G 304 -14.05 11.35 -6.09
C GLN G 304 -15.18 12.36 -5.99
N SER G 305 -15.70 12.76 -7.15
CA SER G 305 -16.83 13.69 -7.22
C SER G 305 -17.96 13.13 -8.06
N ARG G 306 -19.16 13.08 -7.47
CA ARG G 306 -20.36 12.64 -8.19
C ARG G 306 -21.27 13.80 -8.58
N GLU G 307 -21.70 13.80 -9.83
CA GLU G 307 -22.71 14.76 -10.29
C GLU G 307 -23.91 14.03 -10.87
N ASP G 308 -25.10 14.42 -10.46
CA ASP G 308 -26.32 13.89 -11.04
C ASP G 308 -26.83 14.92 -12.05
N ILE G 309 -26.61 14.63 -13.32
CA ILE G 309 -26.95 15.57 -14.39
C ILE G 309 -28.26 15.23 -15.10
N VAL G 310 -29.20 16.17 -15.06
CA VAL G 310 -30.45 16.07 -15.81
C VAL G 310 -30.44 17.08 -16.97
N GLU G 311 -30.85 16.62 -18.16
CA GLU G 311 -30.78 17.40 -19.42
C GLU G 311 -32.05 18.21 -19.68
N GLY G 312 -31.87 19.45 -20.15
CA GLY G 312 -32.99 20.34 -20.52
C GLY G 312 -33.35 21.39 -19.50
N LEU G 313 -33.16 22.67 -19.87
CA LEU G 313 -33.51 23.78 -18.99
C LEU G 313 -34.98 23.74 -18.63
N GLU G 314 -35.80 23.32 -19.59
CA GLU G 314 -37.26 23.28 -19.44
C GLU G 314 -37.73 22.38 -18.31
N THR G 315 -36.92 21.37 -17.96
CA THR G 315 -37.23 20.43 -16.89
C THR G 315 -37.03 21.02 -15.48
N PHE G 316 -36.63 22.29 -15.41
CA PHE G 316 -36.22 22.94 -14.15
C PHE G 316 -37.13 22.74 -12.92
N PRO G 317 -38.40 23.22 -13.00
CA PRO G 317 -39.21 23.15 -11.76
C PRO G 317 -39.36 21.73 -11.22
N GLU G 318 -39.46 20.75 -12.13
CA GLU G 318 -39.46 19.32 -11.81
C GLU G 318 -38.15 18.83 -11.16
N THR G 319 -37.02 19.19 -11.78
CA THR G 319 -35.69 18.82 -11.27
C THR G 319 -35.45 19.48 -9.91
N LEU G 320 -35.88 20.74 -9.81
CA LEU G 320 -35.75 21.51 -8.57
C LEU G 320 -36.31 20.76 -7.35
N LEU G 321 -37.40 20.03 -7.55
CA LEU G 321 -38.02 19.28 -6.47
C LEU G 321 -37.24 17.99 -6.18
N LYS G 322 -36.09 18.13 -5.50
CA LYS G 322 -35.18 17.01 -5.22
C LYS G 322 -34.27 17.22 -4.01
N LEU G 323 -33.95 18.47 -3.71
CA LEU G 323 -32.83 18.80 -2.82
C LEU G 323 -33.10 18.65 -1.32
N PHE G 324 -34.37 18.58 -0.95
CA PHE G 324 -34.76 18.38 0.45
C PHE G 324 -35.40 17.00 0.60
N SER G 325 -35.76 16.40 -0.53
CA SER G 325 -36.29 15.04 -0.59
C SER G 325 -35.21 14.04 -0.16
N GLY G 326 -34.02 14.20 -0.75
CA GLY G 326 -32.92 13.26 -0.56
C GLY G 326 -32.76 12.34 -1.77
N GLU G 327 -33.35 12.75 -2.90
CA GLU G 327 -33.34 11.96 -4.12
C GLU G 327 -32.09 12.16 -5.00
N ASN G 328 -31.47 13.33 -4.90
CA ASN G 328 -30.22 13.60 -5.61
C ASN G 328 -29.09 12.66 -5.16
N PHE G 329 -28.56 11.87 -6.08
CA PHE G 329 -27.35 11.11 -5.79
C PHE G 329 -26.14 11.79 -6.42
N GLY G 330 -25.50 12.64 -5.63
CA GLY G 330 -24.44 13.51 -6.11
C GLY G 330 -24.93 14.93 -6.22
N LYS G 331 -24.04 15.82 -6.63
CA LYS G 331 -24.36 17.23 -6.82
C LYS G 331 -25.37 17.36 -7.96
N LEU G 332 -26.49 18.02 -7.70
CA LEU G 332 -27.53 18.14 -8.72
C LEU G 332 -27.18 19.19 -9.77
N VAL G 333 -27.17 18.78 -11.04
CA VAL G 333 -26.79 19.68 -12.12
C VAL G 333 -27.76 19.60 -13.30
N LEU G 334 -28.18 20.78 -13.75
CA LEU G 334 -29.07 20.93 -14.89
C LEU G 334 -28.27 21.32 -16.11
N LYS G 335 -28.29 20.47 -17.14
CA LYS G 335 -27.73 20.84 -18.43
C LYS G 335 -28.78 21.66 -19.16
N VAL G 336 -28.35 22.81 -19.70
CA VAL G 336 -29.27 23.71 -20.39
C VAL G 336 -29.22 23.46 -21.89
N GLN H 6 -8.39 20.98 68.93
CA GLN H 6 -8.89 21.91 67.88
C GLN H 6 -9.91 21.22 66.97
N ILE H 7 -11.05 21.88 66.78
CA ILE H 7 -12.12 21.39 65.91
C ILE H 7 -12.10 22.08 64.54
N ASN H 8 -12.30 21.26 63.51
CA ASN H 8 -12.41 21.75 62.15
C ASN H 8 -13.85 21.53 61.67
N ARG H 9 -14.59 22.64 61.61
CA ARG H 9 -15.95 22.59 61.09
C ARG H 9 -15.92 22.47 59.57
N GLN H 10 -16.83 21.67 59.02
CA GLN H 10 -16.88 21.43 57.58
C GLN H 10 -18.28 21.15 57.08
N TYR H 11 -18.63 21.76 55.95
CA TYR H 11 -19.85 21.39 55.26
C TYR H 11 -19.54 20.25 54.30
N GLN H 12 -20.29 19.17 54.45
CA GLN H 12 -20.16 17.98 53.61
C GLN H 12 -21.32 17.90 52.63
N LEU H 13 -21.07 17.30 51.47
CA LEU H 13 -22.15 16.99 50.54
C LEU H 13 -22.91 15.80 51.09
N ALA H 14 -24.21 15.99 51.35
CA ALA H 14 -25.08 14.93 51.87
C ALA H 14 -25.86 14.24 50.74
N GLN H 15 -26.40 15.04 49.83
CA GLN H 15 -27.17 14.54 48.69
C GLN H 15 -27.02 15.43 47.47
N ARG H 16 -26.97 14.80 46.30
CA ARG H 16 -27.04 15.51 45.03
C ARG H 16 -28.42 16.17 44.92
N PRO H 17 -28.47 17.50 44.75
CA PRO H 17 -29.74 18.24 44.76
C PRO H 17 -30.44 18.20 43.42
N SER H 18 -31.73 18.55 43.42
CA SER H 18 -32.55 18.56 42.20
C SER H 18 -32.43 19.87 41.44
N GLY H 19 -33.16 20.88 41.91
CA GLY H 19 -33.15 22.20 41.26
C GLY H 19 -32.25 23.16 42.02
N LEU H 20 -32.85 24.16 42.65
CA LEU H 20 -32.13 25.03 43.56
C LEU H 20 -31.75 24.19 44.78
N PRO H 21 -30.48 24.29 45.23
CA PRO H 21 -30.03 23.46 46.35
C PRO H 21 -30.16 24.18 47.69
N GLY H 22 -31.16 23.76 48.48
CA GLY H 22 -31.40 24.34 49.80
C GLY H 22 -30.76 23.55 50.93
N ARG H 23 -31.37 23.60 52.10
CA ARG H 23 -30.85 22.87 53.25
C ARG H 23 -30.99 21.35 53.04
N ASP H 24 -30.41 20.57 53.94
CA ASP H 24 -30.40 19.11 53.80
C ASP H 24 -29.60 18.65 52.58
N THR H 25 -29.16 19.58 51.74
CA THR H 25 -28.21 19.27 50.68
C THR H 25 -26.83 19.08 51.31
N PHE H 26 -26.55 19.91 52.32
CA PHE H 26 -25.29 19.84 53.06
C PHE H 26 -25.45 19.29 54.46
N SER H 27 -24.37 18.70 54.98
CA SER H 27 -24.30 18.27 56.36
C SER H 27 -23.18 19.02 57.08
N PHE H 28 -23.56 19.77 58.12
CA PHE H 28 -22.59 20.48 58.95
C PHE H 28 -22.00 19.52 59.99
N VAL H 29 -20.68 19.33 59.91
CA VAL H 29 -19.99 18.30 60.70
C VAL H 29 -18.76 18.86 61.42
N GLU H 30 -18.50 18.32 62.60
CA GLU H 30 -17.33 18.70 63.39
C GLU H 30 -16.40 17.51 63.55
N THR H 31 -15.30 17.52 62.79
CA THR H 31 -14.28 16.48 62.86
C THR H 31 -13.04 17.03 63.55
N PRO H 32 -12.22 16.15 64.16
CA PRO H 32 -10.98 16.61 64.80
C PRO H 32 -9.94 17.06 63.77
N LEU H 33 -9.20 18.11 64.09
CA LEU H 33 -8.14 18.59 63.21
C LEU H 33 -6.94 17.62 63.14
N GLY H 34 -6.70 17.11 61.94
CA GLY H 34 -5.59 16.19 61.70
C GLY H 34 -4.24 16.86 61.51
N GLU H 35 -3.31 16.12 60.94
CA GLU H 35 -1.97 16.62 60.65
C GLU H 35 -1.58 16.26 59.22
N PRO H 36 -0.85 17.16 58.53
CA PRO H 36 -0.45 16.89 57.15
C PRO H 36 0.57 15.76 57.03
N ALA H 37 0.40 14.94 56.00
CA ALA H 37 1.38 13.93 55.59
C ALA H 37 2.43 14.54 54.64
N GLU H 38 3.39 13.73 54.21
CA GLU H 38 4.42 14.21 53.29
C GLU H 38 3.77 14.69 51.99
N GLY H 39 4.29 15.81 51.48
CA GLY H 39 3.74 16.45 50.28
C GLY H 39 2.50 17.29 50.56
N GLN H 40 2.15 17.45 51.83
CA GLN H 40 0.93 18.16 52.22
C GLN H 40 1.20 19.41 53.05
N ILE H 41 0.22 20.31 53.08
CA ILE H 41 0.27 21.50 53.95
C ILE H 41 -1.02 21.63 54.78
N LEU H 42 -0.95 22.42 55.86
CA LEU H 42 -2.12 22.73 56.67
C LEU H 42 -2.37 24.24 56.67
N VAL H 43 -3.60 24.60 56.32
CA VAL H 43 -3.97 25.99 56.10
C VAL H 43 -5.12 26.38 56.99
N LYS H 44 -5.00 27.56 57.62
CA LYS H 44 -6.10 28.18 58.34
C LYS H 44 -6.91 29.03 57.36
N ASN H 45 -8.11 28.55 57.03
CA ASN H 45 -8.96 29.24 56.06
C ASN H 45 -9.51 30.56 56.62
N GLU H 46 -9.36 31.63 55.85
CA GLU H 46 -9.78 32.97 56.26
C GLU H 46 -10.98 33.47 55.43
N TYR H 47 -10.83 33.47 54.10
CA TYR H 47 -11.91 33.86 53.19
C TYR H 47 -12.18 32.80 52.13
N LEU H 48 -13.46 32.46 51.95
CA LEU H 48 -13.86 31.49 50.95
C LEU H 48 -14.56 32.15 49.76
N SER H 49 -14.28 31.63 48.58
CA SER H 49 -14.93 32.09 47.36
C SER H 49 -16.26 31.36 47.22
N LEU H 50 -17.36 32.10 47.10
CA LEU H 50 -18.62 31.50 46.70
C LEU H 50 -18.83 31.74 45.19
N ASP H 51 -18.95 30.64 44.44
CA ASP H 51 -18.92 30.68 42.97
C ASP H 51 -20.09 29.90 42.37
N PRO H 52 -20.65 30.42 41.26
CA PRO H 52 -21.74 29.72 40.56
C PRO H 52 -21.32 28.30 40.17
N ALA H 53 -20.05 28.10 39.89
CA ALA H 53 -19.53 26.78 39.53
C ALA H 53 -19.81 25.71 40.60
N MET H 54 -20.14 26.15 41.81
CA MET H 54 -20.41 25.24 42.93
C MET H 54 -21.58 24.33 42.65
N ARG H 55 -22.64 24.89 42.06
CA ARG H 55 -23.79 24.08 41.67
C ARG H 55 -23.40 22.89 40.80
N GLY H 56 -22.46 23.11 39.88
CA GLY H 56 -21.96 22.05 39.02
C GLY H 56 -21.18 21.01 39.80
N TRP H 57 -20.50 21.47 40.85
CA TRP H 57 -19.71 20.58 41.70
C TRP H 57 -20.56 19.64 42.52
N MET H 58 -21.81 20.02 42.78
CA MET H 58 -22.76 19.17 43.51
C MET H 58 -23.23 17.97 42.68
N SER H 63 -18.82 16.99 33.06
CA SER H 63 -18.30 18.33 33.40
C SER H 63 -16.77 18.40 33.36
N TYR H 64 -16.23 19.61 33.48
CA TYR H 64 -14.78 19.83 33.31
C TYR H 64 -13.90 19.34 34.46
N ILE H 65 -14.52 19.18 35.64
CA ILE H 65 -13.83 18.70 36.85
C ILE H 65 -14.73 17.62 37.50
N PRO H 66 -14.14 16.58 38.13
CA PRO H 66 -14.96 15.59 38.82
C PRO H 66 -15.87 16.25 39.87
N PRO H 67 -17.08 15.70 40.10
CA PRO H 67 -17.96 16.30 41.10
C PRO H 67 -17.49 16.01 42.54
N VAL H 68 -18.14 16.64 43.53
CA VAL H 68 -17.83 16.39 44.94
C VAL H 68 -18.41 15.04 45.35
N GLY H 69 -17.59 14.21 46.01
CA GLY H 69 -18.05 12.92 46.50
C GLY H 69 -19.02 13.12 47.65
N ILE H 70 -20.06 12.28 47.72
CA ILE H 70 -20.97 12.30 48.86
C ILE H 70 -20.21 11.96 50.15
N GLY H 71 -20.39 12.80 51.17
CA GLY H 71 -19.66 12.65 52.42
C GLY H 71 -18.31 13.34 52.40
N GLU H 72 -17.93 13.92 51.26
CA GLU H 72 -16.69 14.69 51.22
C GLU H 72 -16.97 16.15 51.59
N VAL H 73 -15.94 16.88 51.99
CA VAL H 73 -16.07 18.30 52.27
C VAL H 73 -16.44 19.01 50.98
N MET H 74 -17.33 20.01 51.05
CA MET H 74 -17.75 20.74 49.86
C MET H 74 -16.57 21.48 49.22
N ARG H 75 -16.47 21.41 47.90
CA ARG H 75 -15.39 22.07 47.17
C ARG H 75 -15.51 23.59 47.28
N ALA H 76 -14.38 24.25 47.53
CA ALA H 76 -14.35 25.71 47.59
C ALA H 76 -12.95 26.26 47.44
N LEU H 77 -12.83 27.28 46.59
CA LEU H 77 -11.59 28.03 46.49
C LEU H 77 -11.55 28.98 47.69
N GLY H 78 -10.36 29.31 48.17
CA GLY H 78 -10.27 30.16 49.35
C GLY H 78 -8.89 30.75 49.50
N VAL H 79 -8.76 31.65 50.47
CA VAL H 79 -7.48 32.22 50.86
C VAL H 79 -7.29 31.88 52.34
N GLY H 80 -6.07 31.53 52.71
CA GLY H 80 -5.78 31.09 54.07
C GLY H 80 -4.33 31.26 54.46
N LYS H 81 -4.02 31.02 55.73
CA LYS H 81 -2.67 31.14 56.30
C LYS H 81 -2.09 29.74 56.48
N VAL H 82 -0.88 29.52 55.97
CA VAL H 82 -0.24 28.22 56.10
C VAL H 82 0.29 28.12 57.53
N LEU H 83 -0.13 27.06 58.23
CA LEU H 83 0.32 26.84 59.60
C LEU H 83 1.55 25.93 59.60
N VAL H 84 1.47 24.83 58.87
CA VAL H 84 2.61 23.94 58.68
C VAL H 84 2.73 23.44 57.24
N SER H 85 3.96 23.15 56.82
CA SER H 85 4.24 22.69 55.47
C SER H 85 5.22 21.51 55.42
N LYS H 86 4.78 20.43 54.79
CA LYS H 86 5.64 19.30 54.43
C LYS H 86 5.84 19.25 52.91
N HIS H 87 5.95 20.42 52.30
CA HIS H 87 6.03 20.58 50.86
C HIS H 87 6.99 21.70 50.52
N PRO H 88 8.00 21.41 49.68
CA PRO H 88 9.10 22.35 49.35
C PRO H 88 8.65 23.72 48.85
N GLY H 89 7.45 23.80 48.29
CA GLY H 89 6.95 25.04 47.70
C GLY H 89 6.41 26.06 48.70
N PHE H 90 6.12 25.59 49.91
CA PHE H 90 5.43 26.42 50.90
C PHE H 90 6.05 26.35 52.27
N GLN H 91 5.94 27.46 53.00
CA GLN H 91 6.41 27.51 54.38
C GLN H 91 5.34 28.06 55.32
N ALA H 92 5.42 27.65 56.59
CA ALA H 92 4.58 28.19 57.65
C ALA H 92 4.60 29.71 57.62
N GLY H 93 3.41 30.32 57.70
CA GLY H 93 3.31 31.79 57.67
C GLY H 93 2.93 32.38 56.34
N ASP H 94 3.01 31.59 55.28
CA ASP H 94 2.58 32.01 53.94
C ASP H 94 1.06 32.14 53.91
N TYR H 95 0.58 33.06 53.06
CA TYR H 95 -0.82 33.15 52.69
C TYR H 95 -1.00 32.57 51.30
N VAL H 96 -2.02 31.73 51.14
CA VAL H 96 -2.18 30.96 49.92
C VAL H 96 -3.60 31.02 49.39
N ASN H 97 -3.70 31.05 48.07
CA ASN H 97 -4.94 30.87 47.35
C ASN H 97 -4.97 29.41 46.89
N GLY H 98 -6.06 28.71 47.17
CA GLY H 98 -6.12 27.29 46.85
C GLY H 98 -7.50 26.74 47.00
N ALA H 99 -7.65 25.45 46.71
CA ALA H 99 -8.93 24.78 46.87
C ALA H 99 -9.02 24.33 48.32
N LEU H 100 -9.54 25.22 49.17
CA LEU H 100 -9.45 25.01 50.61
C LEU H 100 -10.67 24.30 51.17
N GLY H 101 -11.77 24.29 50.43
CA GLY H 101 -12.97 23.57 50.84
C GLY H 101 -13.81 24.35 51.86
N VAL H 102 -15.06 23.96 52.03
CA VAL H 102 -15.96 24.65 52.94
C VAL H 102 -15.76 24.15 54.38
N GLN H 103 -14.70 24.63 55.02
CA GLN H 103 -14.23 24.12 56.33
C GLN H 103 -13.27 25.15 56.96
N ASP H 104 -13.01 25.03 58.27
CA ASP H 104 -12.08 25.97 58.92
C ASP H 104 -10.64 25.78 58.49
N TYR H 105 -10.28 24.55 58.19
CA TYR H 105 -8.88 24.19 57.97
C TYR H 105 -8.72 23.24 56.80
N PHE H 106 -7.76 23.57 55.93
CA PHE H 106 -7.36 22.66 54.85
C PHE H 106 -6.13 21.86 55.20
N ILE H 107 -6.20 20.56 54.94
CA ILE H 107 -5.05 19.66 54.99
C ILE H 107 -4.97 18.87 53.68
N GLY H 108 -3.83 18.96 52.98
CA GLY H 108 -3.60 18.20 51.75
C GLY H 108 -2.53 18.71 50.80
N GLU H 109 -2.42 18.02 49.66
CA GLU H 109 -1.55 18.43 48.54
C GLU H 109 -1.88 19.84 48.01
N PRO H 110 -0.90 20.76 48.05
CA PRO H 110 -1.13 22.13 47.56
C PRO H 110 -1.11 22.25 46.01
N LYS H 111 -1.84 21.37 45.34
CA LYS H 111 -1.87 21.32 43.88
C LYS H 111 -2.54 22.56 43.32
N GLY H 112 -1.77 23.37 42.59
CA GLY H 112 -2.28 24.57 41.95
C GLY H 112 -2.47 25.72 42.94
N PHE H 113 -1.95 25.56 44.15
CA PHE H 113 -1.94 26.63 45.15
C PHE H 113 -0.85 27.62 44.78
N TYR H 114 -1.09 28.89 45.07
CA TYR H 114 -0.07 29.92 44.95
C TYR H 114 -0.13 30.86 46.13
N LYS H 115 1.02 31.44 46.46
CA LYS H 115 1.11 32.42 47.53
C LYS H 115 0.53 33.75 47.11
N VAL H 116 -0.12 34.42 48.06
CA VAL H 116 -0.64 35.76 47.87
C VAL H 116 0.05 36.69 48.88
N ASP H 117 0.22 37.95 48.52
CA ASP H 117 0.86 38.90 49.43
C ASP H 117 -0.20 39.79 50.08
N PRO H 118 -0.44 39.60 51.39
CA PRO H 118 -1.46 40.35 52.14
C PRO H 118 -1.14 41.84 52.29
N SER H 119 0.14 42.20 52.14
CA SER H 119 0.56 43.59 52.30
C SER H 119 0.28 44.40 51.04
N ARG H 120 -0.01 43.74 49.93
CA ARG H 120 -0.18 44.43 48.65
C ARG H 120 -1.64 44.63 48.28
N ALA H 121 -2.53 43.89 48.94
CA ALA H 121 -3.98 43.94 48.66
C ALA H 121 -4.78 43.21 49.75
N PRO H 122 -6.03 43.64 50.01
CA PRO H 122 -6.79 42.90 51.03
C PRO H 122 -7.08 41.44 50.62
N LEU H 123 -7.01 40.51 51.58
CA LEU H 123 -7.21 39.09 51.32
C LEU H 123 -8.40 38.74 50.41
N PRO H 124 -9.59 39.34 50.63
CA PRO H 124 -10.72 38.92 49.79
C PRO H 124 -10.55 39.27 48.31
N ARG H 125 -9.67 40.23 48.03
CA ARG H 125 -9.33 40.61 46.66
C ARG H 125 -8.64 39.45 45.91
N TYR H 126 -7.95 38.59 46.66
CA TYR H 126 -7.26 37.46 46.05
C TYR H 126 -8.25 36.35 45.68
N LEU H 127 -9.53 36.68 45.77
CA LEU H 127 -10.59 35.80 45.31
C LEU H 127 -11.37 36.45 44.18
N SER H 128 -11.14 37.73 43.93
CA SER H 128 -11.89 38.44 42.87
C SER H 128 -10.95 38.88 41.76
N ALA H 129 -10.77 40.19 41.61
CA ALA H 129 -9.93 40.76 40.57
C ALA H 129 -8.51 40.20 40.55
N LEU H 130 -7.97 39.89 41.73
CA LEU H 130 -6.64 39.29 41.83
C LEU H 130 -6.73 37.80 42.15
N GLY H 131 -7.85 37.22 41.78
CA GLY H 131 -8.06 35.79 41.95
C GLY H 131 -8.70 35.16 40.73
N MET H 132 -9.39 34.07 40.98
CA MET H 132 -9.98 33.24 39.95
C MET H 132 -10.93 33.99 38.99
N THR H 133 -11.82 34.80 39.56
CA THR H 133 -12.84 35.52 38.77
C THR H 133 -12.17 36.58 37.90
N GLY H 134 -11.15 37.22 38.45
CA GLY H 134 -10.34 38.18 37.72
C GLY H 134 -9.62 37.57 36.54
N MET H 135 -9.13 36.34 36.71
CA MET H 135 -8.37 35.66 35.68
C MET H 135 -9.29 35.16 34.56
N THR H 136 -10.45 34.67 34.97
CA THR H 136 -11.50 34.27 34.04
C THR H 136 -11.84 35.42 33.09
N ALA H 137 -12.13 36.59 33.66
CA ALA H 137 -12.45 37.78 32.87
C ALA H 137 -11.28 38.10 31.95
N TYR H 138 -10.09 38.13 32.53
CA TYR H 138 -8.85 38.45 31.83
C TYR H 138 -8.60 37.54 30.62
N PHE H 139 -8.47 36.23 30.88
CA PHE H 139 -8.13 35.29 29.81
C PHE H 139 -9.28 35.02 28.84
N ALA H 140 -10.50 34.92 29.36
CA ALA H 140 -11.67 34.74 28.50
C ALA H 140 -11.84 35.88 27.52
N LEU H 141 -11.86 37.11 28.04
CA LEU H 141 -12.03 38.30 27.21
C LEU H 141 -10.88 38.44 26.22
N LEU H 142 -9.65 38.42 26.71
CA LEU H 142 -8.51 38.77 25.87
C LEU H 142 -8.04 37.64 24.93
N ASP H 143 -8.00 36.40 25.42
CA ASP H 143 -7.53 35.29 24.59
C ASP H 143 -8.64 34.75 23.70
N VAL H 144 -9.86 34.69 24.23
CA VAL H 144 -10.96 34.13 23.46
C VAL H 144 -11.77 35.20 22.73
N GLY H 145 -12.10 36.29 23.44
CA GLY H 145 -12.87 37.38 22.84
C GLY H 145 -12.10 38.16 21.81
N GLN H 146 -10.81 38.36 22.10
CA GLN H 146 -9.89 39.13 21.27
C GLN H 146 -10.48 40.50 20.89
N PRO H 147 -10.91 41.29 21.88
CA PRO H 147 -11.56 42.55 21.53
C PRO H 147 -10.56 43.50 20.86
N LYS H 148 -11.00 44.27 19.87
CA LYS H 148 -10.13 45.36 19.38
C LYS H 148 -10.70 46.77 19.58
N ASN H 149 -9.82 47.76 19.47
CA ASN H 149 -10.16 49.18 19.56
C ASN H 149 -11.38 49.50 18.73
N GLY H 150 -12.37 50.15 19.35
CA GLY H 150 -13.57 50.57 18.65
C GLY H 150 -14.69 49.55 18.57
N GLU H 151 -14.39 48.29 18.90
CA GLU H 151 -15.40 47.22 18.78
C GLU H 151 -16.48 47.33 19.84
N THR H 152 -17.69 46.92 19.48
CA THR H 152 -18.81 46.87 20.43
C THR H 152 -18.79 45.55 21.22
N VAL H 153 -18.64 45.68 22.54
CA VAL H 153 -18.52 44.57 23.48
C VAL H 153 -19.70 44.52 24.45
N VAL H 154 -20.51 43.47 24.35
CA VAL H 154 -21.66 43.23 25.24
C VAL H 154 -21.34 42.16 26.30
N ILE H 155 -21.62 42.48 27.56
CA ILE H 155 -21.37 41.57 28.67
C ILE H 155 -22.62 41.25 29.48
N SER H 156 -22.98 39.98 29.55
CA SER H 156 -24.02 39.50 30.48
C SER H 156 -23.45 39.24 31.88
N GLY H 157 -24.35 39.14 32.85
CA GLY H 157 -23.98 39.10 34.28
C GLY H 157 -23.00 40.20 34.60
N ALA H 158 -23.24 41.39 34.04
CA ALA H 158 -22.18 42.41 33.92
C ALA H 158 -21.76 43.09 35.21
N ALA H 159 -22.63 43.09 36.21
CA ALA H 159 -22.27 43.69 37.50
C ALA H 159 -21.57 42.68 38.42
N GLY H 160 -21.54 41.41 38.00
CA GLY H 160 -20.86 40.34 38.76
C GLY H 160 -19.34 40.42 38.76
N ALA H 161 -18.73 39.46 39.44
CA ALA H 161 -17.27 39.44 39.60
C ALA H 161 -16.53 39.28 38.27
N VAL H 162 -16.96 38.33 37.43
CA VAL H 162 -16.33 38.14 36.14
C VAL H 162 -16.69 39.27 35.16
N GLY H 163 -17.99 39.52 35.03
CA GLY H 163 -18.50 40.50 34.07
C GLY H 163 -17.98 41.91 34.31
N SER H 164 -17.87 42.28 35.58
CA SER H 164 -17.47 43.63 35.94
C SER H 164 -16.02 43.89 35.59
N VAL H 165 -15.18 42.88 35.80
CA VAL H 165 -13.77 42.98 35.41
C VAL H 165 -13.65 42.92 33.89
N ALA H 166 -14.47 42.08 33.26
CA ALA H 166 -14.41 41.91 31.81
C ALA H 166 -14.75 43.23 31.12
N GLY H 167 -15.85 43.84 31.56
CA GLY H 167 -16.28 45.14 31.05
C GLY H 167 -15.21 46.22 31.10
N GLN H 168 -14.45 46.23 32.19
CA GLN H 168 -13.46 47.26 32.42
C GLN H 168 -12.22 47.08 31.56
N ILE H 169 -11.75 45.83 31.45
CA ILE H 169 -10.60 45.54 30.59
C ILE H 169 -10.97 45.91 29.17
N ALA H 170 -12.19 45.59 28.76
CA ALA H 170 -12.66 45.94 27.43
C ALA H 170 -12.62 47.46 27.23
N ARG H 171 -13.06 48.20 28.25
CA ARG H 171 -12.97 49.67 28.25
C ARG H 171 -11.53 50.15 28.08
N LEU H 172 -10.59 49.56 28.83
CA LEU H 172 -9.15 49.86 28.68
C LEU H 172 -8.60 49.48 27.31
N LYS H 173 -9.28 48.59 26.60
CA LYS H 173 -8.84 48.19 25.26
C LYS H 173 -9.43 49.08 24.17
N GLY H 174 -10.29 50.02 24.56
CA GLY H 174 -10.87 51.00 23.63
C GLY H 174 -12.21 50.56 23.11
N CYS H 175 -12.85 49.63 23.80
CA CYS H 175 -14.13 49.13 23.32
C CYS H 175 -15.29 49.97 23.83
N ARG H 176 -16.36 50.04 23.05
CA ARG H 176 -17.64 50.46 23.56
C ARG H 176 -18.23 49.27 24.31
N VAL H 177 -18.51 49.48 25.59
CA VAL H 177 -18.92 48.43 26.51
C VAL H 177 -20.37 48.61 26.97
N VAL H 178 -21.19 47.60 26.69
CA VAL H 178 -22.60 47.59 27.07
C VAL H 178 -22.80 46.44 28.06
N GLY H 179 -23.31 46.75 29.26
CA GLY H 179 -23.61 45.74 30.28
C GLY H 179 -25.08 45.36 30.36
N ILE H 180 -25.35 44.09 30.56
CA ILE H 180 -26.70 43.59 30.81
C ILE H 180 -26.74 43.09 32.23
N ALA H 181 -27.55 43.72 33.05
CA ALA H 181 -27.57 43.44 34.49
C ALA H 181 -28.96 43.56 35.08
N GLY H 182 -29.12 43.01 36.28
CA GLY H 182 -30.42 42.95 36.94
C GLY H 182 -30.68 44.08 37.91
N GLY H 183 -31.66 44.93 37.57
CA GLY H 183 -32.09 46.01 38.46
C GLY H 183 -31.40 47.33 38.21
N ALA H 184 -32.03 48.39 38.70
CA ALA H 184 -31.58 49.76 38.48
C ALA H 184 -30.26 50.06 39.18
N GLU H 185 -30.06 49.48 40.35
CA GLU H 185 -28.85 49.79 41.13
C GLU H 185 -27.60 49.24 40.45
N LYS H 186 -27.68 48.01 39.95
CA LYS H 186 -26.55 47.38 39.27
C LYS H 186 -26.25 48.09 37.95
N CYS H 187 -27.29 48.40 37.17
CA CYS H 187 -27.11 49.10 35.90
C CYS H 187 -26.55 50.51 36.09
N ARG H 188 -26.97 51.17 37.16
CA ARG H 188 -26.41 52.48 37.52
C ARG H 188 -24.93 52.35 37.89
N PHE H 189 -24.62 51.33 38.69
CA PHE H 189 -23.24 50.97 39.07
C PHE H 189 -22.32 50.81 37.84
N LEU H 190 -22.80 50.10 36.82
CA LEU H 190 -22.00 49.86 35.60
C LEU H 190 -21.60 51.15 34.92
N VAL H 191 -22.55 52.07 34.76
CA VAL H 191 -22.34 53.30 34.02
C VAL H 191 -21.58 54.34 34.86
N GLU H 192 -22.06 54.61 36.07
CA GLU H 192 -21.50 55.69 36.88
C GLU H 192 -20.17 55.34 37.53
N GLU H 193 -19.98 54.07 37.86
CA GLU H 193 -18.83 53.65 38.64
C GLU H 193 -17.74 52.94 37.84
N LEU H 194 -18.14 51.94 37.05
CA LEU H 194 -17.15 51.12 36.35
C LEU H 194 -16.78 51.71 34.99
N GLY H 195 -17.62 52.61 34.52
CA GLY H 195 -17.34 53.33 33.29
C GLY H 195 -17.88 52.67 32.05
N PHE H 196 -18.89 51.81 32.19
CA PHE H 196 -19.50 51.19 31.02
C PHE H 196 -20.16 52.28 30.18
N ASP H 197 -20.09 52.14 28.86
CA ASP H 197 -20.74 53.12 27.97
C ASP H 197 -22.27 53.07 28.05
N GLY H 198 -22.81 51.91 28.44
CA GLY H 198 -24.25 51.72 28.51
C GLY H 198 -24.63 50.51 29.34
N ALA H 199 -25.91 50.42 29.69
CA ALA H 199 -26.40 49.30 30.48
C ALA H 199 -27.81 48.96 30.05
N ILE H 200 -28.15 47.68 30.13
CA ILE H 200 -29.52 47.22 29.85
C ILE H 200 -30.02 46.43 31.06
N ASP H 201 -31.13 46.90 31.63
CA ASP H 201 -31.78 46.25 32.77
C ASP H 201 -32.76 45.19 32.25
N TYR H 202 -32.30 43.93 32.19
CA TYR H 202 -33.12 42.85 31.65
C TYR H 202 -34.38 42.58 32.51
N LYS H 203 -34.35 43.03 33.76
CA LYS H 203 -35.49 42.84 34.65
C LYS H 203 -36.63 43.82 34.39
N ASN H 204 -36.29 45.01 33.90
CA ASN H 204 -37.25 46.11 33.74
C ASN H 204 -37.55 46.57 32.31
N GLU H 205 -36.59 46.44 31.40
CA GLU H 205 -36.78 46.80 30.00
C GLU H 205 -36.66 45.59 29.08
N ASP H 206 -37.29 45.70 27.90
CA ASP H 206 -37.17 44.70 26.86
C ASP H 206 -35.73 44.65 26.33
N LEU H 207 -35.13 43.47 26.47
CA LEU H 207 -33.73 43.25 26.11
C LEU H 207 -33.42 43.59 24.64
N ALA H 208 -34.25 43.09 23.72
CA ALA H 208 -34.07 43.34 22.29
C ALA H 208 -34.05 44.83 21.95
N ALA H 209 -34.99 45.59 22.54
CA ALA H 209 -35.06 47.04 22.33
C ALA H 209 -33.86 47.71 22.99
N GLY H 210 -33.48 47.24 24.17
CA GLY H 210 -32.23 47.69 24.80
C GLY H 210 -31.02 47.49 23.90
N LEU H 211 -30.94 46.34 23.24
CA LEU H 211 -29.80 46.01 22.38
C LEU H 211 -29.78 46.82 21.10
N LYS H 212 -30.95 46.90 20.47
CA LYS H 212 -31.19 47.79 19.33
C LYS H 212 -30.76 49.23 19.64
N ARG H 213 -31.09 49.70 20.84
CA ARG H 213 -30.66 51.03 21.28
C ARG H 213 -29.15 51.12 21.44
N GLU H 214 -28.58 50.15 22.14
CA GLU H 214 -27.19 50.23 22.59
C GLU H 214 -26.16 49.71 21.57
N CYS H 215 -26.61 48.82 20.69
CA CYS H 215 -25.77 48.24 19.61
C CYS H 215 -26.45 48.32 18.23
N PRO H 216 -26.61 49.54 17.69
CA PRO H 216 -27.34 49.72 16.44
C PRO H 216 -26.63 49.07 15.25
N LYS H 217 -25.30 49.03 15.29
CA LYS H 217 -24.50 48.41 14.23
C LYS H 217 -23.97 47.01 14.62
N GLY H 218 -24.64 46.38 15.58
CA GLY H 218 -24.31 45.01 15.96
C GLY H 218 -23.21 44.87 17.00
N ILE H 219 -23.00 43.62 17.42
CA ILE H 219 -22.11 43.27 18.53
C ILE H 219 -20.92 42.48 17.99
N ASP H 220 -19.71 42.94 18.31
CA ASP H 220 -18.50 42.26 17.88
C ASP H 220 -18.07 41.15 18.87
N VAL H 221 -18.28 41.39 20.16
CA VAL H 221 -17.88 40.44 21.20
C VAL H 221 -18.99 40.37 22.25
N PHE H 222 -19.51 39.17 22.46
CA PHE H 222 -20.44 38.88 23.56
C PHE H 222 -19.80 37.96 24.58
N PHE H 223 -19.55 38.52 25.77
CA PHE H 223 -19.10 37.76 26.91
C PHE H 223 -20.34 37.20 27.64
N ASP H 224 -20.57 35.89 27.49
CA ASP H 224 -21.76 35.27 28.08
C ASP H 224 -21.48 34.60 29.41
N ASN H 225 -22.12 35.12 30.45
CA ASN H 225 -22.04 34.58 31.81
C ASN H 225 -23.37 33.90 32.19
N VAL H 226 -24.39 34.04 31.35
CA VAL H 226 -25.79 33.80 31.76
C VAL H 226 -26.53 32.74 30.93
N GLY H 227 -26.31 32.75 29.62
CA GLY H 227 -27.01 31.83 28.73
C GLY H 227 -28.49 32.17 28.64
N GLY H 228 -29.31 31.15 28.42
CA GLY H 228 -30.76 31.32 28.34
C GLY H 228 -31.22 32.25 27.24
N GLU H 229 -32.33 32.92 27.48
CA GLU H 229 -32.97 33.82 26.51
C GLU H 229 -32.11 35.05 26.22
N ILE H 230 -31.33 35.48 27.22
CA ILE H 230 -30.43 36.60 27.01
C ILE H 230 -29.42 36.31 25.88
N LEU H 231 -28.81 35.12 25.93
CA LEU H 231 -27.92 34.68 24.86
C LEU H 231 -28.64 34.67 23.52
N ASP H 232 -29.82 34.06 23.48
CA ASP H 232 -30.54 33.89 22.21
C ASP H 232 -30.90 35.26 21.60
N THR H 233 -31.20 36.24 22.44
CA THR H 233 -31.55 37.57 21.95
C THR H 233 -30.31 38.30 21.44
N VAL H 234 -29.21 38.15 22.16
CA VAL H 234 -27.95 38.76 21.75
C VAL H 234 -27.54 38.22 20.38
N LEU H 235 -27.83 36.95 20.15
CA LEU H 235 -27.46 36.31 18.89
C LEU H 235 -28.06 36.97 17.63
N THR H 236 -29.27 37.53 17.74
CA THR H 236 -29.89 38.23 16.60
C THR H 236 -29.16 39.52 16.23
N ARG H 237 -28.30 40.00 17.12
CA ARG H 237 -27.67 41.29 16.94
C ARG H 237 -26.15 41.26 16.73
N ILE H 238 -25.54 40.08 16.65
CA ILE H 238 -24.07 40.02 16.49
C ILE H 238 -23.66 40.49 15.10
N ALA H 239 -22.45 41.06 15.01
CA ALA H 239 -21.89 41.58 13.78
C ALA H 239 -21.12 40.50 13.02
N PHE H 240 -20.80 40.78 11.76
CA PHE H 240 -19.88 39.97 10.94
C PHE H 240 -18.60 39.67 11.73
N LYS H 241 -18.29 38.38 11.89
CA LYS H 241 -17.05 37.93 12.56
C LYS H 241 -17.03 38.21 14.07
N ALA H 242 -18.21 38.30 14.68
CA ALA H 242 -18.32 38.43 16.12
C ALA H 242 -17.72 37.21 16.84
N ARG H 243 -17.27 37.42 18.08
CA ARG H 243 -16.85 36.35 18.96
C ARG H 243 -17.79 36.30 20.18
N ILE H 244 -18.40 35.13 20.38
CA ILE H 244 -19.15 34.86 21.59
C ILE H 244 -18.32 33.98 22.54
N VAL H 245 -17.88 34.59 23.64
CA VAL H 245 -17.17 33.84 24.66
C VAL H 245 -18.16 33.14 25.61
N LEU H 246 -18.17 31.80 25.57
CA LEU H 246 -18.99 31.04 26.54
C LEU H 246 -18.23 30.86 27.85
N CYS H 247 -18.52 31.72 28.79
CA CYS H 247 -17.88 31.64 30.10
C CYS H 247 -18.77 30.88 31.08
N GLY H 248 -20.08 31.13 31.02
CA GLY H 248 -21.03 30.45 31.90
C GLY H 248 -22.47 30.53 31.40
N ALA H 249 -23.36 29.87 32.14
CA ALA H 249 -24.80 29.88 31.83
C ALA H 249 -25.60 29.80 33.12
N ILE H 250 -25.38 30.78 33.99
CA ILE H 250 -25.96 30.79 35.33
C ILE H 250 -27.49 30.64 35.34
N SER H 251 -28.16 31.14 34.30
CA SER H 251 -29.61 31.05 34.25
C SER H 251 -30.10 29.60 34.13
N GLN H 252 -29.17 28.68 33.85
CA GLN H 252 -29.50 27.27 33.62
C GLN H 252 -29.02 26.32 34.71
N TYR H 253 -28.15 26.79 35.61
CA TYR H 253 -27.44 25.89 36.55
C TYR H 253 -28.36 25.13 37.51
N ASN H 254 -29.51 25.71 37.80
CA ASN H 254 -30.49 25.13 38.71
C ASN H 254 -31.70 24.51 38.00
N ASN H 255 -31.52 24.17 36.73
CA ASN H 255 -32.57 23.56 35.92
C ASN H 255 -32.85 22.10 36.30
N LYS H 256 -34.12 21.85 36.62
CA LYS H 256 -34.66 20.49 36.70
C LYS H 256 -34.86 20.01 35.27
N GLU H 257 -35.24 20.96 34.42
CA GLU H 257 -35.49 20.74 32.99
C GLU H 257 -34.20 20.82 32.16
N ALA H 258 -34.35 20.59 30.85
CA ALA H 258 -33.22 20.67 29.92
C ALA H 258 -32.70 22.10 29.72
N VAL H 259 -31.42 22.19 29.40
CA VAL H 259 -30.80 23.48 29.06
C VAL H 259 -31.56 24.14 27.91
N ARG H 260 -31.69 25.47 28.00
CA ARG H 260 -32.34 26.27 26.96
C ARG H 260 -31.34 26.56 25.81
N GLY H 261 -31.52 25.84 24.70
CA GLY H 261 -30.64 25.98 23.53
C GLY H 261 -30.91 27.22 22.69
N PRO H 262 -29.84 27.83 22.14
CA PRO H 262 -30.05 29.05 21.37
C PRO H 262 -30.61 28.77 19.98
N ALA H 263 -31.89 29.12 19.81
CA ALA H 263 -32.58 28.92 18.54
C ALA H 263 -32.08 29.86 17.46
N ASN H 264 -31.45 30.96 17.84
CA ASN H 264 -30.88 31.89 16.87
C ASN H 264 -29.39 31.61 16.65
N TYR H 265 -28.98 30.35 16.80
CA TYR H 265 -27.56 30.02 16.72
C TYR H 265 -27.05 30.18 15.28
N LEU H 266 -27.94 30.01 14.30
CA LEU H 266 -27.57 30.16 12.89
C LEU H 266 -27.11 31.56 12.51
N SER H 267 -27.25 32.49 13.45
CA SER H 267 -26.65 33.79 13.28
C SER H 267 -25.13 33.65 13.17
N LEU H 268 -24.57 32.60 13.76
CA LEU H 268 -23.13 32.36 13.69
C LEU H 268 -22.71 32.04 12.27
N LEU H 269 -23.60 31.41 11.52
CA LEU H 269 -23.37 31.13 10.11
C LEU H 269 -23.51 32.41 9.24
N VAL H 270 -24.70 33.01 9.25
CA VAL H 270 -24.96 34.29 8.55
C VAL H 270 -23.86 35.35 8.74
N ASN H 271 -23.35 35.45 9.96
CA ASN H 271 -22.35 36.43 10.34
C ASN H 271 -20.90 35.88 10.45
N ARG H 272 -20.72 34.62 10.05
CA ARG H 272 -19.42 33.91 10.18
C ARG H 272 -18.69 34.24 11.49
N ALA H 273 -19.42 34.00 12.57
CA ALA H 273 -18.95 34.32 13.90
C ALA H 273 -18.53 33.05 14.63
N ARG H 274 -17.85 33.23 15.75
CA ARG H 274 -17.33 32.11 16.51
C ARG H 274 -17.91 32.13 17.92
N MET H 275 -18.38 30.96 18.39
CA MET H 275 -18.77 30.77 19.79
C MET H 275 -17.80 29.78 20.44
N GLU H 276 -17.14 30.19 21.50
CA GLU H 276 -16.09 29.38 22.11
C GLU H 276 -16.16 29.36 23.64
N GLY H 277 -16.04 28.16 24.20
CA GLY H 277 -16.02 27.93 25.66
C GLY H 277 -14.61 27.98 26.21
N MET H 278 -14.50 28.21 27.51
CA MET H 278 -13.20 28.28 28.16
C MET H 278 -13.36 27.90 29.63
N VAL H 279 -12.23 27.55 30.25
CA VAL H 279 -12.16 27.11 31.62
C VAL H 279 -10.86 27.74 32.17
N VAL H 280 -10.99 28.50 33.25
CA VAL H 280 -9.91 29.41 33.66
C VAL H 280 -8.63 28.65 34.05
N MET H 281 -8.79 27.46 34.62
CA MET H 281 -7.63 26.66 35.05
C MET H 281 -6.69 26.26 33.90
N ASP H 282 -7.17 26.26 32.67
CA ASP H 282 -6.30 26.00 31.50
C ASP H 282 -5.22 27.05 31.33
N TYR H 283 -5.42 28.22 31.94
CA TYR H 283 -4.50 29.33 31.77
C TYR H 283 -3.53 29.47 32.96
N ALA H 284 -3.53 28.47 33.84
CA ALA H 284 -2.75 28.52 35.09
C ALA H 284 -1.31 28.90 34.85
N GLN H 285 -0.73 28.44 33.75
CA GLN H 285 0.68 28.72 33.43
C GLN H 285 0.90 30.21 33.15
N ARG H 286 -0.17 30.93 32.85
CA ARG H 286 -0.06 32.36 32.57
C ARG H 286 -0.61 33.24 33.72
N PHE H 287 -0.91 32.63 34.87
CA PHE H 287 -1.47 33.39 36.00
C PHE H 287 -0.60 34.54 36.51
N PRO H 288 0.70 34.29 36.78
CA PRO H 288 1.52 35.40 37.29
C PRO H 288 1.49 36.64 36.39
N GLU H 289 1.65 36.46 35.08
CA GLU H 289 1.61 37.59 34.14
C GLU H 289 0.24 38.26 34.11
N GLY H 290 -0.82 37.47 34.30
CA GLY H 290 -2.18 37.98 34.39
C GLY H 290 -2.39 38.77 35.67
N LEU H 291 -2.03 38.15 36.79
CA LEU H 291 -2.14 38.77 38.10
C LEU H 291 -1.28 40.03 38.20
N LYS H 292 -0.11 40.01 37.56
CA LYS H 292 0.76 41.16 37.57
C LYS H 292 0.13 42.35 36.85
N GLU H 293 -0.34 42.13 35.61
CA GLU H 293 -0.92 43.24 34.84
C GLU H 293 -2.20 43.78 35.47
N MET H 294 -3.04 42.88 35.98
CA MET H 294 -4.26 43.25 36.69
C MET H 294 -3.94 44.14 37.88
N ALA H 295 -2.92 43.77 38.65
CA ALA H 295 -2.51 44.54 39.84
C ALA H 295 -2.13 45.99 39.50
N THR H 296 -1.40 46.16 38.41
CA THR H 296 -1.01 47.50 37.98
C THR H 296 -2.25 48.30 37.54
N TRP H 297 -3.22 47.62 36.92
CA TRP H 297 -4.48 48.26 36.60
C TRP H 297 -5.19 48.72 37.84
N LEU H 298 -5.18 47.87 38.88
CA LEU H 298 -5.83 48.23 40.14
C LEU H 298 -5.17 49.44 40.79
N ALA H 299 -3.84 49.44 40.83
CA ALA H 299 -3.05 50.50 41.45
C ALA H 299 -3.24 51.83 40.74
N GLU H 300 -3.28 51.79 39.41
CA GLU H 300 -3.39 52.98 38.58
C GLU H 300 -4.81 53.58 38.57
N GLY H 301 -5.73 52.93 39.27
CA GLY H 301 -7.13 53.35 39.32
C GLY H 301 -7.85 53.16 38.01
N LYS H 302 -7.23 52.38 37.11
CA LYS H 302 -7.83 52.08 35.80
C LYS H 302 -8.93 51.02 35.87
N LEU H 303 -8.93 50.24 36.95
CA LEU H 303 -9.91 49.18 37.14
C LEU H 303 -10.29 49.08 38.62
N GLN H 304 -11.58 48.80 38.87
CA GLN H 304 -12.13 48.73 40.23
C GLN H 304 -12.69 47.34 40.57
N SER H 305 -12.42 46.88 41.77
CA SER H 305 -12.96 45.60 42.24
C SER H 305 -13.79 45.70 43.50
N ARG H 306 -15.02 45.19 43.43
CA ARG H 306 -15.92 45.19 44.58
C ARG H 306 -16.15 43.76 45.09
N GLU H 307 -15.94 43.56 46.39
CA GLU H 307 -16.28 42.30 47.05
C GLU H 307 -17.50 42.49 47.94
N ASP H 308 -18.33 41.47 47.99
CA ASP H 308 -19.49 41.42 48.86
C ASP H 308 -19.24 40.35 49.93
N ILE H 309 -18.71 40.77 51.07
CA ILE H 309 -18.28 39.83 52.12
C ILE H 309 -19.40 39.51 53.10
N VAL H 310 -19.66 38.21 53.28
CA VAL H 310 -20.63 37.70 54.26
C VAL H 310 -19.89 36.89 55.34
N GLU H 311 -20.19 37.17 56.62
CA GLU H 311 -19.49 36.58 57.75
C GLU H 311 -20.10 35.30 58.29
N GLY H 312 -19.23 34.33 58.60
CA GLY H 312 -19.63 33.10 59.28
C GLY H 312 -19.76 31.86 58.42
N LEU H 313 -18.87 30.88 58.64
CA LEU H 313 -18.89 29.62 57.90
C LEU H 313 -20.27 28.93 57.90
N GLU H 314 -21.00 29.02 59.01
CA GLU H 314 -22.32 28.41 59.16
C GLU H 314 -23.36 28.91 58.15
N THR H 315 -23.20 30.12 57.65
CA THR H 315 -24.16 30.69 56.70
C THR H 315 -23.98 30.19 55.26
N PHE H 316 -23.04 29.27 55.03
CA PHE H 316 -22.68 28.88 53.66
C PHE H 316 -23.87 28.51 52.76
N PRO H 317 -24.76 27.60 53.21
CA PRO H 317 -25.85 27.16 52.34
C PRO H 317 -26.75 28.31 51.91
N GLU H 318 -27.05 29.18 52.87
CA GLU H 318 -27.95 30.30 52.70
C GLU H 318 -27.31 31.38 51.82
N THR H 319 -26.05 31.68 52.11
CA THR H 319 -25.34 32.71 51.37
C THR H 319 -25.14 32.31 49.90
N LEU H 320 -24.92 31.03 49.66
CA LEU H 320 -24.65 30.52 48.31
C LEU H 320 -25.77 30.89 47.34
N LEU H 321 -27.01 30.85 47.83
CA LEU H 321 -28.17 31.06 46.96
C LEU H 321 -28.28 32.48 46.43
N LYS H 322 -27.59 33.42 47.08
CA LYS H 322 -27.56 34.83 46.65
C LYS H 322 -27.06 35.03 45.21
N LEU H 323 -26.16 34.15 44.76
CA LEU H 323 -25.67 34.18 43.38
C LEU H 323 -26.79 33.93 42.36
N PHE H 324 -27.69 33.01 42.70
CA PHE H 324 -28.78 32.62 41.79
C PHE H 324 -30.04 33.49 41.89
N SER H 325 -30.12 34.29 42.95
CA SER H 325 -31.24 35.23 43.13
C SER H 325 -30.83 36.64 42.73
N GLY H 326 -29.56 36.80 42.37
CA GLY H 326 -29.01 38.09 42.00
C GLY H 326 -28.86 39.05 43.16
N GLU H 327 -28.83 38.46 44.37
CA GLU H 327 -28.75 39.19 45.63
C GLU H 327 -27.34 39.68 45.98
N ASN H 328 -26.31 39.02 45.43
CA ASN H 328 -24.95 39.49 45.59
C ASN H 328 -24.69 40.74 44.76
N PHE H 329 -23.93 41.66 45.33
CA PHE H 329 -23.54 42.88 44.65
C PHE H 329 -22.02 42.99 44.77
N GLY H 330 -21.35 42.47 43.75
CA GLY H 330 -19.90 42.26 43.78
C GLY H 330 -19.55 40.80 44.00
N LYS H 331 -18.24 40.50 43.98
CA LYS H 331 -17.76 39.13 44.19
C LYS H 331 -18.16 38.62 45.58
N LEU H 332 -18.94 37.55 45.60
CA LEU H 332 -19.40 37.00 46.88
C LEU H 332 -18.30 36.27 47.63
N VAL H 333 -17.98 36.75 48.82
CA VAL H 333 -16.95 36.13 49.65
C VAL H 333 -17.53 35.81 51.03
N LEU H 334 -17.17 34.64 51.54
CA LEU H 334 -17.55 34.19 52.86
C LEU H 334 -16.37 34.27 53.82
N LYS H 335 -16.47 35.15 54.81
CA LYS H 335 -15.46 35.22 55.88
C LYS H 335 -15.69 34.08 56.87
N VAL H 336 -14.62 33.32 57.11
CA VAL H 336 -14.68 32.17 58.01
C VAL H 336 -14.55 32.62 59.47
N LEU I 50 19.91 -31.91 -49.99
CA LEU I 50 20.63 -30.69 -50.45
C LEU I 50 19.72 -29.46 -50.51
N ASP I 51 19.70 -28.72 -49.40
CA ASP I 51 18.78 -27.59 -49.22
C ASP I 51 19.53 -26.25 -49.17
N PRO I 52 18.80 -25.13 -49.33
CA PRO I 52 19.45 -23.83 -49.15
C PRO I 52 19.74 -23.53 -47.68
N ALA I 53 18.99 -24.19 -46.80
CA ALA I 53 19.16 -24.05 -45.36
C ALA I 53 20.47 -24.66 -44.85
N MET I 54 21.12 -25.49 -45.68
CA MET I 54 22.46 -26.01 -45.40
C MET I 54 23.48 -24.88 -45.30
N ARG I 55 23.35 -23.90 -46.20
CA ARG I 55 24.26 -22.76 -46.26
C ARG I 55 24.24 -21.93 -44.96
N GLY I 56 23.05 -21.80 -44.37
CA GLY I 56 22.89 -21.10 -43.09
C GLY I 56 23.62 -21.76 -41.94
N TRP I 57 23.76 -23.09 -42.01
CA TRP I 57 24.42 -23.86 -40.95
C TRP I 57 25.92 -23.75 -41.01
N MET I 58 26.42 -22.66 -41.60
CA MET I 58 27.85 -22.45 -41.81
C MET I 58 28.27 -21.02 -41.45
N ASN I 97 14.47 -41.59 -43.78
CA ASN I 97 14.25 -40.16 -43.65
C ASN I 97 14.66 -39.62 -42.28
N GLY I 98 15.68 -38.76 -42.27
CA GLY I 98 16.18 -38.13 -41.05
C GLY I 98 17.42 -37.29 -41.29
N ALA I 99 18.05 -36.88 -40.20
CA ALA I 99 19.29 -36.10 -40.24
C ALA I 99 20.50 -37.03 -40.34
N LEU I 100 21.20 -36.96 -41.47
CA LEU I 100 22.19 -37.98 -41.83
C LEU I 100 23.55 -37.45 -42.28
N GLY I 101 23.64 -36.16 -42.56
CA GLY I 101 24.91 -35.53 -42.96
C GLY I 101 25.42 -35.94 -44.33
N VAL I 102 26.52 -35.32 -44.76
CA VAL I 102 27.10 -35.54 -46.09
C VAL I 102 27.79 -36.91 -46.19
N PHE I 113 13.99 -38.77 -36.46
CA PHE I 113 13.89 -39.72 -37.56
C PHE I 113 12.50 -40.34 -37.58
N TYR I 114 11.99 -40.62 -38.77
CA TYR I 114 10.71 -41.32 -38.93
C TYR I 114 10.69 -42.20 -40.18
N LYS I 115 10.08 -43.37 -40.05
CA LYS I 115 10.09 -44.40 -41.08
C LYS I 115 9.18 -44.05 -42.26
N VAL I 116 9.68 -44.28 -43.47
CA VAL I 116 8.92 -44.01 -44.71
C VAL I 116 8.52 -45.30 -45.40
N ASP I 117 7.78 -45.19 -46.51
CA ASP I 117 7.33 -46.36 -47.27
C ASP I 117 7.65 -46.27 -48.78
N PRO I 118 8.84 -46.77 -49.18
CA PRO I 118 9.27 -46.72 -50.59
C PRO I 118 8.41 -47.56 -51.53
N SER I 119 7.62 -48.48 -50.97
CA SER I 119 6.72 -49.30 -51.78
C SER I 119 5.47 -48.53 -52.25
N ARG I 120 5.24 -47.35 -51.68
CA ARG I 120 4.08 -46.52 -52.02
C ARG I 120 4.43 -45.37 -52.98
N ALA I 121 5.60 -44.76 -52.77
CA ALA I 121 6.05 -43.64 -53.59
C ALA I 121 7.56 -43.67 -53.78
N PRO I 122 8.08 -43.09 -54.88
CA PRO I 122 9.52 -43.09 -55.17
C PRO I 122 10.38 -42.52 -54.04
N LEU I 123 11.43 -43.24 -53.69
CA LEU I 123 12.34 -42.90 -52.58
C LEU I 123 12.75 -41.42 -52.49
N PRO I 124 13.26 -40.83 -53.61
CA PRO I 124 13.67 -39.42 -53.54
C PRO I 124 12.54 -38.43 -53.22
N ARG I 125 11.29 -38.79 -53.53
CA ARG I 125 10.16 -37.91 -53.24
C ARG I 125 9.95 -37.68 -51.73
N TYR I 126 10.48 -38.58 -50.91
CA TYR I 126 10.39 -38.42 -49.45
C TYR I 126 11.38 -37.38 -48.91
N LEU I 127 11.95 -36.59 -49.82
CA LEU I 127 12.71 -35.39 -49.47
C LEU I 127 12.18 -34.18 -50.23
N SER I 128 11.16 -34.42 -51.05
CA SER I 128 10.54 -33.37 -51.83
C SER I 128 9.12 -33.10 -51.32
N ALA I 129 8.14 -33.28 -52.21
CA ALA I 129 6.73 -33.06 -51.89
C ALA I 129 6.26 -33.87 -50.68
N LEU I 130 6.78 -35.08 -50.53
CA LEU I 130 6.48 -35.89 -49.36
C LEU I 130 7.63 -35.88 -48.35
N GLY I 131 8.43 -34.82 -48.41
CA GLY I 131 9.52 -34.60 -47.45
C GLY I 131 9.52 -33.19 -46.86
N MET I 132 10.68 -32.76 -46.38
CA MET I 132 10.86 -31.48 -45.69
C MET I 132 10.34 -30.25 -46.45
N THR I 133 10.68 -30.16 -47.73
CA THR I 133 10.23 -29.02 -48.56
C THR I 133 8.71 -29.04 -48.74
N GLY I 134 8.14 -30.23 -48.90
CA GLY I 134 6.69 -30.39 -49.02
C GLY I 134 5.91 -29.96 -47.79
N MET I 135 6.43 -30.31 -46.61
CA MET I 135 5.78 -29.95 -45.34
C MET I 135 5.87 -28.45 -45.08
N THR I 136 7.00 -27.86 -45.47
CA THR I 136 7.23 -26.44 -45.39
C THR I 136 6.16 -25.69 -46.18
N ALA I 137 6.02 -26.03 -47.46
CA ALA I 137 5.04 -25.37 -48.31
C ALA I 137 3.64 -25.56 -47.73
N TYR I 138 3.34 -26.78 -47.29
CA TYR I 138 2.04 -27.11 -46.72
C TYR I 138 1.69 -26.21 -45.52
N PHE I 139 2.59 -26.16 -44.55
CA PHE I 139 2.28 -25.45 -43.30
C PHE I 139 2.45 -23.95 -43.39
N ALA I 140 3.55 -23.49 -43.98
CA ALA I 140 3.75 -22.06 -44.18
C ALA I 140 2.58 -21.44 -44.94
N LEU I 141 2.11 -22.11 -45.99
CA LEU I 141 1.00 -21.56 -46.77
C LEU I 141 -0.29 -21.59 -46.01
N LEU I 142 -0.69 -22.77 -45.53
CA LEU I 142 -2.01 -22.93 -44.91
C LEU I 142 -2.12 -22.31 -43.52
N ASP I 143 -1.08 -22.48 -42.71
CA ASP I 143 -1.12 -22.00 -41.33
C ASP I 143 -0.77 -20.52 -41.20
N VAL I 144 0.22 -20.08 -41.95
CA VAL I 144 0.64 -18.70 -41.87
C VAL I 144 -0.05 -17.87 -42.96
N GLY I 145 -0.09 -18.40 -44.18
CA GLY I 145 -0.71 -17.70 -45.33
C GLY I 145 -2.21 -17.61 -45.21
N GLN I 146 -2.83 -18.67 -44.68
CA GLN I 146 -4.30 -18.77 -44.55
C GLN I 146 -5.07 -18.31 -45.82
N PRO I 147 -4.76 -18.93 -46.98
CA PRO I 147 -5.37 -18.44 -48.21
C PRO I 147 -6.86 -18.75 -48.26
N LYS I 148 -7.60 -17.91 -48.97
CA LYS I 148 -9.03 -18.12 -49.14
C LYS I 148 -9.38 -18.23 -50.62
N ASN I 149 -10.43 -18.99 -50.90
CA ASN I 149 -10.94 -19.12 -52.26
C ASN I 149 -11.09 -17.74 -52.86
N GLY I 150 -10.50 -17.55 -54.04
CA GLY I 150 -10.63 -16.30 -54.78
C GLY I 150 -9.48 -15.31 -54.60
N GLU I 151 -8.66 -15.54 -53.59
CA GLU I 151 -7.56 -14.61 -53.25
C GLU I 151 -6.43 -14.71 -54.27
N THR I 152 -5.75 -13.60 -54.53
CA THR I 152 -4.55 -13.63 -55.35
C THR I 152 -3.35 -14.03 -54.48
N VAL I 153 -2.68 -15.09 -54.88
CA VAL I 153 -1.50 -15.60 -54.19
C VAL I 153 -0.27 -15.50 -55.07
N VAL I 154 0.70 -14.68 -54.69
CA VAL I 154 1.97 -14.59 -55.39
C VAL I 154 3.06 -15.45 -54.70
N ILE I 155 3.77 -16.24 -55.50
CA ILE I 155 4.83 -17.11 -55.00
C ILE I 155 6.18 -16.72 -55.59
N SER I 156 7.13 -16.37 -54.73
CA SER I 156 8.52 -16.23 -55.18
C SER I 156 9.24 -17.59 -55.13
N GLY I 157 10.35 -17.69 -55.86
CA GLY I 157 11.02 -18.99 -56.06
C GLY I 157 10.04 -20.08 -56.45
N ALA I 158 9.09 -19.72 -57.30
CA ALA I 158 7.91 -20.55 -57.60
C ALA I 158 8.21 -21.88 -58.32
N ALA I 159 9.34 -21.91 -59.02
CA ALA I 159 9.79 -23.12 -59.72
C ALA I 159 10.46 -24.12 -58.77
N GLY I 160 10.84 -23.64 -57.58
CA GLY I 160 11.60 -24.42 -56.62
C GLY I 160 10.81 -25.47 -55.88
N ALA I 161 11.50 -26.19 -55.00
CA ALA I 161 10.89 -27.32 -54.28
C ALA I 161 9.74 -26.90 -53.37
N VAL I 162 9.97 -25.87 -52.55
CA VAL I 162 8.92 -25.34 -51.67
C VAL I 162 7.90 -24.55 -52.47
N GLY I 163 8.39 -23.57 -53.23
CA GLY I 163 7.55 -22.69 -54.04
C GLY I 163 6.59 -23.38 -55.01
N SER I 164 7.07 -24.43 -55.68
CA SER I 164 6.24 -25.18 -56.62
C SER I 164 5.07 -25.87 -55.94
N VAL I 165 5.31 -26.43 -54.76
CA VAL I 165 4.23 -27.08 -54.03
C VAL I 165 3.24 -26.06 -53.47
N ALA I 166 3.77 -24.93 -52.99
CA ALA I 166 2.96 -23.85 -52.43
C ALA I 166 1.94 -23.33 -53.45
N GLY I 167 2.44 -22.93 -54.63
CA GLY I 167 1.58 -22.47 -55.72
C GLY I 167 0.50 -23.48 -56.07
N GLN I 168 0.85 -24.76 -56.01
CA GLN I 168 -0.08 -25.83 -56.33
C GLN I 168 -1.16 -26.03 -55.28
N ILE I 169 -0.78 -25.96 -54.01
CA ILE I 169 -1.78 -26.03 -52.94
C ILE I 169 -2.71 -24.82 -53.05
N ALA I 170 -2.14 -23.64 -53.27
CA ALA I 170 -2.93 -22.41 -53.50
C ALA I 170 -3.97 -22.60 -54.60
N ARG I 171 -3.56 -23.19 -55.72
CA ARG I 171 -4.48 -23.49 -56.83
C ARG I 171 -5.64 -24.37 -56.37
N LEU I 172 -5.35 -25.39 -55.56
CA LEU I 172 -6.38 -26.31 -55.03
C LEU I 172 -7.34 -25.66 -54.03
N LYS I 173 -6.87 -24.63 -53.33
CA LYS I 173 -7.72 -23.93 -52.38
C LYS I 173 -8.59 -22.87 -53.06
N GLY I 174 -8.39 -22.70 -54.37
CA GLY I 174 -9.28 -21.89 -55.20
C GLY I 174 -8.72 -20.53 -55.56
N CYS I 175 -7.40 -20.37 -55.39
CA CYS I 175 -6.77 -19.05 -55.50
C CYS I 175 -6.28 -18.79 -56.90
N ARG I 176 -6.12 -17.51 -57.25
CA ARG I 176 -5.39 -17.15 -58.45
C ARG I 176 -3.91 -17.08 -58.07
N VAL I 177 -3.09 -17.80 -58.84
CA VAL I 177 -1.71 -18.05 -58.47
C VAL I 177 -0.78 -17.43 -59.50
N VAL I 178 0.15 -16.61 -59.02
CA VAL I 178 1.07 -15.88 -59.85
C VAL I 178 2.45 -16.26 -59.35
N GLY I 179 3.29 -16.76 -60.24
CA GLY I 179 4.62 -17.24 -59.85
C GLY I 179 5.68 -16.26 -60.30
N ILE I 180 6.72 -16.10 -59.48
CA ILE I 180 7.91 -15.36 -59.89
C ILE I 180 9.06 -16.36 -59.99
N ALA I 181 9.58 -16.53 -61.22
CA ALA I 181 10.68 -17.47 -61.47
C ALA I 181 11.68 -16.97 -62.52
N GLY I 182 12.86 -17.57 -62.52
CA GLY I 182 13.93 -17.15 -63.41
C GLY I 182 13.99 -18.01 -64.67
N GLY I 183 13.92 -17.36 -65.83
CA GLY I 183 13.98 -18.06 -67.11
C GLY I 183 12.62 -18.39 -67.71
N ALA I 184 12.56 -18.35 -69.03
CA ALA I 184 11.35 -18.66 -69.79
C ALA I 184 10.90 -20.10 -69.60
N GLU I 185 11.87 -20.99 -69.41
CA GLU I 185 11.63 -22.43 -69.24
C GLU I 185 10.84 -22.71 -67.96
N LYS I 186 11.31 -22.14 -66.85
CA LYS I 186 10.68 -22.31 -65.55
C LYS I 186 9.31 -21.65 -65.51
N CYS I 187 9.24 -20.40 -65.96
CA CYS I 187 7.98 -19.66 -66.08
C CYS I 187 6.93 -20.39 -66.93
N ARG I 188 7.38 -21.00 -68.03
CA ARG I 188 6.50 -21.78 -68.89
C ARG I 188 6.06 -23.05 -68.16
N PHE I 189 7.03 -23.72 -67.54
CA PHE I 189 6.79 -24.86 -66.66
C PHE I 189 5.69 -24.54 -65.63
N LEU I 190 5.68 -23.32 -65.11
CA LEU I 190 4.72 -22.92 -64.07
C LEU I 190 3.27 -22.94 -64.55
N VAL I 191 3.02 -22.23 -65.67
CA VAL I 191 1.68 -22.10 -66.24
C VAL I 191 1.22 -23.40 -66.90
N GLU I 192 2.07 -23.95 -67.76
CA GLU I 192 1.70 -25.10 -68.59
C GLU I 192 1.72 -26.44 -67.85
N GLU I 193 2.65 -26.62 -66.92
CA GLU I 193 2.79 -27.89 -66.19
C GLU I 193 2.10 -27.88 -64.82
N LEU I 194 2.30 -26.80 -64.06
CA LEU I 194 1.76 -26.73 -62.70
C LEU I 194 0.38 -26.09 -62.62
N GLY I 195 0.04 -25.27 -63.60
CA GLY I 195 -1.29 -24.65 -63.64
C GLY I 195 -1.38 -23.31 -62.92
N PHE I 196 -0.24 -22.63 -62.79
CA PHE I 196 -0.21 -21.26 -62.30
C PHE I 196 -1.03 -20.43 -63.27
N ASP I 197 -1.78 -19.47 -62.74
CA ASP I 197 -2.61 -18.59 -63.56
C ASP I 197 -1.75 -17.61 -64.33
N GLY I 198 -0.60 -17.28 -63.78
CA GLY I 198 0.39 -16.44 -64.46
C GLY I 198 1.82 -16.67 -63.98
N ALA I 199 2.77 -16.21 -64.76
CA ALA I 199 4.17 -16.26 -64.37
C ALA I 199 4.85 -14.93 -64.69
N ILE I 200 5.80 -14.55 -63.84
CA ILE I 200 6.59 -13.34 -64.05
C ILE I 200 8.06 -13.76 -64.10
N ASP I 201 8.72 -13.50 -65.23
CA ASP I 201 10.13 -13.82 -65.40
C ASP I 201 10.99 -12.64 -64.93
N TYR I 202 11.58 -12.76 -63.75
CA TYR I 202 12.34 -11.64 -63.19
C TYR I 202 13.68 -11.39 -63.89
N LYS I 203 14.23 -12.40 -64.55
CA LYS I 203 15.52 -12.29 -65.26
C LYS I 203 15.45 -11.38 -66.50
N ASN I 204 14.27 -11.28 -67.10
CA ASN I 204 14.09 -10.60 -68.39
C ASN I 204 13.06 -9.47 -68.38
N GLU I 205 12.15 -9.51 -67.40
CA GLU I 205 10.98 -8.64 -67.39
C GLU I 205 10.91 -7.80 -66.11
N ASP I 206 10.52 -6.53 -66.23
CA ASP I 206 10.38 -5.65 -65.06
C ASP I 206 9.30 -6.15 -64.10
N LEU I 207 9.73 -6.62 -62.92
CA LEU I 207 8.83 -7.21 -61.91
C LEU I 207 7.60 -6.36 -61.60
N ALA I 208 7.82 -5.06 -61.40
CA ALA I 208 6.74 -4.10 -61.15
C ALA I 208 5.71 -4.10 -62.27
N ALA I 209 6.19 -4.00 -63.51
CA ALA I 209 5.31 -4.08 -64.68
C ALA I 209 4.62 -5.45 -64.77
N GLY I 210 5.36 -6.51 -64.44
CA GLY I 210 4.80 -7.85 -64.38
C GLY I 210 3.68 -7.94 -63.37
N LEU I 211 3.89 -7.37 -62.19
CA LEU I 211 2.91 -7.47 -61.10
C LEU I 211 1.67 -6.64 -61.40
N LYS I 212 1.89 -5.46 -61.96
CA LYS I 212 0.82 -4.57 -62.41
C LYS I 212 -0.06 -5.30 -63.42
N ARG I 213 0.56 -6.06 -64.32
CA ARG I 213 -0.15 -6.96 -65.23
C ARG I 213 -0.93 -8.07 -64.50
N GLU I 214 -0.23 -8.82 -63.65
CA GLU I 214 -0.74 -10.06 -63.03
C GLU I 214 -1.63 -9.86 -61.79
N CYS I 215 -1.40 -8.77 -61.07
CA CYS I 215 -2.17 -8.46 -59.86
C CYS I 215 -2.71 -7.03 -59.91
N PRO I 216 -3.64 -6.74 -60.86
CA PRO I 216 -4.09 -5.37 -60.98
C PRO I 216 -4.89 -4.90 -59.76
N LYS I 217 -5.53 -5.84 -59.07
CA LYS I 217 -6.27 -5.54 -57.84
C LYS I 217 -5.47 -5.84 -56.54
N GLY I 218 -4.15 -5.95 -56.66
CA GLY I 218 -3.31 -6.21 -55.50
C GLY I 218 -3.16 -7.66 -55.07
N ILE I 219 -2.28 -7.87 -54.08
CA ILE I 219 -1.87 -9.21 -53.64
C ILE I 219 -2.39 -9.52 -52.24
N ASP I 220 -2.95 -10.71 -52.10
CA ASP I 220 -3.54 -11.18 -50.87
C ASP I 220 -2.59 -11.99 -50.01
N VAL I 221 -1.92 -12.95 -50.62
CA VAL I 221 -0.88 -13.73 -49.96
C VAL I 221 0.40 -13.67 -50.80
N PHE I 222 1.49 -13.31 -50.15
CA PHE I 222 2.81 -13.43 -50.75
C PHE I 222 3.66 -14.44 -49.97
N PHE I 223 3.96 -15.56 -50.63
CA PHE I 223 4.82 -16.60 -50.08
C PHE I 223 6.24 -16.28 -50.54
N ASP I 224 7.08 -15.86 -49.60
CA ASP I 224 8.43 -15.40 -49.94
C ASP I 224 9.51 -16.43 -49.61
N ASN I 225 10.16 -16.94 -50.65
CA ASN I 225 11.31 -17.83 -50.52
C ASN I 225 12.62 -17.09 -50.82
N VAL I 226 12.51 -15.86 -51.33
CA VAL I 226 13.63 -15.20 -52.00
C VAL I 226 14.11 -13.93 -51.30
N GLY I 227 13.19 -13.10 -50.83
CA GLY I 227 13.57 -11.83 -50.20
C GLY I 227 14.10 -10.83 -51.21
N GLY I 228 14.96 -9.94 -50.75
CA GLY I 228 15.62 -8.95 -51.60
C GLY I 228 14.70 -7.96 -52.28
N GLU I 229 15.13 -7.44 -53.43
CA GLU I 229 14.37 -6.49 -54.21
C GLU I 229 13.03 -7.07 -54.72
N ILE I 230 12.96 -8.40 -54.82
CA ILE I 230 11.71 -9.06 -55.19
C ILE I 230 10.63 -8.81 -54.13
N LEU I 231 10.98 -9.07 -52.87
CA LEU I 231 10.11 -8.78 -51.73
C LEU I 231 9.66 -7.33 -51.74
N ASP I 232 10.64 -6.43 -51.89
CA ASP I 232 10.39 -4.99 -51.79
C ASP I 232 9.39 -4.51 -52.86
N THR I 233 9.46 -5.09 -54.05
CA THR I 233 8.56 -4.69 -55.15
C THR I 233 7.14 -5.26 -54.95
N VAL I 234 7.06 -6.54 -54.59
CA VAL I 234 5.78 -7.17 -54.23
C VAL I 234 5.05 -6.38 -53.14
N LEU I 235 5.79 -5.85 -52.17
CA LEU I 235 5.20 -5.09 -51.07
C LEU I 235 4.39 -3.86 -51.51
N THR I 236 4.79 -3.21 -52.61
CA THR I 236 4.00 -2.08 -53.15
C THR I 236 2.67 -2.55 -53.71
N ARG I 237 2.50 -3.85 -53.90
CA ARG I 237 1.26 -4.34 -54.52
C ARG I 237 0.33 -5.16 -53.62
N ILE I 238 0.62 -5.22 -52.32
CA ILE I 238 -0.21 -6.01 -51.41
C ILE I 238 -1.60 -5.39 -51.24
N ALA I 239 -2.61 -6.22 -51.05
CA ALA I 239 -3.97 -5.76 -50.81
C ALA I 239 -4.23 -5.56 -49.30
N PHE I 240 -5.36 -4.93 -48.98
CA PHE I 240 -5.85 -4.82 -47.63
C PHE I 240 -5.89 -6.21 -46.96
N LYS I 241 -5.24 -6.31 -45.79
CA LYS I 241 -5.19 -7.55 -44.99
C LYS I 241 -4.39 -8.68 -45.63
N ALA I 242 -3.37 -8.31 -46.40
CA ALA I 242 -2.45 -9.29 -46.94
C ALA I 242 -1.67 -10.01 -45.84
N ARG I 243 -1.21 -11.20 -46.18
CA ARG I 243 -0.31 -11.96 -45.38
C ARG I 243 0.93 -12.26 -46.21
N ILE I 244 2.09 -11.96 -45.64
CA ILE I 244 3.36 -12.31 -46.22
C ILE I 244 3.98 -13.39 -45.33
N VAL I 245 4.16 -14.55 -45.91
CA VAL I 245 4.80 -15.67 -45.25
C VAL I 245 6.27 -15.61 -45.61
N LEU I 246 7.11 -15.35 -44.61
CA LEU I 246 8.56 -15.37 -44.80
C LEU I 246 9.01 -16.79 -44.54
N CYS I 247 9.22 -17.52 -45.63
CA CYS I 247 9.72 -18.87 -45.55
C CYS I 247 11.24 -18.87 -45.63
N GLY I 248 11.78 -18.01 -46.50
CA GLY I 248 13.22 -17.90 -46.69
C GLY I 248 13.64 -16.59 -47.35
N ALA I 249 14.95 -16.45 -47.56
CA ALA I 249 15.51 -15.26 -48.20
C ALA I 249 16.76 -15.61 -49.00
N ILE I 250 16.63 -16.64 -49.84
CA ILE I 250 17.76 -17.21 -50.57
C ILE I 250 18.65 -16.19 -51.30
N SER I 251 18.07 -15.08 -51.74
CA SER I 251 18.84 -14.05 -52.42
C SER I 251 19.82 -13.33 -51.49
N GLN I 252 19.68 -13.54 -50.19
CA GLN I 252 20.48 -12.81 -49.20
C GLN I 252 21.54 -13.69 -48.53
N TYR I 253 21.54 -14.98 -48.88
CA TYR I 253 22.42 -15.96 -48.25
C TYR I 253 23.91 -15.73 -48.51
N ASN I 254 24.23 -15.17 -49.67
CA ASN I 254 25.62 -14.86 -50.02
C ASN I 254 25.75 -13.51 -50.73
N ALA I 258 25.26 -8.29 -44.55
CA ALA I 258 24.19 -7.40 -44.13
C ALA I 258 23.06 -7.38 -45.16
N VAL I 259 21.96 -8.06 -44.81
CA VAL I 259 20.85 -8.30 -45.75
C VAL I 259 20.12 -7.03 -46.21
N ARG I 260 19.51 -7.12 -47.38
CA ARG I 260 18.77 -6.02 -48.01
C ARG I 260 17.36 -5.93 -47.41
N GLY I 261 17.10 -4.83 -46.70
CA GLY I 261 15.84 -4.65 -46.00
C GLY I 261 14.72 -4.16 -46.90
N PRO I 262 13.47 -4.60 -46.61
CA PRO I 262 12.32 -4.11 -47.35
C PRO I 262 12.01 -2.62 -47.07
N ALA I 263 12.40 -1.75 -48.00
CA ALA I 263 12.21 -0.31 -47.84
C ALA I 263 10.75 0.08 -47.97
N ASN I 264 9.94 -0.77 -48.57
CA ASN I 264 8.51 -0.49 -48.73
C ASN I 264 7.64 -1.20 -47.68
N TYR I 265 8.21 -1.43 -46.50
CA TYR I 265 7.50 -2.19 -45.47
C TYR I 265 6.26 -1.45 -44.92
N LEU I 266 6.23 -0.13 -44.99
CA LEU I 266 5.08 0.64 -44.51
C LEU I 266 3.78 0.35 -45.26
N SER I 267 3.91 -0.40 -46.34
CA SER I 267 2.75 -0.95 -47.01
C SER I 267 1.95 -1.84 -46.07
N LEU I 268 2.66 -2.45 -45.12
CA LEU I 268 2.03 -3.28 -44.10
C LEU I 268 1.12 -2.47 -43.20
N LEU I 269 1.49 -1.23 -42.95
CA LEU I 269 0.69 -0.32 -42.17
C LEU I 269 -0.48 0.22 -43.02
N VAL I 270 -0.19 0.89 -44.13
CA VAL I 270 -1.24 1.33 -45.09
C VAL I 270 -2.30 0.25 -45.38
N ASN I 271 -1.87 -1.01 -45.50
CA ASN I 271 -2.75 -2.11 -45.86
C ASN I 271 -3.17 -3.03 -44.71
N ARG I 272 -2.79 -2.67 -43.48
CA ARG I 272 -3.16 -3.47 -42.31
C ARG I 272 -2.81 -4.93 -42.57
N ALA I 273 -1.59 -5.14 -43.08
CA ALA I 273 -1.16 -6.48 -43.45
C ALA I 273 -0.16 -7.08 -42.45
N ARG I 274 0.12 -8.36 -42.60
CA ARG I 274 0.95 -9.11 -41.68
C ARG I 274 2.11 -9.75 -42.43
N MET I 275 3.28 -9.76 -41.80
CA MET I 275 4.47 -10.44 -42.29
C MET I 275 4.98 -11.34 -41.15
N GLU I 276 5.03 -12.64 -41.41
CA GLU I 276 5.26 -13.64 -40.38
C GLU I 276 6.20 -14.74 -40.84
N GLY I 277 7.19 -15.03 -39.98
CA GLY I 277 8.18 -16.07 -40.24
C GLY I 277 7.76 -17.40 -39.66
N MET I 278 8.37 -18.48 -40.15
CA MET I 278 8.13 -19.83 -39.66
C MET I 278 9.34 -20.73 -39.85
N VAL I 279 9.45 -21.78 -39.05
CA VAL I 279 10.38 -22.88 -39.33
C VAL I 279 9.59 -24.19 -39.33
N VAL I 280 9.84 -25.03 -40.34
CA VAL I 280 9.02 -26.24 -40.55
C VAL I 280 8.98 -27.17 -39.33
N MET I 281 10.10 -27.25 -38.63
CA MET I 281 10.27 -28.13 -37.45
C MET I 281 9.23 -27.95 -36.36
N ASP I 282 8.63 -26.76 -36.26
CA ASP I 282 7.60 -26.50 -35.25
C ASP I 282 6.32 -27.27 -35.52
N TYR I 283 6.10 -27.65 -36.78
CA TYR I 283 4.90 -28.38 -37.18
C TYR I 283 5.07 -29.92 -37.17
N ALA I 284 6.23 -30.40 -36.72
CA ALA I 284 6.53 -31.85 -36.67
C ALA I 284 5.37 -32.69 -36.15
N GLN I 285 4.70 -32.18 -35.13
CA GLN I 285 3.59 -32.86 -34.48
C GLN I 285 2.40 -33.08 -35.40
N ARG I 286 2.34 -32.30 -36.48
CA ARG I 286 1.25 -32.41 -37.46
C ARG I 286 1.71 -33.03 -38.79
N PHE I 287 2.94 -33.58 -38.79
CA PHE I 287 3.51 -34.21 -39.97
C PHE I 287 2.64 -35.32 -40.60
N PRO I 288 2.16 -36.30 -39.79
CA PRO I 288 1.31 -37.35 -40.35
C PRO I 288 0.11 -36.87 -41.17
N GLU I 289 -0.73 -36.02 -40.59
CA GLU I 289 -1.91 -35.51 -41.30
C GLU I 289 -1.54 -34.67 -42.52
N GLY I 290 -0.39 -34.00 -42.46
CA GLY I 290 0.14 -33.23 -43.58
C GLY I 290 0.60 -34.13 -44.72
N LEU I 291 1.45 -35.10 -44.37
CA LEU I 291 2.00 -36.05 -45.34
C LEU I 291 0.91 -36.89 -46.01
N LYS I 292 -0.09 -37.30 -45.24
CA LYS I 292 -1.21 -38.08 -45.76
C LYS I 292 -1.96 -37.33 -46.85
N GLU I 293 -2.42 -36.12 -46.55
CA GLU I 293 -3.16 -35.31 -47.52
C GLU I 293 -2.31 -34.99 -48.76
N MET I 294 -1.02 -34.68 -48.53
CA MET I 294 -0.08 -34.44 -49.61
C MET I 294 0.03 -35.63 -50.57
N ALA I 295 0.18 -36.84 -50.01
CA ALA I 295 0.29 -38.07 -50.79
C ALA I 295 -0.91 -38.28 -51.71
N THR I 296 -2.11 -38.01 -51.19
CA THR I 296 -3.33 -38.20 -51.95
C THR I 296 -3.42 -37.24 -53.15
N TRP I 297 -2.98 -35.99 -52.95
CA TRP I 297 -2.98 -35.00 -54.05
C TRP I 297 -2.12 -35.45 -55.19
N LEU I 298 -0.93 -35.97 -54.87
CA LEU I 298 -0.04 -36.57 -55.87
C LEU I 298 -0.72 -37.78 -56.51
N ALA I 299 -1.28 -38.65 -55.67
CA ALA I 299 -1.95 -39.87 -56.13
C ALA I 299 -3.15 -39.59 -57.03
N GLU I 300 -3.95 -38.59 -56.68
CA GLU I 300 -5.09 -38.15 -57.48
C GLU I 300 -4.65 -37.33 -58.71
N GLY I 301 -3.35 -37.09 -58.83
CA GLY I 301 -2.81 -36.33 -59.94
C GLY I 301 -3.10 -34.83 -59.85
N LYS I 302 -3.56 -34.40 -58.69
CA LYS I 302 -3.86 -32.98 -58.44
C LYS I 302 -2.61 -32.17 -58.16
N LEU I 303 -1.54 -32.84 -57.73
CA LEU I 303 -0.27 -32.19 -57.43
C LEU I 303 0.88 -32.90 -58.14
N GLN I 304 1.88 -32.15 -58.58
CA GLN I 304 3.01 -32.74 -59.31
C GLN I 304 4.37 -32.23 -58.85
N SER I 305 5.22 -33.17 -58.46
CA SER I 305 6.53 -32.89 -57.90
C SER I 305 7.66 -33.36 -58.82
N ARG I 306 8.64 -32.50 -59.06
CA ARG I 306 9.80 -32.87 -59.86
C ARG I 306 11.09 -32.73 -59.07
N GLU I 307 11.99 -33.71 -59.24
CA GLU I 307 13.24 -33.75 -58.50
C GLU I 307 14.43 -33.74 -59.45
N ASP I 308 15.40 -32.86 -59.17
CA ASP I 308 16.66 -32.81 -59.92
C ASP I 308 17.68 -33.73 -59.22
N ILE I 309 17.85 -34.93 -59.76
CA ILE I 309 18.77 -35.89 -59.13
C ILE I 309 20.12 -35.93 -59.83
N VAL I 310 21.14 -35.41 -59.14
CA VAL I 310 22.52 -35.40 -59.62
C VAL I 310 23.32 -36.53 -58.97
N GLU I 311 24.14 -37.21 -59.78
CA GLU I 311 24.96 -38.33 -59.35
C GLU I 311 26.38 -37.87 -58.99
N GLY I 312 26.98 -38.54 -58.02
CA GLY I 312 28.36 -38.27 -57.65
C GLY I 312 28.52 -37.46 -56.39
N LEU I 313 28.76 -38.14 -55.27
CA LEU I 313 29.03 -37.48 -53.99
C LEU I 313 30.22 -36.52 -54.09
N GLU I 314 31.24 -36.91 -54.87
CA GLU I 314 32.46 -36.12 -55.06
C GLU I 314 32.24 -34.73 -55.67
N THR I 315 31.21 -34.58 -56.50
CA THR I 315 30.91 -33.29 -57.13
C THR I 315 30.15 -32.34 -56.18
N PHE I 316 30.13 -32.69 -54.90
CA PHE I 316 29.39 -31.94 -53.87
C PHE I 316 29.54 -30.41 -53.96
N PRO I 317 30.79 -29.89 -53.97
CA PRO I 317 30.95 -28.43 -54.11
C PRO I 317 30.26 -27.84 -55.35
N GLU I 318 30.38 -28.52 -56.49
CA GLU I 318 29.77 -28.09 -57.75
C GLU I 318 28.24 -28.16 -57.70
N THR I 319 27.73 -29.25 -57.12
CA THR I 319 26.29 -29.53 -57.08
C THR I 319 25.47 -28.47 -56.33
N LEU I 320 25.98 -28.00 -55.19
CA LEU I 320 25.30 -27.01 -54.36
C LEU I 320 25.07 -25.69 -55.09
N LEU I 321 26.10 -25.19 -55.76
CA LEU I 321 26.03 -23.90 -56.46
C LEU I 321 24.85 -23.80 -57.44
N LYS I 322 24.18 -24.92 -57.69
CA LYS I 322 22.95 -24.94 -58.50
C LYS I 322 21.79 -24.23 -57.82
N LEU I 323 21.67 -24.41 -56.50
CA LEU I 323 20.63 -23.74 -55.71
C LEU I 323 20.76 -22.23 -55.77
N PHE I 324 22.00 -21.75 -55.80
CA PHE I 324 22.29 -20.32 -55.88
C PHE I 324 22.45 -19.89 -57.33
N SER I 325 22.24 -20.84 -58.23
CA SER I 325 22.54 -20.67 -59.65
C SER I 325 21.31 -20.40 -60.51
N GLY I 326 20.25 -21.19 -60.28
CA GLY I 326 19.06 -21.14 -61.12
C GLY I 326 19.04 -22.28 -62.12
N GLU I 327 20.13 -23.04 -62.16
CA GLU I 327 20.24 -24.23 -63.00
C GLU I 327 19.45 -25.39 -62.40
N ASN I 328 19.08 -25.22 -61.13
CA ASN I 328 18.26 -26.16 -60.39
C ASN I 328 16.83 -26.23 -60.94
N PHE I 329 16.32 -27.45 -61.13
CA PHE I 329 14.97 -27.68 -61.66
C PHE I 329 14.22 -28.70 -60.81
N GLY I 330 13.97 -28.35 -59.56
CA GLY I 330 13.32 -29.25 -58.60
C GLY I 330 14.14 -29.37 -57.34
N LYS I 331 13.67 -30.18 -56.39
CA LYS I 331 14.39 -30.40 -55.15
C LYS I 331 15.72 -31.09 -55.45
N LEU I 332 16.81 -30.42 -55.10
CA LEU I 332 18.15 -30.96 -55.37
C LEU I 332 18.45 -32.18 -54.51
N VAL I 333 18.55 -33.34 -55.17
CA VAL I 333 18.84 -34.59 -54.50
C VAL I 333 20.15 -35.18 -55.03
N LEU I 334 20.92 -35.79 -54.14
CA LEU I 334 22.21 -36.38 -54.48
C LEU I 334 22.14 -37.91 -54.49
N ASN J 8 -16.58 32.26 -40.69
CA ASN J 8 -15.81 30.98 -40.56
C ASN J 8 -14.41 31.04 -41.16
N ARG J 9 -13.42 31.27 -40.30
CA ARG J 9 -12.03 31.25 -40.70
C ARG J 9 -11.58 29.81 -40.90
N GLN J 10 -10.75 29.65 -41.92
CA GLN J 10 -10.27 28.35 -42.36
C GLN J 10 -8.81 28.41 -42.75
N TYR J 11 -8.09 27.31 -42.48
CA TYR J 11 -6.81 27.08 -43.09
C TYR J 11 -7.01 26.08 -44.22
N GLN J 12 -6.68 26.53 -45.43
CA GLN J 12 -6.77 25.69 -46.62
C GLN J 12 -5.36 25.30 -47.03
N LEU J 13 -5.23 24.08 -47.57
CA LEU J 13 -3.97 23.62 -48.13
C LEU J 13 -3.69 24.35 -49.44
N ALA J 14 -2.61 25.12 -49.46
CA ALA J 14 -2.28 25.98 -50.60
C ALA J 14 -1.14 25.41 -51.44
N GLN J 15 -0.36 24.51 -50.86
CA GLN J 15 0.85 23.98 -51.50
C GLN J 15 1.25 22.63 -50.90
N ARG J 16 1.39 21.62 -51.76
CA ARG J 16 1.93 20.32 -51.36
C ARG J 16 3.40 20.54 -50.98
N PRO J 17 3.78 20.19 -49.74
CA PRO J 17 5.13 20.53 -49.31
C PRO J 17 6.18 19.50 -49.71
N SER J 18 7.45 19.89 -49.60
CA SER J 18 8.59 18.98 -49.63
C SER J 18 9.29 19.06 -48.27
N GLY J 19 9.40 17.92 -47.59
CA GLY J 19 9.84 17.91 -46.19
C GLY J 19 8.87 18.69 -45.33
N LEU J 20 9.41 19.48 -44.40
CA LEU J 20 8.61 20.32 -43.51
C LEU J 20 7.96 21.50 -44.24
N PRO J 21 6.72 21.85 -43.87
CA PRO J 21 5.99 23.02 -44.40
C PRO J 21 6.61 24.37 -44.02
N GLY J 22 5.93 25.45 -44.37
CA GLY J 22 6.39 26.83 -44.10
C GLY J 22 5.31 27.87 -44.34
N ARG J 23 5.74 29.07 -44.74
CA ARG J 23 4.86 30.22 -44.98
C ARG J 23 3.67 29.92 -45.90
N ASP J 24 3.98 29.77 -47.19
CA ASP J 24 2.96 29.69 -48.26
C ASP J 24 2.19 28.36 -48.28
N THR J 25 2.62 27.40 -47.47
CA THR J 25 2.02 26.05 -47.42
C THR J 25 0.54 26.05 -47.07
N PHE J 26 0.12 27.04 -46.28
CA PHE J 26 -1.28 27.22 -45.89
C PHE J 26 -1.73 28.67 -46.10
N SER J 27 -3.01 28.83 -46.46
CA SER J 27 -3.64 30.13 -46.58
C SER J 27 -4.81 30.29 -45.60
N PHE J 28 -4.80 31.37 -44.84
CA PHE J 28 -5.82 31.66 -43.84
C PHE J 28 -6.95 32.45 -44.48
N VAL J 29 -8.03 31.74 -44.81
CA VAL J 29 -9.15 32.31 -45.56
C VAL J 29 -10.38 32.58 -44.68
N GLU J 30 -11.02 33.73 -44.93
CA GLU J 30 -12.32 34.07 -44.33
C GLU J 30 -13.47 33.66 -45.26
N THR J 31 -14.45 32.95 -44.70
CA THR J 31 -15.59 32.40 -45.46
C THR J 31 -16.89 32.67 -44.70
N PRO J 32 -17.98 32.97 -45.44
CA PRO J 32 -19.29 33.11 -44.77
C PRO J 32 -19.79 31.79 -44.21
N LEU J 33 -20.41 31.82 -43.03
CA LEU J 33 -20.97 30.61 -42.45
C LEU J 33 -22.30 30.30 -43.13
N GLY J 34 -22.42 29.08 -43.67
CA GLY J 34 -23.67 28.66 -44.30
C GLY J 34 -24.69 28.14 -43.30
N GLU J 35 -25.63 27.35 -43.80
CA GLU J 35 -26.63 26.71 -42.94
C GLU J 35 -26.79 25.22 -43.25
N PRO J 36 -26.96 24.38 -42.22
CA PRO J 36 -27.08 22.94 -42.43
C PRO J 36 -28.33 22.54 -43.22
N ALA J 37 -28.15 21.68 -44.21
CA ALA J 37 -29.27 21.07 -44.93
C ALA J 37 -29.65 19.77 -44.22
N GLU J 38 -30.68 19.09 -44.74
CA GLU J 38 -31.10 17.81 -44.18
C GLU J 38 -29.94 16.81 -44.22
N GLY J 39 -29.81 16.02 -43.16
CA GLY J 39 -28.74 15.03 -43.05
C GLY J 39 -27.38 15.62 -42.68
N GLN J 40 -27.39 16.91 -42.32
CA GLN J 40 -26.15 17.61 -41.96
C GLN J 40 -26.23 18.14 -40.54
N ILE J 41 -25.08 18.49 -39.98
CA ILE J 41 -25.05 19.18 -38.70
C ILE J 41 -24.17 20.42 -38.78
N LEU J 42 -24.45 21.38 -37.91
CA LEU J 42 -23.58 22.54 -37.72
C LEU J 42 -22.95 22.49 -36.34
N VAL J 43 -21.61 22.56 -36.32
CA VAL J 43 -20.81 22.42 -35.10
C VAL J 43 -19.89 23.62 -34.89
N LYS J 44 -19.89 24.17 -33.68
CA LYS J 44 -18.84 25.10 -33.29
C LYS J 44 -17.62 24.30 -32.86
N ASN J 45 -16.51 24.43 -33.59
CA ASN J 45 -15.28 23.71 -33.27
C ASN J 45 -14.61 24.27 -32.02
N GLU J 46 -14.22 23.40 -31.11
CA GLU J 46 -13.67 23.87 -29.84
C GLU J 46 -12.20 23.50 -29.67
N TYR J 47 -11.87 22.24 -29.90
CA TYR J 47 -10.49 21.81 -29.86
C TYR J 47 -10.23 20.96 -31.06
N LEU J 48 -9.03 21.11 -31.63
CA LEU J 48 -8.62 20.37 -32.80
C LEU J 48 -7.44 19.50 -32.43
N SER J 49 -7.39 18.31 -33.03
CA SER J 49 -6.32 17.35 -32.82
C SER J 49 -5.22 17.60 -33.83
N LEU J 50 -4.04 17.86 -33.32
CA LEU J 50 -2.89 17.97 -34.21
C LEU J 50 -2.17 16.63 -34.22
N ASP J 51 -2.21 15.94 -35.36
CA ASP J 51 -1.72 14.57 -35.47
C ASP J 51 -0.57 14.44 -36.47
N PRO J 52 0.40 13.54 -36.19
CA PRO J 52 1.46 13.28 -37.15
C PRO J 52 0.94 12.85 -38.54
N ALA J 53 -0.19 12.15 -38.58
CA ALA J 53 -0.81 11.73 -39.84
C ALA J 53 -1.15 12.88 -40.80
N MET J 54 -1.32 14.09 -40.25
CA MET J 54 -1.58 15.31 -41.00
C MET J 54 -0.52 15.54 -42.08
N ARG J 55 0.73 15.29 -41.74
CA ARG J 55 1.85 15.36 -42.68
C ARG J 55 1.62 14.45 -43.89
N GLY J 56 1.19 13.22 -43.63
CA GLY J 56 0.82 12.30 -44.70
C GLY J 56 -0.37 12.80 -45.51
N TRP J 57 -1.26 13.55 -44.86
CA TRP J 57 -2.48 14.05 -45.51
C TRP J 57 -2.24 15.06 -46.59
N MET J 58 -1.12 15.77 -46.49
CA MET J 58 -0.75 16.81 -47.46
C MET J 58 -0.10 16.26 -48.73
N ASN J 59 0.37 15.02 -48.69
CA ASN J 59 1.05 14.38 -49.83
C ASN J 59 0.10 13.71 -50.81
N ASP J 60 0.48 13.70 -52.09
CA ASP J 60 -0.36 13.15 -53.15
C ASP J 60 -0.41 11.62 -53.20
N ALA J 61 0.50 10.96 -52.47
CA ALA J 61 0.62 9.50 -52.47
C ALA J 61 -0.66 8.77 -52.01
N ARG J 62 -0.88 7.58 -52.55
CA ARG J 62 -2.00 6.72 -52.17
C ARG J 62 -1.79 6.19 -50.74
N SER J 63 -2.85 6.23 -49.93
CA SER J 63 -2.78 5.82 -48.53
C SER J 63 -4.08 5.15 -48.06
N TYR J 64 -4.33 5.17 -46.75
CA TYR J 64 -5.52 4.58 -46.16
C TYR J 64 -6.71 5.51 -46.32
N ILE J 65 -6.42 6.81 -46.35
CA ILE J 65 -7.41 7.83 -46.76
C ILE J 65 -6.81 8.73 -47.85
N PRO J 66 -7.68 9.30 -48.71
CA PRO J 66 -7.24 10.22 -49.77
C PRO J 66 -6.54 11.45 -49.20
N PRO J 67 -5.66 12.08 -50.00
CA PRO J 67 -5.05 13.36 -49.63
C PRO J 67 -6.07 14.49 -49.46
N VAL J 68 -5.69 15.54 -48.73
CA VAL J 68 -6.46 16.79 -48.70
C VAL J 68 -6.30 17.44 -50.08
N GLY J 69 -7.42 17.80 -50.70
CA GLY J 69 -7.37 18.52 -51.98
C GLY J 69 -6.85 19.93 -51.74
N ILE J 70 -6.07 20.45 -52.68
CA ILE J 70 -5.60 21.85 -52.59
C ILE J 70 -6.80 22.79 -52.72
N GLY J 71 -6.86 23.79 -51.84
CA GLY J 71 -8.02 24.68 -51.73
C GLY J 71 -9.06 24.20 -50.74
N GLU J 72 -8.93 22.96 -50.31
CA GLU J 72 -9.82 22.39 -49.30
C GLU J 72 -9.35 22.80 -47.89
N VAL J 73 -10.27 22.84 -46.94
CA VAL J 73 -9.88 23.03 -45.56
C VAL J 73 -8.97 21.86 -45.16
N MET J 74 -7.89 22.19 -44.48
CA MET J 74 -6.96 21.22 -43.95
C MET J 74 -7.71 20.30 -42.99
N ARG J 75 -7.48 19.00 -43.14
CA ARG J 75 -8.19 18.00 -42.35
C ARG J 75 -7.74 18.03 -40.89
N ALA J 76 -8.70 17.85 -39.99
CA ALA J 76 -8.39 17.80 -38.58
C ALA J 76 -9.52 17.15 -37.86
N LEU J 77 -9.18 16.21 -36.97
CA LEU J 77 -10.17 15.72 -36.04
C LEU J 77 -10.29 16.79 -34.96
N GLY J 78 -11.47 16.87 -34.36
CA GLY J 78 -11.71 17.85 -33.32
C GLY J 78 -12.92 17.51 -32.49
N VAL J 79 -13.11 18.30 -31.44
CA VAL J 79 -14.29 18.22 -30.60
C VAL J 79 -15.04 19.55 -30.70
N GLY J 80 -16.36 19.48 -30.79
CA GLY J 80 -17.17 20.70 -30.82
C GLY J 80 -18.60 20.49 -30.39
N LYS J 81 -19.34 21.60 -30.32
CA LYS J 81 -20.72 21.59 -29.90
C LYS J 81 -21.64 21.67 -31.11
N VAL J 82 -22.60 20.77 -31.17
CA VAL J 82 -23.61 20.80 -32.22
C VAL J 82 -24.54 21.98 -31.93
N LEU J 83 -24.62 22.89 -32.89
CA LEU J 83 -25.45 24.08 -32.77
C LEU J 83 -26.83 23.80 -33.35
N VAL J 84 -26.85 23.20 -34.53
CA VAL J 84 -28.09 22.84 -35.25
C VAL J 84 -27.92 21.46 -35.87
N SER J 85 -28.90 20.58 -35.65
CA SER J 85 -28.89 19.23 -36.21
C SER J 85 -30.06 18.99 -37.16
N LYS J 86 -29.76 18.43 -38.31
CA LYS J 86 -30.79 17.95 -39.24
C LYS J 86 -30.54 16.46 -39.49
N HIS J 87 -30.22 15.75 -38.41
CA HIS J 87 -29.78 14.37 -38.47
C HIS J 87 -30.29 13.67 -37.25
N PRO J 88 -31.06 12.58 -37.44
CA PRO J 88 -31.71 11.91 -36.30
C PRO J 88 -30.72 11.41 -35.24
N GLY J 89 -29.44 11.35 -35.60
CA GLY J 89 -28.40 10.89 -34.69
C GLY J 89 -27.92 11.92 -33.68
N PHE J 90 -28.17 13.20 -33.95
CA PHE J 90 -27.66 14.30 -33.13
C PHE J 90 -28.72 15.36 -32.80
N GLN J 91 -28.51 16.11 -31.73
CA GLN J 91 -29.39 17.23 -31.43
C GLN J 91 -28.59 18.39 -30.84
N ALA J 92 -29.14 19.59 -30.97
CA ALA J 92 -28.54 20.81 -30.44
C ALA J 92 -28.11 20.61 -28.99
N GLY J 93 -26.85 20.97 -28.71
CA GLY J 93 -26.31 20.87 -27.36
C GLY J 93 -25.36 19.71 -27.19
N ASP J 94 -25.43 18.73 -28.09
CA ASP J 94 -24.52 17.60 -28.08
C ASP J 94 -23.10 18.04 -28.40
N TYR J 95 -22.16 17.36 -27.77
CA TYR J 95 -20.78 17.52 -28.15
C TYR J 95 -20.38 16.29 -28.96
N VAL J 96 -19.50 16.50 -29.93
CA VAL J 96 -19.11 15.43 -30.85
C VAL J 96 -17.64 15.46 -31.17
N ASN J 97 -17.15 14.29 -31.55
CA ASN J 97 -15.81 14.12 -32.04
C ASN J 97 -15.99 13.71 -33.51
N GLY J 98 -15.21 14.32 -34.39
CA GLY J 98 -15.25 14.01 -35.81
C GLY J 98 -14.16 14.79 -36.55
N ALA J 99 -14.14 14.63 -37.87
CA ALA J 99 -13.25 15.39 -38.74
C ALA J 99 -13.85 16.78 -38.99
N LEU J 100 -13.39 17.75 -38.19
CA LEU J 100 -14.02 19.08 -38.15
C LEU J 100 -13.25 20.12 -38.95
N GLY J 101 -12.01 19.80 -39.32
CA GLY J 101 -11.18 20.69 -40.12
C GLY J 101 -10.54 21.81 -39.32
N VAL J 102 -9.52 22.43 -39.89
CA VAL J 102 -8.82 23.53 -39.26
C VAL J 102 -9.60 24.79 -39.59
N GLN J 103 -10.65 25.03 -38.80
CA GLN J 103 -11.64 26.07 -39.06
C GLN J 103 -12.48 26.33 -37.81
N ASP J 104 -13.15 27.48 -37.76
CA ASP J 104 -14.00 27.82 -36.62
C ASP J 104 -15.27 26.95 -36.51
N TYR J 105 -15.86 26.57 -37.65
CA TYR J 105 -17.14 25.86 -37.66
C TYR J 105 -17.13 24.71 -38.65
N PHE J 106 -17.80 23.61 -38.28
CA PHE J 106 -18.06 22.49 -39.21
C PHE J 106 -19.49 22.48 -39.71
N ILE J 107 -19.64 22.23 -41.01
CA ILE J 107 -20.95 22.03 -41.62
C ILE J 107 -20.89 20.85 -42.59
N GLY J 108 -21.86 19.95 -42.47
CA GLY J 108 -21.93 18.80 -43.35
C GLY J 108 -22.36 17.50 -42.71
N GLU J 109 -22.19 16.42 -43.47
CA GLU J 109 -22.56 15.06 -43.07
C GLU J 109 -21.65 14.62 -41.91
N PRO J 110 -22.27 14.24 -40.78
CA PRO J 110 -21.48 13.77 -39.62
C PRO J 110 -20.95 12.34 -39.80
N LYS J 111 -20.27 12.10 -40.92
CA LYS J 111 -19.73 10.77 -41.23
C LYS J 111 -18.62 10.41 -40.25
N GLY J 112 -18.84 9.34 -39.49
CA GLY J 112 -17.85 8.89 -38.50
C GLY J 112 -17.77 9.75 -37.24
N PHE J 113 -18.72 10.66 -37.07
CA PHE J 113 -18.84 11.44 -35.83
C PHE J 113 -19.49 10.55 -34.79
N TYR J 114 -19.11 10.71 -33.52
CA TYR J 114 -19.86 10.12 -32.42
C TYR J 114 -19.96 11.13 -31.29
N LYS J 115 -21.04 11.00 -30.50
CA LYS J 115 -21.31 11.84 -29.33
C LYS J 115 -20.31 11.59 -28.22
N VAL J 116 -19.87 12.67 -27.59
CA VAL J 116 -19.05 12.59 -26.39
C VAL J 116 -19.74 13.28 -25.23
N ASP J 117 -19.57 12.74 -24.04
CA ASP J 117 -20.25 13.23 -22.85
C ASP J 117 -19.31 14.17 -22.08
N PRO J 118 -19.57 15.48 -22.14
CA PRO J 118 -18.68 16.44 -21.45
C PRO J 118 -18.74 16.34 -19.93
N SER J 119 -19.70 15.59 -19.41
CA SER J 119 -19.81 15.35 -17.97
C SER J 119 -18.87 14.25 -17.49
N ARG J 120 -18.36 13.45 -18.42
CA ARG J 120 -17.51 12.31 -18.05
C ARG J 120 -16.02 12.52 -18.22
N ALA J 121 -15.63 13.57 -18.95
CA ALA J 121 -14.21 13.91 -19.12
C ALA J 121 -14.01 15.35 -19.57
N PRO J 122 -12.78 15.87 -19.39
CA PRO J 122 -12.45 17.15 -20.00
C PRO J 122 -12.60 17.02 -21.51
N LEU J 123 -13.15 18.04 -22.14
CA LEU J 123 -13.37 18.04 -23.57
C LEU J 123 -12.14 17.66 -24.40
N PRO J 124 -10.95 18.23 -24.10
CA PRO J 124 -9.75 17.88 -24.87
C PRO J 124 -9.37 16.40 -24.77
N ARG J 125 -9.74 15.76 -23.68
CA ARG J 125 -9.40 14.35 -23.50
C ARG J 125 -10.09 13.45 -24.51
N TYR J 126 -11.13 13.97 -25.16
CA TYR J 126 -11.81 13.22 -26.19
C TYR J 126 -11.05 13.29 -27.52
N LEU J 127 -9.88 13.91 -27.49
CA LEU J 127 -8.96 13.86 -28.61
C LEU J 127 -7.70 13.02 -28.33
N SER J 128 -7.45 12.75 -27.04
CA SER J 128 -6.29 11.96 -26.61
C SER J 128 -6.70 10.54 -26.15
N ALA J 129 -6.43 10.21 -24.88
CA ALA J 129 -6.74 8.88 -24.31
C ALA J 129 -8.18 8.45 -24.52
N LEU J 130 -9.09 9.41 -24.49
CA LEU J 130 -10.49 9.11 -24.78
C LEU J 130 -10.87 9.46 -26.21
N GLY J 131 -9.87 9.66 -27.05
CA GLY J 131 -10.09 9.87 -28.47
C GLY J 131 -9.26 8.95 -29.32
N MET J 132 -8.81 9.48 -30.46
CA MET J 132 -8.20 8.66 -31.50
C MET J 132 -6.87 8.05 -31.09
N THR J 133 -5.97 8.85 -30.51
CA THR J 133 -4.66 8.36 -30.11
C THR J 133 -4.80 7.29 -29.04
N GLY J 134 -5.82 7.45 -28.19
CA GLY J 134 -6.09 6.50 -27.14
C GLY J 134 -6.62 5.19 -27.68
N MET J 135 -7.54 5.26 -28.64
CA MET J 135 -8.11 4.05 -29.21
C MET J 135 -7.05 3.36 -30.06
N THR J 136 -6.12 4.15 -30.59
CA THR J 136 -5.01 3.58 -31.34
C THR J 136 -4.17 2.65 -30.46
N ALA J 137 -3.71 3.17 -29.32
CA ALA J 137 -2.92 2.41 -28.36
C ALA J 137 -3.68 1.16 -27.93
N TYR J 138 -4.94 1.36 -27.55
CA TYR J 138 -5.77 0.34 -26.98
C TYR J 138 -5.95 -0.80 -27.97
N PHE J 139 -6.39 -0.49 -29.19
CA PHE J 139 -6.66 -1.55 -30.15
C PHE J 139 -5.40 -2.12 -30.79
N ALA J 140 -4.41 -1.28 -31.08
CA ALA J 140 -3.17 -1.76 -31.66
C ALA J 140 -2.43 -2.69 -30.67
N LEU J 141 -2.26 -2.24 -29.43
CA LEU J 141 -1.58 -3.04 -28.44
C LEU J 141 -2.34 -4.33 -28.15
N LEU J 142 -3.64 -4.21 -27.89
CA LEU J 142 -4.40 -5.35 -27.37
C LEU J 142 -4.84 -6.34 -28.45
N ASP J 143 -5.31 -5.83 -29.58
CA ASP J 143 -5.73 -6.71 -30.67
C ASP J 143 -4.56 -7.25 -31.48
N VAL J 144 -3.55 -6.43 -31.71
CA VAL J 144 -2.44 -6.84 -32.58
C VAL J 144 -1.24 -7.37 -31.77
N GLY J 145 -0.84 -6.65 -30.72
CA GLY J 145 0.28 -7.09 -29.89
C GLY J 145 -0.05 -8.28 -29.02
N GLN J 146 -1.28 -8.33 -28.52
CA GLN J 146 -1.76 -9.35 -27.58
C GLN J 146 -0.81 -9.58 -26.41
N PRO J 147 -0.48 -8.52 -25.66
CA PRO J 147 0.52 -8.66 -24.61
C PRO J 147 -0.01 -9.53 -23.48
N LYS J 148 0.88 -10.28 -22.83
CA LYS J 148 0.48 -11.16 -21.73
C LYS J 148 1.24 -10.81 -20.46
N ASN J 149 0.62 -11.07 -19.32
CA ASN J 149 1.26 -10.93 -18.01
C ASN J 149 2.66 -11.51 -18.02
N GLY J 150 3.64 -10.70 -17.63
CA GLY J 150 5.03 -11.12 -17.55
C GLY J 150 5.87 -10.91 -18.81
N GLU J 151 5.21 -10.60 -19.91
CA GLU J 151 5.92 -10.38 -21.15
C GLU J 151 6.59 -9.03 -21.15
N THR J 152 7.64 -8.91 -21.95
CA THR J 152 8.35 -7.66 -22.10
C THR J 152 7.84 -6.88 -23.34
N VAL J 153 7.39 -5.66 -23.10
CA VAL J 153 6.82 -4.79 -24.13
C VAL J 153 7.70 -3.57 -24.28
N VAL J 154 8.20 -3.36 -25.51
CA VAL J 154 8.99 -2.18 -25.84
C VAL J 154 8.16 -1.23 -26.69
N ILE J 155 8.24 0.05 -26.39
CA ILE J 155 7.39 1.04 -27.02
C ILE J 155 8.21 2.20 -27.53
N SER J 156 8.16 2.44 -28.83
CA SER J 156 8.83 3.60 -29.40
C SER J 156 7.92 4.82 -29.35
N GLY J 157 8.53 6.01 -29.39
CA GLY J 157 7.79 7.28 -29.25
C GLY J 157 6.96 7.24 -27.99
N ALA J 158 7.54 6.69 -26.94
CA ALA J 158 6.84 6.26 -25.73
C ALA J 158 6.26 7.39 -24.90
N ALA J 159 6.84 8.58 -24.98
CA ALA J 159 6.34 9.73 -24.27
C ALA J 159 5.18 10.40 -25.01
N GLY J 160 5.00 10.02 -26.28
CA GLY J 160 3.98 10.61 -27.15
C GLY J 160 2.57 10.17 -26.86
N ALA J 161 1.62 10.68 -27.64
CA ALA J 161 0.20 10.45 -27.38
C ALA J 161 -0.22 8.97 -27.41
N VAL J 162 0.18 8.26 -28.45
CA VAL J 162 -0.15 6.86 -28.59
C VAL J 162 0.68 6.02 -27.62
N GLY J 163 1.98 6.24 -27.66
CA GLY J 163 2.92 5.40 -26.95
C GLY J 163 2.78 5.47 -25.44
N SER J 164 2.53 6.68 -24.92
CA SER J 164 2.37 6.87 -23.49
C SER J 164 1.17 6.08 -22.99
N VAL J 165 0.15 5.97 -23.83
CA VAL J 165 -1.04 5.22 -23.45
C VAL J 165 -0.80 3.72 -23.61
N ALA J 166 -0.21 3.32 -24.73
CA ALA J 166 0.10 1.91 -24.98
C ALA J 166 0.93 1.35 -23.84
N GLY J 167 1.93 2.11 -23.41
CA GLY J 167 2.82 1.67 -22.34
C GLY J 167 2.11 1.49 -21.02
N GLN J 168 1.19 2.40 -20.73
CA GLN J 168 0.42 2.31 -19.51
C GLN J 168 -0.56 1.15 -19.52
N ILE J 169 -1.11 0.84 -20.70
CA ILE J 169 -2.02 -0.30 -20.78
C ILE J 169 -1.20 -1.57 -20.57
N ALA J 170 -0.03 -1.66 -21.20
CA ALA J 170 0.91 -2.77 -20.98
C ALA J 170 1.23 -2.98 -19.50
N ARG J 171 1.53 -1.90 -18.78
CA ARG J 171 1.74 -1.94 -17.31
C ARG J 171 0.55 -2.58 -16.61
N LEU J 172 -0.65 -2.18 -16.99
CA LEU J 172 -1.86 -2.72 -16.37
C LEU J 172 -2.15 -4.20 -16.67
N LYS J 173 -1.54 -4.74 -17.73
CA LYS J 173 -1.75 -6.15 -18.10
C LYS J 173 -0.71 -7.08 -17.47
N GLY J 174 0.24 -6.49 -16.74
CA GLY J 174 1.22 -7.25 -15.98
C GLY J 174 2.56 -7.37 -16.68
N CYS J 175 2.77 -6.55 -17.70
CA CYS J 175 3.97 -6.63 -18.54
C CYS J 175 5.11 -5.84 -17.97
N ARG J 176 6.32 -6.23 -18.35
CA ARG J 176 7.47 -5.38 -18.15
C ARG J 176 7.53 -4.41 -19.34
N VAL J 177 7.52 -3.12 -19.04
CA VAL J 177 7.36 -2.07 -20.03
C VAL J 177 8.58 -1.19 -20.15
N VAL J 178 9.14 -1.14 -21.36
CA VAL J 178 10.31 -0.32 -21.63
C VAL J 178 10.03 0.69 -22.74
N GLY J 179 10.26 1.96 -22.45
CA GLY J 179 10.02 3.03 -23.41
C GLY J 179 11.29 3.53 -24.05
N ILE J 180 11.18 3.98 -25.29
CA ILE J 180 12.28 4.62 -25.98
C ILE J 180 11.77 6.00 -26.36
N ALA J 181 12.45 7.03 -25.84
CA ALA J 181 12.02 8.42 -26.03
C ALA J 181 13.21 9.38 -26.01
N GLY J 182 12.98 10.60 -26.48
CA GLY J 182 14.03 11.62 -26.56
C GLY J 182 14.02 12.62 -25.42
N GLY J 183 15.18 12.83 -24.81
CA GLY J 183 15.33 13.75 -23.69
C GLY J 183 15.34 12.99 -22.38
N ALA J 184 16.41 13.18 -21.60
CA ALA J 184 16.54 12.53 -20.29
C ALA J 184 15.37 12.88 -19.35
N GLU J 185 14.70 14.01 -19.61
CA GLU J 185 13.51 14.38 -18.86
C GLU J 185 12.31 13.49 -19.18
N LYS J 186 11.98 13.37 -20.47
CA LYS J 186 10.87 12.54 -20.92
C LYS J 186 11.02 11.09 -20.43
N CYS J 187 12.25 10.59 -20.46
CA CYS J 187 12.55 9.24 -19.99
C CYS J 187 12.29 9.10 -18.49
N ARG J 188 12.63 10.15 -17.73
CA ARG J 188 12.35 10.19 -16.30
C ARG J 188 10.83 10.24 -16.08
N PHE J 189 10.16 11.05 -16.88
CA PHE J 189 8.71 11.11 -16.89
C PHE J 189 8.08 9.72 -17.13
N LEU J 190 8.67 8.94 -18.03
CA LEU J 190 8.16 7.59 -18.33
C LEU J 190 8.20 6.69 -17.11
N VAL J 191 9.34 6.67 -16.42
CA VAL J 191 9.57 5.78 -15.29
C VAL J 191 8.90 6.29 -14.02
N GLU J 192 9.20 7.52 -13.66
CA GLU J 192 8.78 8.07 -12.36
C GLU J 192 7.32 8.51 -12.32
N GLU J 193 6.80 9.01 -13.44
CA GLU J 193 5.41 9.45 -13.51
C GLU J 193 4.47 8.40 -14.11
N LEU J 194 4.89 7.75 -15.19
CA LEU J 194 4.00 6.84 -15.92
C LEU J 194 4.15 5.38 -15.53
N GLY J 195 5.24 5.06 -14.83
CA GLY J 195 5.41 3.72 -14.30
C GLY J 195 6.04 2.71 -15.25
N PHE J 196 6.68 3.19 -16.32
CA PHE J 196 7.44 2.31 -17.21
C PHE J 196 8.55 1.66 -16.39
N ASP J 197 8.83 0.38 -16.62
CA ASP J 197 9.88 -0.31 -15.86
C ASP J 197 11.27 0.19 -16.21
N GLY J 198 11.39 0.74 -17.40
CA GLY J 198 12.65 1.30 -17.84
C GLY J 198 12.44 2.25 -18.99
N ALA J 199 13.47 3.04 -19.27
CA ALA J 199 13.45 3.95 -20.40
C ALA J 199 14.84 4.00 -20.99
N ILE J 200 14.88 4.21 -22.31
CA ILE J 200 16.13 4.37 -23.03
C ILE J 200 16.01 5.72 -23.72
N ASP J 201 16.99 6.59 -23.48
CA ASP J 201 17.02 7.87 -24.17
C ASP J 201 17.78 7.65 -25.45
N TYR J 202 17.07 7.72 -26.57
CA TYR J 202 17.69 7.40 -27.85
C TYR J 202 18.71 8.46 -28.32
N LYS J 203 18.61 9.67 -27.76
CA LYS J 203 19.51 10.77 -28.14
C LYS J 203 20.88 10.72 -27.44
N ASN J 204 20.88 10.29 -26.18
CA ASN J 204 22.09 10.32 -25.37
C ASN J 204 22.60 8.93 -24.95
N GLU J 205 22.12 7.88 -25.62
CA GLU J 205 22.44 6.50 -25.20
C GLU J 205 22.27 5.47 -26.33
N ASP J 206 23.20 4.53 -26.43
CA ASP J 206 23.12 3.50 -27.46
C ASP J 206 22.00 2.49 -27.19
N LEU J 207 21.12 2.34 -28.17
CA LEU J 207 19.93 1.51 -28.04
C LEU J 207 20.25 0.05 -27.73
N ALA J 208 21.20 -0.51 -28.46
CA ALA J 208 21.59 -1.92 -28.30
C ALA J 208 21.98 -2.25 -26.86
N ALA J 209 22.77 -1.35 -26.26
CA ALA J 209 23.20 -1.51 -24.86
C ALA J 209 22.03 -1.40 -23.90
N GLY J 210 21.17 -0.40 -24.12
CA GLY J 210 19.95 -0.23 -23.33
C GLY J 210 19.05 -1.46 -23.33
N LEU J 211 18.81 -2.02 -24.52
CA LEU J 211 17.91 -3.16 -24.64
C LEU J 211 18.50 -4.40 -23.98
N LYS J 212 19.83 -4.53 -24.03
CA LYS J 212 20.49 -5.61 -23.28
C LYS J 212 20.24 -5.46 -21.76
N ARG J 213 20.34 -4.23 -21.28
CA ARG J 213 20.09 -3.91 -19.89
C ARG J 213 18.62 -4.12 -19.50
N GLU J 214 17.73 -3.55 -20.29
CA GLU J 214 16.32 -3.49 -19.91
C GLU J 214 15.49 -4.72 -20.26
N CYS J 215 15.98 -5.54 -21.20
CA CYS J 215 15.20 -6.69 -21.66
C CYS J 215 16.02 -7.97 -21.63
N PRO J 216 16.28 -8.51 -20.43
CA PRO J 216 17.12 -9.70 -20.32
C PRO J 216 16.51 -10.92 -20.99
N LYS J 217 15.18 -10.98 -21.01
CA LYS J 217 14.46 -12.12 -21.59
C LYS J 217 14.03 -11.89 -23.05
N GLY J 218 14.63 -10.87 -23.67
CA GLY J 218 14.25 -10.45 -25.02
C GLY J 218 12.94 -9.66 -25.05
N ILE J 219 12.46 -9.35 -26.25
CA ILE J 219 11.28 -8.51 -26.44
C ILE J 219 10.13 -9.31 -27.04
N ASP J 220 9.01 -9.32 -26.33
CA ASP J 220 7.83 -10.10 -26.69
C ASP J 220 6.89 -9.29 -27.59
N VAL J 221 6.69 -8.02 -27.25
CA VAL J 221 5.93 -7.09 -28.08
C VAL J 221 6.69 -5.80 -28.35
N PHE J 222 6.77 -5.41 -29.60
CA PHE J 222 7.29 -4.09 -29.94
C PHE J 222 6.19 -3.26 -30.58
N PHE J 223 5.85 -2.15 -29.93
CA PHE J 223 4.87 -1.22 -30.42
C PHE J 223 5.66 -0.09 -31.10
N ASP J 224 5.63 -0.07 -32.43
CA ASP J 224 6.41 0.88 -33.24
C ASP J 224 5.62 2.07 -33.76
N ASN J 225 5.99 3.26 -33.26
CA ASN J 225 5.50 4.56 -33.73
C ASN J 225 6.54 5.30 -34.57
N VAL J 226 7.75 4.74 -34.62
CA VAL J 226 8.91 5.53 -35.02
C VAL J 226 9.62 5.04 -36.28
N GLY J 227 9.84 3.73 -36.40
CA GLY J 227 10.50 3.20 -37.60
C GLY J 227 11.99 3.50 -37.64
N GLY J 228 12.57 3.50 -38.84
CA GLY J 228 14.00 3.74 -39.00
C GLY J 228 14.88 2.78 -38.21
N GLU J 229 15.94 3.32 -37.62
CA GLU J 229 16.97 2.48 -36.99
C GLU J 229 16.54 1.83 -35.67
N ILE J 230 15.66 2.49 -34.94
CA ILE J 230 15.14 1.95 -33.67
C ILE J 230 14.46 0.60 -33.91
N LEU J 231 13.60 0.58 -34.91
CA LEU J 231 12.96 -0.65 -35.36
C LEU J 231 13.98 -1.74 -35.65
N ASP J 232 15.02 -1.38 -36.41
CA ASP J 232 16.04 -2.32 -36.84
C ASP J 232 16.80 -2.91 -35.65
N THR J 233 17.09 -2.08 -34.65
CA THR J 233 17.78 -2.50 -33.43
C THR J 233 16.91 -3.43 -32.57
N VAL J 234 15.66 -3.06 -32.38
CA VAL J 234 14.71 -3.86 -31.61
C VAL J 234 14.57 -5.26 -32.21
N LEU J 235 14.56 -5.34 -33.54
CA LEU J 235 14.45 -6.61 -34.25
C LEU J 235 15.48 -7.66 -33.85
N THR J 236 16.68 -7.21 -33.47
CA THR J 236 17.74 -8.12 -33.04
C THR J 236 17.47 -8.72 -31.66
N ARG J 237 16.61 -8.07 -30.87
CA ARG J 237 16.37 -8.51 -29.51
C ARG J 237 15.02 -9.21 -29.28
N ILE J 238 14.26 -9.45 -30.35
CA ILE J 238 12.93 -10.04 -30.16
C ILE J 238 12.99 -11.49 -29.71
N ALA J 239 11.95 -11.92 -29.02
CA ALA J 239 11.89 -13.28 -28.51
C ALA J 239 11.16 -14.23 -29.47
N PHE J 240 11.19 -15.52 -29.15
CA PHE J 240 10.41 -16.50 -29.86
C PHE J 240 8.93 -16.08 -29.83
N LYS J 241 8.31 -16.00 -31.02
CA LYS J 241 6.87 -15.65 -31.16
C LYS J 241 6.52 -14.21 -30.78
N ALA J 242 7.48 -13.30 -30.98
CA ALA J 242 7.28 -11.88 -30.75
C ALA J 242 6.25 -11.32 -31.71
N ARG J 243 5.63 -10.21 -31.31
CA ARG J 243 4.70 -9.46 -32.15
C ARG J 243 5.22 -8.05 -32.28
N ILE J 244 5.39 -7.61 -33.51
CA ILE J 244 5.73 -6.21 -33.79
C ILE J 244 4.49 -5.54 -34.33
N VAL J 245 4.07 -4.48 -33.64
CA VAL J 245 2.88 -3.73 -34.03
C VAL J 245 3.33 -2.48 -34.75
N LEU J 246 3.10 -2.42 -36.06
CA LEU J 246 3.40 -1.20 -36.81
C LEU J 246 2.23 -0.23 -36.68
N CYS J 247 2.50 0.90 -36.07
CA CYS J 247 1.48 1.91 -35.85
C CYS J 247 1.81 3.16 -36.66
N GLY J 248 3.09 3.51 -36.67
CA GLY J 248 3.59 4.63 -37.44
C GLY J 248 5.08 4.53 -37.69
N ALA J 249 5.63 5.55 -38.35
CA ALA J 249 7.05 5.65 -38.62
C ALA J 249 7.43 7.13 -38.71
N ILE J 250 7.06 7.87 -37.66
CA ILE J 250 7.23 9.31 -37.63
C ILE J 250 8.62 9.79 -38.06
N SER J 251 9.62 8.95 -37.89
CA SER J 251 10.98 9.31 -38.31
C SER J 251 11.11 9.43 -39.82
N GLN J 252 10.08 9.01 -40.56
CA GLN J 252 10.13 8.94 -42.03
C GLN J 252 9.08 9.83 -42.72
N TYR J 253 8.18 10.44 -41.95
CA TYR J 253 7.07 11.23 -42.52
C TYR J 253 7.52 12.48 -43.28
N ASN J 254 8.64 13.05 -42.87
CA ASN J 254 9.20 14.22 -43.53
C ASN J 254 10.43 13.90 -44.41
N ASN J 255 10.40 12.71 -45.02
CA ASN J 255 11.43 12.30 -45.97
C ASN J 255 11.16 12.88 -47.36
N ALA J 258 12.26 8.47 -49.79
CA ALA J 258 12.89 7.17 -49.56
C ALA J 258 12.78 6.75 -48.10
N VAL J 259 12.31 5.52 -47.88
CA VAL J 259 12.10 4.97 -46.53
C VAL J 259 13.18 3.96 -46.16
N ARG J 260 13.65 4.03 -44.91
CA ARG J 260 14.69 3.13 -44.40
C ARG J 260 14.12 1.78 -43.99
N GLY J 261 14.45 0.75 -44.77
CA GLY J 261 13.95 -0.61 -44.54
C GLY J 261 14.72 -1.35 -43.46
N PRO J 262 14.03 -2.23 -42.72
CA PRO J 262 14.65 -2.98 -41.63
C PRO J 262 15.53 -4.13 -42.11
N ALA J 263 16.85 -3.93 -42.09
CA ALA J 263 17.80 -4.95 -42.52
C ALA J 263 17.78 -6.19 -41.64
N ASN J 264 17.17 -6.08 -40.46
CA ASN J 264 17.12 -7.22 -39.54
C ASN J 264 15.84 -8.03 -39.60
N TYR J 265 14.97 -7.69 -40.55
CA TYR J 265 13.65 -8.33 -40.69
C TYR J 265 13.67 -9.85 -40.66
N LEU J 266 14.80 -10.45 -41.03
CA LEU J 266 14.90 -11.90 -41.00
C LEU J 266 14.89 -12.46 -39.58
N SER J 267 14.96 -11.58 -38.58
CA SER J 267 14.75 -12.00 -37.20
C SER J 267 13.36 -12.58 -36.99
N LEU J 268 12.41 -12.06 -37.80
CA LEU J 268 11.03 -12.57 -37.85
C LEU J 268 11.00 -14.05 -38.24
N LEU J 269 11.93 -14.43 -39.11
CA LEU J 269 12.08 -15.83 -39.51
C LEU J 269 12.71 -16.67 -38.38
N VAL J 270 13.86 -16.23 -37.87
CA VAL J 270 14.54 -16.94 -36.76
C VAL J 270 13.62 -17.16 -35.55
N ASN J 271 12.86 -16.13 -35.20
CA ASN J 271 12.02 -16.19 -34.01
C ASN J 271 10.56 -16.56 -34.24
N ARG J 272 10.22 -16.85 -35.50
CA ARG J 272 8.85 -17.15 -35.90
C ARG J 272 7.93 -16.09 -35.32
N ALA J 273 8.32 -14.85 -35.58
CA ALA J 273 7.63 -13.67 -35.11
C ALA J 273 6.74 -13.07 -36.19
N ARG J 274 5.88 -12.15 -35.76
CA ARG J 274 4.85 -11.56 -36.61
C ARG J 274 5.05 -10.04 -36.59
N MET J 275 4.96 -9.42 -37.76
CA MET J 275 4.98 -7.96 -37.89
C MET J 275 3.70 -7.52 -38.63
N GLU J 276 2.87 -6.70 -37.99
CA GLU J 276 1.52 -6.43 -38.49
C GLU J 276 1.16 -4.97 -38.35
N GLY J 277 0.69 -4.36 -39.43
CA GLY J 277 0.17 -2.98 -39.42
C GLY J 277 -1.29 -2.85 -39.04
N MET J 278 -1.68 -1.66 -38.59
CA MET J 278 -3.06 -1.37 -38.20
C MET J 278 -3.45 0.09 -38.45
N VAL J 279 -4.74 0.32 -38.62
CA VAL J 279 -5.30 1.66 -38.75
C VAL J 279 -6.47 1.73 -37.77
N VAL J 280 -6.42 2.71 -36.86
CA VAL J 280 -7.40 2.77 -35.75
C VAL J 280 -8.85 2.81 -36.18
N MET J 281 -9.15 3.56 -37.25
CA MET J 281 -10.52 3.63 -37.76
C MET J 281 -11.12 2.29 -38.17
N ASP J 282 -10.27 1.30 -38.44
CA ASP J 282 -10.76 -0.08 -38.62
C ASP J 282 -11.51 -0.62 -37.39
N TYR J 283 -11.30 0.03 -36.24
CA TYR J 283 -11.90 -0.42 -34.97
C TYR J 283 -13.08 0.43 -34.50
N ALA J 284 -13.51 1.37 -35.34
CA ALA J 284 -14.50 2.38 -34.97
C ALA J 284 -15.75 1.80 -34.30
N GLN J 285 -16.23 0.67 -34.80
CA GLN J 285 -17.39 0.02 -34.19
C GLN J 285 -17.17 -0.53 -32.77
N ARG J 286 -15.91 -0.70 -32.38
CA ARG J 286 -15.63 -1.14 -31.02
C ARG J 286 -15.19 0.03 -30.12
N PHE J 287 -15.22 1.25 -30.64
CA PHE J 287 -14.91 2.42 -29.81
C PHE J 287 -15.75 2.48 -28.53
N PRO J 288 -17.07 2.21 -28.59
CA PRO J 288 -17.87 2.38 -27.37
C PRO J 288 -17.35 1.56 -26.18
N GLU J 289 -17.04 0.28 -26.40
CA GLU J 289 -16.51 -0.55 -25.33
C GLU J 289 -15.07 -0.17 -24.95
N GLY J 290 -14.26 0.20 -25.94
CA GLY J 290 -12.88 0.65 -25.71
C GLY J 290 -12.82 1.91 -24.86
N LEU J 291 -13.66 2.88 -25.20
CA LEU J 291 -13.77 4.14 -24.46
C LEU J 291 -14.28 3.92 -23.03
N LYS J 292 -15.26 3.04 -22.88
CA LYS J 292 -15.83 2.72 -21.55
C LYS J 292 -14.73 2.23 -20.59
N GLU J 293 -13.93 1.28 -21.05
CA GLU J 293 -12.85 0.76 -20.23
C GLU J 293 -11.76 1.80 -19.99
N MET J 294 -11.38 2.52 -21.05
CA MET J 294 -10.39 3.56 -20.92
C MET J 294 -10.81 4.61 -19.90
N ALA J 295 -12.10 4.94 -19.91
CA ALA J 295 -12.68 5.91 -18.99
C ALA J 295 -12.53 5.47 -17.53
N THR J 296 -12.76 4.17 -17.26
CA THR J 296 -12.63 3.64 -15.91
C THR J 296 -11.18 3.67 -15.43
N TRP J 297 -10.23 3.39 -16.33
CA TRP J 297 -8.81 3.47 -15.98
C TRP J 297 -8.41 4.85 -15.58
N LEU J 298 -8.87 5.85 -16.34
CA LEU J 298 -8.55 7.24 -16.04
C LEU J 298 -9.11 7.69 -14.71
N ALA J 299 -10.38 7.38 -14.49
CA ALA J 299 -11.12 7.76 -13.27
C ALA J 299 -10.46 7.24 -12.00
N GLU J 300 -10.01 6.00 -12.05
CA GLU J 300 -9.39 5.32 -10.92
C GLU J 300 -7.93 5.71 -10.79
N GLY J 301 -7.44 6.50 -11.74
CA GLY J 301 -6.06 6.98 -11.70
C GLY J 301 -4.98 5.96 -12.06
N LYS J 302 -5.39 4.87 -12.71
CA LYS J 302 -4.47 3.82 -13.19
C LYS J 302 -3.76 4.23 -14.50
N LEU J 303 -4.45 5.05 -15.28
CA LEU J 303 -3.90 5.57 -16.54
C LEU J 303 -3.94 7.08 -16.51
N GLN J 304 -2.89 7.69 -17.04
CA GLN J 304 -2.70 9.14 -16.97
C GLN J 304 -2.55 9.73 -18.38
N SER J 305 -3.42 10.69 -18.71
CA SER J 305 -3.44 11.30 -20.05
C SER J 305 -3.01 12.76 -19.99
N ARG J 306 -1.95 13.09 -20.73
CA ARG J 306 -1.44 14.45 -20.80
C ARG J 306 -1.82 15.10 -22.15
N GLU J 307 -2.41 16.29 -22.09
CA GLU J 307 -2.70 17.09 -23.30
C GLU J 307 -1.88 18.37 -23.31
N ASP J 308 -1.35 18.71 -24.47
CA ASP J 308 -0.55 19.92 -24.66
C ASP J 308 -1.36 20.89 -25.51
N ILE J 309 -1.93 21.90 -24.84
CA ILE J 309 -2.95 22.74 -25.44
C ILE J 309 -2.40 24.12 -25.82
N VAL J 310 -2.43 24.42 -27.11
CA VAL J 310 -2.07 25.75 -27.62
C VAL J 310 -3.35 26.51 -27.99
N GLU J 311 -3.36 27.82 -27.76
CA GLU J 311 -4.56 28.62 -28.01
C GLU J 311 -4.49 29.41 -29.31
N GLY J 312 -5.57 29.41 -30.06
CA GLY J 312 -5.68 30.24 -31.27
C GLY J 312 -5.56 29.46 -32.57
N LEU J 313 -6.66 29.45 -33.33
CA LEU J 313 -6.71 28.81 -34.65
C LEU J 313 -5.59 29.33 -35.56
N GLU J 314 -5.37 30.63 -35.47
CA GLU J 314 -4.35 31.39 -36.20
C GLU J 314 -2.94 30.78 -36.15
N THR J 315 -2.60 30.16 -35.03
CA THR J 315 -1.24 29.67 -34.75
C THR J 315 -0.98 28.30 -35.37
N PHE J 316 -1.96 27.76 -36.07
CA PHE J 316 -1.93 26.36 -36.53
C PHE J 316 -0.62 25.90 -37.18
N PRO J 317 -0.17 26.58 -38.26
CA PRO J 317 1.03 26.13 -38.98
C PRO J 317 2.26 26.01 -38.07
N GLU J 318 2.46 27.01 -37.21
CA GLU J 318 3.57 27.04 -36.26
C GLU J 318 3.45 25.90 -35.23
N THR J 319 2.22 25.66 -34.78
CA THR J 319 1.93 24.66 -33.76
C THR J 319 2.16 23.24 -34.29
N LEU J 320 1.64 22.96 -35.50
CA LEU J 320 1.77 21.65 -36.14
C LEU J 320 3.20 21.08 -36.11
N LEU J 321 4.18 21.96 -36.35
CA LEU J 321 5.59 21.58 -36.44
C LEU J 321 6.14 20.91 -35.16
N LYS J 322 5.48 21.17 -34.04
CA LYS J 322 5.93 20.68 -32.73
C LYS J 322 5.96 19.16 -32.70
N LEU J 323 5.13 18.54 -33.53
CA LEU J 323 5.05 17.07 -33.60
C LEU J 323 6.35 16.46 -34.09
N PHE J 324 7.03 17.13 -35.00
CA PHE J 324 8.23 16.56 -35.62
C PHE J 324 9.52 17.04 -34.97
N SER J 325 9.49 18.25 -34.39
CA SER J 325 10.56 18.76 -33.54
C SER J 325 10.55 18.11 -32.15
N GLY J 326 9.42 17.53 -31.78
CA GLY J 326 9.28 16.86 -30.48
C GLY J 326 9.12 17.83 -29.33
N GLU J 327 8.66 19.04 -29.65
CA GLU J 327 8.40 20.06 -28.65
C GLU J 327 7.07 19.83 -27.93
N ASN J 328 6.22 18.96 -28.49
CA ASN J 328 4.98 18.59 -27.81
C ASN J 328 5.27 17.69 -26.62
N PHE J 329 4.62 18.00 -25.50
CA PHE J 329 4.67 17.18 -24.31
C PHE J 329 3.25 16.80 -23.96
N GLY J 330 2.83 15.66 -24.48
CA GLY J 330 1.43 15.26 -24.43
C GLY J 330 0.78 15.38 -25.79
N LYS J 331 -0.46 14.93 -25.90
CA LYS J 331 -1.19 14.97 -27.16
C LYS J 331 -1.44 16.43 -27.55
N LEU J 332 -0.96 16.79 -28.73
CA LEU J 332 -1.01 18.19 -29.20
C LEU J 332 -2.43 18.63 -29.59
N VAL J 333 -2.92 19.65 -28.89
CA VAL J 333 -4.28 20.14 -29.11
C VAL J 333 -4.30 21.64 -29.38
N LEU J 334 -5.00 22.06 -30.43
CA LEU J 334 -5.21 23.48 -30.69
C LEU J 334 -6.58 23.92 -30.19
N LYS J 335 -6.61 24.84 -29.22
CA LYS J 335 -7.89 25.39 -28.78
C LYS J 335 -8.32 26.46 -29.78
N VAL J 336 -9.50 26.28 -30.34
CA VAL J 336 -10.05 27.17 -31.36
C VAL J 336 -10.88 28.28 -30.75
N GLN K 6 -61.03 22.03 -35.35
CA GLN K 6 -61.72 20.77 -35.78
C GLN K 6 -61.62 19.69 -34.69
N ILE K 7 -62.32 18.57 -34.90
CA ILE K 7 -62.48 17.54 -33.85
C ILE K 7 -61.52 16.34 -34.02
N ASN K 8 -60.89 15.96 -32.91
CA ASN K 8 -59.89 14.88 -32.88
C ASN K 8 -60.42 13.59 -32.24
N ARG K 9 -60.68 12.57 -33.06
CA ARG K 9 -61.10 11.25 -32.56
C ARG K 9 -59.89 10.46 -32.06
N GLN K 10 -60.09 9.66 -31.01
CA GLN K 10 -58.99 8.93 -30.36
C GLN K 10 -59.34 7.50 -29.92
N TYR K 11 -58.37 6.61 -30.05
CA TYR K 11 -58.44 5.31 -29.38
C TYR K 11 -57.55 5.34 -28.13
N GLN K 12 -58.16 5.07 -26.98
CA GLN K 12 -57.48 5.08 -25.69
C GLN K 12 -57.49 3.68 -25.11
N LEU K 13 -56.49 3.38 -24.30
CA LEU K 13 -56.43 2.11 -23.57
C LEU K 13 -57.22 2.26 -22.27
N ALA K 14 -57.97 1.21 -21.92
CA ALA K 14 -58.83 1.23 -20.72
C ALA K 14 -58.83 -0.12 -19.98
N GLN K 15 -58.30 -1.15 -20.64
CA GLN K 15 -58.28 -2.50 -20.08
C GLN K 15 -56.96 -3.19 -20.41
N ARG K 16 -56.19 -3.55 -19.38
CA ARG K 16 -54.97 -4.34 -19.55
C ARG K 16 -55.34 -5.74 -20.05
N PRO K 17 -54.79 -6.14 -21.22
CA PRO K 17 -55.29 -7.31 -21.95
C PRO K 17 -54.86 -8.67 -21.40
N SER K 18 -55.69 -9.68 -21.66
CA SER K 18 -55.33 -11.10 -21.53
C SER K 18 -55.67 -11.82 -22.84
N GLY K 19 -54.71 -12.60 -23.33
CA GLY K 19 -54.83 -13.21 -24.67
C GLY K 19 -54.84 -12.13 -25.74
N LEU K 20 -55.61 -12.35 -26.80
CA LEU K 20 -55.80 -11.33 -27.83
C LEU K 20 -56.58 -10.16 -27.22
N PRO K 21 -56.08 -8.92 -27.38
CA PRO K 21 -56.85 -7.79 -26.86
C PRO K 21 -58.10 -7.54 -27.70
N GLY K 22 -59.23 -7.32 -27.07
CA GLY K 22 -60.50 -7.17 -27.78
C GLY K 22 -60.88 -5.72 -28.03
N ARG K 23 -62.17 -5.49 -28.29
CA ARG K 23 -62.69 -4.14 -28.50
C ARG K 23 -62.76 -3.37 -27.17
N ASP K 24 -63.05 -4.09 -26.08
CA ASP K 24 -63.13 -3.51 -24.72
C ASP K 24 -61.76 -3.10 -24.16
N THR K 25 -60.70 -3.53 -24.84
CA THR K 25 -59.33 -3.12 -24.52
C THR K 25 -59.16 -1.61 -24.69
N PHE K 26 -59.90 -1.05 -25.64
CA PHE K 26 -59.85 0.37 -26.00
C PHE K 26 -61.20 1.07 -25.86
N SER K 27 -61.16 2.39 -25.67
CA SER K 27 -62.34 3.26 -25.67
C SER K 27 -62.23 4.34 -26.76
N PHE K 28 -63.28 4.46 -27.58
CA PHE K 28 -63.30 5.42 -28.69
C PHE K 28 -63.86 6.78 -28.29
N VAL K 29 -62.98 7.68 -27.86
CA VAL K 29 -63.36 9.02 -27.41
C VAL K 29 -63.20 10.04 -28.54
N GLU K 30 -63.49 11.30 -28.25
CA GLU K 30 -63.23 12.42 -29.18
C GLU K 30 -63.20 13.78 -28.48
N THR K 31 -62.32 14.66 -28.95
CA THR K 31 -62.19 16.03 -28.43
C THR K 31 -61.51 16.94 -29.46
N GLY K 39 -43.13 25.53 -28.11
CA GLY K 39 -42.15 24.54 -28.56
C GLY K 39 -42.76 23.23 -28.99
N GLN K 40 -44.05 23.25 -29.34
CA GLN K 40 -44.77 22.07 -29.83
C GLN K 40 -45.07 22.19 -31.32
N ILE K 41 -45.56 21.10 -31.93
CA ILE K 41 -46.10 21.14 -33.30
C ILE K 41 -47.45 20.45 -33.40
N LEU K 42 -48.21 20.79 -34.44
CA LEU K 42 -49.48 20.16 -34.73
C LEU K 42 -49.40 19.37 -36.04
N VAL K 43 -49.74 18.09 -35.98
CA VAL K 43 -49.63 17.21 -37.13
C VAL K 43 -50.99 16.60 -37.50
N LYS K 44 -51.34 16.69 -38.79
CA LYS K 44 -52.49 15.97 -39.32
C LYS K 44 -52.02 14.56 -39.70
N ASN K 45 -52.50 13.57 -38.97
CA ASN K 45 -52.03 12.20 -39.12
C ASN K 45 -52.56 11.55 -40.39
N GLU K 46 -51.68 10.93 -41.16
CA GLU K 46 -52.04 10.39 -42.47
C GLU K 46 -52.07 8.87 -42.51
N TYR K 47 -50.97 8.27 -42.06
CA TYR K 47 -50.87 6.81 -41.99
C TYR K 47 -50.28 6.42 -40.62
N LEU K 48 -50.84 5.38 -40.01
CA LEU K 48 -50.37 4.91 -38.71
C LEU K 48 -49.77 3.54 -38.90
N SER K 49 -48.66 3.30 -38.22
CA SER K 49 -47.97 2.00 -38.26
C SER K 49 -48.60 1.03 -37.27
N LEU K 50 -48.95 -0.16 -37.75
CA LEU K 50 -49.51 -1.18 -36.86
C LEU K 50 -48.45 -2.24 -36.62
N ASP K 51 -47.92 -2.22 -35.39
CA ASP K 51 -46.77 -3.03 -34.99
C ASP K 51 -47.08 -4.03 -33.88
N PRO K 52 -46.62 -5.28 -34.04
CA PRO K 52 -46.75 -6.32 -33.00
C PRO K 52 -46.29 -5.85 -31.63
N ALA K 53 -45.27 -4.99 -31.58
CA ALA K 53 -44.83 -4.29 -30.36
C ALA K 53 -45.97 -3.62 -29.58
N MET K 54 -47.04 -3.27 -30.28
CA MET K 54 -48.19 -2.59 -29.68
C MET K 54 -48.79 -3.44 -28.56
N ARG K 55 -48.83 -4.75 -28.76
CA ARG K 55 -49.31 -5.70 -27.76
C ARG K 55 -48.53 -5.55 -26.46
N GLY K 56 -47.20 -5.49 -26.59
CA GLY K 56 -46.30 -5.31 -25.46
C GLY K 56 -46.49 -3.98 -24.76
N TRP K 57 -46.82 -2.94 -25.53
CA TRP K 57 -47.01 -1.60 -24.96
C TRP K 57 -48.19 -1.53 -24.04
N MET K 58 -49.10 -2.49 -24.18
CA MET K 58 -50.34 -2.54 -23.40
C MET K 58 -50.16 -3.16 -22.00
N ASN K 59 -49.10 -3.96 -21.84
CA ASN K 59 -48.79 -4.65 -20.59
C ASN K 59 -48.03 -3.78 -19.59
N ASP K 60 -48.29 -4.02 -18.30
CA ASP K 60 -47.64 -3.24 -17.23
C ASP K 60 -46.41 -3.94 -16.64
N ALA K 61 -45.68 -4.66 -17.49
CA ALA K 61 -44.44 -5.35 -17.09
C ALA K 61 -43.22 -4.42 -17.19
N ARG K 62 -42.07 -5.00 -17.52
CA ARG K 62 -40.84 -4.24 -17.76
C ARG K 62 -40.32 -4.51 -19.17
N SER K 63 -40.04 -3.44 -19.92
CA SER K 63 -39.59 -3.54 -21.31
C SER K 63 -38.68 -2.38 -21.69
N TYR K 64 -38.36 -2.28 -23.00
CA TYR K 64 -37.45 -1.26 -23.53
C TYR K 64 -37.97 0.17 -23.48
N ILE K 65 -39.30 0.30 -23.46
CA ILE K 65 -39.95 1.60 -23.25
C ILE K 65 -41.11 1.45 -22.26
N PRO K 66 -41.37 2.49 -21.45
CA PRO K 66 -42.45 2.48 -20.45
C PRO K 66 -43.82 2.14 -21.07
N PRO K 67 -44.68 1.43 -20.31
CA PRO K 67 -46.02 1.12 -20.83
C PRO K 67 -46.88 2.37 -21.02
N VAL K 68 -47.89 2.27 -21.87
CA VAL K 68 -48.85 3.36 -22.06
C VAL K 68 -49.76 3.38 -20.85
N GLY K 69 -49.96 4.56 -20.27
CA GLY K 69 -50.86 4.73 -19.11
C GLY K 69 -52.33 4.56 -19.47
N ILE K 70 -53.13 4.07 -18.51
CA ILE K 70 -54.56 3.85 -18.74
C ILE K 70 -55.28 5.18 -19.01
N GLY K 71 -56.00 5.23 -20.14
CA GLY K 71 -56.70 6.45 -20.55
C GLY K 71 -55.87 7.38 -21.43
N GLU K 72 -54.59 7.05 -21.58
CA GLU K 72 -53.70 7.79 -22.47
C GLU K 72 -53.93 7.30 -23.91
N VAL K 73 -53.70 8.20 -24.87
CA VAL K 73 -53.84 7.87 -26.30
C VAL K 73 -52.98 6.66 -26.65
N MET K 74 -53.58 5.62 -27.24
CA MET K 74 -52.83 4.44 -27.65
C MET K 74 -51.62 4.79 -28.54
N ARG K 75 -50.43 4.37 -28.13
CA ARG K 75 -49.19 4.77 -28.82
C ARG K 75 -49.06 4.09 -30.18
N ALA K 76 -48.64 4.86 -31.18
CA ALA K 76 -48.37 4.34 -32.52
C ALA K 76 -47.43 5.25 -33.27
N LEU K 77 -46.53 4.65 -34.06
CA LEU K 77 -45.73 5.41 -35.00
C LEU K 77 -46.62 5.76 -36.18
N GLY K 78 -46.34 6.89 -36.82
CA GLY K 78 -47.11 7.28 -37.99
C GLY K 78 -46.39 8.28 -38.85
N VAL K 79 -47.03 8.63 -39.97
CA VAL K 79 -46.58 9.74 -40.77
C VAL K 79 -47.72 10.73 -40.97
N GLY K 80 -47.37 12.00 -41.02
CA GLY K 80 -48.35 13.07 -41.11
C GLY K 80 -47.78 14.39 -41.58
N LYS K 81 -48.68 15.35 -41.81
CA LYS K 81 -48.34 16.67 -42.33
C LYS K 81 -48.38 17.70 -41.20
N VAL K 82 -47.27 18.41 -41.03
CA VAL K 82 -47.21 19.50 -40.06
C VAL K 82 -48.15 20.64 -40.48
N LEU K 83 -49.20 20.85 -39.67
CA LEU K 83 -50.17 21.91 -39.92
C LEU K 83 -49.72 23.25 -39.33
N VAL K 84 -49.17 23.20 -38.12
CA VAL K 84 -48.70 24.39 -37.41
C VAL K 84 -47.43 24.03 -36.63
N SER K 85 -46.42 24.90 -36.69
CA SER K 85 -45.15 24.63 -35.99
C SER K 85 -44.61 25.79 -35.16
N LYS K 86 -44.50 25.55 -33.85
CA LYS K 86 -43.85 26.46 -32.91
C LYS K 86 -42.37 26.07 -32.75
N HIS K 87 -42.05 24.85 -33.17
CA HIS K 87 -40.71 24.31 -33.11
C HIS K 87 -39.83 24.85 -34.22
N PRO K 88 -38.59 25.27 -33.87
CA PRO K 88 -37.67 25.86 -34.86
C PRO K 88 -37.20 24.89 -35.94
N GLY K 89 -37.16 23.60 -35.61
CA GLY K 89 -36.72 22.59 -36.56
C GLY K 89 -37.80 22.03 -37.48
N PHE K 90 -38.97 22.67 -37.47
CA PHE K 90 -40.12 22.21 -38.26
C PHE K 90 -40.91 23.36 -38.89
N GLN K 91 -41.33 23.15 -40.14
CA GLN K 91 -42.07 24.14 -40.94
C GLN K 91 -43.44 23.57 -41.35
N ALA K 92 -44.45 24.43 -41.41
CA ALA K 92 -45.76 24.00 -41.92
C ALA K 92 -45.60 23.42 -43.34
N GLY K 93 -46.31 22.33 -43.63
CA GLY K 93 -46.18 21.63 -44.90
C GLY K 93 -45.12 20.53 -44.95
N ASP K 94 -44.30 20.46 -43.90
CA ASP K 94 -43.32 19.38 -43.78
C ASP K 94 -44.05 18.07 -43.52
N TYR K 95 -43.49 16.97 -44.00
CA TYR K 95 -44.02 15.65 -43.65
C TYR K 95 -43.11 15.01 -42.61
N VAL K 96 -43.69 14.32 -41.64
CA VAL K 96 -42.91 13.77 -40.53
C VAL K 96 -43.27 12.35 -40.19
N ASN K 97 -42.25 11.59 -39.79
CA ASN K 97 -42.41 10.28 -39.15
C ASN K 97 -42.17 10.44 -37.65
N GLY K 98 -43.03 9.85 -36.85
CA GLY K 98 -42.89 9.88 -35.39
C GLY K 98 -43.95 9.07 -34.68
N ALA K 99 -43.99 9.22 -33.35
CA ALA K 99 -44.97 8.55 -32.50
C ALA K 99 -46.22 9.43 -32.44
N LEU K 100 -47.11 9.23 -33.41
CA LEU K 100 -48.20 10.17 -33.65
C LEU K 100 -49.47 9.83 -32.86
N GLY K 101 -49.56 8.59 -32.40
CA GLY K 101 -50.68 8.15 -31.58
C GLY K 101 -51.82 7.71 -32.45
N VAL K 102 -52.66 6.82 -31.92
CA VAL K 102 -53.86 6.37 -32.62
C VAL K 102 -54.98 7.41 -32.53
N GLN K 103 -54.85 8.46 -33.35
CA GLN K 103 -55.75 9.63 -33.33
C GLN K 103 -55.67 10.38 -34.67
N ASP K 104 -56.62 11.30 -34.89
CA ASP K 104 -56.68 12.08 -36.13
C ASP K 104 -55.54 13.09 -36.25
N TYR K 105 -55.18 13.69 -35.11
CA TYR K 105 -54.21 14.78 -35.06
C TYR K 105 -53.26 14.60 -33.89
N PHE K 106 -52.03 15.06 -34.05
CA PHE K 106 -51.04 15.01 -32.98
C PHE K 106 -50.65 16.42 -32.56
N ILE K 107 -50.65 16.63 -31.24
CA ILE K 107 -50.00 17.79 -30.63
C ILE K 107 -48.93 17.32 -29.64
N GLY K 108 -47.92 18.15 -29.43
CA GLY K 108 -46.86 17.85 -28.46
C GLY K 108 -45.47 18.01 -29.04
N GLU K 109 -44.47 17.55 -28.29
CA GLU K 109 -43.08 17.62 -28.73
C GLU K 109 -42.74 16.62 -29.84
N PRO K 110 -41.97 17.08 -30.84
CA PRO K 110 -41.45 16.19 -31.88
C PRO K 110 -40.18 15.46 -31.44
N LYS K 111 -40.32 14.57 -30.46
CA LYS K 111 -39.20 13.90 -29.79
C LYS K 111 -38.28 13.11 -30.73
N GLY K 112 -38.70 11.92 -31.13
CA GLY K 112 -37.94 11.13 -32.11
C GLY K 112 -38.38 11.37 -33.56
N PHE K 113 -38.97 12.55 -33.82
CA PHE K 113 -39.56 12.87 -35.13
C PHE K 113 -38.52 13.18 -36.17
N TYR K 114 -38.71 12.65 -37.37
CA TYR K 114 -37.87 13.05 -38.49
C TYR K 114 -38.67 13.41 -39.73
N LYS K 115 -38.12 14.33 -40.52
CA LYS K 115 -38.74 14.78 -41.76
C LYS K 115 -38.67 13.66 -42.80
N VAL K 116 -39.78 13.41 -43.49
CA VAL K 116 -39.75 12.53 -44.66
C VAL K 116 -40.19 13.27 -45.92
N ASP K 117 -39.54 12.97 -47.04
CA ASP K 117 -39.76 13.66 -48.29
C ASP K 117 -40.56 12.77 -49.24
N PRO K 118 -41.85 13.10 -49.45
CA PRO K 118 -42.74 12.30 -50.27
C PRO K 118 -42.36 12.32 -51.76
N SER K 119 -41.55 13.29 -52.19
CA SER K 119 -41.05 13.31 -53.55
C SER K 119 -40.00 12.22 -53.82
N ARG K 120 -39.54 11.54 -52.76
CA ARG K 120 -38.57 10.41 -52.85
C ARG K 120 -39.26 9.05 -52.74
N ALA K 121 -40.33 8.96 -51.94
CA ALA K 121 -41.08 7.73 -51.73
C ALA K 121 -42.49 8.01 -51.21
N PRO K 122 -43.45 7.12 -51.47
CA PRO K 122 -44.76 7.43 -50.97
C PRO K 122 -44.84 7.34 -49.44
N LEU K 123 -45.70 8.16 -48.85
CA LEU K 123 -45.79 8.26 -47.40
C LEU K 123 -45.86 6.92 -46.65
N PRO K 124 -46.62 5.93 -47.17
CA PRO K 124 -46.72 4.66 -46.44
C PRO K 124 -45.41 3.88 -46.36
N ARG K 125 -44.56 4.05 -47.37
CA ARG K 125 -43.25 3.46 -47.40
C ARG K 125 -42.35 3.94 -46.26
N TYR K 126 -42.61 5.14 -45.77
CA TYR K 126 -41.81 5.68 -44.70
C TYR K 126 -42.23 5.05 -43.37
N LEU K 127 -43.12 4.07 -43.45
CA LEU K 127 -43.45 3.23 -42.30
C LEU K 127 -43.01 1.78 -42.50
N SER K 128 -42.58 1.44 -43.71
CA SER K 128 -42.19 0.07 -44.00
C SER K 128 -40.68 0.00 -44.31
N ALA K 129 -40.33 -0.26 -45.57
CA ALA K 129 -38.95 -0.45 -45.98
C ALA K 129 -38.05 0.73 -45.66
N LEU K 130 -38.62 1.93 -45.76
CA LEU K 130 -37.87 3.14 -45.48
C LEU K 130 -38.35 3.72 -44.17
N GLY K 131 -38.96 2.87 -43.35
CA GLY K 131 -39.31 3.27 -41.99
C GLY K 131 -38.72 2.30 -40.97
N MET K 132 -39.38 2.22 -39.83
CA MET K 132 -38.91 1.46 -38.69
C MET K 132 -38.74 -0.05 -38.97
N THR K 133 -39.72 -0.70 -39.60
CA THR K 133 -39.60 -2.13 -39.92
C THR K 133 -38.44 -2.46 -40.87
N GLY K 134 -38.20 -1.57 -41.83
CA GLY K 134 -37.11 -1.73 -42.78
C GLY K 134 -35.74 -1.58 -42.13
N MET K 135 -35.60 -0.56 -41.29
CA MET K 135 -34.36 -0.31 -40.58
C MET K 135 -34.06 -1.43 -39.58
N THR K 136 -35.13 -2.02 -39.04
CA THR K 136 -35.03 -3.16 -38.15
C THR K 136 -34.41 -4.29 -38.91
N ALA K 137 -34.99 -4.62 -40.07
CA ALA K 137 -34.47 -5.67 -40.94
C ALA K 137 -33.02 -5.41 -41.29
N TYR K 138 -32.73 -4.20 -41.76
CA TYR K 138 -31.38 -3.81 -42.19
C TYR K 138 -30.33 -4.04 -41.10
N PHE K 139 -30.54 -3.43 -39.94
CA PHE K 139 -29.53 -3.43 -38.89
C PHE K 139 -29.49 -4.75 -38.12
N ALA K 140 -30.66 -5.32 -37.81
CA ALA K 140 -30.72 -6.63 -37.17
C ALA K 140 -30.03 -7.72 -38.01
N LEU K 141 -30.36 -7.81 -39.30
CA LEU K 141 -29.70 -8.79 -40.15
C LEU K 141 -28.22 -8.50 -40.31
N LEU K 142 -27.88 -7.29 -40.73
CA LEU K 142 -26.49 -6.99 -41.04
C LEU K 142 -25.54 -6.79 -39.83
N ASP K 143 -26.01 -6.13 -38.78
CA ASP K 143 -25.14 -5.83 -37.65
C ASP K 143 -25.05 -6.98 -36.68
N VAL K 144 -26.15 -7.69 -36.47
CA VAL K 144 -26.19 -8.80 -35.55
C VAL K 144 -26.02 -10.13 -36.26
N GLY K 145 -26.77 -10.37 -37.35
CA GLY K 145 -26.66 -11.62 -38.11
C GLY K 145 -25.36 -11.77 -38.88
N GLN K 146 -24.88 -10.67 -39.44
CA GLN K 146 -23.64 -10.65 -40.21
C GLN K 146 -23.56 -11.78 -41.27
N PRO K 147 -24.59 -11.91 -42.13
CA PRO K 147 -24.55 -12.97 -43.16
C PRO K 147 -23.40 -12.79 -44.14
N LYS K 148 -22.82 -13.90 -44.58
CA LYS K 148 -21.73 -13.89 -45.53
C LYS K 148 -22.11 -14.56 -46.85
N ASN K 149 -21.39 -14.22 -47.90
CA ASN K 149 -21.57 -14.83 -49.22
C ASN K 149 -21.70 -16.34 -49.11
N GLY K 150 -22.81 -16.87 -49.65
CA GLY K 150 -23.02 -18.32 -49.70
C GLY K 150 -23.54 -19.00 -48.45
N GLU K 151 -23.80 -18.23 -47.40
CA GLU K 151 -24.35 -18.80 -46.16
C GLU K 151 -25.84 -19.06 -46.32
N THR K 152 -26.40 -19.93 -45.48
CA THR K 152 -27.82 -20.28 -45.51
C THR K 152 -28.64 -19.52 -44.44
N VAL K 153 -29.44 -18.55 -44.89
CA VAL K 153 -30.25 -17.71 -44.00
C VAL K 153 -31.69 -18.17 -43.98
N VAL K 154 -32.24 -18.34 -42.78
CA VAL K 154 -33.65 -18.70 -42.61
C VAL K 154 -34.36 -17.61 -41.83
N ILE K 155 -35.48 -17.13 -42.38
CA ILE K 155 -36.28 -16.07 -41.79
C ILE K 155 -37.60 -16.61 -41.29
N SER K 156 -37.92 -16.37 -40.03
CA SER K 156 -39.26 -16.64 -39.53
C SER K 156 -40.13 -15.39 -39.76
N GLY K 157 -41.45 -15.56 -39.71
CA GLY K 157 -42.41 -14.49 -40.05
C GLY K 157 -42.03 -13.81 -41.35
N ALA K 158 -41.64 -14.63 -42.32
CA ALA K 158 -40.92 -14.19 -43.52
C ALA K 158 -41.70 -13.31 -44.48
N ALA K 159 -43.02 -13.45 -44.49
CA ALA K 159 -43.88 -12.68 -45.38
C ALA K 159 -44.15 -11.29 -44.80
N GLY K 160 -43.81 -11.11 -43.52
CA GLY K 160 -44.09 -9.86 -42.81
C GLY K 160 -43.19 -8.68 -43.15
N ALA K 161 -43.39 -7.59 -42.42
CA ALA K 161 -42.68 -6.32 -42.66
C ALA K 161 -41.15 -6.42 -42.49
N VAL K 162 -40.72 -6.87 -41.32
CA VAL K 162 -39.27 -7.06 -41.08
C VAL K 162 -38.73 -8.22 -41.92
N GLY K 163 -39.47 -9.33 -41.89
CA GLY K 163 -39.04 -10.58 -42.46
C GLY K 163 -38.81 -10.56 -43.94
N SER K 164 -39.74 -9.94 -44.67
CA SER K 164 -39.63 -9.85 -46.12
C SER K 164 -38.42 -9.04 -46.53
N VAL K 165 -38.12 -7.99 -45.76
CA VAL K 165 -36.98 -7.12 -46.09
C VAL K 165 -35.66 -7.84 -45.78
N ALA K 166 -35.61 -8.52 -44.64
CA ALA K 166 -34.41 -9.25 -44.19
C ALA K 166 -33.96 -10.29 -45.20
N GLY K 167 -34.90 -11.18 -45.56
CA GLY K 167 -34.65 -12.24 -46.55
C GLY K 167 -34.14 -11.71 -47.87
N GLN K 168 -34.69 -10.57 -48.29
CA GLN K 168 -34.32 -9.96 -49.55
C GLN K 168 -32.94 -9.33 -49.46
N ILE K 169 -32.64 -8.69 -48.34
CA ILE K 169 -31.29 -8.17 -48.12
C ILE K 169 -30.28 -9.34 -48.14
N ALA K 170 -30.64 -10.44 -47.47
CA ALA K 170 -29.78 -11.64 -47.47
C ALA K 170 -29.51 -12.15 -48.88
N ARG K 171 -30.55 -12.16 -49.71
CA ARG K 171 -30.42 -12.61 -51.10
C ARG K 171 -29.41 -11.75 -51.86
N LEU K 172 -29.44 -10.44 -51.60
CA LEU K 172 -28.55 -9.50 -52.27
C LEU K 172 -27.10 -9.60 -51.83
N LYS K 173 -26.89 -10.05 -50.59
CA LYS K 173 -25.53 -10.20 -50.06
C LYS K 173 -24.83 -11.43 -50.66
N GLY K 174 -25.64 -12.37 -51.18
CA GLY K 174 -25.15 -13.56 -51.86
C GLY K 174 -25.53 -14.86 -51.17
N CYS K 175 -26.55 -14.80 -50.31
CA CYS K 175 -26.95 -15.95 -49.51
C CYS K 175 -28.00 -16.81 -50.14
N ARG K 176 -28.17 -18.02 -49.61
CA ARG K 176 -29.34 -18.83 -49.88
C ARG K 176 -30.34 -18.40 -48.83
N VAL K 177 -31.56 -18.07 -49.27
CA VAL K 177 -32.60 -17.58 -48.35
C VAL K 177 -33.79 -18.51 -48.29
N VAL K 178 -34.18 -18.88 -47.07
CA VAL K 178 -35.32 -19.76 -46.85
C VAL K 178 -36.25 -19.10 -45.83
N GLY K 179 -37.51 -18.91 -46.22
CA GLY K 179 -38.48 -18.28 -45.35
C GLY K 179 -39.47 -19.25 -44.76
N ILE K 180 -40.08 -18.85 -43.65
CA ILE K 180 -41.10 -19.64 -42.96
C ILE K 180 -42.28 -18.73 -42.64
N GLU K 185 -49.32 -20.17 -50.49
CA GLU K 185 -49.97 -18.90 -50.19
C GLU K 185 -48.93 -17.79 -50.07
N LYS K 186 -48.68 -17.33 -48.84
CA LYS K 186 -47.60 -16.39 -48.57
C LYS K 186 -46.27 -16.96 -49.08
N CYS K 187 -46.12 -18.27 -48.95
CA CYS K 187 -44.88 -18.94 -49.35
C CYS K 187 -44.61 -18.85 -50.84
N ARG K 188 -45.67 -18.90 -51.64
CA ARG K 188 -45.57 -18.68 -53.08
C ARG K 188 -45.05 -17.27 -53.36
N PHE K 189 -45.57 -16.30 -52.60
CA PHE K 189 -45.15 -14.89 -52.67
C PHE K 189 -43.66 -14.73 -52.38
N LEU K 190 -43.21 -15.34 -51.29
CA LEU K 190 -41.79 -15.34 -50.90
C LEU K 190 -40.88 -15.80 -52.05
N VAL K 191 -41.27 -16.91 -52.68
CA VAL K 191 -40.45 -17.54 -53.71
C VAL K 191 -40.54 -16.82 -55.05
N GLU K 192 -41.76 -16.62 -55.53
CA GLU K 192 -41.98 -16.16 -56.91
C GLU K 192 -41.81 -14.65 -57.10
N GLU K 193 -42.21 -13.88 -56.09
CA GLU K 193 -42.05 -12.43 -56.13
C GLU K 193 -40.82 -11.92 -55.38
N LEU K 194 -40.61 -12.43 -54.16
CA LEU K 194 -39.51 -11.95 -53.32
C LEU K 194 -38.15 -12.61 -53.63
N GLY K 195 -38.17 -13.71 -54.38
CA GLY K 195 -36.94 -14.31 -54.88
C GLY K 195 -36.22 -15.20 -53.88
N PHE K 196 -36.92 -15.56 -52.80
CA PHE K 196 -36.43 -16.52 -51.81
C PHE K 196 -36.02 -17.81 -52.51
N ASP K 197 -34.85 -18.34 -52.18
CA ASP K 197 -34.38 -19.60 -52.78
C ASP K 197 -35.28 -20.78 -52.40
N GLY K 198 -36.05 -20.64 -51.32
CA GLY K 198 -36.98 -21.66 -50.89
C GLY K 198 -37.98 -21.10 -49.90
N ALA K 199 -38.91 -21.94 -49.45
CA ALA K 199 -39.94 -21.52 -48.50
C ALA K 199 -40.63 -22.72 -47.87
N ILE K 200 -40.99 -22.58 -46.60
CA ILE K 200 -41.58 -23.66 -45.83
C ILE K 200 -42.88 -23.15 -45.22
N ASP K 201 -43.97 -23.88 -45.46
CA ASP K 201 -45.27 -23.48 -44.94
C ASP K 201 -45.56 -24.13 -43.59
N TYR K 202 -45.36 -23.37 -42.53
CA TYR K 202 -45.54 -23.92 -41.19
C TYR K 202 -46.99 -24.32 -40.87
N LYS K 203 -47.95 -23.87 -41.68
CA LYS K 203 -49.37 -24.17 -41.48
C LYS K 203 -49.80 -25.56 -42.00
N ASN K 204 -49.27 -25.95 -43.16
CA ASN K 204 -49.61 -27.24 -43.79
C ASN K 204 -48.52 -28.30 -43.63
N GLY K 218 -26.87 -26.97 -43.37
CA GLY K 218 -27.38 -26.39 -42.11
C GLY K 218 -27.59 -24.88 -42.16
N ILE K 219 -28.17 -24.33 -41.09
CA ILE K 219 -28.58 -22.90 -41.04
C ILE K 219 -27.55 -21.99 -40.35
N ASP K 220 -26.97 -21.06 -41.10
CA ASP K 220 -25.97 -20.10 -40.61
C ASP K 220 -26.55 -18.87 -39.90
N VAL K 221 -27.64 -18.31 -40.44
CA VAL K 221 -28.35 -17.22 -39.78
C VAL K 221 -29.82 -17.56 -39.63
N PHE K 222 -30.33 -17.42 -38.41
CA PHE K 222 -31.75 -17.46 -38.19
C PHE K 222 -32.25 -16.11 -37.68
N PHE K 223 -32.98 -15.43 -38.55
CA PHE K 223 -33.68 -14.22 -38.16
C PHE K 223 -34.98 -14.64 -37.47
N ASP K 224 -35.06 -14.43 -36.17
CA ASP K 224 -36.25 -14.84 -35.44
C ASP K 224 -37.23 -13.70 -35.16
N ASN K 225 -38.42 -13.85 -35.75
CA ASN K 225 -39.54 -12.96 -35.53
C ASN K 225 -40.64 -13.66 -34.72
N LEU K 231 -39.24 -21.48 -32.96
CA LEU K 231 -37.80 -21.28 -32.73
C LEU K 231 -37.09 -22.59 -32.38
N ASP K 232 -37.73 -23.37 -31.52
CA ASP K 232 -37.18 -24.64 -31.02
C ASP K 232 -36.74 -25.63 -32.08
N THR K 233 -37.56 -25.77 -33.12
CA THR K 233 -37.27 -26.67 -34.22
C THR K 233 -36.09 -26.15 -35.01
N VAL K 234 -36.02 -24.83 -35.15
CA VAL K 234 -34.96 -24.19 -35.93
C VAL K 234 -33.58 -24.43 -35.29
N LEU K 235 -33.52 -24.32 -33.96
CA LEU K 235 -32.28 -24.59 -33.21
C LEU K 235 -31.66 -25.95 -33.51
N THR K 236 -32.53 -26.93 -33.80
CA THR K 236 -32.16 -28.32 -34.05
C THR K 236 -31.28 -28.51 -35.28
N ARG K 237 -31.25 -27.53 -36.17
CA ARG K 237 -30.45 -27.68 -37.40
C ARG K 237 -29.53 -26.50 -37.74
N ILE K 238 -29.35 -25.59 -36.78
CA ILE K 238 -28.39 -24.49 -36.94
C ILE K 238 -26.98 -25.06 -37.08
N ALA K 239 -26.17 -24.42 -37.92
CA ALA K 239 -24.80 -24.87 -38.22
C ALA K 239 -23.72 -24.33 -37.25
N PHE K 240 -22.51 -24.88 -37.34
CA PHE K 240 -21.35 -24.41 -36.59
C PHE K 240 -21.16 -22.90 -36.72
N LYS K 241 -21.17 -22.18 -35.59
CA LYS K 241 -20.98 -20.73 -35.54
C LYS K 241 -22.16 -19.93 -36.10
N ALA K 242 -23.36 -20.48 -35.96
CA ALA K 242 -24.57 -19.82 -36.43
C ALA K 242 -24.90 -18.59 -35.59
N ARG K 243 -25.78 -17.76 -36.14
CA ARG K 243 -26.29 -16.60 -35.43
C ARG K 243 -27.80 -16.64 -35.40
N ILE K 244 -28.34 -16.31 -34.25
CA ILE K 244 -29.75 -16.17 -34.07
C ILE K 244 -30.01 -14.73 -33.62
N VAL K 245 -30.55 -13.95 -34.56
CA VAL K 245 -30.99 -12.60 -34.29
C VAL K 245 -32.34 -12.71 -33.60
N LEU K 246 -32.38 -12.32 -32.33
CA LEU K 246 -33.63 -12.21 -31.60
C LEU K 246 -34.23 -10.87 -31.97
N CYS K 247 -35.18 -10.89 -32.89
CA CYS K 247 -35.84 -9.66 -33.32
C CYS K 247 -37.14 -9.44 -32.55
N GLY K 248 -37.93 -10.49 -32.42
CA GLY K 248 -39.12 -10.52 -31.54
C GLY K 248 -39.55 -11.96 -31.33
N ALA K 249 -40.69 -12.18 -30.71
CA ALA K 249 -41.24 -13.55 -30.62
C ALA K 249 -42.77 -13.56 -30.59
N ILE K 250 -43.36 -13.05 -31.66
CA ILE K 250 -44.81 -12.74 -31.71
C ILE K 250 -45.74 -13.85 -31.16
N SER K 251 -45.34 -15.11 -31.35
CA SER K 251 -46.05 -16.30 -30.82
C SER K 251 -46.32 -16.25 -29.31
N GLN K 252 -45.60 -15.39 -28.60
CA GLN K 252 -45.63 -15.38 -27.15
C GLN K 252 -46.21 -14.07 -26.63
N TYR K 253 -46.46 -13.15 -27.55
CA TYR K 253 -47.02 -11.84 -27.20
C TYR K 253 -48.45 -12.00 -26.70
N ASN K 254 -49.11 -13.05 -27.18
CA ASN K 254 -50.46 -13.39 -26.76
C ASN K 254 -50.48 -14.64 -25.87
N ASN K 255 -49.82 -14.54 -24.73
CA ASN K 255 -49.75 -15.62 -23.75
C ASN K 255 -50.33 -15.21 -22.41
N LYS K 256 -51.10 -16.13 -21.82
CA LYS K 256 -51.76 -15.88 -20.54
C LYS K 256 -50.80 -16.14 -19.38
N GLU K 257 -49.98 -17.18 -19.52
CA GLU K 257 -48.92 -17.45 -18.54
C GLU K 257 -47.59 -16.88 -19.03
N ALA K 258 -46.48 -17.55 -18.68
CA ALA K 258 -45.13 -17.06 -19.04
C ALA K 258 -44.72 -17.45 -20.46
N VAL K 259 -43.58 -16.93 -20.91
CA VAL K 259 -43.03 -17.20 -22.24
C VAL K 259 -42.57 -18.67 -22.33
N ARG K 260 -42.40 -19.17 -23.55
CA ARG K 260 -41.85 -20.51 -23.77
C ARG K 260 -40.36 -20.46 -24.15
N GLY K 261 -39.53 -20.98 -23.25
CA GLY K 261 -38.09 -21.03 -23.45
C GLY K 261 -37.66 -22.14 -24.40
N PRO K 262 -36.63 -21.88 -25.21
CA PRO K 262 -36.22 -22.86 -26.23
C PRO K 262 -35.52 -24.10 -25.68
N ALA K 263 -36.28 -25.05 -25.18
CA ALA K 263 -35.71 -26.35 -24.82
C ALA K 263 -35.05 -26.93 -26.08
N ASN K 264 -33.80 -26.54 -26.32
CA ASN K 264 -33.01 -26.88 -27.51
C ASN K 264 -31.85 -25.89 -27.63
N TYR K 265 -31.77 -25.00 -26.64
CA TYR K 265 -30.80 -23.91 -26.67
C TYR K 265 -29.34 -24.40 -26.62
N LEU K 266 -29.12 -25.57 -26.00
CA LEU K 266 -27.79 -26.16 -25.91
C LEU K 266 -27.23 -26.49 -27.29
N SER K 267 -28.07 -26.30 -28.31
CA SER K 267 -27.58 -26.38 -29.68
C SER K 267 -26.59 -25.25 -29.91
N LEU K 268 -26.77 -24.15 -29.18
CA LEU K 268 -25.87 -23.00 -29.23
C LEU K 268 -24.48 -23.39 -28.73
N LEU K 269 -24.44 -24.27 -27.73
CA LEU K 269 -23.21 -24.82 -27.19
C LEU K 269 -22.57 -25.76 -28.21
N VAL K 270 -23.34 -26.76 -28.65
CA VAL K 270 -22.87 -27.78 -29.59
C VAL K 270 -22.27 -27.16 -30.84
N ASN K 271 -22.95 -26.15 -31.37
CA ASN K 271 -22.54 -25.49 -32.60
C ASN K 271 -21.81 -24.17 -32.37
N ARG K 272 -21.56 -23.85 -31.10
CA ARG K 272 -20.77 -22.67 -30.73
C ARG K 272 -21.45 -21.43 -31.30
N ALA K 273 -22.72 -21.27 -30.95
CA ALA K 273 -23.60 -20.35 -31.66
C ALA K 273 -24.04 -19.20 -30.78
N ARG K 274 -24.35 -18.09 -31.44
CA ARG K 274 -24.69 -16.85 -30.79
C ARG K 274 -26.15 -16.49 -31.03
N MET K 275 -26.85 -16.23 -29.94
CA MET K 275 -28.19 -15.66 -29.94
C MET K 275 -28.16 -14.28 -29.27
N GLU K 276 -28.55 -13.25 -30.02
CA GLU K 276 -28.38 -11.87 -29.60
C GLU K 276 -29.59 -11.00 -29.95
N GLY K 277 -30.01 -10.15 -29.01
CA GLY K 277 -31.15 -9.28 -29.21
C GLY K 277 -30.75 -7.90 -29.68
N MET K 278 -31.69 -7.16 -30.25
CA MET K 278 -31.43 -5.80 -30.73
C MET K 278 -32.71 -4.97 -30.65
N VAL K 279 -32.57 -3.66 -30.63
CA VAL K 279 -33.70 -2.74 -30.62
C VAL K 279 -33.34 -1.68 -31.66
N VAL K 280 -34.22 -1.48 -32.64
CA VAL K 280 -33.86 -0.67 -33.81
C VAL K 280 -33.49 0.76 -33.48
N MET K 281 -34.15 1.36 -32.49
CA MET K 281 -33.83 2.76 -32.14
C MET K 281 -32.38 3.00 -31.68
N ASP K 282 -31.69 1.95 -31.25
CA ASP K 282 -30.26 2.06 -30.92
C ASP K 282 -29.41 2.44 -32.16
N TYR K 283 -29.99 2.25 -33.35
CA TYR K 283 -29.26 2.53 -34.60
C TYR K 283 -29.56 3.90 -35.24
N ALA K 284 -30.22 4.79 -34.49
CA ALA K 284 -30.63 6.11 -35.00
C ALA K 284 -29.54 6.88 -35.72
N GLN K 285 -28.31 6.85 -35.20
CA GLN K 285 -27.19 7.59 -35.80
C GLN K 285 -26.80 7.05 -37.17
N ARG K 286 -27.21 5.82 -37.44
CA ARG K 286 -26.87 5.17 -38.70
C ARG K 286 -28.07 5.12 -39.66
N PHE K 287 -29.20 5.69 -39.27
CA PHE K 287 -30.43 5.69 -40.09
C PHE K 287 -30.23 6.23 -41.53
N PRO K 288 -29.67 7.45 -41.69
CA PRO K 288 -29.47 7.96 -43.05
C PRO K 288 -28.76 6.99 -43.99
N GLU K 289 -27.67 6.38 -43.53
CA GLU K 289 -26.91 5.43 -44.35
C GLU K 289 -27.71 4.16 -44.65
N GLY K 290 -28.51 3.72 -43.68
CA GLY K 290 -29.41 2.60 -43.84
C GLY K 290 -30.49 2.92 -44.86
N LEU K 291 -31.08 4.12 -44.73
CA LEU K 291 -32.13 4.59 -45.64
C LEU K 291 -31.62 4.80 -47.06
N LYS K 292 -30.44 5.41 -47.18
CA LYS K 292 -29.81 5.64 -48.47
C LYS K 292 -29.62 4.34 -49.24
N GLU K 293 -29.09 3.31 -48.59
CA GLU K 293 -28.87 2.05 -49.29
C GLU K 293 -30.16 1.32 -49.65
N MET K 294 -31.08 1.27 -48.70
CA MET K 294 -32.42 0.75 -48.91
C MET K 294 -33.10 1.45 -50.09
N ALA K 295 -33.01 2.78 -50.15
CA ALA K 295 -33.62 3.56 -51.22
C ALA K 295 -33.07 3.16 -52.60
N THR K 296 -31.75 2.89 -52.66
CA THR K 296 -31.12 2.45 -53.92
C THR K 296 -31.56 1.06 -54.32
N TRP K 297 -31.61 0.13 -53.37
CA TRP K 297 -32.13 -1.21 -53.66
C TRP K 297 -33.53 -1.16 -54.23
N LEU K 298 -34.35 -0.24 -53.71
CA LEU K 298 -35.74 -0.12 -54.14
C LEU K 298 -35.85 0.45 -55.55
N ALA K 299 -35.19 1.58 -55.78
CA ALA K 299 -35.13 2.23 -57.08
C ALA K 299 -34.57 1.30 -58.16
N GLU K 300 -33.57 0.50 -57.80
CA GLU K 300 -32.89 -0.38 -58.74
C GLU K 300 -33.60 -1.74 -58.88
N GLY K 301 -34.75 -1.88 -58.21
CA GLY K 301 -35.55 -3.10 -58.31
C GLY K 301 -34.97 -4.33 -57.62
N LYS K 302 -33.97 -4.12 -56.78
CA LYS K 302 -33.30 -5.22 -56.04
C LYS K 302 -34.15 -5.79 -54.90
N LEU K 303 -35.15 -5.02 -54.47
CA LEU K 303 -35.90 -5.32 -53.28
C LEU K 303 -37.27 -4.69 -53.42
N GLN K 304 -38.29 -5.44 -53.07
CA GLN K 304 -39.66 -4.97 -53.15
C GLN K 304 -40.19 -4.77 -51.75
N SER K 305 -40.94 -3.68 -51.58
CA SER K 305 -41.60 -3.43 -50.31
C SER K 305 -43.11 -3.49 -50.52
N ARG K 306 -43.76 -4.38 -49.79
CA ARG K 306 -45.21 -4.51 -49.87
C ARG K 306 -45.85 -3.93 -48.62
N GLU K 307 -46.77 -3.00 -48.82
CA GLU K 307 -47.57 -2.48 -47.72
C GLU K 307 -48.95 -3.09 -47.77
N ASP K 308 -49.62 -3.12 -46.62
CA ASP K 308 -51.00 -3.59 -46.54
C ASP K 308 -51.80 -2.47 -45.86
N ILE K 309 -52.42 -1.64 -46.69
CA ILE K 309 -53.10 -0.43 -46.23
C ILE K 309 -54.59 -0.67 -46.01
N VAL K 310 -55.01 -0.56 -44.76
CA VAL K 310 -56.42 -0.64 -44.40
C VAL K 310 -56.90 0.77 -44.08
N GLU K 311 -58.09 1.10 -44.57
CA GLU K 311 -58.62 2.45 -44.42
C GLU K 311 -59.55 2.57 -43.23
N GLY K 312 -59.46 3.72 -42.56
CA GLY K 312 -60.38 4.07 -41.49
C GLY K 312 -59.80 3.93 -40.11
N LEU K 313 -59.57 5.07 -39.46
CA LEU K 313 -59.08 5.11 -38.07
C LEU K 313 -59.96 4.25 -37.15
N GLU K 314 -61.26 4.25 -37.46
CA GLU K 314 -62.27 3.51 -36.70
C GLU K 314 -62.04 2.00 -36.64
N THR K 315 -61.41 1.43 -37.66
CA THR K 315 -61.18 -0.02 -37.73
C THR K 315 -59.98 -0.51 -36.90
N PHE K 316 -59.28 0.42 -36.25
CA PHE K 316 -58.04 0.15 -35.50
C PHE K 316 -57.96 -1.19 -34.73
N PRO K 317 -58.86 -1.43 -33.75
CA PRO K 317 -58.81 -2.65 -32.93
C PRO K 317 -58.89 -3.95 -33.72
N GLU K 318 -59.89 -4.08 -34.59
CA GLU K 318 -60.06 -5.27 -35.42
C GLU K 318 -58.88 -5.45 -36.37
N THR K 319 -58.35 -4.34 -36.86
CA THR K 319 -57.27 -4.38 -37.84
C THR K 319 -55.96 -4.88 -37.23
N LEU K 320 -55.67 -4.47 -35.98
CA LEU K 320 -54.56 -5.01 -35.17
C LEU K 320 -54.45 -6.52 -35.16
N LEU K 321 -55.57 -7.16 -34.87
CA LEU K 321 -55.63 -8.60 -34.65
C LEU K 321 -55.21 -9.39 -35.89
N LYS K 322 -55.18 -8.70 -37.04
CA LYS K 322 -54.71 -9.30 -38.28
C LYS K 322 -53.22 -9.69 -38.20
N LEU K 323 -52.45 -8.92 -37.43
CA LEU K 323 -51.02 -9.24 -37.17
C LEU K 323 -50.87 -10.59 -36.46
N PHE K 324 -51.76 -10.83 -35.51
CA PHE K 324 -51.74 -12.06 -34.70
C PHE K 324 -52.48 -13.21 -35.37
N SER K 325 -53.43 -12.87 -36.24
CA SER K 325 -54.22 -13.85 -36.98
C SER K 325 -53.55 -14.33 -38.27
N GLY K 326 -52.37 -13.78 -38.58
CA GLY K 326 -51.66 -14.12 -39.82
C GLY K 326 -52.35 -13.61 -41.07
N GLU K 327 -53.31 -12.69 -40.88
CA GLU K 327 -54.11 -12.19 -42.00
C GLU K 327 -53.57 -10.88 -42.58
N ASN K 328 -52.52 -10.35 -41.97
CA ASN K 328 -51.73 -9.29 -42.55
C ASN K 328 -50.93 -9.89 -43.70
N PHE K 329 -50.86 -9.16 -44.80
CA PHE K 329 -50.06 -9.55 -45.96
C PHE K 329 -49.21 -8.34 -46.36
N GLY K 330 -48.06 -8.20 -45.71
CA GLY K 330 -47.21 -7.01 -45.86
C GLY K 330 -47.28 -6.13 -44.63
N LYS K 331 -46.49 -5.07 -44.61
CA LYS K 331 -46.44 -4.14 -43.48
C LYS K 331 -47.80 -3.47 -43.25
N LEU K 332 -48.39 -3.72 -42.08
CA LEU K 332 -49.73 -3.26 -41.79
C LEU K 332 -49.76 -1.77 -41.46
N VAL K 333 -50.53 -1.03 -42.25
CA VAL K 333 -50.63 0.41 -42.12
C VAL K 333 -52.10 0.81 -42.06
N LEU K 334 -52.43 1.74 -41.17
CA LEU K 334 -53.79 2.22 -41.07
C LEU K 334 -53.89 3.60 -41.71
N LYS K 335 -54.69 3.70 -42.77
CA LYS K 335 -54.90 4.97 -43.44
C LYS K 335 -55.95 5.74 -42.66
N VAL K 336 -55.60 6.95 -42.24
CA VAL K 336 -56.52 7.83 -41.52
C VAL K 336 -57.60 8.39 -42.47
N GLN L 6 2.54 -54.76 -17.89
CA GLN L 6 2.35 -55.67 -19.06
C GLN L 6 0.90 -55.76 -19.54
N ILE L 7 -0.04 -55.49 -18.64
CA ILE L 7 -1.48 -55.56 -18.94
C ILE L 7 -2.09 -54.15 -18.94
N ASN L 8 -3.13 -53.94 -19.74
CA ASN L 8 -3.87 -52.68 -19.81
C ASN L 8 -5.27 -52.82 -19.24
N ARG L 9 -5.48 -52.34 -18.02
CA ARG L 9 -6.83 -52.31 -17.44
C ARG L 9 -7.65 -51.17 -18.06
N GLN L 10 -8.93 -51.42 -18.29
CA GLN L 10 -9.79 -50.48 -19.01
C GLN L 10 -11.20 -50.47 -18.47
N TYR L 11 -11.86 -49.32 -18.64
CA TYR L 11 -13.31 -49.23 -18.57
C TYR L 11 -13.88 -49.03 -19.96
N GLN L 12 -14.74 -49.96 -20.37
CA GLN L 12 -15.41 -49.88 -21.66
C GLN L 12 -16.87 -49.56 -21.44
N LEU L 13 -17.44 -48.78 -22.38
CA LEU L 13 -18.87 -48.46 -22.36
C LEU L 13 -19.74 -49.69 -22.68
N ALA L 14 -20.50 -50.12 -21.69
CA ALA L 14 -21.35 -51.31 -21.81
C ALA L 14 -22.77 -51.00 -22.30
N GLN L 15 -23.32 -49.86 -21.88
CA GLN L 15 -24.70 -49.48 -22.20
C GLN L 15 -24.88 -47.96 -22.19
N ARG L 16 -25.95 -47.48 -22.82
CA ARG L 16 -26.31 -46.06 -22.77
C ARG L 16 -27.23 -45.81 -21.58
N LEU L 20 -28.59 -40.98 -14.10
CA LEU L 20 -27.13 -40.92 -13.99
C LEU L 20 -26.44 -42.25 -14.35
N PRO L 21 -25.17 -42.20 -14.80
CA PRO L 21 -24.47 -43.45 -15.12
C PRO L 21 -24.28 -44.36 -13.90
N GLY L 22 -24.86 -45.55 -13.95
CA GLY L 22 -24.68 -46.53 -12.87
C GLY L 22 -23.40 -47.33 -13.08
N ARG L 23 -23.08 -48.19 -12.13
CA ARG L 23 -21.93 -49.11 -12.26
C ARG L 23 -22.10 -50.03 -13.46
N ASP L 24 -23.34 -50.22 -13.89
CA ASP L 24 -23.69 -51.09 -15.02
C ASP L 24 -23.34 -50.48 -16.38
N THR L 25 -23.06 -49.18 -16.38
CA THR L 25 -22.77 -48.44 -17.61
C THR L 25 -21.48 -48.88 -18.27
N PHE L 26 -20.52 -49.34 -17.46
CA PHE L 26 -19.19 -49.72 -17.97
C PHE L 26 -18.82 -51.17 -17.65
N SER L 27 -17.81 -51.68 -18.35
CA SER L 27 -17.24 -52.99 -18.04
C SER L 27 -15.76 -52.84 -17.74
N PHE L 28 -15.34 -53.43 -16.63
CA PHE L 28 -13.92 -53.52 -16.29
C PHE L 28 -13.28 -54.72 -17.00
N VAL L 29 -12.37 -54.42 -17.92
CA VAL L 29 -11.72 -55.41 -18.76
C VAL L 29 -10.20 -55.30 -18.60
N GLU L 30 -9.53 -56.45 -18.54
CA GLU L 30 -8.07 -56.51 -18.64
C GLU L 30 -7.68 -56.91 -20.07
N THR L 31 -6.80 -56.13 -20.66
CA THR L 31 -6.42 -56.33 -22.05
C THR L 31 -4.89 -56.40 -22.14
N PRO L 32 -4.36 -57.30 -22.97
CA PRO L 32 -2.93 -57.23 -23.26
C PRO L 32 -2.64 -55.91 -23.96
N LEU L 33 -1.63 -55.18 -23.49
CA LEU L 33 -1.30 -53.89 -24.09
C LEU L 33 -0.59 -54.06 -25.43
N GLY L 34 -1.18 -53.46 -26.45
CA GLY L 34 -0.73 -53.62 -27.83
C GLY L 34 0.49 -52.80 -28.20
N GLU L 35 0.82 -52.84 -29.48
CA GLU L 35 1.98 -52.11 -29.99
C GLU L 35 1.54 -50.96 -30.88
N PRO L 36 2.19 -49.79 -30.73
CA PRO L 36 1.91 -48.66 -31.62
C PRO L 36 2.28 -48.96 -33.08
N ALA L 37 1.42 -48.58 -34.01
CA ALA L 37 1.73 -48.66 -35.44
C ALA L 37 2.41 -47.36 -35.85
N GLU L 38 2.93 -47.31 -37.08
CA GLU L 38 3.54 -46.09 -37.61
C GLU L 38 2.54 -44.93 -37.51
N GLY L 39 3.00 -43.78 -37.01
CA GLY L 39 2.13 -42.65 -36.74
C GLY L 39 1.37 -42.77 -35.43
N GLN L 40 1.77 -43.74 -34.60
CA GLN L 40 1.15 -43.95 -33.29
C GLN L 40 2.14 -43.74 -32.14
N ILE L 41 1.60 -43.51 -30.95
CA ILE L 41 2.41 -43.47 -29.74
C ILE L 41 1.77 -44.30 -28.63
N LEU L 42 2.61 -44.79 -27.74
CA LEU L 42 2.16 -45.54 -26.57
C LEU L 42 2.46 -44.71 -25.32
N VAL L 43 1.42 -44.49 -24.52
CA VAL L 43 1.54 -43.64 -23.36
C VAL L 43 1.21 -44.42 -22.09
N LYS L 44 2.03 -44.25 -21.07
CA LYS L 44 1.68 -44.69 -19.73
C LYS L 44 0.87 -43.58 -19.08
N ASN L 45 -0.43 -43.82 -18.88
CA ASN L 45 -1.34 -42.81 -18.34
C ASN L 45 -1.07 -42.56 -16.85
N GLU L 46 -0.91 -41.30 -16.44
CA GLU L 46 -0.66 -41.01 -15.03
C GLU L 46 -1.85 -40.39 -14.30
N TYR L 47 -2.54 -39.44 -14.95
CA TYR L 47 -3.73 -38.83 -14.36
C TYR L 47 -4.79 -38.64 -15.42
N LEU L 48 -6.03 -38.93 -15.07
CA LEU L 48 -7.12 -38.82 -16.00
C LEU L 48 -8.08 -37.73 -15.53
N SER L 49 -8.58 -36.97 -16.50
CA SER L 49 -9.53 -35.91 -16.19
C SER L 49 -10.93 -36.47 -16.07
N LEU L 50 -11.56 -36.25 -14.92
CA LEU L 50 -12.98 -36.54 -14.79
C LEU L 50 -13.83 -35.29 -15.08
N ASP L 51 -14.51 -35.30 -16.23
CA ASP L 51 -15.27 -34.16 -16.76
C ASP L 51 -16.77 -34.42 -16.97
N PRO L 52 -17.61 -33.39 -16.74
CA PRO L 52 -19.05 -33.48 -17.04
C PRO L 52 -19.36 -33.87 -18.48
N ALA L 53 -18.57 -33.38 -19.43
CA ALA L 53 -18.65 -33.81 -20.85
C ALA L 53 -18.69 -35.34 -21.05
N MET L 54 -18.26 -36.09 -20.02
CA MET L 54 -18.28 -37.55 -20.11
C MET L 54 -19.69 -38.15 -20.24
N ARG L 55 -20.68 -37.64 -19.51
CA ARG L 55 -22.03 -38.22 -19.69
C ARG L 55 -22.58 -38.01 -21.09
N GLY L 56 -22.30 -36.84 -21.67
CA GLY L 56 -22.69 -36.53 -23.04
C GLY L 56 -22.02 -37.44 -24.06
N TRP L 57 -20.79 -37.84 -23.78
CA TRP L 57 -20.12 -38.79 -24.66
C TRP L 57 -20.74 -40.17 -24.61
N MET L 58 -21.52 -40.44 -23.55
CA MET L 58 -22.17 -41.74 -23.37
C MET L 58 -23.49 -41.88 -24.16
N ASN L 59 -24.07 -40.75 -24.57
CA ASN L 59 -25.36 -40.72 -25.28
C ASN L 59 -25.22 -40.80 -26.79
N ASP L 60 -26.27 -41.29 -27.45
CA ASP L 60 -26.27 -41.47 -28.92
C ASP L 60 -26.53 -40.17 -29.71
N ALA L 61 -26.92 -39.11 -29.00
CA ALA L 61 -27.20 -37.79 -29.61
C ALA L 61 -25.99 -37.20 -30.32
N ARG L 62 -26.24 -36.39 -31.35
CA ARG L 62 -25.18 -35.71 -32.10
C ARG L 62 -24.61 -34.54 -31.32
N SER L 63 -23.31 -34.30 -31.49
CA SER L 63 -22.57 -33.33 -30.69
C SER L 63 -21.35 -32.78 -31.42
N TYR L 64 -20.49 -32.06 -30.69
CA TYR L 64 -19.27 -31.48 -31.26
C TYR L 64 -18.22 -32.54 -31.63
N ILE L 65 -18.38 -33.72 -31.04
CA ILE L 65 -17.57 -34.91 -31.34
C ILE L 65 -18.47 -36.15 -31.22
N PRO L 66 -18.14 -37.24 -31.95
CA PRO L 66 -18.95 -38.46 -31.92
C PRO L 66 -19.09 -39.08 -30.52
N PRO L 67 -20.20 -39.76 -30.24
CA PRO L 67 -20.36 -40.46 -28.96
C PRO L 67 -19.37 -41.63 -28.82
N VAL L 68 -19.21 -42.11 -27.59
CA VAL L 68 -18.38 -43.29 -27.33
C VAL L 68 -19.10 -44.54 -27.85
N GLY L 69 -18.38 -45.33 -28.65
CA GLY L 69 -18.90 -46.59 -29.17
C GLY L 69 -19.05 -47.64 -28.07
N ILE L 70 -20.06 -48.49 -28.21
CA ILE L 70 -20.29 -49.58 -27.25
C ILE L 70 -19.14 -50.59 -27.36
N GLY L 71 -18.62 -51.02 -26.22
CA GLY L 71 -17.46 -51.93 -26.19
C GLY L 71 -16.10 -51.27 -26.38
N GLU L 72 -16.08 -49.98 -26.71
CA GLU L 72 -14.83 -49.23 -26.80
C GLU L 72 -14.43 -48.69 -25.42
N VAL L 73 -13.16 -48.33 -25.26
CA VAL L 73 -12.69 -47.67 -24.04
C VAL L 73 -13.46 -46.37 -23.82
N MET L 74 -13.92 -46.13 -22.59
CA MET L 74 -14.54 -44.85 -22.23
C MET L 74 -13.56 -43.70 -22.50
N ARG L 75 -14.05 -42.64 -23.16
CA ARG L 75 -13.22 -41.47 -23.48
C ARG L 75 -12.85 -40.69 -22.21
N ALA L 76 -11.62 -40.20 -22.16
CA ALA L 76 -11.19 -39.34 -21.06
C ALA L 76 -9.93 -38.59 -21.46
N LEU L 77 -9.88 -37.30 -21.16
CA LEU L 77 -8.65 -36.53 -21.33
C LEU L 77 -7.71 -36.87 -20.19
N GLY L 78 -6.40 -36.79 -20.43
CA GLY L 78 -5.46 -37.00 -19.36
C GLY L 78 -4.04 -36.59 -19.71
N VAL L 79 -3.14 -36.87 -18.76
CA VAL L 79 -1.69 -36.70 -18.93
C VAL L 79 -0.93 -37.99 -18.62
N GLY L 80 0.18 -38.20 -19.33
CA GLY L 80 0.98 -39.40 -19.17
C GLY L 80 2.33 -39.25 -19.84
N LYS L 81 3.15 -40.27 -19.72
CA LYS L 81 4.49 -40.26 -20.30
C LYS L 81 4.55 -41.11 -21.57
N VAL L 82 5.16 -40.53 -22.61
CA VAL L 82 5.39 -41.21 -23.86
C VAL L 82 6.43 -42.32 -23.61
N LEU L 83 6.00 -43.58 -23.74
CA LEU L 83 6.92 -44.71 -23.59
C LEU L 83 7.55 -45.11 -24.92
N VAL L 84 6.74 -45.22 -25.96
CA VAL L 84 7.24 -45.51 -27.31
C VAL L 84 6.48 -44.66 -28.33
N SER L 85 7.24 -44.01 -29.23
CA SER L 85 6.67 -43.18 -30.29
C SER L 85 7.09 -43.63 -31.68
N LYS L 86 6.12 -43.86 -32.54
CA LYS L 86 6.36 -44.00 -33.97
C LYS L 86 5.87 -42.73 -34.67
N HIS L 87 6.07 -41.60 -34.00
CA HIS L 87 5.62 -40.30 -34.46
C HIS L 87 6.76 -39.32 -34.46
N PRO L 88 6.92 -38.55 -35.55
CA PRO L 88 8.03 -37.60 -35.63
C PRO L 88 7.95 -36.45 -34.61
N GLY L 89 6.75 -36.16 -34.14
CA GLY L 89 6.52 -35.07 -33.20
C GLY L 89 6.85 -35.39 -31.75
N PHE L 90 6.90 -36.68 -31.41
CA PHE L 90 7.12 -37.10 -30.03
C PHE L 90 8.30 -38.05 -29.89
N GLN L 91 9.18 -37.75 -28.94
CA GLN L 91 10.21 -38.70 -28.52
C GLN L 91 9.80 -39.33 -27.20
N ALA L 92 10.43 -40.46 -26.85
CA ALA L 92 10.16 -41.12 -25.57
C ALA L 92 10.53 -40.19 -24.41
N GLY L 93 9.84 -40.35 -23.29
CA GLY L 93 10.11 -39.54 -22.10
C GLY L 93 9.32 -38.24 -22.04
N ASP L 94 8.73 -37.84 -23.16
CA ASP L 94 7.88 -36.65 -23.22
C ASP L 94 6.61 -36.87 -22.41
N TYR L 95 6.11 -35.81 -21.79
CA TYR L 95 4.79 -35.84 -21.14
C TYR L 95 3.77 -35.14 -22.01
N VAL L 96 2.63 -35.82 -22.21
CA VAL L 96 1.59 -35.34 -23.10
C VAL L 96 0.22 -35.22 -22.42
N ASN L 97 -0.58 -34.28 -22.93
CA ASN L 97 -2.00 -34.17 -22.59
C ASN L 97 -2.74 -34.58 -23.84
N GLY L 98 -3.78 -35.39 -23.67
CA GLY L 98 -4.55 -35.94 -24.80
C GLY L 98 -5.73 -36.76 -24.34
N ALA L 99 -6.51 -37.26 -25.29
CA ALA L 99 -7.67 -38.10 -24.99
C ALA L 99 -7.18 -39.53 -24.75
N LEU L 100 -6.67 -39.77 -23.54
CA LEU L 100 -5.93 -41.00 -23.23
C LEU L 100 -6.82 -42.19 -22.88
N GLY L 101 -8.08 -41.91 -22.56
CA GLY L 101 -9.08 -42.93 -22.25
C GLY L 101 -8.98 -43.43 -20.82
N VAL L 102 -10.08 -44.00 -20.32
CA VAL L 102 -10.11 -44.58 -18.99
C VAL L 102 -9.41 -45.95 -19.05
N GLN L 103 -8.08 -45.92 -19.01
CA GLN L 103 -7.23 -47.11 -19.09
C GLN L 103 -5.83 -46.84 -18.53
N ASP L 104 -5.02 -47.88 -18.38
CA ASP L 104 -3.64 -47.72 -17.90
C ASP L 104 -2.75 -47.10 -18.97
N TYR L 105 -3.01 -47.48 -20.22
CA TYR L 105 -2.14 -47.13 -21.34
C TYR L 105 -2.98 -46.68 -22.54
N PHE L 106 -2.52 -45.63 -23.19
CA PHE L 106 -3.09 -45.21 -24.46
C PHE L 106 -2.20 -45.69 -25.60
N ILE L 107 -2.84 -46.19 -26.65
CA ILE L 107 -2.16 -46.46 -27.92
C ILE L 107 -2.99 -45.88 -29.05
N GLY L 108 -2.32 -45.24 -30.02
CA GLY L 108 -3.00 -44.74 -31.21
C GLY L 108 -2.36 -43.50 -31.80
N GLU L 109 -3.08 -42.89 -32.74
CA GLU L 109 -2.66 -41.62 -33.32
C GLU L 109 -2.84 -40.50 -32.29
N PRO L 110 -1.82 -39.65 -32.10
CA PRO L 110 -1.89 -38.59 -31.10
C PRO L 110 -2.57 -37.30 -31.61
N LYS L 111 -3.77 -37.44 -32.18
CA LYS L 111 -4.53 -36.30 -32.65
C LYS L 111 -5.05 -35.48 -31.46
N GLY L 112 -4.73 -34.18 -31.45
CA GLY L 112 -5.14 -33.29 -30.37
C GLY L 112 -4.18 -33.25 -29.19
N PHE L 113 -3.13 -34.09 -29.26
CA PHE L 113 -2.16 -34.22 -28.18
C PHE L 113 -1.16 -33.07 -28.20
N TYR L 114 -0.78 -32.59 -27.02
CA TYR L 114 0.32 -31.63 -26.91
C TYR L 114 1.23 -31.94 -25.72
N LYS L 115 2.50 -31.55 -25.84
CA LYS L 115 3.50 -31.74 -24.79
C LYS L 115 3.26 -30.77 -23.65
N VAL L 116 3.49 -31.25 -22.42
CA VAL L 116 3.47 -30.42 -21.22
C VAL L 116 4.80 -30.54 -20.47
N ASP L 117 5.08 -29.57 -19.61
CA ASP L 117 6.37 -29.52 -18.93
C ASP L 117 6.26 -29.72 -17.40
N PRO L 118 6.32 -31.00 -16.94
CA PRO L 118 6.24 -31.34 -15.52
C PRO L 118 7.38 -30.72 -14.72
N SER L 119 8.37 -30.17 -15.40
CA SER L 119 9.42 -29.47 -14.70
C SER L 119 9.02 -28.04 -14.30
N ARG L 120 7.88 -27.54 -14.79
CA ARG L 120 7.43 -26.16 -14.52
C ARG L 120 6.15 -26.07 -13.68
N ALA L 121 5.45 -27.18 -13.54
CA ALA L 121 4.21 -27.27 -12.76
C ALA L 121 3.95 -28.74 -12.43
N PRO L 122 3.21 -29.00 -11.32
CA PRO L 122 2.82 -30.37 -10.98
C PRO L 122 2.02 -31.01 -12.12
N LEU L 123 2.33 -32.27 -12.45
CA LEU L 123 1.67 -32.95 -13.59
C LEU L 123 0.12 -32.83 -13.56
N PRO L 124 -0.50 -32.99 -12.37
CA PRO L 124 -1.97 -32.96 -12.38
C PRO L 124 -2.53 -31.59 -12.72
N ARG L 125 -1.72 -30.55 -12.55
CA ARG L 125 -2.18 -29.21 -12.87
C ARG L 125 -2.37 -29.03 -14.38
N TYR L 126 -1.75 -29.88 -15.20
CA TYR L 126 -2.01 -29.86 -16.64
C TYR L 126 -3.37 -30.47 -17.02
N LEU L 127 -4.19 -30.73 -16.02
CA LEU L 127 -5.57 -31.18 -16.26
C LEU L 127 -6.56 -30.14 -15.74
N SER L 128 -6.09 -29.24 -14.88
CA SER L 128 -6.93 -28.20 -14.26
C SER L 128 -6.63 -26.78 -14.83
N ALA L 129 -6.21 -25.84 -13.98
CA ALA L 129 -5.83 -24.49 -14.40
C ALA L 129 -4.86 -24.41 -15.59
N LEU L 130 -3.92 -25.36 -15.68
CA LEU L 130 -3.01 -25.43 -16.83
C LEU L 130 -3.39 -26.52 -17.85
N GLY L 131 -4.64 -26.96 -17.77
CA GLY L 131 -5.19 -27.87 -18.77
C GLY L 131 -6.53 -27.40 -19.31
N MET L 132 -7.35 -28.38 -19.71
CA MET L 132 -8.63 -28.14 -20.38
C MET L 132 -9.59 -27.22 -19.64
N THR L 133 -9.78 -27.45 -18.34
CA THR L 133 -10.71 -26.63 -17.60
C THR L 133 -10.26 -25.18 -17.45
N GLY L 134 -8.95 -24.98 -17.25
CA GLY L 134 -8.39 -23.63 -17.11
C GLY L 134 -8.49 -22.89 -18.43
N MET L 135 -8.17 -23.59 -19.51
CA MET L 135 -8.29 -23.06 -20.85
C MET L 135 -9.74 -22.74 -21.23
N THR L 136 -10.68 -23.52 -20.70
CA THR L 136 -12.09 -23.23 -20.93
C THR L 136 -12.42 -21.89 -20.26
N ALA L 137 -12.06 -21.76 -18.99
CA ALA L 137 -12.35 -20.54 -18.26
C ALA L 137 -11.72 -19.33 -18.95
N TYR L 138 -10.47 -19.49 -19.37
CA TYR L 138 -9.66 -18.47 -19.98
C TYR L 138 -10.32 -17.99 -21.28
N PHE L 139 -10.53 -18.92 -22.23
CA PHE L 139 -11.03 -18.54 -23.53
C PHE L 139 -12.53 -18.22 -23.54
N ALA L 140 -13.34 -18.98 -22.82
CA ALA L 140 -14.76 -18.65 -22.71
C ALA L 140 -14.96 -17.27 -22.11
N LEU L 141 -14.26 -16.97 -21.01
CA LEU L 141 -14.45 -15.67 -20.41
C LEU L 141 -13.91 -14.51 -21.26
N LEU L 142 -12.65 -14.58 -21.68
CA LEU L 142 -12.02 -13.42 -22.31
C LEU L 142 -12.48 -13.22 -23.76
N ASP L 143 -12.64 -14.31 -24.49
CA ASP L 143 -13.04 -14.23 -25.87
C ASP L 143 -14.54 -14.07 -26.09
N VAL L 144 -15.36 -14.79 -25.33
CA VAL L 144 -16.82 -14.73 -25.47
C VAL L 144 -17.42 -13.69 -24.52
N GLY L 145 -16.95 -13.66 -23.27
CA GLY L 145 -17.54 -12.78 -22.26
C GLY L 145 -17.05 -11.38 -22.43
N GLN L 146 -15.78 -11.25 -22.79
CA GLN L 146 -15.12 -9.96 -23.00
C GLN L 146 -15.36 -8.99 -21.85
N PRO L 147 -15.02 -9.41 -20.60
CA PRO L 147 -15.21 -8.52 -19.48
C PRO L 147 -14.29 -7.31 -19.57
N LYS L 148 -14.74 -6.17 -19.07
CA LYS L 148 -13.92 -4.97 -19.02
C LYS L 148 -13.82 -4.52 -17.58
N ASN L 149 -12.80 -3.74 -17.29
CA ASN L 149 -12.62 -3.09 -15.99
C ASN L 149 -13.93 -2.46 -15.51
N GLY L 150 -14.29 -2.77 -14.27
CA GLY L 150 -15.44 -2.14 -13.62
C GLY L 150 -16.76 -2.84 -13.83
N GLU L 151 -16.81 -3.80 -14.77
CA GLU L 151 -18.06 -4.51 -15.04
C GLU L 151 -18.33 -5.56 -13.97
N THR L 152 -19.60 -5.97 -13.86
CA THR L 152 -20.01 -6.99 -12.89
C THR L 152 -20.16 -8.33 -13.60
N VAL L 153 -19.42 -9.32 -13.10
CA VAL L 153 -19.40 -10.67 -13.63
C VAL L 153 -19.99 -11.64 -12.60
N VAL L 154 -20.84 -12.53 -13.08
CA VAL L 154 -21.48 -13.52 -12.25
C VAL L 154 -21.19 -14.86 -12.86
N ILE L 155 -20.79 -15.82 -12.03
CA ILE L 155 -20.34 -17.11 -12.49
C ILE L 155 -21.09 -18.22 -11.78
N SER L 156 -21.70 -19.12 -12.55
CA SER L 156 -22.34 -20.30 -11.99
C SER L 156 -21.29 -21.44 -11.94
N GLY L 157 -21.57 -22.48 -11.14
CA GLY L 157 -20.58 -23.55 -10.84
C GLY L 157 -19.24 -22.96 -10.44
N ALA L 158 -19.31 -21.97 -9.55
CA ALA L 158 -18.21 -21.06 -9.25
C ALA L 158 -17.04 -21.69 -8.52
N ALA L 159 -17.30 -22.76 -7.77
CA ALA L 159 -16.24 -23.40 -7.00
C ALA L 159 -15.61 -24.53 -7.78
N GLY L 160 -16.18 -24.84 -8.93
CA GLY L 160 -15.66 -25.89 -9.79
C GLY L 160 -14.39 -25.49 -10.53
N ALA L 161 -13.89 -26.42 -11.33
CA ALA L 161 -12.66 -26.24 -12.07
C ALA L 161 -12.73 -25.06 -13.05
N VAL L 162 -13.83 -24.98 -13.81
CA VAL L 162 -14.02 -23.88 -14.76
C VAL L 162 -14.38 -22.58 -14.04
N GLY L 163 -15.41 -22.60 -13.21
CA GLY L 163 -15.87 -21.42 -12.49
C GLY L 163 -14.87 -20.67 -11.63
N SER L 164 -14.08 -21.43 -10.85
CA SER L 164 -13.09 -20.84 -9.92
C SER L 164 -12.02 -20.05 -10.67
N VAL L 165 -11.57 -20.58 -11.80
CA VAL L 165 -10.53 -19.93 -12.57
C VAL L 165 -11.09 -18.71 -13.33
N ALA L 166 -12.28 -18.85 -13.94
CA ALA L 166 -12.96 -17.72 -14.62
C ALA L 166 -13.12 -16.51 -13.70
N GLY L 167 -13.65 -16.76 -12.51
CA GLY L 167 -13.84 -15.71 -11.52
C GLY L 167 -12.57 -15.01 -11.11
N GLN L 168 -11.48 -15.76 -10.94
CA GLN L 168 -10.21 -15.15 -10.53
C GLN L 168 -9.60 -14.33 -11.69
N ILE L 169 -9.74 -14.83 -12.91
CA ILE L 169 -9.34 -14.05 -14.09
C ILE L 169 -10.17 -12.76 -14.16
N ALA L 170 -11.48 -12.86 -13.95
CA ALA L 170 -12.32 -11.64 -13.95
C ALA L 170 -11.85 -10.63 -12.89
N ARG L 171 -11.43 -11.13 -11.72
CA ARG L 171 -10.89 -10.24 -10.68
C ARG L 171 -9.66 -9.51 -11.20
N LEU L 172 -8.81 -10.25 -11.93
CA LEU L 172 -7.56 -9.70 -12.44
C LEU L 172 -7.78 -8.67 -13.55
N LYS L 173 -8.95 -8.75 -14.18
CA LYS L 173 -9.30 -7.81 -15.25
C LYS L 173 -9.96 -6.56 -14.68
N GLY L 174 -10.10 -6.52 -13.35
CA GLY L 174 -10.61 -5.35 -12.63
C GLY L 174 -12.12 -5.36 -12.45
N CYS L 175 -12.73 -6.53 -12.61
CA CYS L 175 -14.17 -6.68 -12.43
C CYS L 175 -14.63 -6.90 -10.98
N ARG L 176 -15.92 -6.65 -10.76
CA ARG L 176 -16.60 -7.15 -9.59
C ARG L 176 -17.10 -8.53 -9.93
N VAL L 177 -16.74 -9.51 -9.09
CA VAL L 177 -17.01 -10.93 -9.34
C VAL L 177 -17.95 -11.52 -8.27
N VAL L 178 -19.02 -12.18 -8.73
CA VAL L 178 -20.00 -12.79 -7.87
C VAL L 178 -20.20 -14.24 -8.32
N GLY L 179 -20.01 -15.18 -7.39
CA GLY L 179 -20.17 -16.59 -7.72
C GLY L 179 -21.42 -17.25 -7.17
N ILE L 180 -21.90 -18.26 -7.88
CA ILE L 180 -23.02 -19.08 -7.40
C ILE L 180 -22.53 -20.52 -7.31
N ALA L 181 -22.51 -21.07 -6.10
CA ALA L 181 -22.03 -22.44 -5.86
C ALA L 181 -22.78 -23.11 -4.71
N GLY L 182 -22.68 -24.44 -4.62
CA GLY L 182 -23.53 -25.22 -3.73
C GLY L 182 -22.92 -25.51 -2.35
N GLY L 183 -23.55 -25.00 -1.30
CA GLY L 183 -23.08 -25.23 0.05
C GLY L 183 -22.23 -24.09 0.56
N ALA L 184 -22.16 -23.97 1.88
CA ALA L 184 -21.46 -22.85 2.51
C ALA L 184 -19.95 -22.93 2.37
N GLU L 185 -19.40 -24.14 2.40
CA GLU L 185 -17.95 -24.36 2.27
C GLU L 185 -17.43 -23.83 0.93
N LYS L 186 -18.16 -24.16 -0.13
CA LYS L 186 -17.80 -23.71 -1.46
C LYS L 186 -17.94 -22.18 -1.57
N CYS L 187 -18.99 -21.61 -0.97
CA CYS L 187 -19.21 -20.17 -1.00
C CYS L 187 -18.17 -19.35 -0.23
N ARG L 188 -17.77 -19.80 0.95
CA ARG L 188 -16.76 -19.06 1.69
C ARG L 188 -15.38 -19.16 1.02
N PHE L 189 -15.06 -20.33 0.46
CA PHE L 189 -13.87 -20.55 -0.36
C PHE L 189 -13.72 -19.49 -1.46
N LEU L 190 -14.83 -19.17 -2.13
CA LEU L 190 -14.88 -18.14 -3.18
C LEU L 190 -14.42 -16.75 -2.70
N VAL L 191 -15.03 -16.24 -1.65
CA VAL L 191 -14.70 -14.90 -1.17
C VAL L 191 -13.36 -14.87 -0.43
N GLU L 192 -13.10 -15.86 0.43
CA GLU L 192 -11.98 -15.81 1.38
C GLU L 192 -10.65 -16.24 0.76
N GLU L 193 -10.70 -17.29 -0.06
CA GLU L 193 -9.53 -17.85 -0.71
C GLU L 193 -9.36 -17.33 -2.14
N LEU L 194 -10.45 -17.33 -2.91
CA LEU L 194 -10.34 -16.98 -4.33
C LEU L 194 -10.44 -15.48 -4.63
N GLY L 195 -10.84 -14.70 -3.63
CA GLY L 195 -10.96 -13.25 -3.79
C GLY L 195 -12.22 -12.77 -4.53
N PHE L 196 -13.22 -13.63 -4.72
CA PHE L 196 -14.50 -13.19 -5.34
C PHE L 196 -15.14 -12.11 -4.49
N ASP L 197 -15.77 -11.13 -5.12
CA ASP L 197 -16.41 -10.04 -4.39
C ASP L 197 -17.64 -10.49 -3.59
N GLY L 198 -18.27 -11.58 -3.99
CA GLY L 198 -19.46 -12.06 -3.31
C GLY L 198 -19.79 -13.46 -3.78
N ALA L 199 -20.51 -14.22 -2.95
CA ALA L 199 -20.97 -15.56 -3.32
C ALA L 199 -22.45 -15.77 -2.98
N ILE L 200 -23.10 -16.66 -3.73
CA ILE L 200 -24.50 -17.00 -3.50
C ILE L 200 -24.63 -18.52 -3.43
N ASP L 201 -25.21 -18.97 -2.31
CA ASP L 201 -25.43 -20.38 -2.07
C ASP L 201 -26.80 -20.78 -2.61
N TYR L 202 -26.81 -21.35 -3.81
CA TYR L 202 -28.07 -21.73 -4.46
C TYR L 202 -28.81 -22.85 -3.71
N LYS L 203 -28.08 -23.59 -2.89
CA LYS L 203 -28.64 -24.71 -2.12
C LYS L 203 -29.38 -24.28 -0.86
N ASN L 204 -28.92 -23.22 -0.20
CA ASN L 204 -29.53 -22.76 1.05
C ASN L 204 -29.96 -21.29 1.08
N GLU L 205 -30.29 -20.73 -0.09
CA GLU L 205 -30.63 -19.31 -0.21
C GLU L 205 -31.35 -19.01 -1.53
N ASP L 206 -32.32 -18.08 -1.47
CA ASP L 206 -33.06 -17.60 -2.64
C ASP L 206 -32.15 -16.90 -3.64
N LEU L 207 -32.10 -17.44 -4.86
CA LEU L 207 -31.18 -16.96 -5.89
C LEU L 207 -31.40 -15.49 -6.27
N ALA L 208 -32.66 -15.13 -6.52
CA ALA L 208 -33.02 -13.77 -6.91
C ALA L 208 -32.64 -12.72 -5.87
N ALA L 209 -32.99 -12.97 -4.61
CA ALA L 209 -32.62 -12.06 -3.52
C ALA L 209 -31.10 -11.90 -3.42
N GLY L 210 -30.38 -12.98 -3.73
CA GLY L 210 -28.92 -12.96 -3.75
C GLY L 210 -28.36 -12.01 -4.79
N LEU L 211 -28.82 -12.16 -6.04
CA LEU L 211 -28.41 -11.31 -7.16
C LEU L 211 -28.77 -9.87 -6.93
N LYS L 212 -29.95 -9.64 -6.36
CA LYS L 212 -30.42 -8.30 -6.01
C LYS L 212 -29.43 -7.66 -5.05
N ARG L 213 -28.98 -8.46 -4.08
CA ARG L 213 -28.02 -8.01 -3.09
C ARG L 213 -26.64 -7.84 -3.71
N GLU L 214 -26.16 -8.90 -4.35
CA GLU L 214 -24.77 -8.99 -4.80
C GLU L 214 -24.46 -8.24 -6.12
N CYS L 215 -25.48 -7.94 -6.91
CA CYS L 215 -25.27 -7.26 -8.19
C CYS L 215 -26.08 -5.96 -8.31
N PRO L 216 -25.60 -4.87 -7.68
CA PRO L 216 -26.32 -3.58 -7.63
C PRO L 216 -26.60 -2.94 -8.99
N LYS L 217 -25.63 -3.01 -9.90
CA LYS L 217 -25.72 -2.29 -11.18
C LYS L 217 -26.05 -3.22 -12.36
N GLY L 218 -26.68 -4.34 -12.06
CA GLY L 218 -26.92 -5.38 -13.06
C GLY L 218 -25.71 -6.27 -13.33
N ILE L 219 -25.92 -7.28 -14.15
CA ILE L 219 -24.89 -8.25 -14.48
C ILE L 219 -24.45 -8.01 -15.94
N ASP L 220 -23.21 -7.60 -16.13
CA ASP L 220 -22.61 -7.39 -17.46
C ASP L 220 -22.15 -8.67 -18.14
N VAL L 221 -21.61 -9.59 -17.35
CA VAL L 221 -21.21 -10.89 -17.86
C VAL L 221 -21.76 -12.00 -16.96
N PHE L 222 -22.37 -13.01 -17.58
CA PHE L 222 -22.74 -14.22 -16.86
C PHE L 222 -22.02 -15.40 -17.45
N PHE L 223 -21.19 -16.05 -16.64
CA PHE L 223 -20.53 -17.28 -17.03
C PHE L 223 -21.44 -18.45 -16.62
N ASP L 224 -21.95 -19.20 -17.58
CA ASP L 224 -22.91 -20.28 -17.27
C ASP L 224 -22.34 -21.67 -17.44
N ASN L 225 -22.22 -22.36 -16.30
CA ASN L 225 -21.79 -23.77 -16.21
C ASN L 225 -22.94 -24.74 -15.87
N VAL L 226 -24.07 -24.17 -15.43
CA VAL L 226 -25.14 -24.93 -14.76
C VAL L 226 -26.41 -25.09 -15.61
N GLY L 227 -26.84 -24.00 -16.22
CA GLY L 227 -28.11 -23.94 -16.93
C GLY L 227 -29.29 -24.07 -15.98
N GLY L 228 -30.41 -24.59 -16.50
CA GLY L 228 -31.61 -24.82 -15.72
C GLY L 228 -32.17 -23.56 -15.11
N GLU L 229 -32.71 -23.70 -13.91
CA GLU L 229 -33.36 -22.64 -13.15
C GLU L 229 -32.39 -21.50 -12.82
N ILE L 230 -31.11 -21.83 -12.68
CA ILE L 230 -30.10 -20.83 -12.34
C ILE L 230 -29.95 -19.79 -13.47
N LEU L 231 -29.76 -20.27 -14.69
CA LEU L 231 -29.67 -19.42 -15.88
C LEU L 231 -30.90 -18.52 -16.00
N ASP L 232 -32.08 -19.14 -15.93
CA ASP L 232 -33.34 -18.41 -16.08
C ASP L 232 -33.53 -17.26 -15.12
N THR L 233 -33.11 -17.44 -13.88
CA THR L 233 -33.19 -16.39 -12.87
C THR L 233 -32.18 -15.29 -13.14
N VAL L 234 -30.96 -15.66 -13.52
CA VAL L 234 -29.91 -14.68 -13.80
C VAL L 234 -30.32 -13.74 -14.93
N LEU L 235 -30.96 -14.29 -15.96
CA LEU L 235 -31.46 -13.53 -17.11
C LEU L 235 -32.31 -12.31 -16.75
N THR L 236 -33.11 -12.44 -15.69
CA THR L 236 -33.98 -11.35 -15.27
C THR L 236 -33.18 -10.14 -14.75
N ARG L 237 -31.87 -10.31 -14.61
CA ARG L 237 -31.04 -9.26 -13.99
C ARG L 237 -29.85 -8.81 -14.83
N ILE L 238 -29.71 -9.34 -16.05
CA ILE L 238 -28.62 -8.93 -16.96
C ILE L 238 -28.76 -7.46 -17.34
N ALA L 239 -27.63 -6.80 -17.58
CA ALA L 239 -27.61 -5.37 -17.90
C ALA L 239 -27.62 -5.07 -19.41
N PHE L 240 -27.69 -3.79 -19.77
CA PHE L 240 -27.68 -3.37 -21.16
C PHE L 240 -26.40 -3.89 -21.82
N LYS L 241 -26.53 -4.59 -22.94
CA LYS L 241 -25.41 -5.14 -23.73
C LYS L 241 -24.61 -6.24 -22.99
N ALA L 242 -25.32 -6.99 -22.16
CA ALA L 242 -24.72 -8.04 -21.36
C ALA L 242 -24.25 -9.17 -22.24
N ARG L 243 -23.30 -9.94 -21.72
CA ARG L 243 -22.86 -11.15 -22.38
C ARG L 243 -23.06 -12.38 -21.46
N ILE L 244 -23.77 -13.38 -21.97
CA ILE L 244 -23.97 -14.62 -21.25
C ILE L 244 -23.11 -15.67 -21.92
N VAL L 245 -22.10 -16.20 -21.24
CA VAL L 245 -21.27 -17.24 -21.81
C VAL L 245 -21.92 -18.60 -21.54
N LEU L 246 -22.19 -19.35 -22.60
CA LEU L 246 -22.78 -20.66 -22.43
C LEU L 246 -21.62 -21.65 -22.44
N CYS L 247 -21.20 -22.07 -21.25
CA CYS L 247 -20.08 -23.00 -21.14
C CYS L 247 -20.58 -24.44 -21.01
N GLY L 248 -21.55 -24.63 -20.11
CA GLY L 248 -22.26 -25.90 -20.00
C GLY L 248 -23.64 -25.76 -19.37
N ALA L 249 -24.29 -26.90 -19.16
CA ALA L 249 -25.57 -26.98 -18.46
C ALA L 249 -25.65 -28.30 -17.71
N ILE L 250 -24.66 -28.54 -16.85
CA ILE L 250 -24.55 -29.76 -16.04
C ILE L 250 -25.86 -30.22 -15.39
N SER L 251 -26.71 -29.28 -14.97
CA SER L 251 -27.96 -29.59 -14.30
C SER L 251 -28.93 -30.33 -15.23
N GLN L 252 -28.61 -30.33 -16.53
CA GLN L 252 -29.42 -31.01 -17.55
C GLN L 252 -28.89 -32.38 -17.97
N TYR L 253 -27.57 -32.58 -17.91
CA TYR L 253 -26.94 -33.83 -18.39
C TYR L 253 -27.54 -35.08 -17.72
N PRO L 262 -34.96 -22.12 -20.73
CA PRO L 262 -34.64 -20.69 -20.65
C PRO L 262 -35.87 -19.85 -21.00
N ALA L 263 -36.84 -19.83 -20.08
CA ALA L 263 -38.12 -19.17 -20.28
C ALA L 263 -38.03 -17.64 -20.34
N ASN L 264 -36.98 -17.09 -19.75
CA ASN L 264 -36.82 -15.63 -19.69
C ASN L 264 -35.89 -15.09 -20.74
N TYR L 265 -35.62 -15.91 -21.75
CA TYR L 265 -34.67 -15.55 -22.80
C TYR L 265 -34.98 -14.22 -23.51
N LEU L 266 -36.24 -13.76 -23.48
CA LEU L 266 -36.58 -12.43 -24.04
C LEU L 266 -35.91 -11.26 -23.33
N SER L 267 -35.31 -11.51 -22.17
CA SER L 267 -34.49 -10.48 -21.53
C SER L 267 -33.34 -10.09 -22.44
N LEU L 268 -32.95 -11.00 -23.33
CA LEU L 268 -31.86 -10.73 -24.27
C LEU L 268 -32.24 -9.66 -25.29
N LEU L 269 -33.51 -9.64 -25.67
CA LEU L 269 -34.05 -8.64 -26.55
C LEU L 269 -34.17 -7.29 -25.85
N VAL L 270 -34.87 -7.27 -24.72
CA VAL L 270 -35.02 -6.06 -23.92
C VAL L 270 -33.70 -5.35 -23.60
N ASN L 271 -32.66 -6.13 -23.24
CA ASN L 271 -31.35 -5.55 -22.88
C ASN L 271 -30.33 -5.59 -24.03
N ARG L 272 -30.75 -6.12 -25.17
CA ARG L 272 -29.90 -6.15 -26.37
C ARG L 272 -28.60 -6.88 -26.03
N ALA L 273 -28.77 -8.06 -25.46
CA ALA L 273 -27.68 -8.80 -24.87
C ALA L 273 -27.43 -10.04 -25.70
N ARG L 274 -26.31 -10.68 -25.42
CA ARG L 274 -25.80 -11.76 -26.22
C ARG L 274 -25.67 -13.02 -25.35
N MET L 275 -26.04 -14.16 -25.92
CA MET L 275 -25.89 -15.45 -25.29
C MET L 275 -25.26 -16.37 -26.32
N GLU L 276 -23.99 -16.69 -26.08
CA GLU L 276 -23.14 -17.41 -27.00
C GLU L 276 -22.56 -18.66 -26.35
N GLY L 277 -22.40 -19.73 -27.13
CA GLY L 277 -21.77 -20.94 -26.66
C GLY L 277 -20.37 -21.12 -27.22
N MET L 278 -19.61 -22.00 -26.55
CA MET L 278 -18.23 -22.32 -26.97
C MET L 278 -17.84 -23.76 -26.63
N VAL L 279 -16.86 -24.28 -27.37
CA VAL L 279 -16.13 -25.49 -26.96
C VAL L 279 -14.62 -25.21 -26.96
N VAL L 280 -13.99 -25.43 -25.81
CA VAL L 280 -12.58 -25.08 -25.61
C VAL L 280 -11.64 -25.62 -26.67
N MET L 281 -11.90 -26.83 -27.15
CA MET L 281 -11.02 -27.46 -28.14
C MET L 281 -10.89 -26.65 -29.43
N ASP L 282 -11.82 -25.73 -29.66
CA ASP L 282 -11.72 -24.77 -30.79
C ASP L 282 -10.52 -23.84 -30.65
N TYR L 283 -10.11 -23.61 -29.41
CA TYR L 283 -9.01 -22.69 -29.09
C TYR L 283 -7.63 -23.37 -29.00
N ALA L 284 -7.56 -24.63 -29.42
CA ALA L 284 -6.37 -25.45 -29.21
C ALA L 284 -5.09 -24.81 -29.72
N GLN L 285 -5.18 -24.17 -30.89
CA GLN L 285 -4.00 -23.53 -31.50
C GLN L 285 -3.47 -22.36 -30.66
N ARG L 286 -4.31 -21.85 -29.76
CA ARG L 286 -3.93 -20.74 -28.89
C ARG L 286 -3.60 -21.17 -27.44
N PHE L 287 -3.65 -22.48 -27.18
CA PHE L 287 -3.27 -23.00 -25.86
C PHE L 287 -1.89 -22.54 -25.38
N PRO L 288 -0.86 -22.57 -26.25
CA PRO L 288 0.45 -22.13 -25.79
C PRO L 288 0.46 -20.76 -25.12
N GLU L 289 -0.18 -19.75 -25.69
CA GLU L 289 -0.16 -18.42 -25.11
C GLU L 289 -1.08 -18.33 -23.89
N GLY L 290 -2.18 -19.06 -23.91
CA GLY L 290 -3.09 -19.13 -22.75
C GLY L 290 -2.41 -19.78 -21.55
N LEU L 291 -1.72 -20.89 -21.78
CA LEU L 291 -0.99 -21.59 -20.72
C LEU L 291 0.17 -20.77 -20.17
N LYS L 292 0.90 -20.11 -21.08
CA LYS L 292 1.98 -19.21 -20.65
C LYS L 292 1.50 -18.12 -19.68
N GLU L 293 0.41 -17.43 -20.02
CA GLU L 293 -0.08 -16.38 -19.13
C GLU L 293 -0.62 -16.93 -17.82
N MET L 294 -1.38 -18.01 -17.92
CA MET L 294 -1.92 -18.70 -16.74
C MET L 294 -0.83 -19.08 -15.76
N ALA L 295 0.25 -19.65 -16.28
CA ALA L 295 1.41 -20.06 -15.48
C ALA L 295 2.00 -18.90 -14.71
N THR L 296 2.07 -17.71 -15.32
CA THR L 296 2.63 -16.56 -14.65
C THR L 296 1.69 -16.09 -13.55
N TRP L 297 0.38 -16.20 -13.79
CA TRP L 297 -0.57 -15.85 -12.73
C TRP L 297 -0.47 -16.76 -11.54
N LEU L 298 -0.37 -18.06 -11.81
CA LEU L 298 -0.21 -19.08 -10.78
C LEU L 298 1.08 -18.88 -9.99
N ALA L 299 2.19 -18.72 -10.70
CA ALA L 299 3.51 -18.47 -10.09
C ALA L 299 3.53 -17.22 -9.22
N GLU L 300 2.85 -16.16 -9.65
CA GLU L 300 2.85 -14.91 -8.90
C GLU L 300 1.88 -14.93 -7.73
N GLY L 301 1.10 -16.01 -7.61
CA GLY L 301 0.10 -16.10 -6.56
C GLY L 301 -1.16 -15.26 -6.81
N LYS L 302 -1.39 -14.86 -8.05
CA LYS L 302 -2.58 -14.07 -8.40
C LYS L 302 -3.81 -14.96 -8.62
N LEU L 303 -3.55 -16.23 -8.93
CA LEU L 303 -4.60 -17.19 -9.22
C LEU L 303 -4.24 -18.53 -8.59
N GLN L 304 -5.23 -19.15 -7.97
CA GLN L 304 -5.12 -20.42 -7.25
C GLN L 304 -5.87 -21.52 -7.99
N SER L 305 -5.23 -22.69 -8.12
CA SER L 305 -5.77 -23.88 -8.78
C SER L 305 -5.87 -25.05 -7.79
N ARG L 306 -7.08 -25.56 -7.60
CA ARG L 306 -7.31 -26.67 -6.67
C ARG L 306 -7.63 -27.93 -7.46
N GLU L 307 -6.97 -29.04 -7.13
CA GLU L 307 -7.25 -30.32 -7.73
C GLU L 307 -7.79 -31.29 -6.69
N ASP L 308 -8.86 -31.99 -7.03
CA ASP L 308 -9.38 -33.08 -6.19
C ASP L 308 -8.96 -34.43 -6.80
N ILE L 309 -7.86 -34.99 -6.30
CA ILE L 309 -7.27 -36.18 -6.91
C ILE L 309 -7.64 -37.44 -6.15
N VAL L 310 -8.18 -38.41 -6.86
CA VAL L 310 -8.63 -39.67 -6.27
C VAL L 310 -7.78 -40.78 -6.88
N GLU L 311 -7.28 -41.68 -6.04
CA GLU L 311 -6.42 -42.79 -6.47
C GLU L 311 -7.17 -44.05 -6.89
N GLY L 312 -6.70 -44.63 -8.00
CA GLY L 312 -7.17 -45.91 -8.48
C GLY L 312 -8.07 -45.82 -9.69
N LEU L 313 -7.59 -46.29 -10.83
CA LEU L 313 -8.43 -46.41 -12.04
C LEU L 313 -9.75 -47.11 -11.75
N GLU L 314 -9.68 -48.15 -10.91
CA GLU L 314 -10.82 -49.02 -10.59
C GLU L 314 -11.99 -48.24 -9.98
N THR L 315 -11.71 -47.11 -9.35
CA THR L 315 -12.76 -46.31 -8.73
C THR L 315 -13.49 -45.38 -9.71
N PHE L 316 -13.08 -45.36 -10.98
CA PHE L 316 -13.68 -44.44 -11.97
C PHE L 316 -15.22 -44.30 -11.91
N PRO L 317 -15.96 -45.43 -11.95
CA PRO L 317 -17.44 -45.38 -11.92
C PRO L 317 -18.06 -44.58 -10.76
N GLU L 318 -17.65 -44.89 -9.53
CA GLU L 318 -18.16 -44.18 -8.36
C GLU L 318 -17.65 -42.74 -8.32
N THR L 319 -16.38 -42.55 -8.71
CA THR L 319 -15.72 -41.27 -8.62
C THR L 319 -16.33 -40.26 -9.60
N LEU L 320 -16.69 -40.70 -10.80
CA LEU L 320 -17.27 -39.82 -11.81
C LEU L 320 -18.54 -39.14 -11.31
N LEU L 321 -19.34 -39.88 -10.53
CA LEU L 321 -20.61 -39.43 -9.99
C LEU L 321 -20.52 -38.17 -9.12
N LYS L 322 -19.35 -37.97 -8.51
CA LYS L 322 -19.09 -36.81 -7.66
C LYS L 322 -19.33 -35.49 -8.38
N LEU L 323 -19.15 -35.48 -9.69
CA LEU L 323 -19.41 -34.28 -10.50
C LEU L 323 -20.87 -33.85 -10.46
N PHE L 324 -21.77 -34.85 -10.43
CA PHE L 324 -23.21 -34.61 -10.49
C PHE L 324 -23.87 -34.50 -9.10
N SER L 325 -23.19 -35.04 -8.09
CA SER L 325 -23.63 -34.93 -6.70
C SER L 325 -23.04 -33.70 -6.02
N GLY L 326 -22.05 -33.09 -6.68
CA GLY L 326 -21.37 -31.91 -6.14
C GLY L 326 -20.39 -32.28 -5.04
N GLU L 327 -19.94 -33.53 -5.04
CA GLU L 327 -19.04 -34.03 -4.03
C GLU L 327 -17.58 -33.70 -4.30
N ASN L 328 -17.29 -33.36 -5.56
CA ASN L 328 -15.95 -32.90 -5.95
C ASN L 328 -15.74 -31.47 -5.48
N PHE L 329 -14.52 -31.20 -5.04
CA PHE L 329 -14.12 -29.88 -4.56
C PHE L 329 -12.74 -29.64 -5.15
N GLY L 330 -12.71 -28.95 -6.29
CA GLY L 330 -11.50 -28.79 -7.09
C GLY L 330 -11.61 -29.61 -8.36
N LYS L 331 -10.71 -29.39 -9.29
CA LYS L 331 -10.78 -30.15 -10.53
C LYS L 331 -10.56 -31.65 -10.26
N LEU L 332 -11.58 -32.44 -10.56
CA LEU L 332 -11.59 -33.87 -10.28
C LEU L 332 -10.64 -34.65 -11.16
N VAL L 333 -9.65 -35.26 -10.51
CA VAL L 333 -8.59 -35.99 -11.18
C VAL L 333 -8.53 -37.44 -10.65
N LEU L 334 -8.31 -38.38 -11.55
CA LEU L 334 -8.06 -39.75 -11.16
C LEU L 334 -6.59 -40.10 -11.41
N LYS L 335 -5.87 -40.40 -10.33
CA LYS L 335 -4.52 -40.94 -10.43
C LYS L 335 -4.59 -42.43 -10.79
N VAL L 336 -3.90 -42.83 -11.85
CA VAL L 336 -3.94 -44.24 -12.24
C VAL L 336 -2.66 -44.98 -11.83
#